data_4P2Q
#
_entry.id   4P2Q
#
_cell.length_a   262.900
_cell.length_b   102.210
_cell.length_c   214.110
_cell.angle_alpha   90.00
_cell.angle_beta   95.04
_cell.angle_gamma   90.00
#
_symmetry.space_group_name_H-M   'C 1 2 1'
#
loop_
_entity.id
_entity.type
_entity.pdbx_description
1 polymer 'H-2 class II histocompatibility antigen, E-K alpha chain'
2 polymer 'MHC class II E-beta-k'
3 polymer '5c2 peptide'
4 polymer '5cc7 T-cell receptor alpha chain'
5 polymer '5cc7 T-cell receptor beta chain'
6 non-polymer 2-acetamido-2-deoxy-beta-D-glucopyranose
#
loop_
_entity_poly.entity_id
_entity_poly.type
_entity_poly.pdbx_seq_one_letter_code
_entity_poly.pdbx_strand_id
1 'polypeptide(L)'
;ADPIKEEHTIIQAEFYLLPDKRGEFMFDFDGDEIFHVDIEKSETIWRLEEFAKFASFEAQGALANIAVDKANLDVMKERS
NNTPDANVAPEVTVLSRSPVNLGEPNILICFIDKFSPPVVNVTWLRNGRPVTEGVSETVFLPRDDHLFRKFHYLTFLPST
DDFYDCEVDHWGLEEPLRKHWEFEEKTLLPETKESRGGLEVLFQ
;
A,F,K,P
2 'polypeptide(L)'
;GSGGGGSRPWFLEYCKSECHFYNGTQRVRLLVRYFYNLEENLRFDSDVGEFRAVTELGRPDAENWNSQPEFLEQKRAEVD
TVCRHNYEIFDNFLVPRRVEPTVTVYPTKTQPLEHHNLLVCSVSDFYPGNIEVRWFRNGKEEKTGIVSTGLVRNGDWTFQ
TLVMLETVPQSGEVYTCQVEHPSLTDPVTVEWKAQSTSAQNKSRGGLEVLFQ
;
B,G,L,Q
3 'polypeptide(L)' ADGLAYFRSSFKGG C,H,M,R
4 'polypeptide(L)'
;MRGDQVEQSPSALSLHEGTGSALRCNFTTTMRAVQWFRKNSRGSLINLFYLASGTKENGRLKSAFDSKERYSTLHIRDAQ
LEDSGTYFCAAEASNTNKVVFGTGTRLQVLPNIQNPDPAVYQLRDSKSSDKSVCLFTDFDSQTNVSQSKDSDVYITDKCV
LDMRSMDFKSNSAVAWSNKSDFACANAFNNSIIPEDTFFPSPESS
;
D,I,N,S
5 'polypeptide(L)'
;MADGLAYFRSSFKGGGGGSGGSGGKVIQTPRYLVKGQGQKAKMRCIPEKGHPVVFWYQQNKNNEFKFLINFQNQEVLQQI
DMTEKRFSAECPSNSPCSLEIQSSEAGDSALYLCASSLNNANSDYTFGSGTRLLVIEDLKNVFPPEVAVFEPSEAEISHT
QKATLVCLATGFYPDHVELSWWVNGKEVHSGVCTDPQPLKEQPALNDSRYALSSRLRVSATFWQNPRNHFRCQVQFYGLS
ENDEWTQDRAKPVTQIVSAEAWGRAD
;
E,J,O,T
#
loop_
_chem_comp.id
_chem_comp.type
_chem_comp.name
_chem_comp.formula
NAG D-saccharide, beta linking 2-acetamido-2-deoxy-beta-D-glucopyranose 'C8 H15 N O6'
#
# COMPACT_ATOMS: atom_id res chain seq x y z
N ILE A 4 -16.14 -15.02 0.68
CA ILE A 4 -15.96 -13.95 1.64
C ILE A 4 -15.96 -12.60 0.90
N LYS A 5 -16.61 -12.56 -0.25
CA LYS A 5 -16.69 -11.33 -1.03
C LYS A 5 -18.12 -10.78 -1.06
N GLU A 6 -18.33 -9.65 -0.39
CA GLU A 6 -19.66 -9.06 -0.36
C GLU A 6 -19.90 -8.24 -1.61
N GLU A 7 -20.81 -8.72 -2.44
CA GLU A 7 -21.08 -8.13 -3.74
C GLU A 7 -22.56 -7.76 -3.83
N HIS A 8 -22.87 -6.46 -3.89
CA HIS A 8 -24.27 -6.04 -3.84
C HIS A 8 -24.62 -4.90 -4.79
N THR A 9 -25.91 -4.60 -4.86
CA THR A 9 -26.48 -3.59 -5.74
C THR A 9 -27.62 -2.82 -5.07
N ILE A 10 -27.56 -1.50 -5.11
CA ILE A 10 -28.66 -0.67 -4.63
C ILE A 10 -29.20 0.20 -5.76
N ILE A 11 -30.51 0.15 -5.99
CA ILE A 11 -31.12 0.93 -7.06
C ILE A 11 -32.16 1.93 -6.56
N GLN A 12 -32.06 3.15 -7.05
CA GLN A 12 -33.14 4.12 -6.85
C GLN A 12 -33.88 4.25 -8.18
N ALA A 13 -35.13 3.77 -8.18
CA ALA A 13 -35.94 3.76 -9.38
C ALA A 13 -37.14 4.69 -9.23
N GLU A 14 -37.33 5.59 -10.18
CA GLU A 14 -38.44 6.53 -10.14
C GLU A 14 -38.95 6.81 -11.55
N PHE A 15 -40.27 6.99 -11.69
CA PHE A 15 -40.84 7.32 -13.00
C PHE A 15 -42.13 8.15 -12.91
N TYR A 16 -42.51 8.77 -14.03
CA TYR A 16 -43.81 9.41 -14.15
C TYR A 16 -44.48 8.94 -15.43
N LEU A 17 -45.77 8.62 -15.35
CA LEU A 17 -46.44 7.97 -16.47
C LEU A 17 -47.65 8.75 -16.98
N LEU A 18 -47.73 8.84 -18.30
CA LEU A 18 -48.88 9.40 -18.96
C LEU A 18 -49.50 8.32 -19.84
N PRO A 19 -50.83 8.37 -20.00
CA PRO A 19 -51.72 9.44 -19.55
C PRO A 19 -52.21 9.20 -18.12
N ASP A 20 -51.73 8.13 -17.51
CA ASP A 20 -52.16 7.73 -16.17
C ASP A 20 -51.92 8.80 -15.09
N LYS A 21 -51.04 9.76 -15.38
CA LYS A 21 -50.76 10.87 -14.46
C LYS A 21 -50.36 10.43 -13.05
N ARG A 22 -49.62 9.32 -12.97
CA ARG A 22 -49.09 8.84 -11.68
C ARG A 22 -47.58 8.62 -11.73
N GLY A 23 -46.93 8.86 -10.59
CA GLY A 23 -45.51 8.67 -10.47
C GLY A 23 -45.21 7.70 -9.35
N GLU A 24 -43.98 7.19 -9.33
CA GLU A 24 -43.59 6.13 -8.41
C GLU A 24 -42.14 6.28 -8.01
N PHE A 25 -41.83 6.00 -6.75
CA PHE A 25 -40.45 6.20 -6.23
C PHE A 25 -40.07 5.08 -5.25
N MET A 26 -38.95 4.39 -5.51
CA MET A 26 -38.57 3.28 -4.63
C MET A 26 -37.09 2.90 -4.65
N PHE A 27 -36.68 2.19 -3.61
CA PHE A 27 -35.31 1.72 -3.45
C PHE A 27 -35.26 0.20 -3.48
N ASP A 28 -34.28 -0.34 -4.20
CA ASP A 28 -34.15 -1.78 -4.35
C ASP A 28 -32.78 -2.23 -3.83
N PHE A 29 -32.76 -3.37 -3.14
CA PHE A 29 -31.52 -3.95 -2.66
C PHE A 29 -31.38 -5.39 -3.11
N ASP A 30 -30.51 -5.62 -4.08
CA ASP A 30 -30.21 -6.96 -4.58
C ASP A 30 -31.44 -7.69 -5.07
N GLY A 31 -32.37 -6.96 -5.67
CA GLY A 31 -33.55 -7.56 -6.26
C GLY A 31 -34.84 -7.49 -5.48
N ASP A 32 -34.78 -6.89 -4.29
CA ASP A 32 -35.94 -6.78 -3.41
C ASP A 32 -36.26 -5.31 -3.14
N GLU A 33 -37.51 -4.99 -2.87
CA GLU A 33 -37.91 -3.62 -2.55
C GLU A 33 -37.47 -3.29 -1.12
N ILE A 34 -36.82 -2.16 -0.92
CA ILE A 34 -36.52 -1.72 0.44
C ILE A 34 -37.69 -0.91 0.95
N PHE A 35 -38.14 0.03 0.12
CA PHE A 35 -39.28 0.85 0.46
C PHE A 35 -39.79 1.55 -0.79
N HIS A 36 -40.92 2.24 -0.64
CA HIS A 36 -41.37 3.15 -1.68
C HIS A 36 -42.11 4.27 -1.01
N VAL A 37 -42.36 5.32 -1.77
CA VAL A 37 -43.01 6.49 -1.22
C VAL A 37 -44.35 6.68 -1.93
N ASP A 38 -45.42 6.70 -1.13
CA ASP A 38 -46.73 7.00 -1.66
C ASP A 38 -46.76 8.47 -2.05
N ILE A 39 -46.66 8.74 -3.35
CA ILE A 39 -46.56 10.11 -3.82
C ILE A 39 -47.77 10.98 -3.47
N GLU A 40 -48.96 10.41 -3.57
CA GLU A 40 -50.17 11.15 -3.22
C GLU A 40 -50.23 11.40 -1.72
N LYS A 41 -50.05 10.35 -0.93
CA LYS A 41 -50.19 10.46 0.52
C LYS A 41 -48.97 11.10 1.16
N SER A 42 -47.86 11.08 0.43
CA SER A 42 -46.57 11.56 0.94
C SER A 42 -46.12 10.82 2.20
N GLU A 43 -45.97 9.50 2.11
CA GLU A 43 -45.38 8.76 3.21
C GLU A 43 -44.54 7.58 2.72
N THR A 44 -43.47 7.28 3.47
CA THR A 44 -42.54 6.21 3.11
C THR A 44 -43.08 4.86 3.57
N ILE A 45 -43.08 3.89 2.66
CA ILE A 45 -43.66 2.57 2.93
C ILE A 45 -42.62 1.47 2.90
N TRP A 46 -42.17 1.05 4.08
CA TRP A 46 -41.11 0.06 4.14
C TRP A 46 -41.61 -1.36 3.83
N ARG A 47 -40.94 -2.03 2.90
CA ARG A 47 -41.35 -3.37 2.45
C ARG A 47 -41.52 -4.38 3.57
N LEU A 48 -40.58 -4.37 4.52
CA LEU A 48 -40.76 -5.10 5.77
C LEU A 48 -40.84 -4.06 6.87
N GLU A 49 -41.78 -4.22 7.81
CA GLU A 49 -42.00 -3.22 8.85
C GLU A 49 -40.74 -3.05 9.70
N GLU A 50 -39.98 -4.14 9.81
CA GLU A 50 -38.78 -4.14 10.64
C GLU A 50 -37.68 -3.21 10.14
N PHE A 51 -37.74 -2.83 8.86
CA PHE A 51 -36.73 -1.95 8.25
C PHE A 51 -36.75 -0.57 8.88
N ALA A 52 -37.94 -0.12 9.24
CA ALA A 52 -38.12 1.25 9.71
C ALA A 52 -37.36 1.55 11.00
N LYS A 53 -36.93 0.49 11.68
CA LYS A 53 -36.21 0.65 12.94
C LYS A 53 -34.75 1.02 12.71
N PHE A 54 -34.31 0.93 11.46
CA PHE A 54 -32.91 1.15 11.11
C PHE A 54 -32.69 2.35 10.21
N ALA A 55 -33.72 2.72 9.46
CA ALA A 55 -33.54 3.73 8.41
C ALA A 55 -34.69 4.72 8.33
N SER A 56 -34.42 5.82 7.63
CA SER A 56 -35.36 6.92 7.49
C SER A 56 -35.27 7.40 6.08
N PHE A 57 -36.39 7.82 5.53
CA PHE A 57 -36.35 8.50 4.25
C PHE A 57 -37.33 9.64 4.26
N GLU A 58 -36.81 10.82 3.94
CA GLU A 58 -37.62 12.03 3.90
C GLU A 58 -38.53 11.98 2.70
N ALA A 59 -39.82 11.90 2.97
CA ALA A 59 -40.78 11.56 1.94
C ALA A 59 -40.91 12.63 0.85
N GLN A 60 -40.89 13.90 1.24
CA GLN A 60 -41.10 14.99 0.27
C GLN A 60 -39.95 15.07 -0.70
N GLY A 61 -38.86 14.36 -0.41
CA GLY A 61 -37.74 14.28 -1.32
C GLY A 61 -38.20 13.58 -2.56
N ALA A 62 -38.93 12.49 -2.36
CA ALA A 62 -39.46 11.73 -3.47
C ALA A 62 -40.54 12.50 -4.20
N LEU A 63 -41.34 13.28 -3.47
CA LEU A 63 -42.38 14.05 -4.14
C LEU A 63 -41.75 15.01 -5.10
N ALA A 64 -40.74 15.73 -4.61
CA ALA A 64 -40.04 16.74 -5.39
C ALA A 64 -39.47 16.16 -6.67
N ASN A 65 -38.88 14.97 -6.58
CA ASN A 65 -38.30 14.36 -7.77
C ASN A 65 -39.34 14.07 -8.82
N ILE A 66 -40.44 13.48 -8.39
CA ILE A 66 -41.48 13.10 -9.32
C ILE A 66 -41.97 14.34 -10.06
N ALA A 67 -42.07 15.46 -9.35
CA ALA A 67 -42.47 16.72 -9.97
C ALA A 67 -41.53 17.10 -11.11
N VAL A 68 -40.24 16.95 -10.87
CA VAL A 68 -39.27 17.22 -11.91
C VAL A 68 -39.39 16.18 -13.02
N ASP A 69 -39.59 14.94 -12.63
CA ASP A 69 -39.74 13.88 -13.61
C ASP A 69 -40.97 14.12 -14.46
N LYS A 70 -42.03 14.65 -13.83
CA LYS A 70 -43.23 15.03 -14.55
C LYS A 70 -42.87 16.03 -15.64
N ALA A 71 -42.20 17.09 -15.21
CA ALA A 71 -41.80 18.17 -16.11
C ALA A 71 -40.91 17.67 -17.22
N ASN A 72 -39.97 16.79 -16.88
CA ASN A 72 -39.03 16.26 -17.86
C ASN A 72 -39.78 15.47 -18.94
N LEU A 73 -40.84 14.80 -18.52
CA LEU A 73 -41.62 13.99 -19.45
C LEU A 73 -42.15 14.87 -20.57
N ASP A 74 -42.59 16.07 -20.23
CA ASP A 74 -43.10 16.98 -21.24
C ASP A 74 -41.99 17.34 -22.21
N VAL A 75 -40.79 17.58 -21.68
CA VAL A 75 -39.67 17.95 -22.52
C VAL A 75 -39.29 16.84 -23.48
N MET A 76 -39.36 15.60 -23.03
CA MET A 76 -38.99 14.48 -23.88
C MET A 76 -40.04 14.28 -24.95
N LYS A 77 -41.30 14.55 -24.60
CA LYS A 77 -42.38 14.39 -25.54
C LYS A 77 -42.24 15.36 -26.70
N GLU A 78 -41.99 16.62 -26.38
CA GLU A 78 -41.88 17.62 -27.42
C GLU A 78 -40.62 17.36 -28.23
N ARG A 79 -39.61 16.77 -27.58
CA ARG A 79 -38.34 16.48 -28.23
C ARG A 79 -38.43 15.37 -29.27
N SER A 80 -39.00 14.23 -28.88
CA SER A 80 -39.12 13.10 -29.78
C SER A 80 -40.09 13.41 -30.92
N ASN A 81 -39.60 13.31 -32.14
CA ASN A 81 -40.39 13.62 -33.33
C ASN A 81 -41.62 12.74 -33.35
N ASN A 82 -41.38 11.44 -33.36
CA ASN A 82 -42.45 10.48 -33.32
C ASN A 82 -42.32 9.58 -32.10
N THR A 83 -43.37 9.53 -31.28
CA THR A 83 -43.40 8.54 -30.20
C THR A 83 -44.26 7.37 -30.67
N PRO A 84 -43.63 6.25 -31.00
CA PRO A 84 -44.35 5.08 -31.50
C PRO A 84 -44.81 4.20 -30.35
N ASP A 85 -46.11 3.92 -30.30
CA ASP A 85 -46.63 3.04 -29.26
C ASP A 85 -46.09 1.65 -29.49
N ALA A 86 -45.50 1.08 -28.45
CA ALA A 86 -44.99 -0.27 -28.48
C ALA A 86 -45.12 -0.87 -27.11
N ASN A 87 -45.32 -2.18 -27.05
CA ASN A 87 -45.54 -2.82 -25.78
C ASN A 87 -44.68 -4.06 -25.66
N VAL A 88 -44.16 -4.31 -24.47
CA VAL A 88 -43.58 -5.62 -24.20
C VAL A 88 -44.54 -6.34 -23.25
N ALA A 89 -45.17 -7.41 -23.76
CA ALA A 89 -46.14 -8.20 -23.00
C ALA A 89 -45.50 -8.97 -21.83
N PRO A 90 -46.21 -9.06 -20.71
CA PRO A 90 -45.77 -9.72 -19.47
C PRO A 90 -45.69 -11.21 -19.62
N GLU A 91 -44.93 -11.85 -18.73
CA GLU A 91 -44.99 -13.28 -18.62
C GLU A 91 -45.41 -13.57 -17.19
N VAL A 92 -46.48 -14.36 -17.05
CA VAL A 92 -47.12 -14.56 -15.74
C VAL A 92 -46.88 -15.94 -15.16
N THR A 93 -46.67 -15.99 -13.84
CA THR A 93 -46.41 -17.24 -13.14
C THR A 93 -47.11 -17.31 -11.79
N VAL A 94 -47.85 -18.38 -11.54
CA VAL A 94 -48.50 -18.58 -10.26
C VAL A 94 -47.90 -19.75 -9.50
N LEU A 95 -47.65 -19.54 -8.21
CA LEU A 95 -47.09 -20.58 -7.36
C LEU A 95 -47.28 -20.20 -5.90
N SER A 96 -47.03 -21.16 -5.01
CA SER A 96 -47.26 -20.98 -3.59
C SER A 96 -45.99 -20.52 -2.90
N ARG A 97 -46.14 -19.61 -1.94
CA ARG A 97 -44.98 -19.10 -1.21
C ARG A 97 -44.27 -20.23 -0.46
N SER A 98 -45.06 -21.09 0.17
CA SER A 98 -44.53 -22.21 0.93
C SER A 98 -45.07 -23.51 0.31
N PRO A 99 -44.44 -24.65 0.64
CA PRO A 99 -45.03 -25.95 0.29
C PRO A 99 -46.43 -26.06 0.86
N VAL A 100 -47.36 -26.53 0.05
CA VAL A 100 -48.78 -26.50 0.41
C VAL A 100 -49.23 -27.69 1.23
N ASN A 101 -49.76 -27.42 2.42
CA ASN A 101 -50.39 -28.47 3.22
C ASN A 101 -51.86 -28.16 3.48
N LEU A 102 -52.68 -29.20 3.34
CA LEU A 102 -54.13 -29.08 3.46
C LEU A 102 -54.55 -28.54 4.82
N GLY A 103 -55.40 -27.51 4.82
CA GLY A 103 -55.88 -26.92 6.05
C GLY A 103 -54.88 -26.00 6.71
N GLU A 104 -53.69 -25.92 6.12
CA GLU A 104 -52.59 -25.12 6.66
C GLU A 104 -52.44 -23.84 5.85
N PRO A 105 -52.74 -22.68 6.47
CA PRO A 105 -52.77 -21.36 5.84
C PRO A 105 -51.53 -21.09 5.00
N ASN A 106 -51.72 -20.44 3.85
CA ASN A 106 -50.63 -20.21 2.91
C ASN A 106 -50.85 -18.95 2.06
N ILE A 107 -49.92 -18.68 1.15
CA ILE A 107 -50.00 -17.53 0.25
C ILE A 107 -49.72 -17.96 -1.20
N LEU A 108 -50.58 -17.53 -2.11
CA LEU A 108 -50.36 -17.69 -3.54
C LEU A 108 -49.67 -16.46 -4.09
N ILE A 109 -48.67 -16.66 -4.95
CA ILE A 109 -47.92 -15.54 -5.52
C ILE A 109 -48.15 -15.42 -7.03
N CYS A 110 -48.62 -14.26 -7.49
CA CYS A 110 -48.74 -14.02 -8.92
C CYS A 110 -47.61 -13.13 -9.39
N PHE A 111 -46.65 -13.73 -10.07
CA PHE A 111 -45.42 -13.05 -10.48
C PHE A 111 -45.49 -12.55 -11.93
N ILE A 112 -45.82 -11.27 -12.11
CA ILE A 112 -45.84 -10.66 -13.44
C ILE A 112 -44.46 -10.03 -13.71
N ASP A 113 -43.89 -10.36 -14.86
CA ASP A 113 -42.48 -10.05 -15.14
C ASP A 113 -42.24 -9.62 -16.58
N LYS A 114 -41.16 -8.88 -16.78
CA LYS A 114 -40.65 -8.52 -18.11
C LYS A 114 -41.64 -7.80 -18.99
N PHE A 115 -42.23 -6.73 -18.48
CA PHE A 115 -43.22 -6.00 -19.25
C PHE A 115 -43.03 -4.49 -19.20
N SER A 116 -43.63 -3.80 -20.16
CA SER A 116 -43.61 -2.35 -20.20
C SER A 116 -44.68 -1.94 -21.21
N PRO A 117 -45.46 -0.88 -20.89
CA PRO A 117 -45.46 0.10 -19.80
C PRO A 117 -45.83 -0.46 -18.45
N PRO A 118 -45.57 0.30 -17.38
CA PRO A 118 -45.93 -0.16 -16.03
C PRO A 118 -47.41 0.02 -15.72
N VAL A 119 -48.28 -0.61 -16.49
CA VAL A 119 -49.71 -0.58 -16.21
C VAL A 119 -50.36 -1.91 -16.54
N VAL A 120 -50.96 -2.52 -15.53
CA VAL A 120 -51.67 -3.77 -15.72
C VAL A 120 -52.97 -3.79 -14.95
N ASN A 121 -53.87 -4.67 -15.37
CA ASN A 121 -55.04 -5.01 -14.60
C ASN A 121 -54.82 -6.45 -14.14
N VAL A 122 -54.81 -6.66 -12.83
CA VAL A 122 -54.61 -8.01 -12.30
C VAL A 122 -55.82 -8.43 -11.46
N THR A 123 -56.32 -9.65 -11.69
CA THR A 123 -57.48 -10.15 -10.96
C THR A 123 -57.30 -11.57 -10.41
N TRP A 124 -57.57 -11.76 -9.12
CA TRP A 124 -57.50 -13.10 -8.52
C TRP A 124 -58.84 -13.82 -8.65
N LEU A 125 -58.81 -15.12 -8.92
CA LEU A 125 -60.03 -15.89 -9.15
C LEU A 125 -60.16 -17.18 -8.35
N ARG A 126 -61.01 -17.19 -7.34
CA ARG A 126 -61.32 -18.44 -6.64
C ARG A 126 -62.51 -19.11 -7.32
N ASN A 127 -62.25 -20.25 -7.95
CA ASN A 127 -63.27 -21.00 -8.66
C ASN A 127 -63.88 -20.20 -9.80
N GLY A 128 -63.10 -19.32 -10.42
CA GLY A 128 -63.61 -18.59 -11.58
C GLY A 128 -64.29 -17.28 -11.24
N ARG A 129 -64.33 -16.96 -9.95
CA ARG A 129 -64.95 -15.73 -9.47
C ARG A 129 -63.90 -14.85 -8.81
N PRO A 130 -63.92 -13.54 -9.08
CA PRO A 130 -62.97 -12.62 -8.47
C PRO A 130 -62.95 -12.65 -6.94
N VAL A 131 -61.75 -12.48 -6.37
CA VAL A 131 -61.55 -12.45 -4.94
C VAL A 131 -61.10 -11.06 -4.52
N THR A 132 -61.68 -10.54 -3.44
CA THR A 132 -61.29 -9.21 -2.97
C THR A 132 -60.66 -9.23 -1.58
N GLU A 133 -60.81 -10.33 -0.86
CA GLU A 133 -60.31 -10.41 0.50
C GLU A 133 -59.02 -11.22 0.57
N GLY A 134 -58.03 -10.66 1.27
CA GLY A 134 -56.74 -11.29 1.45
C GLY A 134 -55.79 -11.11 0.29
N VAL A 135 -55.88 -9.97 -0.38
CA VAL A 135 -55.05 -9.69 -1.54
C VAL A 135 -54.05 -8.58 -1.30
N SER A 136 -52.83 -8.80 -1.78
CA SER A 136 -51.73 -7.86 -1.58
C SER A 136 -51.09 -7.53 -2.92
N GLU A 137 -50.47 -6.36 -3.00
CA GLU A 137 -49.89 -5.89 -4.25
C GLU A 137 -48.55 -5.18 -4.02
N THR A 138 -47.66 -5.22 -5.02
CA THR A 138 -46.38 -4.52 -4.93
C THR A 138 -46.28 -3.47 -6.01
N VAL A 139 -45.62 -2.36 -5.70
CA VAL A 139 -45.38 -1.33 -6.70
C VAL A 139 -44.64 -1.93 -7.89
N PHE A 140 -44.46 -1.15 -8.95
CA PHE A 140 -43.70 -1.64 -10.08
C PHE A 140 -42.20 -1.65 -9.77
N LEU A 141 -41.64 -2.85 -9.85
CA LEU A 141 -40.28 -3.11 -9.47
C LEU A 141 -39.39 -3.02 -10.70
N PRO A 142 -38.09 -2.66 -10.51
CA PRO A 142 -37.08 -2.51 -11.57
C PRO A 142 -36.42 -3.82 -11.93
N ARG A 143 -35.82 -3.87 -13.13
CA ARG A 143 -35.00 -5.00 -13.57
C ARG A 143 -33.61 -4.58 -14.08
N ASP A 144 -32.88 -5.52 -14.67
CA ASP A 144 -31.59 -5.21 -15.29
C ASP A 144 -31.81 -4.38 -16.55
N ASP A 145 -32.91 -4.68 -17.23
CA ASP A 145 -33.28 -3.98 -18.45
C ASP A 145 -34.27 -2.84 -18.25
N HIS A 146 -34.93 -2.50 -19.36
CA HIS A 146 -35.91 -1.43 -19.46
C HIS A 146 -37.31 -1.86 -19.01
N LEU A 147 -37.45 -3.15 -18.71
CA LEU A 147 -38.73 -3.74 -18.34
C LEU A 147 -39.04 -3.72 -16.85
N PHE A 148 -40.32 -3.94 -16.51
CA PHE A 148 -40.79 -3.92 -15.13
C PHE A 148 -41.21 -5.29 -14.60
N ARG A 149 -41.43 -5.33 -13.29
CA ARG A 149 -41.68 -6.57 -12.56
C ARG A 149 -42.69 -6.30 -11.46
N LYS A 150 -43.54 -7.28 -11.15
CA LYS A 150 -44.60 -7.04 -10.17
C LYS A 150 -45.01 -8.30 -9.43
N PHE A 151 -45.45 -8.14 -8.19
CA PHE A 151 -45.93 -9.28 -7.39
C PHE A 151 -47.37 -9.08 -6.91
N HIS A 152 -48.19 -10.12 -7.03
CA HIS A 152 -49.52 -10.10 -6.43
C HIS A 152 -49.68 -11.30 -5.51
N TYR A 153 -50.21 -11.05 -4.32
CA TYR A 153 -50.30 -12.11 -3.33
C TYR A 153 -51.74 -12.38 -2.93
N LEU A 154 -52.02 -13.63 -2.59
CA LEU A 154 -53.34 -14.03 -2.15
C LEU A 154 -53.22 -15.04 -1.03
N THR A 155 -53.82 -14.72 0.12
CA THR A 155 -53.86 -15.64 1.25
C THR A 155 -55.05 -16.58 1.13
N PHE A 156 -54.84 -17.85 1.49
CA PHE A 156 -55.86 -18.85 1.29
C PHE A 156 -55.71 -20.05 2.22
N LEU A 157 -56.80 -20.79 2.37
CA LEU A 157 -56.77 -22.06 3.06
C LEU A 157 -56.92 -23.16 2.02
N PRO A 158 -55.95 -24.07 1.99
CA PRO A 158 -55.95 -25.17 1.02
C PRO A 158 -57.06 -26.18 1.23
N SER A 159 -57.68 -26.61 0.12
CA SER A 159 -58.68 -27.67 0.12
C SER A 159 -58.75 -28.20 -1.30
N THR A 160 -59.17 -29.45 -1.46
CA THR A 160 -59.18 -30.05 -2.78
C THR A 160 -60.34 -29.58 -3.64
N ASP A 161 -61.23 -28.80 -3.04
CA ASP A 161 -62.41 -28.34 -3.77
C ASP A 161 -62.18 -27.03 -4.50
N ASP A 162 -61.25 -26.21 -4.00
CA ASP A 162 -61.02 -24.89 -4.57
C ASP A 162 -59.86 -24.91 -5.56
N PHE A 163 -59.98 -24.13 -6.63
CA PHE A 163 -58.87 -23.94 -7.56
C PHE A 163 -58.75 -22.44 -7.85
N TYR A 164 -57.52 -21.94 -7.92
CA TYR A 164 -57.32 -20.51 -8.10
C TYR A 164 -56.71 -20.14 -9.45
N ASP A 165 -56.96 -18.90 -9.85
CA ASP A 165 -56.42 -18.36 -11.09
C ASP A 165 -55.97 -16.92 -10.89
N CYS A 166 -54.92 -16.53 -11.60
CA CYS A 166 -54.49 -15.14 -11.65
C CYS A 166 -54.60 -14.67 -13.09
N GLU A 167 -55.40 -13.64 -13.32
CA GLU A 167 -55.61 -13.12 -14.67
C GLU A 167 -55.03 -11.73 -14.82
N VAL A 168 -54.10 -11.60 -15.76
CA VAL A 168 -53.36 -10.37 -15.97
C VAL A 168 -53.63 -9.78 -17.35
N ASP A 169 -54.04 -8.51 -17.40
CA ASP A 169 -54.22 -7.88 -18.71
C ASP A 169 -53.23 -6.72 -18.87
N HIS A 170 -52.62 -6.64 -20.03
CA HIS A 170 -51.62 -5.62 -20.33
C HIS A 170 -51.72 -5.22 -21.79
N TRP A 171 -51.41 -3.96 -22.09
CA TRP A 171 -51.64 -3.44 -23.45
C TRP A 171 -50.90 -4.20 -24.57
N GLY A 172 -50.06 -5.16 -24.20
CA GLY A 172 -49.32 -5.94 -25.18
C GLY A 172 -49.88 -7.32 -25.43
N LEU A 173 -50.89 -7.70 -24.66
CA LEU A 173 -51.47 -9.03 -24.80
C LEU A 173 -52.71 -8.99 -25.69
N GLU A 174 -52.80 -9.93 -26.62
CA GLU A 174 -53.98 -10.02 -27.48
C GLU A 174 -55.17 -10.46 -26.64
N GLU A 175 -54.94 -11.47 -25.82
CA GLU A 175 -55.94 -12.01 -24.93
C GLU A 175 -55.39 -12.04 -23.52
N PRO A 176 -56.18 -11.54 -22.55
CA PRO A 176 -55.87 -11.58 -21.12
C PRO A 176 -55.25 -12.91 -20.75
N LEU A 177 -54.10 -12.85 -20.11
CA LEU A 177 -53.37 -14.05 -19.79
C LEU A 177 -53.91 -14.58 -18.46
N ARG A 178 -54.36 -15.83 -18.44
CA ARG A 178 -54.84 -16.40 -17.18
C ARG A 178 -54.01 -17.61 -16.77
N LYS A 179 -53.38 -17.53 -15.60
CA LYS A 179 -52.51 -18.61 -15.13
C LYS A 179 -53.11 -19.34 -13.95
N HIS A 180 -53.12 -20.67 -14.06
CA HIS A 180 -53.87 -21.57 -13.18
C HIS A 180 -53.03 -22.17 -12.05
N TRP A 181 -53.71 -22.54 -10.96
CA TRP A 181 -53.08 -23.27 -9.85
C TRP A 181 -54.13 -24.02 -9.04
N GLU A 182 -53.93 -25.33 -8.86
CA GLU A 182 -54.76 -26.12 -7.96
C GLU A 182 -53.90 -27.08 -7.17
N PHE A 183 -54.53 -27.82 -6.26
CA PHE A 183 -53.79 -28.72 -5.37
C PHE A 183 -53.00 -29.78 -6.12
N SER B 7 -54.22 2.01 -31.10
CA SER B 7 -54.15 1.49 -29.75
C SER B 7 -54.12 2.61 -28.71
N ARG B 8 -53.49 2.35 -27.56
CA ARG B 8 -53.43 3.34 -26.50
C ARG B 8 -52.02 3.90 -26.34
N PRO B 9 -51.84 5.19 -26.64
CA PRO B 9 -50.56 5.88 -26.55
C PRO B 9 -50.15 6.12 -25.10
N TRP B 10 -48.86 5.93 -24.79
CA TRP B 10 -48.36 6.15 -23.44
C TRP B 10 -47.01 6.83 -23.43
N PHE B 11 -46.68 7.51 -22.32
CA PHE B 11 -45.42 8.23 -22.23
C PHE B 11 -44.76 8.10 -20.87
N LEU B 12 -43.54 7.57 -20.87
CA LEU B 12 -42.84 7.25 -19.64
C LEU B 12 -41.48 7.96 -19.53
N GLU B 13 -41.26 8.61 -18.40
CA GLU B 13 -39.95 9.15 -18.04
C GLU B 13 -39.42 8.36 -16.85
N TYR B 14 -38.50 7.45 -17.13
CA TYR B 14 -37.97 6.47 -16.18
C TYR B 14 -36.51 6.74 -15.90
N CYS B 15 -36.12 6.67 -14.63
CA CYS B 15 -34.72 6.87 -14.25
C CYS B 15 -34.26 5.94 -13.13
N LYS B 16 -33.22 5.16 -13.40
CA LYS B 16 -32.65 4.28 -12.38
C LYS B 16 -31.22 4.70 -12.04
N SER B 17 -30.98 4.95 -10.77
CA SER B 17 -29.62 5.18 -10.29
C SER B 17 -29.10 3.96 -9.55
N GLU B 18 -28.16 3.27 -10.17
CA GLU B 18 -27.63 2.03 -9.66
C GLU B 18 -26.33 2.25 -8.88
N CYS B 19 -26.27 1.73 -7.68
CA CYS B 19 -25.03 1.72 -6.91
C CYS B 19 -24.45 0.30 -6.89
N HIS B 20 -23.31 0.13 -7.55
CA HIS B 20 -22.72 -1.19 -7.63
C HIS B 20 -21.57 -1.37 -6.64
N PHE B 21 -21.69 -2.39 -5.82
CA PHE B 21 -20.69 -2.67 -4.82
C PHE B 21 -20.01 -4.00 -5.13
N TYR B 22 -18.76 -3.95 -5.53
CA TYR B 22 -17.95 -5.15 -5.66
C TYR B 22 -17.04 -5.21 -4.45
N ASN B 23 -17.12 -6.29 -3.69
CA ASN B 23 -16.39 -6.43 -2.44
C ASN B 23 -16.60 -5.25 -1.49
N GLY B 24 -17.85 -5.06 -1.06
CA GLY B 24 -18.20 -4.04 -0.09
C GLY B 24 -17.99 -2.64 -0.61
N THR B 25 -17.47 -1.74 0.22
CA THR B 25 -17.24 -0.38 -0.24
C THR B 25 -15.83 -0.18 -0.78
N GLN B 26 -15.13 -1.26 -1.10
CA GLN B 26 -13.80 -1.14 -1.71
C GLN B 26 -13.91 -0.59 -3.12
N ARG B 27 -14.58 -1.32 -4.00
CA ARG B 27 -14.79 -0.92 -5.38
C ARG B 27 -16.27 -0.63 -5.62
N VAL B 28 -16.59 0.63 -5.94
CA VAL B 28 -17.97 1.06 -6.14
C VAL B 28 -18.19 1.87 -7.41
N ARG B 29 -19.15 1.51 -8.24
CA ARG B 29 -19.45 2.36 -9.39
C ARG B 29 -20.92 2.73 -9.48
N LEU B 30 -21.16 3.93 -9.96
CA LEU B 30 -22.49 4.48 -10.05
C LEU B 30 -22.93 4.46 -11.50
N LEU B 31 -24.10 3.91 -11.75
CA LEU B 31 -24.62 3.88 -13.10
C LEU B 31 -26.02 4.41 -13.11
N VAL B 32 -26.16 5.67 -13.55
CA VAL B 32 -27.45 6.32 -13.71
C VAL B 32 -27.96 6.18 -15.13
N ARG B 33 -29.16 5.65 -15.27
CA ARG B 33 -29.74 5.37 -16.58
C ARG B 33 -31.08 6.03 -16.76
N TYR B 34 -31.18 6.87 -17.79
CA TYR B 34 -32.41 7.56 -18.12
C TYR B 34 -33.12 6.83 -19.27
N PHE B 35 -34.43 6.61 -19.10
CA PHE B 35 -35.27 5.93 -20.09
C PHE B 35 -36.37 6.82 -20.62
N TYR B 36 -36.79 6.57 -21.86
CA TYR B 36 -38.00 7.16 -22.40
C TYR B 36 -38.84 6.06 -23.01
N ASN B 37 -39.92 5.68 -22.33
CA ASN B 37 -40.72 4.55 -22.75
C ASN B 37 -39.93 3.23 -22.80
N LEU B 38 -39.51 2.82 -23.99
CA LEU B 38 -38.80 1.55 -24.07
C LEU B 38 -37.31 1.69 -24.33
N GLU B 39 -36.85 2.93 -24.47
CA GLU B 39 -35.50 3.20 -24.92
C GLU B 39 -34.64 3.86 -23.84
N GLU B 40 -33.50 3.25 -23.54
CA GLU B 40 -32.49 3.87 -22.68
C GLU B 40 -31.80 4.96 -23.51
N ASN B 41 -31.88 6.21 -23.07
CA ASN B 41 -31.35 7.29 -23.91
C ASN B 41 -30.11 7.99 -23.34
N LEU B 42 -30.01 8.04 -22.01
CA LEU B 42 -28.88 8.72 -21.39
C LEU B 42 -28.24 7.85 -20.30
N ARG B 43 -26.93 7.98 -20.15
CA ARG B 43 -26.18 7.25 -19.13
C ARG B 43 -25.21 8.16 -18.39
N PHE B 44 -25.08 7.94 -17.08
CA PHE B 44 -23.91 8.48 -16.36
C PHE B 44 -23.15 7.34 -15.69
N ASP B 45 -21.98 7.05 -16.23
CA ASP B 45 -21.13 6.00 -15.70
C ASP B 45 -19.99 6.61 -14.91
N SER B 46 -19.94 6.29 -13.61
CA SER B 46 -18.95 6.91 -12.75
C SER B 46 -17.55 6.60 -13.24
N ASP B 47 -17.41 5.45 -13.90
CA ASP B 47 -16.15 5.00 -14.50
C ASP B 47 -15.80 5.82 -15.73
N VAL B 48 -16.72 6.66 -16.19
CA VAL B 48 -16.45 7.52 -17.34
C VAL B 48 -16.41 8.97 -16.87
N GLY B 49 -17.26 9.31 -15.90
CA GLY B 49 -17.23 10.62 -15.27
C GLY B 49 -17.99 11.71 -16.00
N GLU B 50 -18.57 11.35 -17.15
CA GLU B 50 -19.39 12.28 -17.91
C GLU B 50 -20.66 11.57 -18.35
N PHE B 51 -21.65 12.36 -18.75
CA PHE B 51 -22.86 11.81 -19.34
C PHE B 51 -22.57 11.36 -20.76
N ARG B 52 -23.19 10.27 -21.18
CA ARG B 52 -23.05 9.78 -22.55
C ARG B 52 -24.40 9.44 -23.13
N ALA B 53 -24.66 9.90 -24.35
CA ALA B 53 -25.92 9.62 -24.98
C ALA B 53 -25.97 8.18 -25.52
N VAL B 54 -27.03 7.44 -25.18
CA VAL B 54 -27.20 6.10 -25.71
C VAL B 54 -27.96 6.14 -27.05
N THR B 55 -28.98 6.98 -27.12
CA THR B 55 -29.68 7.23 -28.37
C THR B 55 -29.67 8.73 -28.64
N GLU B 56 -29.92 9.13 -29.88
CA GLU B 56 -29.85 10.56 -30.25
C GLU B 56 -30.76 11.43 -29.38
N LEU B 57 -31.82 10.82 -28.86
CA LEU B 57 -32.82 11.52 -28.07
C LEU B 57 -32.20 12.12 -26.81
N GLY B 58 -31.13 11.47 -26.34
CA GLY B 58 -30.49 11.89 -25.10
C GLY B 58 -29.31 12.83 -25.27
N ARG B 59 -28.95 13.08 -26.53
CA ARG B 59 -27.83 13.95 -26.83
C ARG B 59 -27.94 15.35 -26.22
N PRO B 60 -29.13 16.00 -26.29
CA PRO B 60 -29.23 17.35 -25.72
C PRO B 60 -28.97 17.44 -24.23
N ASP B 61 -29.45 16.43 -23.50
CA ASP B 61 -29.30 16.43 -22.06
C ASP B 61 -27.83 16.24 -21.75
N ALA B 62 -27.22 15.32 -22.48
CA ALA B 62 -25.81 15.01 -22.31
C ALA B 62 -24.96 16.25 -22.53
N GLU B 63 -25.16 16.94 -23.64
CA GLU B 63 -24.38 18.14 -23.94
C GLU B 63 -24.63 19.22 -22.90
N ASN B 64 -25.88 19.33 -22.45
CA ASN B 64 -26.26 20.35 -21.49
C ASN B 64 -25.53 20.14 -20.18
N TRP B 65 -25.64 18.94 -19.65
CA TRP B 65 -25.10 18.64 -18.34
C TRP B 65 -23.57 18.55 -18.29
N ASN B 66 -22.95 18.03 -19.36
CA ASN B 66 -21.51 17.89 -19.43
C ASN B 66 -20.78 19.24 -19.49
N SER B 67 -21.54 20.29 -19.75
CA SER B 67 -20.98 21.64 -19.76
C SER B 67 -20.97 22.23 -18.35
N GLN B 68 -21.46 21.45 -17.40
CA GLN B 68 -21.52 21.92 -16.03
C GLN B 68 -20.53 21.17 -15.15
N PRO B 69 -19.36 21.76 -14.97
CA PRO B 69 -18.27 21.06 -14.29
C PRO B 69 -18.64 20.77 -12.84
N GLU B 70 -19.16 21.78 -12.15
CA GLU B 70 -19.50 21.66 -10.74
C GLU B 70 -20.63 20.66 -10.50
N PHE B 71 -21.40 20.42 -11.56
CA PHE B 71 -22.44 19.40 -11.53
C PHE B 71 -21.81 18.03 -11.65
N LEU B 72 -20.95 17.86 -12.65
CA LEU B 72 -20.26 16.60 -12.88
C LEU B 72 -19.39 16.27 -11.67
N GLU B 73 -18.78 17.31 -11.12
CA GLU B 73 -17.93 17.13 -9.97
C GLU B 73 -18.74 16.55 -8.80
N GLN B 74 -19.95 17.06 -8.61
CA GLN B 74 -20.83 16.55 -7.57
C GLN B 74 -21.23 15.09 -7.83
N LYS B 75 -21.53 14.78 -9.08
CA LYS B 75 -22.01 13.45 -9.44
C LYS B 75 -20.95 12.37 -9.23
N ARG B 76 -19.74 12.65 -9.67
CA ARG B 76 -18.68 11.68 -9.52
C ARG B 76 -18.48 11.39 -8.05
N ALA B 77 -18.73 12.40 -7.23
CA ALA B 77 -18.56 12.28 -5.79
C ALA B 77 -19.71 11.48 -5.16
N GLU B 78 -20.81 11.31 -5.91
CA GLU B 78 -21.96 10.62 -5.34
C GLU B 78 -21.64 9.16 -5.09
N VAL B 79 -20.52 8.69 -5.63
CA VAL B 79 -20.02 7.37 -5.31
C VAL B 79 -19.70 7.29 -3.81
N ASP B 80 -19.36 8.42 -3.21
CA ASP B 80 -19.15 8.46 -1.77
C ASP B 80 -20.36 9.06 -1.03
N THR B 81 -20.83 10.21 -1.51
CA THR B 81 -21.88 10.94 -0.79
C THR B 81 -23.25 10.28 -0.79
N VAL B 82 -23.49 9.35 -1.70
CA VAL B 82 -24.78 8.70 -1.77
C VAL B 82 -24.63 7.19 -1.63
N CYS B 83 -23.82 6.60 -2.51
CA CYS B 83 -23.66 5.16 -2.54
C CYS B 83 -23.09 4.59 -1.25
N ARG B 84 -21.83 4.91 -0.95
CA ARG B 84 -21.20 4.36 0.24
C ARG B 84 -21.94 4.86 1.48
N HIS B 85 -22.55 6.04 1.41
CA HIS B 85 -23.33 6.55 2.54
C HIS B 85 -24.38 5.55 2.94
N ASN B 86 -25.16 5.14 1.94
CA ASN B 86 -26.26 4.23 2.16
C ASN B 86 -25.79 2.83 2.54
N TYR B 87 -24.68 2.40 1.97
CA TYR B 87 -24.20 1.06 2.24
C TYR B 87 -23.90 0.94 3.71
N GLU B 88 -23.30 1.98 4.30
CA GLU B 88 -22.97 1.99 5.72
C GLU B 88 -24.20 1.70 6.56
N ILE B 89 -25.34 2.24 6.13
CA ILE B 89 -26.59 2.03 6.84
C ILE B 89 -27.10 0.61 6.63
N PHE B 90 -27.13 0.18 5.37
CA PHE B 90 -27.70 -1.12 5.04
C PHE B 90 -26.85 -2.29 5.53
N ASP B 91 -25.62 -2.01 5.91
CA ASP B 91 -24.72 -3.06 6.37
C ASP B 91 -25.13 -3.50 7.78
N ASN B 92 -26.04 -2.73 8.38
CA ASN B 92 -26.52 -3.01 9.73
C ASN B 92 -27.70 -3.99 9.78
N PHE B 93 -28.48 -4.08 8.70
CA PHE B 93 -29.64 -4.96 8.74
C PHE B 93 -29.92 -5.69 7.44
N LEU B 94 -29.74 -5.05 6.30
CA LEU B 94 -30.02 -5.73 5.04
C LEU B 94 -28.93 -6.72 4.64
N VAL B 95 -27.70 -6.24 4.57
CA VAL B 95 -26.58 -7.09 4.15
C VAL B 95 -26.42 -8.35 5.02
N PRO B 96 -26.45 -8.19 6.37
CA PRO B 96 -26.22 -9.36 7.22
C PRO B 96 -27.46 -10.20 7.45
N ARG B 97 -28.55 -9.83 6.81
CA ARG B 97 -29.81 -10.50 7.02
C ARG B 97 -29.73 -11.98 6.69
N ARG B 98 -30.13 -12.81 7.65
CA ARG B 98 -30.06 -14.25 7.45
C ARG B 98 -31.39 -14.89 7.84
N VAL B 99 -31.91 -15.74 6.97
CA VAL B 99 -33.12 -16.48 7.26
C VAL B 99 -32.93 -17.94 6.93
N GLU B 100 -33.11 -18.79 7.94
CA GLU B 100 -32.83 -20.22 7.80
C GLU B 100 -33.84 -20.94 6.91
N PRO B 101 -33.34 -21.76 5.96
CA PRO B 101 -34.22 -22.47 5.02
C PRO B 101 -35.01 -23.59 5.68
N THR B 102 -36.14 -23.94 5.09
CA THR B 102 -36.95 -25.08 5.52
C THR B 102 -36.90 -26.17 4.44
N VAL B 103 -36.25 -27.30 4.73
CA VAL B 103 -36.06 -28.34 3.72
C VAL B 103 -37.04 -29.47 3.89
N THR B 104 -37.71 -29.86 2.79
CA THR B 104 -38.73 -30.91 2.80
C THR B 104 -38.52 -31.88 1.63
N VAL B 105 -38.79 -33.16 1.86
CA VAL B 105 -38.69 -34.16 0.78
C VAL B 105 -39.98 -34.97 0.56
N TYR B 106 -40.40 -35.04 -0.69
CA TYR B 106 -41.59 -35.78 -1.07
C TYR B 106 -41.44 -36.37 -2.49
N PRO B 107 -42.20 -37.45 -2.79
CA PRO B 107 -42.20 -38.09 -4.11
C PRO B 107 -42.77 -37.22 -5.22
N LEU B 118 -39.28 -39.87 -9.36
CA LEU B 118 -38.71 -38.55 -9.12
C LEU B 118 -38.83 -38.14 -7.66
N LEU B 119 -37.73 -37.65 -7.10
CA LEU B 119 -37.69 -37.16 -5.71
C LEU B 119 -37.47 -35.65 -5.64
N VAL B 120 -38.33 -34.96 -4.91
CA VAL B 120 -38.27 -33.50 -4.82
C VAL B 120 -37.61 -33.02 -3.52
N CYS B 121 -36.69 -32.06 -3.64
CA CYS B 121 -36.11 -31.37 -2.49
C CYS B 121 -36.63 -29.94 -2.44
N SER B 122 -37.55 -29.67 -1.50
CA SER B 122 -38.16 -28.35 -1.38
C SER B 122 -37.47 -27.45 -0.38
N VAL B 123 -36.66 -26.52 -0.86
CA VAL B 123 -35.97 -25.60 0.03
C VAL B 123 -36.67 -24.26 -0.01
N SER B 124 -37.31 -23.90 1.10
CA SER B 124 -38.20 -22.75 1.13
C SER B 124 -37.89 -21.80 2.27
N ASP B 125 -38.33 -20.56 2.13
CA ASP B 125 -38.18 -19.55 3.18
C ASP B 125 -36.74 -19.28 3.61
N PHE B 126 -35.87 -18.86 2.69
CA PHE B 126 -34.49 -18.57 3.08
C PHE B 126 -33.93 -17.28 2.50
N TYR B 127 -32.94 -16.71 3.18
CA TYR B 127 -32.27 -15.49 2.70
C TYR B 127 -30.85 -15.48 3.23
N PRO B 128 -29.88 -15.08 2.40
CA PRO B 128 -29.98 -14.64 0.99
C PRO B 128 -30.06 -15.79 0.00
N GLY B 129 -29.99 -15.46 -1.30
CA GLY B 129 -30.19 -16.44 -2.35
C GLY B 129 -29.04 -17.42 -2.57
N ASN B 130 -27.93 -17.18 -1.88
CA ASN B 130 -26.77 -18.07 -1.93
C ASN B 130 -27.13 -19.44 -1.39
N ILE B 131 -27.37 -20.40 -2.27
CA ILE B 131 -27.79 -21.70 -1.78
C ILE B 131 -27.21 -22.80 -2.64
N GLU B 132 -26.84 -23.89 -1.99
CA GLU B 132 -26.30 -25.05 -2.68
C GLU B 132 -27.07 -26.29 -2.27
N VAL B 133 -27.53 -27.04 -3.25
CA VAL B 133 -28.31 -28.25 -2.97
C VAL B 133 -27.76 -29.44 -3.75
N ARG B 134 -27.45 -30.51 -3.04
CA ARG B 134 -26.93 -31.71 -3.67
C ARG B 134 -27.75 -32.95 -3.32
N TRP B 135 -27.72 -33.94 -4.21
CA TRP B 135 -28.42 -35.19 -4.00
C TRP B 135 -27.45 -36.34 -3.76
N PHE B 136 -27.57 -37.00 -2.62
CA PHE B 136 -26.76 -38.16 -2.32
C PHE B 136 -27.59 -39.44 -2.20
N ARG B 137 -27.32 -40.39 -3.10
CA ARG B 137 -27.91 -41.72 -3.00
C ARG B 137 -26.80 -42.70 -2.63
N ASN B 138 -26.93 -43.29 -1.45
CA ASN B 138 -25.93 -44.22 -0.90
C ASN B 138 -24.60 -43.51 -0.55
N GLY B 139 -24.66 -42.19 -0.40
CA GLY B 139 -23.50 -41.42 0.02
C GLY B 139 -22.65 -40.81 -1.07
N LYS B 140 -23.08 -40.96 -2.32
CA LYS B 140 -22.40 -40.32 -3.44
C LYS B 140 -23.30 -39.26 -4.09
N GLU B 141 -22.73 -38.13 -4.47
CA GLU B 141 -23.51 -37.05 -5.06
C GLU B 141 -23.96 -37.39 -6.48
N GLU B 142 -25.26 -37.68 -6.63
CA GLU B 142 -25.82 -38.01 -7.93
C GLU B 142 -25.77 -36.81 -8.86
N LYS B 143 -24.63 -36.63 -9.52
CA LYS B 143 -24.40 -35.46 -10.38
C LYS B 143 -25.03 -35.63 -11.77
N THR B 144 -26.11 -36.40 -11.86
CA THR B 144 -26.79 -36.61 -13.13
C THR B 144 -28.29 -36.84 -12.92
N GLY B 145 -29.10 -36.43 -13.90
CA GLY B 145 -30.54 -36.56 -13.80
C GLY B 145 -31.12 -35.57 -12.80
N ILE B 146 -30.56 -34.37 -12.79
CA ILE B 146 -30.99 -33.30 -11.87
C ILE B 146 -31.85 -32.25 -12.57
N VAL B 147 -33.11 -32.15 -12.15
CA VAL B 147 -33.99 -31.12 -12.69
C VAL B 147 -34.27 -30.07 -11.63
N SER B 148 -33.78 -28.85 -11.85
CA SER B 148 -33.98 -27.77 -10.90
C SER B 148 -34.87 -26.69 -11.49
N THR B 149 -35.66 -26.05 -10.64
CA THR B 149 -36.55 -24.99 -11.07
C THR B 149 -35.79 -23.69 -11.14
N GLY B 150 -34.59 -23.69 -10.57
CA GLY B 150 -33.81 -22.49 -10.44
C GLY B 150 -34.20 -21.78 -9.17
N LEU B 151 -33.59 -20.63 -8.93
CA LEU B 151 -33.91 -19.83 -7.76
C LEU B 151 -35.22 -19.08 -7.96
N VAL B 152 -36.08 -19.07 -6.93
CA VAL B 152 -37.35 -18.35 -7.06
C VAL B 152 -37.51 -17.26 -6.00
N ARG B 153 -37.74 -16.03 -6.47
CA ARG B 153 -37.84 -14.90 -5.58
C ARG B 153 -39.29 -14.60 -5.27
N ASN B 154 -39.68 -14.77 -4.02
CA ASN B 154 -41.06 -14.55 -3.60
C ASN B 154 -41.42 -13.07 -3.55
N GLY B 155 -40.41 -12.21 -3.51
CA GLY B 155 -40.66 -10.78 -3.53
C GLY B 155 -40.85 -10.19 -2.15
N ASP B 156 -40.78 -11.04 -1.13
CA ASP B 156 -40.91 -10.58 0.24
C ASP B 156 -39.64 -10.87 1.02
N TRP B 157 -38.50 -10.73 0.36
CA TRP B 157 -37.19 -10.97 0.97
C TRP B 157 -37.05 -12.42 1.43
N THR B 158 -37.72 -13.33 0.72
CA THR B 158 -37.57 -14.77 0.94
C THR B 158 -37.46 -15.51 -0.40
N PHE B 159 -36.72 -16.61 -0.42
CA PHE B 159 -36.48 -17.36 -1.65
C PHE B 159 -37.01 -18.77 -1.52
N GLN B 160 -37.05 -19.49 -2.64
CA GLN B 160 -37.41 -20.90 -2.61
C GLN B 160 -36.93 -21.57 -3.87
N THR B 161 -36.73 -22.88 -3.79
CA THR B 161 -36.34 -23.65 -4.96
C THR B 161 -36.64 -25.15 -4.83
N LEU B 162 -36.85 -25.80 -5.96
CA LEU B 162 -37.07 -27.25 -6.02
C LEU B 162 -35.98 -27.94 -6.82
N VAL B 163 -35.16 -28.72 -6.15
CA VAL B 163 -34.15 -29.51 -6.83
C VAL B 163 -34.61 -30.97 -6.89
N MET B 164 -34.68 -31.51 -8.10
CA MET B 164 -35.26 -32.84 -8.29
C MET B 164 -34.27 -33.84 -8.90
N LEU B 165 -34.42 -35.10 -8.52
CA LEU B 165 -33.61 -36.19 -9.05
C LEU B 165 -34.50 -37.25 -9.71
N GLU B 166 -34.13 -37.66 -10.93
CA GLU B 166 -34.99 -38.48 -11.78
C GLU B 166 -34.82 -39.99 -11.62
N THR B 167 -34.25 -40.45 -10.51
CA THR B 167 -34.03 -41.88 -10.32
C THR B 167 -35.27 -42.61 -9.79
N VAL B 168 -35.35 -43.91 -10.10
CA VAL B 168 -36.46 -44.75 -9.66
C VAL B 168 -36.12 -45.47 -8.35
N TYR B 175 -30.76 -42.32 -0.79
CA TYR B 175 -31.58 -41.20 -1.24
C TYR B 175 -31.70 -40.13 -0.16
N THR B 176 -30.77 -39.19 -0.16
CA THR B 176 -30.78 -38.07 0.77
C THR B 176 -30.26 -36.78 0.11
N CYS B 177 -30.93 -35.64 0.33
CA CYS B 177 -30.43 -34.38 -0.25
C CYS B 177 -29.87 -33.46 0.86
N GLN B 178 -28.81 -32.74 0.51
CA GLN B 178 -28.11 -31.88 1.44
C GLN B 178 -28.20 -30.41 1.01
N VAL B 179 -28.43 -29.54 1.99
CA VAL B 179 -28.57 -28.11 1.73
C VAL B 179 -27.56 -27.32 2.52
N GLU B 180 -26.74 -26.55 1.82
CA GLU B 180 -25.75 -25.69 2.46
C GLU B 180 -26.11 -24.24 2.30
N HIS B 181 -26.00 -23.46 3.38
CA HIS B 181 -26.46 -22.07 3.35
C HIS B 181 -25.77 -21.19 4.40
N PRO B 182 -25.47 -19.94 4.04
CA PRO B 182 -24.87 -18.91 4.89
C PRO B 182 -25.52 -18.71 6.27
N SER B 183 -26.74 -19.18 6.44
CA SER B 183 -27.42 -19.07 7.73
C SER B 183 -27.27 -20.33 8.56
N LEU B 184 -26.50 -21.29 8.04
CA LEU B 184 -26.31 -22.58 8.68
C LEU B 184 -24.87 -22.81 9.07
N THR B 185 -24.60 -22.90 10.37
CA THR B 185 -23.25 -23.22 10.83
C THR B 185 -22.86 -24.61 10.35
N ASP B 186 -23.81 -25.54 10.43
CA ASP B 186 -23.61 -26.90 9.93
C ASP B 186 -24.68 -27.25 8.91
N PRO B 187 -24.29 -27.95 7.83
CA PRO B 187 -25.17 -28.36 6.73
C PRO B 187 -26.45 -29.07 7.15
N VAL B 188 -27.53 -28.81 6.43
CA VAL B 188 -28.82 -29.43 6.68
C VAL B 188 -29.01 -30.64 5.77
N THR B 189 -29.42 -31.75 6.37
CA THR B 189 -29.57 -33.02 5.66
C THR B 189 -30.96 -33.61 5.84
N VAL B 190 -31.54 -34.09 4.76
CA VAL B 190 -32.76 -34.90 4.86
C VAL B 190 -32.65 -36.15 4.00
N GLU B 191 -33.34 -37.20 4.42
CA GLU B 191 -33.21 -38.52 3.80
C GLU B 191 -34.55 -39.22 3.70
N TRP B 192 -34.75 -39.99 2.63
CA TRP B 192 -36.02 -40.69 2.43
C TRP B 192 -35.82 -42.20 2.59
N LYS B 193 -36.86 -42.91 3.01
CA LYS B 193 -36.77 -44.36 3.23
C LYS B 193 -36.51 -45.12 1.93
N ALA C 1 -32.44 5.90 13.65
CA ALA C 1 -33.10 6.63 12.59
C ALA C 1 -32.09 7.33 11.69
N ASP C 2 -31.26 6.54 11.02
CA ASP C 2 -30.28 7.11 10.10
C ASP C 2 -30.93 7.37 8.76
N GLY C 3 -30.72 8.56 8.22
CA GLY C 3 -31.46 8.96 7.06
C GLY C 3 -30.77 8.62 5.75
N LEU C 4 -31.44 7.78 4.97
CA LEU C 4 -30.90 7.34 3.70
C LEU C 4 -30.72 8.54 2.77
N ALA C 5 -29.70 8.45 1.91
CA ALA C 5 -29.39 9.50 0.95
C ALA C 5 -29.96 9.10 -0.39
N TYR C 6 -30.25 10.08 -1.23
CA TYR C 6 -30.87 9.78 -2.52
C TYR C 6 -30.32 10.69 -3.62
N PHE C 7 -30.60 10.33 -4.87
CA PHE C 7 -30.21 11.16 -6.00
C PHE C 7 -31.33 12.14 -6.31
N ARG C 8 -30.96 13.41 -6.54
CA ARG C 8 -31.93 14.44 -6.84
C ARG C 8 -32.15 14.65 -8.33
N SER C 9 -33.40 14.76 -8.76
CA SER C 9 -33.73 14.89 -10.16
C SER C 9 -33.39 16.28 -10.69
N SER C 10 -32.73 16.33 -11.85
CA SER C 10 -32.36 17.61 -12.45
C SER C 10 -33.26 17.97 -13.63
N PHE C 11 -33.77 19.20 -13.66
CA PHE C 11 -34.68 19.63 -14.74
C PHE C 11 -33.98 19.57 -16.09
N LYS C 12 -34.64 19.02 -17.10
CA LYS C 12 -34.03 18.97 -18.43
C LYS C 12 -34.44 20.22 -19.16
N GLY C 13 -33.63 20.70 -20.10
CA GLY C 13 -33.94 21.94 -20.80
C GLY C 13 -32.79 22.41 -21.68
N GLY C 14 -32.28 23.63 -21.44
CA GLY C 14 -31.21 24.15 -22.27
C GLY C 14 -30.16 25.02 -21.60
N GLY D 3 -28.82 26.97 15.60
CA GLY D 3 -29.50 25.77 16.08
C GLY D 3 -29.68 24.71 15.00
N ASP D 4 -29.92 25.14 13.78
CA ASP D 4 -29.93 24.22 12.65
C ASP D 4 -29.00 24.75 11.57
N GLN D 5 -27.74 24.90 11.95
CA GLN D 5 -26.73 25.48 11.11
C GLN D 5 -25.49 24.59 11.19
N VAL D 6 -24.44 24.95 10.48
CA VAL D 6 -23.23 24.18 10.54
C VAL D 6 -22.23 24.76 11.55
N GLU D 7 -21.65 23.89 12.37
CA GLU D 7 -20.60 24.27 13.33
C GLU D 7 -19.37 24.77 12.61
N GLN D 8 -19.17 26.09 12.64
CA GLN D 8 -18.02 26.70 11.97
C GLN D 8 -17.13 27.39 12.99
N SER D 9 -15.85 27.00 13.00
CA SER D 9 -14.88 27.54 13.94
C SER D 9 -13.67 28.07 13.20
N PRO D 10 -13.01 29.09 13.76
CA PRO D 10 -13.37 29.77 15.01
C PRO D 10 -14.45 30.83 14.78
N SER D 11 -15.02 31.35 15.86
CA SER D 11 -15.99 32.45 15.74
C SER D 11 -15.31 33.66 15.13
N ALA D 12 -14.20 34.08 15.74
CA ALA D 12 -13.46 35.23 15.28
C ALA D 12 -11.97 34.95 15.22
N LEU D 13 -11.27 35.77 14.45
CA LEU D 13 -9.89 35.49 14.11
C LEU D 13 -9.13 36.78 13.81
N SER D 14 -7.95 36.95 14.41
CA SER D 14 -7.07 38.07 14.07
C SER D 14 -5.75 37.57 13.53
N LEU D 15 -5.40 38.00 12.33
CA LEU D 15 -4.16 37.57 11.70
C LEU D 15 -3.24 38.75 11.42
N HIS D 16 -1.95 38.60 11.75
CA HIS D 16 -0.98 39.60 11.34
C HIS D 16 -0.71 39.43 9.86
N GLU D 17 -0.60 40.56 9.16
CA GLU D 17 -0.34 40.59 7.72
C GLU D 17 0.84 39.68 7.38
N GLY D 18 0.55 38.65 6.61
CA GLY D 18 1.56 37.69 6.20
C GLY D 18 1.55 36.38 6.97
N THR D 19 0.70 36.28 7.98
CA THR D 19 0.53 35.00 8.67
C THR D 19 -0.62 34.21 8.05
N GLY D 20 -0.96 33.08 8.67
CA GLY D 20 -2.05 32.26 8.17
C GLY D 20 -2.77 31.46 9.24
N SER D 21 -3.96 31.00 8.91
CA SER D 21 -4.74 30.18 9.80
C SER D 21 -5.77 29.42 8.99
N ALA D 22 -6.56 28.58 9.66
CA ALA D 22 -7.51 27.77 8.93
C ALA D 22 -8.89 27.85 9.57
N LEU D 23 -9.92 27.80 8.73
CA LEU D 23 -11.31 27.74 9.18
C LEU D 23 -11.82 26.32 8.98
N ARG D 24 -12.78 25.91 9.78
CA ARG D 24 -13.27 24.54 9.70
C ARG D 24 -14.76 24.40 10.00
N CYS D 25 -15.44 23.71 9.10
CA CYS D 25 -16.86 23.38 9.26
C CYS D 25 -17.04 21.92 9.62
N ASN D 26 -17.83 21.66 10.66
CA ASN D 26 -18.09 20.31 11.09
C ASN D 26 -19.52 19.91 10.82
N PHE D 27 -19.69 18.83 10.07
CA PHE D 27 -21.00 18.42 9.64
C PHE D 27 -21.57 17.30 10.49
N THR D 28 -22.89 17.30 10.62
CA THR D 28 -23.58 16.29 11.41
C THR D 28 -23.97 15.08 10.57
N THR D 29 -23.65 15.14 9.28
CA THR D 29 -23.94 14.04 8.36
C THR D 29 -23.16 14.18 7.07
N THR D 30 -23.38 13.24 6.16
CA THR D 30 -22.76 13.27 4.86
C THR D 30 -23.28 14.44 4.03
N MET D 31 -22.38 15.31 3.60
CA MET D 31 -22.78 16.41 2.73
C MET D 31 -22.46 16.06 1.29
N ARG D 32 -23.26 16.60 0.39
CA ARG D 32 -23.19 16.23 -1.01
C ARG D 32 -22.05 16.99 -1.67
N ALA D 33 -21.75 18.18 -1.13
CA ALA D 33 -20.68 19.08 -1.58
C ALA D 33 -20.64 20.32 -0.70
N VAL D 34 -19.52 21.05 -0.68
CA VAL D 34 -19.41 22.23 0.19
C VAL D 34 -19.09 23.50 -0.59
N GLN D 35 -19.56 24.63 -0.07
CA GLN D 35 -19.33 25.93 -0.68
C GLN D 35 -18.80 26.93 0.35
N TRP D 36 -17.88 27.80 -0.06
CA TRP D 36 -17.32 28.83 0.84
C TRP D 36 -17.49 30.25 0.33
N PHE D 37 -17.91 31.16 1.22
CA PHE D 37 -18.14 32.56 0.86
C PHE D 37 -17.38 33.51 1.75
N ARG D 38 -17.13 34.70 1.23
CA ARG D 38 -16.57 35.79 2.01
C ARG D 38 -17.44 37.01 1.76
N LYS D 39 -17.83 37.69 2.84
CA LYS D 39 -18.52 38.95 2.71
C LYS D 39 -17.55 40.08 3.05
N ASN D 40 -17.30 40.99 2.11
CA ASN D 40 -16.33 42.06 2.34
C ASN D 40 -16.82 43.12 3.31
N SER D 41 -16.13 44.25 3.30
CA SER D 41 -16.58 45.45 3.98
C SER D 41 -17.48 46.26 3.04
N ARG D 42 -18.76 46.30 3.36
CA ARG D 42 -19.80 46.92 2.53
C ARG D 42 -19.79 46.28 1.14
N GLY D 43 -19.27 45.07 1.06
CA GLY D 43 -19.18 44.36 -0.20
C GLY D 43 -20.24 43.28 -0.28
N SER D 44 -20.35 42.66 -1.46
CA SER D 44 -21.30 41.57 -1.65
C SER D 44 -20.71 40.28 -1.12
N LEU D 45 -21.52 39.23 -1.13
CA LEU D 45 -21.03 37.90 -0.88
C LEU D 45 -20.19 37.42 -2.05
N ILE D 46 -18.92 37.14 -1.80
CA ILE D 46 -18.04 36.65 -2.84
C ILE D 46 -17.90 35.13 -2.75
N ASN D 47 -18.17 34.49 -3.87
CA ASN D 47 -18.11 33.05 -4.00
C ASN D 47 -16.63 32.63 -4.05
N LEU D 48 -16.18 31.79 -3.11
CA LEU D 48 -14.75 31.41 -3.04
C LEU D 48 -14.45 30.04 -3.60
N PHE D 49 -15.20 29.04 -3.15
CA PHE D 49 -14.99 27.68 -3.61
C PHE D 49 -16.29 26.90 -3.73
N TYR D 50 -16.29 25.94 -4.65
CA TYR D 50 -17.24 24.85 -4.63
C TYR D 50 -16.51 23.52 -4.64
N LEU D 51 -16.63 22.78 -3.54
CA LEU D 51 -15.97 21.50 -3.42
C LEU D 51 -16.97 20.39 -3.32
N ALA D 52 -16.74 19.33 -4.09
CA ALA D 52 -17.56 18.13 -3.94
C ALA D 52 -16.73 17.04 -3.31
N SER D 53 -15.41 17.19 -3.44
CA SER D 53 -14.46 16.22 -2.92
C SER D 53 -13.04 16.75 -3.04
N GLY D 54 -12.12 16.14 -2.30
CA GLY D 54 -10.72 16.49 -2.38
C GLY D 54 -10.43 17.91 -1.96
N THR D 55 -9.46 18.53 -2.64
CA THR D 55 -9.08 19.91 -2.33
C THR D 55 -9.04 20.79 -3.57
N LYS D 56 -9.21 22.07 -3.34
CA LYS D 56 -9.09 23.05 -4.40
C LYS D 56 -8.34 24.23 -3.83
N GLU D 57 -7.42 24.78 -4.62
CA GLU D 57 -6.61 25.90 -4.17
C GLU D 57 -6.73 27.05 -5.15
N ASN D 58 -6.99 28.23 -4.61
CA ASN D 58 -7.20 29.46 -5.39
C ASN D 58 -6.39 30.62 -4.84
N GLY D 59 -5.24 30.86 -5.44
CA GLY D 59 -4.36 31.91 -4.98
C GLY D 59 -3.86 31.64 -3.58
N ARG D 60 -4.22 32.50 -2.63
CA ARG D 60 -3.77 32.30 -1.27
C ARG D 60 -4.77 31.49 -0.45
N LEU D 61 -5.79 30.95 -1.11
CA LEU D 61 -6.79 30.16 -0.42
C LEU D 61 -6.80 28.71 -0.89
N LYS D 62 -6.84 27.80 0.08
CA LYS D 62 -6.97 26.38 -0.22
C LYS D 62 -8.13 25.81 0.58
N SER D 63 -8.96 25.02 -0.10
CA SER D 63 -10.11 24.45 0.56
C SER D 63 -10.08 22.94 0.46
N ALA D 64 -10.58 22.27 1.50
CA ALA D 64 -10.58 20.81 1.56
C ALA D 64 -11.94 20.29 2.03
N PHE D 65 -12.37 19.17 1.48
CA PHE D 65 -13.64 18.60 1.91
C PHE D 65 -13.57 17.09 2.05
N ASP D 66 -13.82 16.60 3.26
CA ASP D 66 -13.83 15.15 3.47
C ASP D 66 -15.22 14.72 3.77
N SER D 67 -15.83 14.11 2.75
CA SER D 67 -17.22 13.69 2.83
C SER D 67 -17.44 12.72 4.00
N LYS D 68 -16.56 11.73 4.14
CA LYS D 68 -16.66 10.73 5.21
C LYS D 68 -16.40 11.29 6.59
N GLU D 69 -15.31 12.04 6.75
CA GLU D 69 -14.93 12.52 8.07
C GLU D 69 -15.79 13.72 8.44
N ARG D 70 -16.68 14.10 7.52
CA ARG D 70 -17.70 15.09 7.80
C ARG D 70 -17.13 16.43 8.25
N TYR D 71 -16.18 16.95 7.47
CA TYR D 71 -15.68 18.30 7.72
C TYR D 71 -15.24 18.96 6.44
N SER D 72 -15.11 20.28 6.51
CA SER D 72 -14.46 21.02 5.44
C SER D 72 -13.64 22.16 6.03
N THR D 73 -12.48 22.41 5.43
CA THR D 73 -11.56 23.42 5.91
C THR D 73 -11.20 24.41 4.82
N LEU D 74 -11.07 25.66 5.26
CA LEU D 74 -10.59 26.72 4.40
C LEU D 74 -9.28 27.21 5.00
N HIS D 75 -8.21 27.23 4.21
CA HIS D 75 -6.92 27.67 4.72
C HIS D 75 -6.55 29.01 4.09
N ILE D 76 -6.15 29.96 4.92
CA ILE D 76 -5.63 31.24 4.44
C ILE D 76 -4.13 31.25 4.68
N ARG D 77 -3.36 31.60 3.66
CA ARG D 77 -1.93 31.74 3.81
C ARG D 77 -1.53 33.13 3.37
N ASP D 78 -0.46 33.67 3.97
CA ASP D 78 0.06 34.97 3.56
C ASP D 78 -1.02 36.02 3.64
N ALA D 79 -1.65 36.12 4.80
CA ALA D 79 -2.82 36.98 5.00
C ALA D 79 -2.61 38.39 4.47
N GLN D 80 -3.59 38.88 3.73
CA GLN D 80 -3.51 40.23 3.20
C GLN D 80 -4.63 41.09 3.78
N LEU D 81 -4.56 42.39 3.52
CA LEU D 81 -5.56 43.30 4.05
C LEU D 81 -6.94 42.97 3.49
N GLU D 82 -7.00 42.68 2.19
CA GLU D 82 -8.28 42.44 1.53
C GLU D 82 -8.94 41.13 1.93
N ASP D 83 -8.21 40.27 2.65
CA ASP D 83 -8.76 39.00 3.10
C ASP D 83 -9.70 39.19 4.29
N SER D 84 -9.69 40.39 4.86
CA SER D 84 -10.56 40.72 5.98
C SER D 84 -12.01 40.57 5.57
N GLY D 85 -12.86 40.14 6.51
CA GLY D 85 -14.28 39.97 6.22
C GLY D 85 -14.92 38.82 6.98
N THR D 86 -16.13 38.43 6.56
CA THR D 86 -16.82 37.31 7.18
C THR D 86 -16.94 36.11 6.26
N TYR D 87 -16.51 34.95 6.76
CA TYR D 87 -16.42 33.76 5.95
C TYR D 87 -17.49 32.74 6.32
N PHE D 88 -18.22 32.26 5.31
CA PHE D 88 -19.30 31.30 5.53
C PHE D 88 -19.07 30.03 4.76
N CYS D 89 -19.50 28.92 5.32
CA CYS D 89 -19.60 27.68 4.55
C CYS D 89 -21.06 27.32 4.35
N ALA D 90 -21.36 26.64 3.25
CA ALA D 90 -22.72 26.24 2.95
C ALA D 90 -22.72 24.92 2.19
N ALA D 91 -23.46 23.94 2.69
CA ALA D 91 -23.50 22.62 2.07
C ALA D 91 -24.87 21.98 2.26
N GLU D 92 -25.29 21.13 1.33
CA GLU D 92 -26.54 20.42 1.56
C GLU D 92 -26.35 18.93 1.79
N ALA D 93 -27.09 18.39 2.75
CA ALA D 93 -26.99 16.98 3.12
C ALA D 93 -27.40 16.08 1.98
N SER D 94 -26.81 14.90 1.90
CA SER D 94 -27.19 13.94 0.88
C SER D 94 -28.55 13.31 1.19
N ASN D 95 -29.01 13.46 2.44
CA ASN D 95 -30.28 12.88 2.84
C ASN D 95 -31.40 13.91 2.91
N THR D 96 -31.13 15.13 2.45
CA THR D 96 -32.19 16.13 2.28
C THR D 96 -32.04 16.94 1.01
N ASN D 97 -32.93 17.92 0.92
CA ASN D 97 -33.05 18.78 -0.24
C ASN D 97 -32.60 20.20 0.04
N LYS D 98 -32.12 20.43 1.25
CA LYS D 98 -31.96 21.80 1.76
C LYS D 98 -30.52 22.24 2.04
N VAL D 99 -30.13 23.40 1.53
CA VAL D 99 -28.81 23.96 1.83
C VAL D 99 -28.82 24.57 3.20
N VAL D 100 -27.82 24.21 4.01
CA VAL D 100 -27.69 24.77 5.36
C VAL D 100 -26.36 25.48 5.46
N PHE D 101 -26.30 26.54 6.26
CA PHE D 101 -25.14 27.44 6.28
C PHE D 101 -24.31 27.26 7.55
N GLY D 102 -23.06 27.71 7.51
CA GLY D 102 -22.22 27.70 8.70
C GLY D 102 -22.56 28.90 9.57
N THR D 103 -22.07 28.90 10.80
CA THR D 103 -22.33 29.99 11.74
C THR D 103 -21.56 31.27 11.41
N GLY D 104 -20.48 31.13 10.66
CA GLY D 104 -19.71 32.27 10.21
C GLY D 104 -18.43 32.54 11.00
N THR D 105 -17.44 33.08 10.30
CA THR D 105 -16.18 33.46 10.91
C THR D 105 -15.77 34.86 10.50
N ARG D 106 -15.63 35.74 11.48
CA ARG D 106 -15.19 37.10 11.25
C ARG D 106 -13.67 37.19 11.34
N LEU D 107 -13.03 37.48 10.20
CA LEU D 107 -11.58 37.57 10.12
C LEU D 107 -11.08 38.99 9.99
N GLN D 108 -10.26 39.43 10.95
CA GLN D 108 -9.62 40.74 10.89
C GLN D 108 -8.12 40.57 10.67
N VAL D 109 -7.61 41.20 9.61
CA VAL D 109 -6.18 41.13 9.32
C VAL D 109 -5.47 42.43 9.66
N LEU D 110 -4.52 42.33 10.59
CA LEU D 110 -3.75 43.47 11.06
C LEU D 110 -2.55 43.75 10.16
N PRO D 111 -2.38 45.00 9.74
CA PRO D 111 -1.29 45.36 8.83
C PRO D 111 0.05 45.39 9.53
N ASN D 112 1.12 45.19 8.78
CA ASN D 112 2.45 45.32 9.33
C ASN D 112 2.98 46.74 9.13
N ILE D 113 3.09 47.48 10.22
CA ILE D 113 3.62 48.84 10.17
C ILE D 113 5.13 48.83 10.38
N GLN D 114 5.88 48.95 9.30
CA GLN D 114 7.33 48.86 9.36
C GLN D 114 7.91 50.02 10.13
N ASN D 115 7.43 51.22 9.81
CA ASN D 115 7.92 52.43 10.43
C ASN D 115 6.83 53.25 11.08
N PRO D 116 6.51 52.95 12.34
CA PRO D 116 5.47 53.65 13.10
C PRO D 116 5.85 55.11 13.31
N ASP D 117 4.92 56.03 13.02
CA ASP D 117 5.17 57.45 13.25
C ASP D 117 3.94 58.13 13.86
N PRO D 118 3.54 57.72 15.08
CA PRO D 118 2.30 58.20 15.69
C PRO D 118 2.23 59.72 15.74
N ALA D 119 1.15 60.30 15.23
CA ALA D 119 1.02 61.74 15.12
C ALA D 119 -0.44 62.17 15.14
N VAL D 120 -0.70 63.39 15.58
CA VAL D 120 -2.04 63.94 15.57
C VAL D 120 -2.07 65.28 14.85
N TYR D 121 -2.87 65.38 13.79
CA TYR D 121 -2.96 66.63 13.05
C TYR D 121 -4.34 67.28 13.15
N GLN D 122 -4.42 68.58 12.87
CA GLN D 122 -5.70 69.28 12.82
C GLN D 122 -6.02 69.73 11.41
N LEU D 123 -7.24 69.47 10.97
CA LEU D 123 -7.63 69.81 9.60
C LEU D 123 -8.77 70.82 9.57
N ARG D 124 -8.66 71.80 8.70
CA ARG D 124 -9.66 72.87 8.57
C ARG D 124 -10.65 72.57 7.44
N ASP D 125 -11.84 73.16 7.55
CA ASP D 125 -12.88 72.99 6.55
C ASP D 125 -12.42 73.61 5.23
N SER D 126 -12.70 72.94 4.11
CA SER D 126 -12.41 73.51 2.80
C SER D 126 -13.42 74.59 2.42
N ASP D 130 -16.47 76.86 8.46
CA ASP D 130 -15.14 76.70 9.02
C ASP D 130 -15.13 75.81 10.26
N LYS D 131 -15.39 74.52 10.04
CA LYS D 131 -15.24 73.49 11.05
C LYS D 131 -13.82 72.91 11.06
N SER D 132 -13.53 72.07 12.06
CA SER D 132 -12.20 71.48 12.18
C SER D 132 -12.28 70.09 12.82
N VAL D 133 -11.42 69.19 12.35
CA VAL D 133 -11.36 67.81 12.84
C VAL D 133 -9.93 67.37 13.22
N CYS D 134 -9.84 66.38 14.12
CA CYS D 134 -8.55 65.85 14.54
C CYS D 134 -8.27 64.44 14.01
N LEU D 135 -7.05 64.26 13.49
CA LEU D 135 -6.63 63.00 12.85
C LEU D 135 -5.48 62.29 13.55
N PHE D 136 -5.79 61.19 14.23
CA PHE D 136 -4.75 60.31 14.77
C PHE D 136 -4.31 59.35 13.67
N THR D 137 -3.02 59.33 13.34
CA THR D 137 -2.59 58.52 12.21
C THR D 137 -1.17 57.97 12.40
N ASP D 138 -0.80 56.99 11.57
CA ASP D 138 0.54 56.44 11.50
C ASP D 138 1.00 55.66 12.74
N PHE D 139 0.04 55.23 13.57
CA PHE D 139 0.37 54.38 14.71
C PHE D 139 0.40 52.90 14.27
N ASP D 140 0.98 52.03 15.10
CA ASP D 140 1.08 50.61 14.77
C ASP D 140 -0.16 49.85 15.19
N SER D 141 -0.29 48.61 14.73
CA SER D 141 -1.52 47.84 14.94
C SER D 141 -1.71 47.39 16.38
N GLN D 142 -0.71 47.60 17.23
CA GLN D 142 -0.81 47.21 18.63
C GLN D 142 -1.56 48.27 19.44
N THR D 143 -1.79 49.42 18.84
CA THR D 143 -2.55 50.49 19.49
C THR D 143 -4.06 50.33 19.29
N ASN D 144 -4.80 50.44 20.39
CA ASN D 144 -6.27 50.33 20.35
C ASN D 144 -6.93 51.69 20.54
N VAL D 145 -7.83 52.06 19.63
CA VAL D 145 -8.53 53.33 19.73
C VAL D 145 -9.84 53.22 20.52
N SER D 146 -9.94 53.99 21.58
CA SER D 146 -11.09 53.93 22.48
C SER D 146 -12.06 55.10 22.28
N GLN D 147 -13.35 54.83 22.46
CA GLN D 147 -14.40 55.82 22.20
C GLN D 147 -14.35 57.02 23.14
N SER D 148 -14.64 58.19 22.59
CA SER D 148 -14.68 59.43 23.35
C SER D 148 -15.83 59.43 24.34
N LYS D 149 -15.57 59.92 25.55
CA LYS D 149 -16.58 59.88 26.60
C LYS D 149 -17.64 60.97 26.48
N ASP D 150 -17.32 62.20 26.89
CA ASP D 150 -18.31 63.27 26.94
C ASP D 150 -19.05 63.44 25.61
N SER D 151 -20.37 63.56 25.69
CA SER D 151 -21.25 63.42 24.51
C SER D 151 -21.09 64.51 23.46
N ASP D 152 -20.13 65.42 23.67
CA ASP D 152 -19.93 66.50 22.71
C ASP D 152 -18.72 66.28 21.80
N VAL D 153 -17.93 65.24 22.08
CA VAL D 153 -16.81 64.87 21.20
C VAL D 153 -17.01 63.48 20.60
N TYR D 154 -16.67 63.32 19.32
CA TYR D 154 -16.82 62.03 18.67
C TYR D 154 -15.48 61.47 18.20
N ILE D 155 -15.29 60.17 18.37
CA ILE D 155 -14.09 59.49 17.87
C ILE D 155 -14.45 58.19 17.16
N THR D 156 -13.93 57.98 15.95
CA THR D 156 -14.21 56.77 15.18
C THR D 156 -13.21 55.66 15.49
N ASP D 157 -13.60 54.42 15.22
CA ASP D 157 -12.67 53.29 15.38
C ASP D 157 -11.56 53.38 14.35
N LYS D 158 -10.45 52.69 14.60
CA LYS D 158 -9.31 52.78 13.69
C LYS D 158 -9.60 52.13 12.34
N CYS D 159 -8.88 52.57 11.32
CA CYS D 159 -9.10 52.13 9.95
C CYS D 159 -7.77 52.07 9.19
N VAL D 160 -7.63 51.10 8.28
CA VAL D 160 -6.39 50.96 7.53
C VAL D 160 -6.53 51.33 6.06
N LEU D 161 -5.67 52.25 5.59
CA LEU D 161 -5.68 52.63 4.18
C LEU D 161 -4.40 52.19 3.47
N ASP D 162 -4.53 51.93 2.16
CA ASP D 162 -3.45 51.35 1.37
C ASP D 162 -3.16 52.14 0.10
N MET D 163 -2.05 52.88 0.08
CA MET D 163 -1.60 53.56 -1.12
C MET D 163 -0.82 52.57 -1.98
N ARG D 164 -1.54 51.82 -2.81
CA ARG D 164 -0.96 50.70 -3.57
C ARG D 164 0.25 51.09 -4.41
N SER D 165 0.19 52.27 -5.02
CA SER D 165 1.26 52.79 -5.86
C SER D 165 2.61 52.84 -5.12
N MET D 166 2.57 53.22 -3.84
CA MET D 166 3.79 53.38 -3.06
C MET D 166 4.04 52.30 -2.02
N ASP D 167 3.23 51.25 -2.02
CA ASP D 167 3.38 50.15 -1.07
C ASP D 167 3.46 50.66 0.37
N PHE D 168 2.48 51.48 0.75
CA PHE D 168 2.47 52.06 2.08
C PHE D 168 1.08 51.95 2.68
N LYS D 169 1.01 51.43 3.89
CA LYS D 169 -0.25 51.28 4.61
C LYS D 169 -0.22 52.09 5.90
N SER D 170 -1.37 52.60 6.33
CA SER D 170 -1.41 53.39 7.55
C SER D 170 -2.73 53.25 8.30
N ASN D 171 -2.61 53.18 9.62
CA ASN D 171 -3.76 53.24 10.52
C ASN D 171 -4.16 54.68 10.77
N SER D 172 -5.44 54.90 11.04
CA SER D 172 -5.93 56.25 11.26
C SER D 172 -7.30 56.28 11.93
N ALA D 173 -7.51 57.29 12.78
CA ALA D 173 -8.80 57.48 13.44
C ALA D 173 -9.11 58.97 13.50
N VAL D 174 -10.39 59.31 13.34
CA VAL D 174 -10.80 60.71 13.25
C VAL D 174 -11.67 61.10 14.43
N ALA D 175 -11.43 62.31 14.94
CA ALA D 175 -12.20 62.85 16.05
C ALA D 175 -12.65 64.27 15.74
N TRP D 176 -13.86 64.61 16.15
CA TRP D 176 -14.36 65.96 15.94
C TRP D 176 -15.35 66.39 17.02
N SER D 177 -15.58 67.71 17.10
CA SER D 177 -16.50 68.28 18.08
C SER D 177 -16.91 69.71 17.73
N ASN D 178 -17.90 70.22 18.46
CA ASN D 178 -18.33 71.61 18.33
C ASN D 178 -17.94 72.43 19.56
N LYS D 179 -17.89 71.76 20.71
CA LYS D 179 -17.55 72.36 21.98
C LYS D 179 -16.22 73.13 21.94
N SER D 180 -16.20 74.31 22.56
CA SER D 180 -15.04 75.20 22.53
C SER D 180 -13.89 74.76 23.43
N ASP D 181 -14.16 73.82 24.34
CA ASP D 181 -13.13 73.29 25.24
C ASP D 181 -12.32 72.20 24.53
N PHE D 182 -12.61 71.97 23.26
CA PHE D 182 -12.01 70.89 22.50
C PHE D 182 -10.79 71.29 21.70
N ALA D 183 -9.67 70.63 21.98
CA ALA D 183 -8.43 70.82 21.24
C ALA D 183 -7.86 69.46 20.88
N CYS D 184 -7.04 69.41 19.83
CA CYS D 184 -6.46 68.16 19.37
C CYS D 184 -5.58 67.48 20.42
N ALA D 185 -4.99 68.28 21.30
CA ALA D 185 -4.12 67.76 22.35
C ALA D 185 -4.88 66.85 23.31
N ASN D 186 -6.17 67.13 23.51
CA ASN D 186 -6.95 66.38 24.47
C ASN D 186 -8.01 65.54 23.76
N ALA D 187 -7.89 65.43 22.44
CA ALA D 187 -8.85 64.67 21.67
C ALA D 187 -8.76 63.19 21.97
N PHE D 188 -7.57 62.63 21.85
CA PHE D 188 -7.37 61.19 22.00
C PHE D 188 -6.79 60.86 23.38
N ASN D 189 -7.22 61.62 24.39
CA ASN D 189 -6.82 61.36 25.76
C ASN D 189 -7.49 60.13 26.33
N ASN D 190 -8.65 59.79 25.77
CA ASN D 190 -9.43 58.65 26.22
C ASN D 190 -8.73 57.32 25.95
N SER D 191 -7.79 57.35 25.00
CA SER D 191 -7.10 56.14 24.61
C SER D 191 -5.67 56.10 25.12
N ILE D 192 -5.13 54.90 25.25
CA ILE D 192 -3.74 54.71 25.57
C ILE D 192 -2.94 54.79 24.27
N ILE D 193 -2.41 55.97 24.00
CA ILE D 193 -1.66 56.26 22.79
C ILE D 193 -0.16 56.02 22.99
N PRO D 194 0.58 55.80 21.88
CA PRO D 194 2.03 55.65 21.98
C PRO D 194 2.66 56.83 22.71
N GLU D 195 3.67 56.58 23.52
CA GLU D 195 4.26 57.65 24.33
C GLU D 195 4.87 58.75 23.49
N ASP D 196 5.48 58.38 22.37
CA ASP D 196 6.15 59.35 21.52
C ASP D 196 5.26 59.89 20.40
N THR D 197 3.98 60.07 20.67
CA THR D 197 3.06 60.63 19.67
C THR D 197 3.37 62.10 19.39
N PHE D 198 3.59 62.41 18.12
CA PHE D 198 3.98 63.73 17.65
C PHE D 198 2.82 64.73 17.67
N PHE D 199 2.96 65.80 18.44
CA PHE D 199 1.91 66.81 18.55
C PHE D 199 2.37 68.18 18.06
N PRO D 200 2.07 68.49 16.79
CA PRO D 200 2.41 69.76 16.12
C PRO D 200 1.74 70.97 16.78
N SER D 201 2.06 72.16 16.27
CA SER D 201 1.46 73.41 16.73
C SER D 201 1.74 73.65 18.20
N SER E 22 -27.19 39.92 -16.67
CA SER E 22 -25.75 39.79 -16.89
C SER E 22 -25.18 38.63 -16.08
N GLY E 23 -23.86 38.63 -15.90
CA GLY E 23 -23.19 37.55 -15.19
C GLY E 23 -21.70 37.53 -15.50
N GLY E 24 -20.91 36.88 -14.63
CA GLY E 24 -21.42 36.19 -13.46
C GLY E 24 -21.60 37.06 -12.24
N LYS E 25 -22.78 37.64 -12.13
CA LYS E 25 -23.10 38.64 -11.11
C LYS E 25 -24.61 38.64 -10.92
N VAL E 26 -25.02 38.84 -9.68
CA VAL E 26 -26.45 38.98 -9.39
C VAL E 26 -26.75 40.38 -8.87
N ILE E 27 -27.69 41.04 -9.54
CA ILE E 27 -27.98 42.44 -9.27
C ILE E 27 -29.23 42.60 -8.43
N GLN E 28 -29.04 42.97 -7.17
CA GLN E 28 -30.17 43.23 -6.30
C GLN E 28 -30.34 44.73 -6.10
N THR E 29 -31.57 45.20 -6.24
CA THR E 29 -31.93 46.59 -6.04
C THR E 29 -33.16 46.67 -5.16
N PRO E 30 -33.23 47.67 -4.27
CA PRO E 30 -32.20 48.66 -4.00
C PRO E 30 -31.20 48.19 -2.94
N ARG E 31 -30.06 48.87 -2.87
CA ARG E 31 -29.02 48.50 -1.92
C ARG E 31 -29.58 48.67 -0.52
N TYR E 32 -30.25 49.78 -0.28
CA TYR E 32 -30.94 50.01 0.98
C TYR E 32 -32.43 50.36 0.75
N LEU E 33 -33.24 50.16 1.78
CA LEU E 33 -34.65 50.51 1.68
C LEU E 33 -35.24 50.74 3.07
N VAL E 34 -35.89 51.88 3.23
CA VAL E 34 -36.56 52.20 4.49
C VAL E 34 -38.05 52.42 4.25
N LYS E 35 -38.88 51.74 5.04
CA LYS E 35 -40.31 51.82 4.87
C LYS E 35 -41.00 52.02 6.21
N GLY E 36 -42.15 52.66 6.17
CA GLY E 36 -42.93 52.89 7.37
C GLY E 36 -43.79 51.67 7.65
N GLN E 37 -44.07 51.45 8.93
CA GLN E 37 -44.83 50.29 9.36
C GLN E 37 -46.18 50.25 8.65
N GLY E 38 -46.43 49.16 7.95
CA GLY E 38 -47.67 48.99 7.23
C GLY E 38 -47.51 49.26 5.75
N GLN E 39 -46.43 49.93 5.36
CA GLN E 39 -46.19 50.19 3.95
C GLN E 39 -45.68 48.94 3.23
N LYS E 40 -45.77 48.96 1.91
CA LYS E 40 -45.22 47.88 1.10
C LYS E 40 -43.73 48.07 0.90
N ALA E 41 -43.02 46.96 0.86
CA ALA E 41 -41.60 46.96 0.58
C ALA E 41 -41.34 45.97 -0.54
N LYS E 42 -41.14 46.49 -1.75
CA LYS E 42 -40.83 45.63 -2.89
C LYS E 42 -39.34 45.73 -3.17
N MET E 43 -38.71 44.58 -3.36
CA MET E 43 -37.31 44.55 -3.74
C MET E 43 -37.11 43.62 -4.93
N ARG E 44 -36.11 43.94 -5.75
CA ARG E 44 -35.88 43.26 -7.00
C ARG E 44 -34.53 42.57 -7.03
N CYS E 45 -34.44 41.59 -7.94
CA CYS E 45 -33.24 40.78 -8.12
C CYS E 45 -33.11 40.29 -9.54
N ILE E 46 -31.93 40.49 -10.13
CA ILE E 46 -31.67 39.97 -11.45
C ILE E 46 -30.65 38.84 -11.35
N PRO E 47 -31.10 37.60 -11.49
CA PRO E 47 -30.25 36.40 -11.48
C PRO E 47 -29.25 36.41 -12.64
N GLU E 48 -28.18 35.63 -12.49
CA GLU E 48 -27.14 35.52 -13.50
C GLU E 48 -27.72 35.09 -14.86
N LYS E 49 -27.12 35.53 -15.94
CA LYS E 49 -27.64 35.25 -17.27
C LYS E 49 -27.68 33.76 -17.51
N GLY E 50 -28.85 33.24 -17.84
CA GLY E 50 -29.00 31.82 -18.11
C GLY E 50 -29.30 30.99 -16.89
N HIS E 51 -29.48 31.66 -15.75
CA HIS E 51 -29.77 31.01 -14.47
C HIS E 51 -31.24 30.89 -14.15
N PRO E 52 -31.79 29.67 -14.24
CA PRO E 52 -33.21 29.43 -13.96
C PRO E 52 -33.55 29.33 -12.47
N VAL E 53 -32.58 29.01 -11.64
CA VAL E 53 -32.85 28.81 -10.22
C VAL E 53 -32.72 30.07 -9.41
N VAL E 54 -33.73 30.40 -8.61
CA VAL E 54 -33.65 31.58 -7.76
C VAL E 54 -34.14 31.29 -6.34
N PHE E 55 -33.36 31.74 -5.35
CA PHE E 55 -33.69 31.59 -3.92
C PHE E 55 -33.82 32.94 -3.23
N TRP E 56 -34.70 33.03 -2.24
CA TRP E 56 -34.75 34.23 -1.41
C TRP E 56 -34.46 33.86 0.04
N TYR E 57 -33.39 34.45 0.58
CA TYR E 57 -33.02 34.21 1.95
C TYR E 57 -33.12 35.49 2.77
N GLN E 58 -33.51 35.37 4.01
CA GLN E 58 -33.55 36.51 4.90
C GLN E 58 -32.52 36.37 6.02
N GLN E 59 -31.48 37.19 5.99
CA GLN E 59 -30.43 37.07 6.99
C GLN E 59 -30.62 38.08 8.11
N ASN E 60 -30.56 37.60 9.36
CA ASN E 60 -30.70 38.48 10.51
C ASN E 60 -29.36 38.95 11.07
N LYS E 61 -29.41 39.53 12.27
CA LYS E 61 -28.22 40.08 12.92
C LYS E 61 -27.24 39.00 13.40
N ASN E 62 -27.72 37.78 13.53
CA ASN E 62 -26.88 36.69 14.03
C ASN E 62 -26.27 35.87 12.91
N ASN E 63 -26.28 36.43 11.70
CA ASN E 63 -25.80 35.74 10.50
C ASN E 63 -26.52 34.41 10.25
N GLU E 64 -27.81 34.39 10.54
CA GLU E 64 -28.62 33.23 10.24
C GLU E 64 -29.33 33.44 8.91
N PHE E 65 -29.40 32.39 8.10
CA PHE E 65 -30.02 32.48 6.80
C PHE E 65 -31.40 31.83 6.84
N LYS E 66 -32.44 32.63 6.68
CA LYS E 66 -33.80 32.13 6.71
C LYS E 66 -34.29 31.91 5.29
N PHE E 67 -34.68 30.68 4.98
CA PHE E 67 -35.21 30.40 3.67
C PHE E 67 -36.58 31.03 3.53
N LEU E 68 -36.83 31.71 2.42
CA LEU E 68 -38.16 32.25 2.17
C LEU E 68 -38.85 31.43 1.10
N ILE E 69 -38.29 31.47 -0.11
CA ILE E 69 -38.94 30.86 -1.25
C ILE E 69 -37.91 30.61 -2.34
N ASN E 70 -38.13 29.57 -3.12
CA ASN E 70 -37.32 29.38 -4.32
C ASN E 70 -38.17 29.15 -5.58
N PHE E 71 -37.64 29.56 -6.73
CA PHE E 71 -38.30 29.43 -8.01
C PHE E 71 -37.49 28.55 -8.94
N GLN E 72 -38.16 27.86 -9.84
CA GLN E 72 -37.52 27.43 -11.06
C GLN E 72 -38.22 28.16 -12.20
N ASN E 73 -37.53 29.14 -12.78
CA ASN E 73 -38.14 30.07 -13.73
C ASN E 73 -39.30 30.80 -13.09
N GLN E 74 -40.50 30.60 -13.64
CA GLN E 74 -41.70 31.22 -13.11
C GLN E 74 -42.35 30.35 -12.03
N GLU E 75 -42.06 29.06 -12.05
CA GLU E 75 -42.75 28.14 -11.14
C GLU E 75 -42.12 28.13 -9.75
N VAL E 76 -42.94 28.21 -8.71
CA VAL E 76 -42.45 28.15 -7.34
C VAL E 76 -42.31 26.70 -6.88
N LEU E 77 -41.09 26.31 -6.54
CA LEU E 77 -40.86 24.95 -6.10
C LEU E 77 -41.20 24.82 -4.63
N GLN E 78 -40.84 25.81 -3.84
CA GLN E 78 -41.03 25.76 -2.41
C GLN E 78 -41.08 27.13 -1.78
N GLN E 79 -41.86 27.25 -0.71
CA GLN E 79 -41.91 28.48 0.08
C GLN E 79 -42.42 28.14 1.46
N ILE E 80 -42.27 29.08 2.38
CA ILE E 80 -42.69 28.83 3.76
C ILE E 80 -44.06 29.44 4.03
N ASP E 81 -44.59 29.18 5.21
CA ASP E 81 -45.92 29.68 5.57
C ASP E 81 -45.94 31.21 5.59
N MET E 82 -44.85 31.82 6.03
CA MET E 82 -44.79 33.28 6.13
C MET E 82 -44.79 33.95 4.75
N THR E 83 -44.02 33.40 3.81
CA THR E 83 -43.93 33.98 2.47
C THR E 83 -45.26 33.82 1.73
N GLU E 84 -46.00 32.78 2.09
CA GLU E 84 -47.29 32.49 1.48
C GLU E 84 -48.34 33.49 1.97
N LYS E 85 -48.30 33.78 3.27
CA LYS E 85 -49.27 34.67 3.91
C LYS E 85 -48.88 36.14 3.89
N ARG E 86 -47.59 36.44 4.06
CA ARG E 86 -47.16 37.82 4.22
C ARG E 86 -46.43 38.41 3.01
N PHE E 87 -45.87 37.57 2.14
CA PHE E 87 -45.09 38.06 1.02
C PHE E 87 -45.75 37.74 -0.30
N SER E 88 -45.40 38.50 -1.33
CA SER E 88 -45.81 38.17 -2.69
C SER E 88 -44.62 38.29 -3.64
N ALA E 89 -44.27 37.17 -4.26
CA ALA E 89 -43.10 37.12 -5.13
C ALA E 89 -43.39 36.47 -6.47
N GLU E 90 -42.77 37.01 -7.51
CA GLU E 90 -42.88 36.41 -8.84
C GLU E 90 -41.56 36.60 -9.58
N CYS E 91 -41.25 35.65 -10.46
CA CYS E 91 -40.07 35.76 -11.30
C CYS E 91 -40.48 35.63 -12.76
N PRO E 92 -41.02 36.74 -13.32
CA PRO E 92 -41.56 36.87 -14.67
C PRO E 92 -40.52 36.62 -15.75
N SER E 93 -40.95 36.10 -16.89
CA SER E 93 -40.02 35.82 -17.99
C SER E 93 -39.44 37.12 -18.55
N ASN E 94 -38.13 37.13 -18.77
CA ASN E 94 -37.41 38.31 -19.23
C ASN E 94 -37.70 39.56 -18.42
N SER E 95 -37.89 39.37 -17.12
CA SER E 95 -38.14 40.50 -16.23
C SER E 95 -37.48 40.23 -14.89
N PRO E 96 -37.09 41.30 -14.18
CA PRO E 96 -36.44 41.18 -12.88
C PRO E 96 -37.31 40.43 -11.88
N CYS E 97 -36.72 39.49 -11.13
CA CYS E 97 -37.44 38.82 -10.08
C CYS E 97 -37.80 39.80 -8.97
N SER E 98 -38.93 39.57 -8.28
CA SER E 98 -39.37 40.49 -7.25
C SER E 98 -39.88 39.79 -6.01
N LEU E 99 -39.70 40.44 -4.86
CA LEU E 99 -40.24 39.97 -3.59
C LEU E 99 -40.85 41.19 -2.91
N GLU E 100 -42.13 41.12 -2.56
CA GLU E 100 -42.82 42.29 -2.00
C GLU E 100 -43.50 41.96 -0.67
N ILE E 101 -43.24 42.78 0.35
CA ILE E 101 -43.96 42.62 1.61
C ILE E 101 -45.22 43.47 1.57
N GLN E 102 -46.37 42.85 1.85
CA GLN E 102 -47.65 43.53 1.75
C GLN E 102 -47.83 44.57 2.84
N SER E 103 -47.59 44.19 4.09
CA SER E 103 -47.60 45.17 5.18
C SER E 103 -46.36 45.00 6.03
N SER E 104 -45.43 45.93 5.88
CA SER E 104 -44.17 45.86 6.60
C SER E 104 -44.38 46.06 8.09
N GLU E 105 -43.62 45.32 8.89
CA GLU E 105 -43.60 45.51 10.32
C GLU E 105 -42.15 45.48 10.81
N ALA E 106 -41.93 45.87 12.06
CA ALA E 106 -40.58 46.00 12.60
C ALA E 106 -39.78 44.71 12.45
N GLY E 107 -40.48 43.58 12.57
CA GLY E 107 -39.86 42.27 12.46
C GLY E 107 -39.30 41.92 11.09
N ASP E 108 -39.66 42.70 10.07
CA ASP E 108 -39.22 42.44 8.71
C ASP E 108 -37.91 43.16 8.36
N SER E 109 -37.37 43.91 9.31
CA SER E 109 -36.09 44.58 9.11
C SER E 109 -34.96 43.56 9.06
N ALA E 110 -34.37 43.40 7.88
CA ALA E 110 -33.30 42.42 7.70
C ALA E 110 -32.59 42.59 6.35
N LEU E 111 -31.61 41.74 6.09
CA LEU E 111 -30.95 41.69 4.79
C LEU E 111 -31.60 40.59 3.98
N TYR E 112 -32.13 40.94 2.82
CA TYR E 112 -32.77 39.96 1.97
C TYR E 112 -31.82 39.59 0.84
N LEU E 113 -31.48 38.30 0.78
CA LEU E 113 -30.51 37.84 -0.20
C LEU E 113 -31.19 37.05 -1.32
N CYS E 114 -30.75 37.30 -2.54
CA CYS E 114 -31.17 36.55 -3.69
C CYS E 114 -29.98 35.79 -4.22
N ALA E 115 -30.13 34.49 -4.45
CA ALA E 115 -29.02 33.70 -4.99
C ALA E 115 -29.51 32.93 -6.22
N SER E 116 -28.74 32.90 -7.29
CA SER E 116 -29.17 32.16 -8.46
C SER E 116 -28.28 30.96 -8.73
N SER E 117 -28.88 29.90 -9.26
CA SER E 117 -28.15 28.73 -9.68
C SER E 117 -28.49 28.35 -11.13
N LEU E 118 -27.83 27.33 -11.64
CA LEU E 118 -28.06 26.89 -13.02
C LEU E 118 -28.81 25.56 -13.02
N ASN E 119 -28.40 24.67 -12.12
CA ASN E 119 -28.95 23.32 -12.04
C ASN E 119 -29.64 23.11 -10.71
N ASN E 120 -30.93 22.80 -10.74
CA ASN E 120 -31.69 22.68 -9.50
C ASN E 120 -31.10 21.62 -8.57
N ALA E 121 -30.39 20.64 -9.13
CA ALA E 121 -29.80 19.58 -8.30
C ALA E 121 -28.34 19.87 -7.95
N ASN E 122 -28.08 21.03 -7.35
CA ASN E 122 -26.71 21.48 -7.15
C ASN E 122 -26.63 22.48 -6.00
N SER E 123 -25.43 22.87 -5.65
CA SER E 123 -25.28 24.00 -4.76
C SER E 123 -24.88 25.13 -5.68
N ASP E 124 -23.64 25.59 -5.53
CA ASP E 124 -23.07 26.65 -6.34
C ASP E 124 -24.05 27.80 -6.53
N TYR E 125 -24.61 28.26 -5.42
CA TYR E 125 -25.32 29.51 -5.41
C TYR E 125 -24.35 30.62 -5.79
N THR E 126 -24.86 31.70 -6.36
CA THR E 126 -24.07 32.92 -6.46
C THR E 126 -24.99 34.01 -5.90
N PHE E 127 -24.58 34.63 -4.81
CA PHE E 127 -25.44 35.60 -4.12
C PHE E 127 -25.38 37.00 -4.72
N GLY E 128 -26.44 37.77 -4.55
CA GLY E 128 -26.44 39.16 -4.94
C GLY E 128 -25.93 40.03 -3.82
N SER E 129 -25.91 41.34 -4.05
CA SER E 129 -25.42 42.29 -3.06
C SER E 129 -26.37 42.32 -1.87
N GLY E 130 -27.64 42.03 -2.13
CA GLY E 130 -28.65 42.02 -1.09
C GLY E 130 -29.28 43.37 -0.85
N THR E 131 -30.54 43.35 -0.39
CA THR E 131 -31.28 44.56 -0.05
C THR E 131 -31.44 44.66 1.45
N ARG E 132 -30.94 45.76 2.02
CA ARG E 132 -31.09 46.03 3.43
C ARG E 132 -32.38 46.77 3.68
N LEU E 133 -33.30 46.15 4.39
CA LEU E 133 -34.60 46.74 4.66
C LEU E 133 -34.73 47.14 6.11
N LEU E 134 -35.14 48.38 6.33
CA LEU E 134 -35.43 48.85 7.67
C LEU E 134 -36.88 49.31 7.74
N VAL E 135 -37.61 48.79 8.71
CA VAL E 135 -38.99 49.22 8.92
C VAL E 135 -39.10 50.02 10.22
N ILE E 136 -39.62 51.23 10.11
CA ILE E 136 -39.77 52.10 11.27
C ILE E 136 -41.18 52.61 11.43
N GLU E 137 -41.52 53.08 12.62
CA GLU E 137 -42.85 53.61 12.90
C GLU E 137 -43.09 54.91 12.16
N ASP E 138 -42.15 55.85 12.30
CA ASP E 138 -42.34 57.21 11.79
C ASP E 138 -41.32 57.55 10.72
N LEU E 139 -41.81 58.04 9.58
CA LEU E 139 -40.94 58.45 8.48
C LEU E 139 -40.50 59.90 8.62
N LYS E 140 -40.95 60.55 9.68
CA LYS E 140 -40.57 61.93 9.93
C LYS E 140 -39.18 61.98 10.55
N ASN E 141 -38.63 60.80 10.81
CA ASN E 141 -37.32 60.67 11.43
C ASN E 141 -36.20 60.62 10.40
N VAL E 142 -36.57 60.65 9.13
CA VAL E 142 -35.61 60.53 8.03
C VAL E 142 -34.90 61.84 7.71
N PHE E 143 -33.57 61.81 7.73
CA PHE E 143 -32.74 62.97 7.41
C PHE E 143 -31.62 62.63 6.45
N PRO E 144 -31.40 63.50 5.46
CA PRO E 144 -30.25 63.41 4.56
C PRO E 144 -28.98 63.85 5.30
N PRO E 145 -27.80 63.47 4.80
CA PRO E 145 -26.51 63.73 5.43
C PRO E 145 -25.89 65.08 5.08
N GLU E 146 -25.23 65.69 6.05
CA GLU E 146 -24.39 66.88 5.82
C GLU E 146 -22.97 66.45 5.48
N VAL E 147 -22.45 66.93 4.35
CA VAL E 147 -21.14 66.50 3.87
C VAL E 147 -20.11 67.62 3.95
N ALA E 148 -18.97 67.35 4.58
CA ALA E 148 -17.91 68.35 4.74
C ALA E 148 -16.52 67.77 4.49
N VAL E 149 -15.74 68.46 3.67
CA VAL E 149 -14.38 68.02 3.37
C VAL E 149 -13.33 68.86 4.09
N PHE E 150 -12.36 68.20 4.72
CA PHE E 150 -11.33 68.90 5.47
C PHE E 150 -9.96 68.80 4.78
N GLU E 151 -9.31 69.94 4.58
CA GLU E 151 -8.05 70.00 3.83
C GLU E 151 -6.84 69.55 4.67
N PRO E 152 -5.87 68.90 4.02
CA PRO E 152 -4.68 68.32 4.66
C PRO E 152 -3.94 69.29 5.58
N SER E 153 -3.54 68.81 6.75
CA SER E 153 -2.76 69.62 7.68
C SER E 153 -1.36 69.85 7.12
N GLU E 154 -0.86 71.08 7.28
CA GLU E 154 0.47 71.42 6.78
C GLU E 154 1.58 70.73 7.58
N ALA E 155 1.28 70.42 8.84
CA ALA E 155 2.23 69.70 9.69
C ALA E 155 2.53 68.32 9.13
N GLU E 156 1.48 67.62 8.71
CA GLU E 156 1.61 66.27 8.15
C GLU E 156 2.47 66.26 6.89
N ILE E 157 2.34 67.30 6.07
CA ILE E 157 3.10 67.38 4.82
C ILE E 157 4.60 67.53 5.07
N SER E 158 4.97 68.36 6.04
CA SER E 158 6.37 68.56 6.36
C SER E 158 6.96 67.31 7.01
N HIS E 159 6.16 66.69 7.87
CA HIS E 159 6.61 65.53 8.64
C HIS E 159 6.63 64.23 7.83
N THR E 160 5.66 64.04 6.95
CA THR E 160 5.47 62.74 6.31
C THR E 160 5.54 62.77 4.79
N GLN E 161 5.53 63.98 4.22
CA GLN E 161 5.52 64.18 2.78
C GLN E 161 4.30 63.50 2.15
N LYS E 162 3.21 63.42 2.92
CA LYS E 162 1.94 62.86 2.45
C LYS E 162 0.78 63.76 2.88
N ALA E 163 -0.34 63.67 2.18
CA ALA E 163 -1.47 64.54 2.47
C ALA E 163 -2.78 63.79 2.63
N THR E 164 -3.36 63.89 3.83
CA THR E 164 -4.61 63.22 4.15
C THR E 164 -5.80 64.17 4.17
N LEU E 165 -6.75 63.91 3.28
CA LEU E 165 -8.04 64.61 3.28
C LEU E 165 -9.01 63.80 4.11
N VAL E 166 -9.87 64.49 4.86
CA VAL E 166 -10.89 63.80 5.65
C VAL E 166 -12.29 64.27 5.25
N CYS E 167 -13.18 63.31 5.01
CA CYS E 167 -14.58 63.63 4.75
C CYS E 167 -15.47 63.23 5.92
N LEU E 168 -16.41 64.11 6.28
CA LEU E 168 -17.34 63.82 7.35
C LEU E 168 -18.81 63.96 6.92
N ALA E 169 -19.56 62.87 7.02
CA ALA E 169 -20.99 62.92 6.78
C ALA E 169 -21.72 62.83 8.11
N THR E 170 -22.56 63.83 8.40
CA THR E 170 -23.21 63.89 9.70
C THR E 170 -24.71 64.18 9.61
N GLY E 171 -25.44 63.71 10.62
CA GLY E 171 -26.84 64.04 10.78
C GLY E 171 -27.81 63.35 9.84
N PHE E 172 -27.47 62.13 9.41
CA PHE E 172 -28.38 61.40 8.54
C PHE E 172 -29.05 60.25 9.28
N TYR E 173 -30.20 59.81 8.76
CA TYR E 173 -30.93 58.68 9.29
C TYR E 173 -31.83 58.14 8.19
N PRO E 174 -31.90 56.81 8.03
CA PRO E 174 -31.15 55.83 8.81
C PRO E 174 -29.71 55.69 8.31
N ASP E 175 -28.97 54.75 8.88
CA ASP E 175 -27.56 54.59 8.52
C ASP E 175 -27.41 53.92 7.17
N HIS E 176 -28.12 54.43 6.17
CA HIS E 176 -28.10 53.84 4.84
C HIS E 176 -27.39 54.74 3.82
N VAL E 177 -26.06 54.74 3.88
CA VAL E 177 -25.27 55.57 2.98
C VAL E 177 -24.08 54.81 2.38
N GLU E 178 -23.61 55.30 1.23
CA GLU E 178 -22.41 54.78 0.57
C GLU E 178 -21.49 55.89 0.06
N LEU E 179 -20.30 55.96 0.64
CA LEU E 179 -19.34 57.04 0.41
C LEU E 179 -18.38 56.72 -0.70
N SER E 180 -17.98 57.74 -1.46
CA SER E 180 -17.02 57.56 -2.54
C SER E 180 -16.13 58.79 -2.71
N TRP E 181 -14.87 58.56 -3.09
CA TRP E 181 -13.93 59.64 -3.38
C TRP E 181 -13.68 59.75 -4.89
N TRP E 182 -13.80 60.97 -5.41
CA TRP E 182 -13.65 61.21 -6.84
C TRP E 182 -12.55 62.23 -7.13
N VAL E 183 -11.43 61.76 -7.66
CA VAL E 183 -10.33 62.65 -8.01
C VAL E 183 -10.31 62.93 -9.52
N ASN E 184 -10.56 64.20 -9.88
CA ASN E 184 -10.62 64.62 -11.29
C ASN E 184 -11.63 63.83 -12.10
N GLY E 185 -12.84 63.67 -11.55
CA GLY E 185 -13.93 63.04 -12.27
C GLY E 185 -13.81 61.54 -12.36
N LYS E 186 -12.84 60.97 -11.66
CA LYS E 186 -12.65 59.53 -11.63
C LYS E 186 -12.70 58.98 -10.20
N GLU E 187 -13.49 57.91 -10.02
CA GLU E 187 -13.61 57.27 -8.72
C GLU E 187 -12.29 56.60 -8.36
N VAL E 188 -11.82 56.80 -7.12
CA VAL E 188 -10.55 56.21 -6.70
C VAL E 188 -10.76 55.27 -5.53
N HIS E 189 -9.85 54.31 -5.37
CA HIS E 189 -9.98 53.35 -4.30
C HIS E 189 -8.69 53.23 -3.47
N SER E 190 -7.55 53.37 -4.13
CA SER E 190 -6.27 53.32 -3.45
C SER E 190 -6.06 54.48 -2.48
N GLY E 191 -5.64 54.14 -1.26
CA GLY E 191 -5.37 55.12 -0.24
C GLY E 191 -6.60 55.66 0.45
N VAL E 192 -7.71 54.96 0.29
CA VAL E 192 -8.98 55.36 0.89
C VAL E 192 -9.33 54.48 2.09
N CYS E 193 -9.89 55.10 3.11
CA CYS E 193 -10.37 54.38 4.29
C CYS E 193 -11.66 54.98 4.80
N THR E 194 -12.72 54.16 4.84
CA THR E 194 -14.02 54.60 5.35
C THR E 194 -14.39 53.74 6.54
N ASP E 195 -15.00 54.36 7.55
CA ASP E 195 -15.42 53.65 8.75
C ASP E 195 -16.18 52.37 8.44
N PRO E 196 -15.95 51.32 9.24
CA PRO E 196 -16.66 50.05 9.08
C PRO E 196 -18.16 50.26 9.26
N GLN E 197 -18.51 50.81 10.42
CA GLN E 197 -19.89 51.08 10.78
C GLN E 197 -20.04 52.54 11.17
N PRO E 198 -21.05 53.22 10.60
CA PRO E 198 -21.31 54.60 11.03
C PRO E 198 -21.75 54.62 12.50
N LEU E 199 -21.31 55.63 13.26
CA LEU E 199 -21.59 55.70 14.69
C LEU E 199 -22.84 56.54 14.98
N LYS E 200 -23.55 56.19 16.05
CA LYS E 200 -24.71 56.97 16.48
C LYS E 200 -24.24 58.32 17.00
N GLU E 201 -24.87 59.40 16.54
CA GLU E 201 -24.51 60.72 17.03
C GLU E 201 -24.98 60.90 18.45
N GLN E 202 -26.00 60.11 18.82
CA GLN E 202 -26.48 60.09 20.19
C GLN E 202 -26.82 58.66 20.58
N PRO E 203 -25.87 57.95 21.21
CA PRO E 203 -26.05 56.55 21.64
C PRO E 203 -27.27 56.39 22.54
N ALA E 204 -27.40 57.27 23.52
CA ALA E 204 -28.62 57.33 24.30
C ALA E 204 -29.74 57.77 23.38
N LEU E 205 -30.96 57.33 23.67
CA LEU E 205 -32.14 57.57 22.83
C LEU E 205 -32.10 56.71 21.56
N ASN E 206 -33.27 56.45 21.00
CA ASN E 206 -33.38 55.66 19.78
C ASN E 206 -33.83 56.56 18.63
N ASP E 207 -33.75 56.05 17.42
CA ASP E 207 -34.05 56.81 16.19
C ASP E 207 -33.04 57.93 16.01
N SER E 208 -31.90 57.79 16.68
CA SER E 208 -30.80 58.74 16.62
C SER E 208 -30.14 58.81 15.25
N ARG E 209 -29.77 60.02 14.84
CA ARG E 209 -29.10 60.27 13.57
C ARG E 209 -27.63 59.80 13.60
N TYR E 210 -27.05 59.56 12.43
CA TYR E 210 -25.73 58.94 12.35
C TYR E 210 -24.62 59.84 11.79
N ALA E 211 -23.37 59.40 12.01
CA ALA E 211 -22.19 60.10 11.50
C ALA E 211 -21.22 59.09 10.88
N LEU E 212 -20.51 59.51 9.83
CA LEU E 212 -19.59 58.62 9.13
C LEU E 212 -18.37 59.39 8.61
N SER E 213 -17.17 58.86 8.83
CA SER E 213 -15.97 59.52 8.33
C SER E 213 -15.22 58.69 7.31
N SER E 214 -14.37 59.35 6.54
CA SER E 214 -13.53 58.70 5.55
C SER E 214 -12.29 59.54 5.24
N ARG E 215 -11.21 58.87 4.86
CA ARG E 215 -9.95 59.55 4.59
C ARG E 215 -9.45 59.24 3.18
N LEU E 216 -8.82 60.22 2.55
CA LEU E 216 -8.14 59.98 1.29
C LEU E 216 -6.73 60.54 1.38
N ARG E 217 -5.76 59.64 1.37
CA ARG E 217 -4.37 60.05 1.48
C ARG E 217 -3.67 59.91 0.14
N VAL E 218 -3.04 61.00 -0.29
CA VAL E 218 -2.22 61.01 -1.48
C VAL E 218 -0.90 61.70 -1.14
N SER E 219 0.09 61.53 -2.00
CA SER E 219 1.40 62.12 -1.76
C SER E 219 1.31 63.64 -1.69
N ALA E 220 2.21 64.24 -0.92
CA ALA E 220 2.21 65.68 -0.69
C ALA E 220 2.32 66.46 -2.00
N THR E 221 3.19 65.98 -2.88
CA THR E 221 3.42 66.64 -4.16
C THR E 221 2.14 66.65 -5.01
N PHE E 222 1.34 65.60 -4.89
CA PHE E 222 0.08 65.53 -5.64
C PHE E 222 -0.97 66.49 -5.10
N TRP E 223 -0.99 66.67 -3.78
CA TRP E 223 -1.95 67.58 -3.16
C TRP E 223 -1.61 69.03 -3.47
N GLN E 224 -0.32 69.31 -3.69
CA GLN E 224 0.12 70.67 -3.91
C GLN E 224 -0.05 71.14 -5.36
N ASN E 225 -0.60 70.27 -6.19
CA ASN E 225 -0.96 70.66 -7.56
C ASN E 225 -2.40 71.17 -7.59
N PRO E 226 -2.57 72.49 -7.80
CA PRO E 226 -3.88 73.14 -7.72
C PRO E 226 -4.85 72.76 -8.84
N ARG E 227 -4.38 72.06 -9.86
CA ARG E 227 -5.24 71.61 -10.96
C ARG E 227 -6.01 70.32 -10.62
N ASN E 228 -5.57 69.64 -9.57
CA ASN E 228 -6.21 68.40 -9.12
C ASN E 228 -7.46 68.66 -8.27
N HIS E 229 -8.54 67.96 -8.62
CA HIS E 229 -9.84 68.20 -8.01
C HIS E 229 -10.29 67.01 -7.16
N PHE E 230 -10.61 67.26 -5.90
CA PHE E 230 -11.01 66.20 -4.96
C PHE E 230 -12.46 66.35 -4.60
N ARG E 231 -13.24 65.27 -4.69
CA ARG E 231 -14.64 65.35 -4.28
C ARG E 231 -15.09 64.16 -3.46
N CYS E 232 -15.72 64.45 -2.33
CA CYS E 232 -16.31 63.44 -1.47
C CYS E 232 -17.82 63.35 -1.77
N GLN E 233 -18.27 62.20 -2.26
CA GLN E 233 -19.66 62.03 -2.65
C GLN E 233 -20.39 61.01 -1.77
N VAL E 234 -21.55 61.40 -1.24
CA VAL E 234 -22.32 60.52 -0.37
C VAL E 234 -23.71 60.21 -0.92
N GLN E 235 -23.96 58.92 -1.17
CA GLN E 235 -25.26 58.47 -1.64
C GLN E 235 -26.16 58.17 -0.44
N PHE E 236 -27.27 58.90 -0.33
CA PHE E 236 -28.22 58.64 0.75
C PHE E 236 -29.43 57.88 0.24
N TYR E 237 -29.83 56.86 0.98
CA TYR E 237 -30.99 56.07 0.61
C TYR E 237 -32.13 56.41 1.56
N GLY E 238 -33.10 57.17 1.07
CA GLY E 238 -34.20 57.62 1.89
C GLY E 238 -35.56 57.44 1.23
N LEU E 239 -36.39 58.48 1.27
CA LEU E 239 -37.75 58.37 0.74
C LEU E 239 -37.72 58.43 -0.78
N SER E 240 -38.85 58.09 -1.41
CA SER E 240 -38.95 58.20 -2.85
C SER E 240 -39.97 59.27 -3.20
N GLU E 241 -40.10 59.56 -4.48
CA GLU E 241 -41.01 60.62 -4.92
C GLU E 241 -42.46 60.36 -4.59
N ASN E 242 -42.88 59.10 -4.54
CA ASN E 242 -44.27 58.77 -4.27
C ASN E 242 -44.66 58.97 -2.80
N ASP E 243 -43.69 58.88 -1.91
CA ASP E 243 -43.92 59.08 -0.47
C ASP E 243 -44.42 60.51 -0.20
N GLU E 244 -45.38 60.64 0.71
CA GLU E 244 -45.94 61.94 1.05
C GLU E 244 -45.05 62.71 2.03
N TRP E 245 -45.03 64.03 1.90
CA TRP E 245 -44.21 64.86 2.79
C TRP E 245 -44.88 66.19 3.08
N THR E 246 -45.31 66.37 4.33
CA THR E 246 -46.09 67.54 4.71
C THR E 246 -45.35 68.40 5.72
N GLN E 247 -44.04 68.24 5.78
CA GLN E 247 -43.24 69.01 6.73
C GLN E 247 -42.69 70.27 6.07
N ASP E 248 -42.25 71.22 6.89
CA ASP E 248 -41.70 72.47 6.39
C ASP E 248 -40.39 72.23 5.69
N ARG E 249 -39.48 71.50 6.34
CA ARG E 249 -38.17 71.22 5.77
C ARG E 249 -38.28 70.40 4.49
N ALA E 250 -37.19 70.37 3.75
CA ALA E 250 -37.14 69.68 2.46
C ALA E 250 -37.42 68.19 2.60
N LYS E 251 -38.03 67.62 1.56
CA LYS E 251 -38.33 66.19 1.52
C LYS E 251 -37.06 65.34 1.50
N PRO E 252 -36.87 64.50 2.53
CA PRO E 252 -35.67 63.66 2.64
C PRO E 252 -35.66 62.45 1.69
N VAL E 253 -35.59 62.71 0.39
CA VAL E 253 -35.57 61.63 -0.58
C VAL E 253 -34.16 61.12 -0.80
N THR E 254 -34.06 60.00 -1.51
CA THR E 254 -32.78 59.48 -1.96
C THR E 254 -32.07 60.51 -2.83
N GLN E 255 -30.82 60.79 -2.49
CA GLN E 255 -30.08 61.87 -3.13
C GLN E 255 -28.57 61.76 -2.90
N ILE E 256 -27.81 62.44 -3.75
CA ILE E 256 -26.36 62.54 -3.59
C ILE E 256 -25.99 63.87 -2.93
N VAL E 257 -25.23 63.82 -1.85
CA VAL E 257 -24.73 65.03 -1.21
C VAL E 257 -23.21 65.08 -1.25
N SER E 258 -22.65 66.15 -1.79
CA SER E 258 -21.20 66.22 -1.97
C SER E 258 -20.54 67.43 -1.32
N ALA E 259 -19.25 67.28 -1.08
CA ALA E 259 -18.37 68.39 -0.70
C ALA E 259 -17.03 68.14 -1.39
N GLU E 260 -16.34 69.20 -1.78
CA GLU E 260 -15.12 69.04 -2.57
C GLU E 260 -14.01 69.99 -2.12
N ALA E 261 -12.84 69.84 -2.74
CA ALA E 261 -11.71 70.72 -2.46
C ALA E 261 -10.69 70.73 -3.61
N TRP E 262 -10.06 71.88 -3.81
CA TRP E 262 -9.06 72.01 -4.87
C TRP E 262 -7.65 71.92 -4.31
N GLY E 263 -6.72 71.47 -5.15
CA GLY E 263 -5.32 71.36 -4.78
C GLY E 263 -4.70 72.69 -4.37
N ARG E 264 -3.73 72.63 -3.47
CA ARG E 264 -3.15 73.84 -2.91
C ARG E 264 -1.64 73.82 -2.84
N ALA E 265 -1.01 74.81 -3.48
CA ALA E 265 0.45 74.93 -3.46
C ALA E 265 0.95 75.35 -2.07
N ASP E 266 2.26 75.50 -1.96
CA ASP E 266 2.91 75.81 -0.68
C ASP E 266 2.58 77.21 -0.15
N ILE F 4 -7.40 13.67 -24.13
CA ILE F 4 -6.34 12.68 -24.15
C ILE F 4 -6.93 11.29 -23.78
N LYS F 5 -8.25 11.16 -24.00
CA LYS F 5 -8.99 9.93 -23.72
C LYS F 5 -9.49 9.27 -25.01
N GLU F 6 -8.93 8.12 -25.35
CA GLU F 6 -9.31 7.40 -26.57
C GLU F 6 -10.60 6.64 -26.34
N GLU F 7 -11.63 7.01 -27.08
CA GLU F 7 -12.95 6.42 -26.93
C GLU F 7 -13.49 5.92 -28.29
N HIS F 8 -13.64 4.61 -28.44
CA HIS F 8 -14.03 4.03 -29.74
C HIS F 8 -15.02 2.89 -29.67
N THR F 9 -15.48 2.48 -30.85
CA THR F 9 -16.46 1.40 -31.01
C THR F 9 -16.16 0.53 -32.24
N ILE F 10 -16.12 -0.78 -32.03
CA ILE F 10 -15.92 -1.72 -33.12
C ILE F 10 -17.14 -2.63 -33.25
N ILE F 11 -17.71 -2.72 -34.44
CA ILE F 11 -18.91 -3.51 -34.62
C ILE F 11 -18.72 -4.61 -35.64
N GLN F 12 -19.15 -5.83 -35.29
CA GLN F 12 -19.20 -6.90 -36.29
C GLN F 12 -20.67 -7.08 -36.66
N ALA F 13 -20.99 -6.75 -37.91
CA ALA F 13 -22.37 -6.76 -38.38
C ALA F 13 -22.60 -7.83 -39.44
N GLU F 14 -23.60 -8.68 -39.21
CA GLU F 14 -23.90 -9.76 -40.13
C GLU F 14 -25.40 -10.02 -40.23
N PHE F 15 -25.87 -10.32 -41.43
CA PHE F 15 -27.28 -10.61 -41.65
C PHE F 15 -27.48 -11.55 -42.82
N TYR F 16 -28.65 -12.19 -42.83
CA TYR F 16 -29.10 -12.98 -43.95
C TYR F 16 -30.50 -12.55 -44.30
N LEU F 17 -30.76 -12.40 -45.60
CA LEU F 17 -32.01 -11.80 -46.05
C LEU F 17 -32.80 -12.69 -46.99
N LEU F 18 -34.10 -12.78 -46.73
CA LEU F 18 -35.06 -13.45 -47.61
C LEU F 18 -36.07 -12.46 -48.14
N PRO F 19 -36.57 -12.69 -49.37
CA PRO F 19 -36.32 -13.86 -50.21
C PRO F 19 -35.11 -13.69 -51.10
N ASP F 20 -34.41 -12.57 -50.95
CA ASP F 20 -33.27 -12.24 -51.80
C ASP F 20 -32.14 -13.28 -51.71
N LYS F 21 -32.17 -14.09 -50.66
CA LYS F 21 -31.23 -15.19 -50.49
C LYS F 21 -29.76 -14.77 -50.51
N ARG F 22 -29.45 -13.59 -49.99
CA ARG F 22 -28.06 -13.14 -49.88
C ARG F 22 -27.72 -12.73 -48.45
N GLY F 23 -26.46 -12.92 -48.08
CA GLY F 23 -25.98 -12.55 -46.76
C GLY F 23 -24.81 -11.59 -46.81
N GLU F 24 -24.50 -10.98 -45.68
CA GLU F 24 -23.47 -9.95 -45.64
C GLU F 24 -22.75 -9.94 -44.29
N PHE F 25 -21.43 -9.69 -44.31
CA PHE F 25 -20.60 -9.74 -43.11
C PHE F 25 -19.57 -8.61 -43.15
N MET F 26 -19.51 -7.78 -42.09
CA MET F 26 -18.59 -6.64 -42.08
C MET F 26 -18.19 -6.15 -40.69
N PHE F 27 -17.11 -5.39 -40.64
CA PHE F 27 -16.60 -4.81 -39.40
C PHE F 27 -16.66 -3.29 -39.50
N ASP F 28 -17.08 -2.63 -38.43
CA ASP F 28 -17.21 -1.19 -38.46
C ASP F 28 -16.34 -0.57 -37.38
N PHE F 29 -15.67 0.53 -37.71
CA PHE F 29 -14.85 1.26 -36.73
C PHE F 29 -15.29 2.72 -36.67
N ASP F 30 -16.02 3.07 -35.61
CA ASP F 30 -16.46 4.44 -35.37
C ASP F 30 -17.24 5.05 -36.53
N GLY F 31 -18.02 4.21 -37.21
CA GLY F 31 -18.90 4.68 -38.27
C GLY F 31 -18.40 4.42 -39.68
N ASP F 32 -17.22 3.82 -39.79
CA ASP F 32 -16.64 3.52 -41.10
C ASP F 32 -16.35 2.02 -41.25
N GLU F 33 -16.42 1.53 -42.48
CA GLU F 33 -16.14 0.12 -42.75
C GLU F 33 -14.65 -0.19 -42.71
N ILE F 34 -14.28 -1.26 -42.01
CA ILE F 34 -12.90 -1.73 -42.03
C ILE F 34 -12.73 -2.69 -43.18
N PHE F 35 -13.66 -3.63 -43.28
CA PHE F 35 -13.65 -4.60 -44.37
C PHE F 35 -14.98 -5.31 -44.46
N HIS F 36 -15.14 -6.14 -45.47
CA HIS F 36 -16.31 -7.02 -45.54
C HIS F 36 -15.96 -8.28 -46.29
N VAL F 37 -16.86 -9.25 -46.27
CA VAL F 37 -16.62 -10.50 -46.96
C VAL F 37 -17.62 -10.72 -48.07
N ASP F 38 -17.11 -10.89 -49.28
CA ASP F 38 -17.94 -11.29 -50.42
C ASP F 38 -18.34 -12.74 -50.19
N ILE F 39 -19.57 -12.96 -49.76
CA ILE F 39 -20.02 -14.30 -49.39
C ILE F 39 -19.96 -15.31 -50.54
N GLU F 40 -20.30 -14.86 -51.74
CA GLU F 40 -20.22 -15.73 -52.91
C GLU F 40 -18.76 -16.09 -53.20
N LYS F 41 -17.91 -15.08 -53.28
CA LYS F 41 -16.51 -15.29 -53.66
C LYS F 41 -15.59 -15.80 -52.55
N SER F 42 -16.00 -15.61 -51.30
CA SER F 42 -15.17 -15.95 -50.13
C SER F 42 -13.82 -15.23 -50.13
N GLU F 43 -13.86 -13.91 -50.13
CA GLU F 43 -12.65 -13.13 -49.98
C GLU F 43 -12.90 -11.84 -49.20
N THR F 44 -11.89 -11.43 -48.44
CA THR F 44 -11.99 -10.24 -47.61
C THR F 44 -11.71 -8.97 -48.41
N ILE F 45 -12.63 -8.00 -48.31
CA ILE F 45 -12.52 -6.76 -49.07
C ILE F 45 -12.32 -5.56 -48.14
N TRP F 46 -11.09 -5.12 -48.02
CA TRP F 46 -10.74 -4.02 -47.13
C TRP F 46 -11.17 -2.70 -47.75
N ARG F 47 -11.90 -1.90 -46.99
CA ARG F 47 -12.43 -0.63 -47.47
C ARG F 47 -11.32 0.28 -48.00
N LEU F 48 -10.21 0.35 -47.28
CA LEU F 48 -9.00 0.99 -47.78
C LEU F 48 -7.98 -0.10 -48.03
N GLU F 49 -7.36 -0.07 -49.20
CA GLU F 49 -6.45 -1.15 -49.58
C GLU F 49 -5.26 -1.25 -48.62
N GLU F 50 -4.89 -0.12 -48.03
CA GLU F 50 -3.76 -0.04 -47.09
C GLU F 50 -3.96 -0.81 -45.79
N PHE F 51 -5.21 -1.15 -45.47
CA PHE F 51 -5.52 -1.86 -44.22
C PHE F 51 -4.93 -3.25 -44.20
N ALA F 52 -4.85 -3.86 -45.38
CA ALA F 52 -4.44 -5.26 -45.48
C ALA F 52 -3.01 -5.50 -44.98
N LYS F 53 -2.23 -4.43 -44.82
CA LYS F 53 -0.85 -4.59 -44.38
C LYS F 53 -0.74 -4.79 -42.87
N PHE F 54 -1.84 -4.57 -42.17
CA PHE F 54 -1.85 -4.59 -40.70
C PHE F 54 -2.74 -5.68 -40.14
N ALA F 55 -3.71 -6.14 -40.92
CA ALA F 55 -4.69 -7.09 -40.42
C ALA F 55 -5.10 -8.16 -41.44
N SER F 56 -5.70 -9.24 -40.92
CA SER F 56 -6.11 -10.38 -41.70
C SER F 56 -7.44 -10.89 -41.19
N PHE F 57 -8.27 -11.42 -42.09
CA PHE F 57 -9.47 -12.09 -41.65
C PHE F 57 -9.71 -13.34 -42.47
N GLU F 58 -9.85 -14.47 -41.80
CA GLU F 58 -10.09 -15.74 -42.49
C GLU F 58 -11.52 -15.74 -42.99
N ALA F 59 -11.68 -15.75 -44.31
CA ALA F 59 -12.98 -15.46 -44.90
C ALA F 59 -14.03 -16.54 -44.62
N GLN F 60 -13.62 -17.81 -44.61
CA GLN F 60 -14.58 -18.90 -44.40
C GLN F 60 -15.16 -18.85 -42.98
N GLY F 61 -14.60 -18.01 -42.13
CA GLY F 61 -15.18 -17.75 -40.83
C GLY F 61 -16.50 -17.04 -41.01
N ALA F 62 -16.50 -16.03 -41.86
CA ALA F 62 -17.70 -15.26 -42.14
C ALA F 62 -18.74 -16.09 -42.89
N LEU F 63 -18.28 -16.95 -43.79
CA LEU F 63 -19.21 -17.79 -44.52
C LEU F 63 -19.94 -18.67 -43.53
N ALA F 64 -19.19 -19.24 -42.60
CA ALA F 64 -19.75 -20.12 -41.59
C ALA F 64 -20.84 -19.40 -40.79
N ASN F 65 -20.58 -18.17 -40.40
CA ASN F 65 -21.55 -17.40 -39.63
C ASN F 65 -22.82 -17.16 -40.42
N ILE F 66 -22.67 -16.73 -41.67
CA ILE F 66 -23.82 -16.49 -42.52
C ILE F 66 -24.62 -17.76 -42.69
N ALA F 67 -23.92 -18.87 -42.80
CA ALA F 67 -24.57 -20.17 -42.92
C ALA F 67 -25.46 -20.44 -41.72
N VAL F 68 -24.99 -20.11 -40.52
CA VAL F 68 -25.80 -20.25 -39.31
C VAL F 68 -26.94 -19.24 -39.29
N ASP F 69 -26.68 -18.02 -39.76
CA ASP F 69 -27.70 -16.99 -39.83
C ASP F 69 -28.86 -17.38 -40.75
N LYS F 70 -28.55 -18.09 -41.84
CA LYS F 70 -29.61 -18.63 -42.69
C LYS F 70 -30.49 -19.59 -41.92
N ALA F 71 -29.85 -20.57 -41.28
CA ALA F 71 -30.57 -21.58 -40.53
C ALA F 71 -31.40 -20.96 -39.43
N ASN F 72 -30.84 -19.97 -38.75
CA ASN F 72 -31.56 -19.28 -37.70
C ASN F 72 -32.79 -18.54 -38.22
N LEU F 73 -32.69 -17.98 -39.43
CA LEU F 73 -33.76 -17.18 -40.00
C LEU F 73 -35.06 -17.96 -40.10
N ASP F 74 -34.94 -19.21 -40.55
CA ASP F 74 -36.12 -20.07 -40.69
C ASP F 74 -36.73 -20.32 -39.32
N VAL F 75 -35.89 -20.48 -38.31
CA VAL F 75 -36.34 -20.70 -36.94
C VAL F 75 -37.12 -19.50 -36.43
N MET F 76 -36.69 -18.31 -36.82
CA MET F 76 -37.36 -17.08 -36.43
C MET F 76 -38.66 -16.88 -37.23
N LYS F 77 -38.67 -17.30 -38.49
CA LYS F 77 -39.88 -17.19 -39.28
C LYS F 77 -40.97 -18.07 -38.67
N GLU F 78 -40.62 -19.31 -38.33
CA GLU F 78 -41.59 -20.21 -37.72
C GLU F 78 -41.99 -19.72 -36.33
N ARG F 79 -41.09 -19.01 -35.67
CA ARG F 79 -41.39 -18.53 -34.33
C ARG F 79 -42.44 -17.43 -34.35
N SER F 80 -42.24 -16.41 -35.17
CA SER F 80 -43.23 -15.35 -35.25
C SER F 80 -44.48 -15.91 -35.91
N ASN F 81 -45.59 -15.87 -35.16
CA ASN F 81 -46.85 -16.41 -35.64
C ASN F 81 -47.21 -15.71 -36.93
N ASN F 82 -47.31 -14.38 -36.85
CA ASN F 82 -47.55 -13.57 -38.03
C ASN F 82 -46.36 -12.65 -38.19
N THR F 83 -45.71 -12.74 -39.34
CA THR F 83 -44.65 -11.82 -39.69
C THR F 83 -45.22 -10.75 -40.61
N PRO F 84 -45.33 -9.52 -40.09
CA PRO F 84 -45.92 -8.43 -40.85
C PRO F 84 -44.89 -7.70 -41.71
N ASP F 85 -45.14 -7.67 -43.00
CA ASP F 85 -44.28 -6.93 -43.91
C ASP F 85 -44.42 -5.44 -43.61
N ALA F 86 -43.29 -4.79 -43.42
CA ALA F 86 -43.28 -3.36 -43.27
C ALA F 86 -41.96 -2.88 -43.83
N ASN F 87 -41.96 -1.70 -44.42
CA ASN F 87 -40.75 -1.17 -45.04
C ASN F 87 -40.53 0.26 -44.59
N VAL F 88 -39.27 0.59 -44.36
CA VAL F 88 -38.94 1.98 -44.08
C VAL F 88 -38.31 2.53 -45.35
N ALA F 89 -38.99 3.47 -45.97
CA ALA F 89 -38.48 4.08 -47.20
C ALA F 89 -37.22 4.85 -46.87
N PRO F 90 -36.24 4.79 -47.78
CA PRO F 90 -34.94 5.46 -47.60
C PRO F 90 -35.07 6.96 -47.66
N GLU F 91 -34.11 7.67 -47.08
CA GLU F 91 -34.06 9.12 -47.27
C GLU F 91 -32.71 9.46 -47.89
N VAL F 92 -32.77 10.13 -49.05
CA VAL F 92 -31.62 10.28 -49.92
C VAL F 92 -31.03 11.68 -49.95
N THR F 93 -29.71 11.75 -49.98
CA THR F 93 -29.01 13.02 -50.03
C THR F 93 -27.84 12.93 -51.00
N VAL F 94 -27.80 13.86 -51.95
CA VAL F 94 -26.71 13.91 -52.93
C VAL F 94 -25.85 15.14 -52.67
N LEU F 95 -24.54 14.94 -52.69
CA LEU F 95 -23.60 16.02 -52.43
C LEU F 95 -22.20 15.67 -52.90
N SER F 96 -21.32 16.67 -52.91
CA SER F 96 -19.98 16.51 -53.45
C SER F 96 -19.00 16.15 -52.34
N ARG F 97 -18.07 15.26 -52.66
CA ARG F 97 -17.10 14.80 -51.69
C ARG F 97 -16.22 15.96 -51.20
N SER F 98 -15.79 16.79 -52.15
CA SER F 98 -14.95 17.96 -51.87
C SER F 98 -15.71 19.20 -52.32
N PRO F 99 -15.28 20.38 -51.87
CA PRO F 99 -15.84 21.60 -52.48
C PRO F 99 -15.59 21.60 -54.00
N VAL F 100 -16.61 21.94 -54.77
CA VAL F 100 -16.56 21.79 -56.23
C VAL F 100 -15.91 22.98 -56.93
N ASN F 101 -14.87 22.70 -57.71
CA ASN F 101 -14.26 23.71 -58.57
C ASN F 101 -14.37 23.28 -60.03
N LEU F 102 -14.71 24.22 -60.91
CA LEU F 102 -14.92 23.90 -62.33
C LEU F 102 -13.67 23.31 -62.98
N GLY F 103 -13.87 22.22 -63.71
CA GLY F 103 -12.79 21.56 -64.42
C GLY F 103 -11.92 20.70 -63.54
N GLU F 104 -12.20 20.70 -62.24
CA GLU F 104 -11.42 19.92 -61.29
C GLU F 104 -12.20 18.68 -60.87
N PRO F 105 -11.73 17.50 -61.27
CA PRO F 105 -12.38 16.20 -61.06
C PRO F 105 -12.82 16.02 -59.63
N ASN F 106 -13.98 15.41 -59.44
CA ASN F 106 -14.55 15.26 -58.11
C ASN F 106 -15.42 14.01 -58.06
N ILE F 107 -16.04 13.77 -56.91
CA ILE F 107 -16.93 12.61 -56.73
C ILE F 107 -18.27 13.06 -56.17
N LEU F 108 -19.35 12.55 -56.74
CA LEU F 108 -20.69 12.78 -56.20
C LEU F 108 -21.07 11.66 -55.25
N ILE F 109 -21.66 12.01 -54.12
CA ILE F 109 -22.07 11.01 -53.14
C ILE F 109 -23.58 10.93 -53.02
N CYS F 110 -24.12 9.75 -53.25
CA CYS F 110 -25.55 9.51 -53.03
C CYS F 110 -25.71 8.77 -51.70
N PHE F 111 -26.16 9.49 -50.68
CA PHE F 111 -26.21 8.94 -49.35
C PHE F 111 -27.61 8.41 -48.98
N ILE F 112 -27.78 7.10 -49.10
CA ILE F 112 -29.04 6.45 -48.71
C ILE F 112 -29.04 6.07 -47.23
N ASP F 113 -30.08 6.50 -46.50
CA ASP F 113 -30.05 6.40 -45.05
C ASP F 113 -31.43 6.01 -44.47
N LYS F 114 -31.41 5.41 -43.27
CA LYS F 114 -32.62 5.07 -42.52
C LYS F 114 -33.60 4.20 -43.29
N PHE F 115 -33.13 3.08 -43.82
CA PHE F 115 -34.00 2.20 -44.59
C PHE F 115 -33.82 0.74 -44.20
N SER F 116 -34.81 -0.07 -44.55
CA SER F 116 -34.79 -1.51 -44.33
C SER F 116 -35.97 -2.08 -45.11
N PRO F 117 -35.80 -3.26 -45.73
CA PRO F 117 -34.69 -4.22 -45.73
C PRO F 117 -33.45 -3.68 -46.43
N PRO F 118 -32.30 -4.33 -46.21
CA PRO F 118 -31.06 -3.88 -46.86
C PRO F 118 -30.99 -4.27 -48.32
N VAL F 119 -31.92 -3.77 -49.13
CA VAL F 119 -31.90 -3.98 -50.58
C VAL F 119 -32.41 -2.77 -51.35
N VAL F 120 -31.59 -2.22 -52.24
CA VAL F 120 -32.03 -1.10 -53.07
C VAL F 120 -31.54 -1.25 -54.51
N ASN F 121 -32.20 -0.53 -55.40
CA ASN F 121 -31.71 -0.30 -56.75
C ASN F 121 -31.30 1.16 -56.86
N VAL F 122 -30.03 1.41 -57.18
CA VAL F 122 -29.57 2.78 -57.35
C VAL F 122 -29.04 3.01 -58.76
N THR F 123 -29.46 4.13 -59.37
CA THR F 123 -29.02 4.49 -60.72
C THR F 123 -28.58 5.94 -60.78
N TRP F 124 -27.38 6.17 -61.33
CA TRP F 124 -26.86 7.51 -61.54
C TRP F 124 -27.31 8.05 -62.89
N LEU F 125 -27.66 9.34 -62.95
CA LEU F 125 -28.14 9.94 -64.20
C LEU F 125 -27.42 11.21 -64.57
N ARG F 126 -26.50 11.12 -65.53
CA ARG F 126 -25.85 12.30 -66.08
C ARG F 126 -26.65 12.80 -67.28
N ASN F 127 -27.26 13.97 -67.14
CA ASN F 127 -28.04 14.60 -68.20
C ASN F 127 -29.23 13.75 -68.66
N GLY F 128 -29.78 12.97 -67.73
CA GLY F 128 -30.97 12.16 -68.00
C GLY F 128 -30.74 10.74 -68.48
N ARG F 129 -29.49 10.34 -68.67
CA ARG F 129 -29.17 8.95 -69.01
C ARG F 129 -28.27 8.29 -67.99
N PRO F 130 -28.53 7.00 -67.71
CA PRO F 130 -27.76 6.18 -66.75
C PRO F 130 -26.27 6.16 -67.04
N VAL F 131 -25.47 6.12 -65.98
CA VAL F 131 -24.02 6.06 -66.08
C VAL F 131 -23.53 4.72 -65.54
N THR F 132 -22.62 4.08 -66.28
CA THR F 132 -22.06 2.81 -65.85
C THR F 132 -20.57 2.92 -65.57
N GLU F 133 -19.96 4.01 -66.04
CA GLU F 133 -18.53 4.21 -65.89
C GLU F 133 -18.24 5.25 -64.81
N GLY F 134 -17.29 4.93 -63.94
CA GLY F 134 -16.89 5.81 -62.86
C GLY F 134 -17.83 5.76 -61.68
N VAL F 135 -18.40 4.58 -61.45
CA VAL F 135 -19.35 4.42 -60.36
C VAL F 135 -18.82 3.48 -59.27
N SER F 136 -19.08 3.85 -58.02
CA SER F 136 -18.64 3.08 -56.87
C SER F 136 -19.82 2.82 -55.95
N GLU F 137 -19.73 1.76 -55.17
CA GLU F 137 -20.80 1.33 -54.28
C GLU F 137 -20.21 0.85 -52.96
N THR F 138 -20.96 1.00 -51.87
CA THR F 138 -20.53 0.45 -50.58
C THR F 138 -21.54 -0.56 -50.09
N VAL F 139 -21.08 -1.59 -49.39
CA VAL F 139 -22.02 -2.54 -48.80
C VAL F 139 -23.00 -1.83 -47.86
N PHE F 140 -24.03 -2.55 -47.42
CA PHE F 140 -25.01 -1.97 -46.51
C PHE F 140 -24.38 -1.79 -45.13
N LEU F 141 -24.37 -0.55 -44.68
CA LEU F 141 -23.70 -0.14 -43.45
C LEU F 141 -24.63 -0.16 -42.24
N PRO F 142 -24.07 -0.33 -41.03
CA PRO F 142 -24.89 -0.36 -39.82
C PRO F 142 -25.22 1.05 -39.34
N ARG F 143 -26.27 1.17 -38.55
CA ARG F 143 -26.57 2.40 -37.83
C ARG F 143 -26.66 2.04 -36.36
N ASP F 144 -27.01 3.00 -35.51
CA ASP F 144 -27.22 2.69 -34.10
C ASP F 144 -28.53 1.94 -33.86
N ASP F 145 -29.50 2.18 -34.72
CA ASP F 145 -30.79 1.50 -34.64
C ASP F 145 -30.86 0.24 -35.51
N HIS F 146 -32.08 -0.16 -35.87
CA HIS F 146 -32.36 -1.33 -36.69
C HIS F 146 -32.25 -1.09 -38.19
N LEU F 147 -32.02 0.15 -38.57
CA LEU F 147 -31.97 0.56 -39.97
C LEU F 147 -30.60 0.48 -40.60
N PHE F 148 -30.56 0.54 -41.94
CA PHE F 148 -29.33 0.47 -42.70
C PHE F 148 -28.97 1.78 -43.35
N ARG F 149 -27.76 1.81 -43.91
CA ARG F 149 -27.13 3.01 -44.46
C ARG F 149 -26.28 2.63 -45.67
N LYS F 150 -26.16 3.50 -46.66
CA LYS F 150 -25.46 3.14 -47.89
C LYS F 150 -24.84 4.32 -48.63
N PHE F 151 -23.74 4.07 -49.34
CA PHE F 151 -23.10 5.11 -50.11
C PHE F 151 -22.99 4.73 -51.59
N HIS F 152 -23.29 5.68 -52.46
CA HIS F 152 -23.03 5.50 -53.88
C HIS F 152 -22.18 6.65 -54.38
N TYR F 153 -21.13 6.34 -55.13
CA TYR F 153 -20.18 7.36 -55.57
C TYR F 153 -20.11 7.45 -57.09
N LEU F 154 -19.89 8.66 -57.57
CA LEU F 154 -19.75 8.91 -59.00
C LEU F 154 -18.68 9.97 -59.27
N THR F 155 -17.68 9.61 -60.08
CA THR F 155 -16.64 10.56 -60.46
C THR F 155 -17.10 11.36 -61.66
N PHE F 156 -16.79 12.64 -61.67
CA PHE F 156 -17.28 13.52 -62.72
C PHE F 156 -16.39 14.74 -62.91
N LEU F 157 -16.57 15.40 -64.05
CA LEU F 157 -15.91 16.68 -64.32
C LEU F 157 -16.95 17.79 -64.19
N PRO F 158 -16.67 18.77 -63.31
CA PRO F 158 -17.62 19.86 -63.12
C PRO F 158 -17.75 20.70 -64.37
N SER F 159 -18.98 21.06 -64.70
CA SER F 159 -19.25 21.95 -65.81
C SER F 159 -20.64 22.54 -65.64
N THR F 160 -20.83 23.73 -66.20
CA THR F 160 -22.10 24.43 -66.06
C THR F 160 -23.15 23.86 -67.01
N ASP F 161 -22.73 22.94 -67.86
CA ASP F 161 -23.61 22.33 -68.86
C ASP F 161 -24.29 21.08 -68.31
N ASP F 162 -23.66 20.44 -67.34
CA ASP F 162 -24.11 19.15 -66.84
C ASP F 162 -24.99 19.26 -65.60
N PHE F 163 -25.97 18.36 -65.52
CA PHE F 163 -26.78 18.20 -64.33
C PHE F 163 -26.89 16.72 -64.02
N TYR F 164 -26.76 16.35 -62.74
CA TYR F 164 -26.75 14.95 -62.36
C TYR F 164 -27.96 14.58 -61.50
N ASP F 165 -28.31 13.30 -61.51
CA ASP F 165 -29.40 12.80 -60.67
C ASP F 165 -29.06 11.44 -60.08
N CYS F 166 -29.53 11.22 -58.86
CA CYS F 166 -29.44 9.91 -58.22
C CYS F 166 -30.84 9.39 -57.98
N GLU F 167 -31.15 8.25 -58.57
CA GLU F 167 -32.48 7.66 -58.45
C GLU F 167 -32.43 6.34 -57.68
N VAL F 168 -33.16 6.29 -56.57
CA VAL F 168 -33.15 5.15 -55.68
C VAL F 168 -34.51 4.45 -55.64
N ASP F 169 -34.54 3.15 -55.88
CA ASP F 169 -35.80 2.41 -55.77
C ASP F 169 -35.69 1.42 -54.60
N HIS F 170 -36.74 1.38 -53.79
CA HIS F 170 -36.79 0.51 -52.62
C HIS F 170 -38.23 0.08 -52.37
N TRP F 171 -38.41 -1.12 -51.82
CA TRP F 171 -39.75 -1.68 -51.62
C TRP F 171 -40.65 -0.86 -50.72
N GLY F 172 -40.14 0.21 -50.13
CA GLY F 172 -40.94 1.06 -49.28
C GLY F 172 -41.39 2.31 -49.99
N LEU F 173 -40.87 2.49 -51.20
CA LEU F 173 -41.20 3.66 -52.01
C LEU F 173 -42.29 3.34 -53.04
N GLU F 174 -43.25 4.26 -53.14
CA GLU F 174 -44.31 4.11 -54.12
C GLU F 174 -43.73 4.27 -55.52
N GLU F 175 -43.00 5.35 -55.69
CA GLU F 175 -42.32 5.64 -56.95
C GLU F 175 -40.88 5.98 -56.64
N PRO F 176 -39.96 5.43 -57.43
CA PRO F 176 -38.52 5.70 -57.32
C PRO F 176 -38.19 7.17 -57.05
N LEU F 177 -37.40 7.40 -55.99
CA LEU F 177 -36.98 8.73 -55.58
C LEU F 177 -35.74 9.16 -56.35
N ARG F 178 -35.80 10.33 -56.97
CA ARG F 178 -34.69 10.87 -57.73
C ARG F 178 -34.25 12.19 -57.13
N LYS F 179 -32.98 12.27 -56.73
CA LYS F 179 -32.46 13.50 -56.14
C LYS F 179 -31.54 14.23 -57.11
N HIS F 180 -31.76 15.53 -57.24
CA HIS F 180 -31.08 16.33 -58.25
C HIS F 180 -29.86 17.00 -57.68
N TRP F 181 -28.87 17.26 -58.53
CA TRP F 181 -27.70 18.01 -58.13
C TRP F 181 -27.03 18.62 -59.34
N GLU F 182 -26.82 19.93 -59.32
CA GLU F 182 -25.99 20.58 -60.30
C GLU F 182 -25.14 21.66 -59.64
N PHE F 183 -24.24 22.27 -60.41
CA PHE F 183 -23.28 23.22 -59.87
C PHE F 183 -23.94 24.42 -59.18
N SER G 7 -47.86 -5.29 -49.75
CA SER G 7 -46.51 -5.05 -50.24
C SER G 7 -45.74 -6.35 -50.43
N ARG G 8 -44.42 -6.27 -50.27
CA ARG G 8 -43.53 -7.41 -50.46
C ARG G 8 -42.99 -7.93 -49.14
N PRO G 9 -43.37 -9.17 -48.77
CA PRO G 9 -42.90 -9.72 -47.50
C PRO G 9 -41.41 -10.07 -47.55
N TRP G 10 -40.71 -9.75 -46.46
CA TRP G 10 -39.28 -10.00 -46.37
C TRP G 10 -38.90 -10.53 -44.99
N PHE G 11 -37.77 -11.21 -44.92
CA PHE G 11 -37.32 -11.78 -43.65
C PHE G 11 -35.82 -11.55 -43.45
N LEU G 12 -35.48 -10.86 -42.35
CA LEU G 12 -34.12 -10.47 -42.06
C LEU G 12 -33.67 -11.02 -40.71
N GLU G 13 -32.54 -11.72 -40.70
CA GLU G 13 -31.89 -12.09 -39.45
C GLU G 13 -30.59 -11.32 -39.36
N TYR G 14 -30.61 -10.25 -38.56
CA TYR G 14 -29.56 -9.25 -38.47
C TYR G 14 -28.90 -9.32 -37.10
N CYS G 15 -27.56 -9.29 -37.06
CA CYS G 15 -26.87 -9.36 -35.77
C CYS G 15 -25.65 -8.43 -35.70
N LYS G 16 -25.64 -7.56 -34.69
CA LYS G 16 -24.51 -6.67 -34.49
C LYS G 16 -23.83 -6.96 -33.15
N SER G 17 -22.53 -7.22 -33.18
CA SER G 17 -21.76 -7.37 -31.96
C SER G 17 -20.89 -6.15 -31.72
N GLU G 18 -21.23 -5.36 -30.70
CA GLU G 18 -20.57 -4.09 -30.43
C GLU G 18 -19.50 -4.17 -29.32
N CYS G 19 -18.31 -3.63 -29.61
CA CYS G 19 -17.23 -3.51 -28.65
C CYS G 19 -17.06 -2.04 -28.23
N HIS G 20 -17.39 -1.69 -27.00
CA HIS G 20 -17.31 -0.28 -26.57
C HIS G 20 -16.09 0.02 -25.70
N PHE G 21 -15.26 0.95 -26.14
CA PHE G 21 -14.00 1.30 -25.46
C PHE G 21 -13.98 2.72 -24.91
N TYR G 22 -14.02 2.88 -23.58
CA TYR G 22 -13.82 4.20 -22.97
C TYR G 22 -12.43 4.20 -22.37
N ASN G 23 -11.58 5.15 -22.78
CA ASN G 23 -10.16 5.18 -22.42
C ASN G 23 -9.40 3.92 -22.85
N GLY G 24 -9.36 3.66 -24.15
CA GLY G 24 -8.58 2.54 -24.68
C GLY G 24 -9.14 1.21 -24.21
N THR G 25 -8.26 0.31 -23.79
CA THR G 25 -8.73 -0.98 -23.28
C THR G 25 -8.88 -0.94 -21.77
N GLN G 26 -8.98 0.25 -21.17
CA GLN G 26 -9.17 0.31 -19.73
C GLN G 26 -10.55 -0.21 -19.43
N ARG G 27 -11.55 0.48 -19.98
CA ARG G 27 -12.94 0.12 -19.81
C ARG G 27 -13.51 -0.39 -21.12
N VAL G 28 -13.95 -1.64 -21.14
CA VAL G 28 -14.53 -2.22 -22.35
C VAL G 28 -15.85 -2.90 -22.04
N ARG G 29 -16.91 -2.59 -22.80
CA ARG G 29 -18.16 -3.33 -22.64
C ARG G 29 -18.59 -3.90 -23.99
N LEU G 30 -19.22 -5.08 -23.92
CA LEU G 30 -19.67 -5.81 -25.10
C LEU G 30 -21.18 -5.74 -25.14
N LEU G 31 -21.72 -5.42 -26.30
CA LEU G 31 -23.17 -5.37 -26.43
C LEU G 31 -23.61 -6.12 -27.68
N VAL G 32 -24.11 -7.34 -27.51
CA VAL G 32 -24.58 -8.09 -28.67
C VAL G 32 -26.07 -7.89 -28.89
N ARG G 33 -26.43 -7.48 -30.12
CA ARG G 33 -27.83 -7.19 -30.45
C ARG G 33 -28.33 -8.00 -31.65
N TYR G 34 -29.37 -8.79 -31.40
CA TYR G 34 -30.02 -9.60 -32.43
C TYR G 34 -31.29 -8.93 -32.94
N PHE G 35 -31.45 -8.88 -34.26
CA PHE G 35 -32.62 -8.28 -34.87
C PHE G 35 -33.41 -9.31 -35.72
N TYR G 36 -34.72 -9.13 -35.79
CA TYR G 36 -35.56 -9.87 -36.74
C TYR G 36 -36.45 -8.88 -37.45
N ASN G 37 -36.16 -8.66 -38.73
CA ASN G 37 -36.83 -7.62 -39.52
C ASN G 37 -36.59 -6.22 -38.96
N LEU G 38 -37.59 -5.68 -38.27
CA LEU G 38 -37.47 -4.32 -37.73
C LEU G 38 -37.34 -4.33 -36.22
N GLU G 39 -37.31 -5.52 -35.62
CA GLU G 39 -37.35 -5.63 -34.17
C GLU G 39 -36.04 -6.15 -33.58
N GLU G 40 -35.45 -5.37 -32.68
CA GLU G 40 -34.36 -5.87 -31.85
C GLU G 40 -34.99 -6.72 -30.75
N ASN G 41 -34.65 -8.00 -30.69
CA ASN G 41 -35.33 -8.95 -29.80
C ASN G 41 -34.47 -9.54 -28.69
N LEU G 42 -33.18 -9.69 -28.94
CA LEU G 42 -32.30 -10.29 -27.95
C LEU G 42 -31.05 -9.46 -27.75
N ARG G 43 -30.56 -9.41 -26.51
CA ARG G 43 -29.34 -8.66 -26.19
C ARG G 43 -28.39 -9.44 -25.27
N PHE G 44 -27.09 -9.35 -25.55
CA PHE G 44 -26.13 -9.76 -24.53
C PHE G 44 -25.30 -8.57 -24.15
N ASP G 45 -25.52 -8.09 -22.93
CA ASP G 45 -24.81 -6.95 -22.39
C ASP G 45 -23.79 -7.45 -21.40
N SER G 46 -22.52 -7.14 -21.65
CA SER G 46 -21.44 -7.60 -20.78
C SER G 46 -21.62 -7.01 -19.38
N ASP G 47 -22.32 -5.87 -19.28
CA ASP G 47 -22.65 -5.29 -17.97
C ASP G 47 -23.65 -6.17 -17.23
N VAL G 48 -24.26 -7.13 -17.92
CA VAL G 48 -25.23 -8.02 -17.30
C VAL G 48 -24.70 -9.46 -17.25
N GLY G 49 -23.98 -9.86 -18.29
CA GLY G 49 -23.34 -11.16 -18.31
C GLY G 49 -24.29 -12.26 -18.69
N GLU G 50 -25.54 -11.91 -18.97
CA GLU G 50 -26.55 -12.87 -19.37
C GLU G 50 -27.30 -12.35 -20.59
N PHE G 51 -27.94 -13.25 -21.31
CA PHE G 51 -28.80 -12.84 -22.41
C PHE G 51 -30.09 -12.24 -21.86
N ARG G 52 -30.61 -11.25 -22.57
CA ARG G 52 -31.86 -10.60 -22.19
C ARG G 52 -32.82 -10.43 -23.37
N ALA G 53 -34.08 -10.78 -23.15
CA ALA G 53 -35.08 -10.61 -24.19
C ALA G 53 -35.51 -9.14 -24.24
N VAL G 54 -35.41 -8.55 -25.41
CA VAL G 54 -35.80 -7.16 -25.58
C VAL G 54 -37.28 -7.05 -25.91
N THR G 55 -37.74 -7.97 -26.76
CA THR G 55 -39.14 -8.10 -27.10
C THR G 55 -39.57 -9.52 -26.84
N GLU G 56 -40.88 -9.76 -26.83
CA GLU G 56 -41.41 -11.07 -26.53
C GLU G 56 -40.78 -12.16 -27.41
N LEU G 57 -40.49 -11.82 -28.66
CA LEU G 57 -39.99 -12.76 -29.68
C LEU G 57 -38.63 -13.41 -29.40
N GLY G 58 -37.75 -12.70 -28.70
CA GLY G 58 -36.40 -13.21 -28.49
C GLY G 58 -36.30 -13.97 -27.19
N ARG G 59 -37.42 -14.00 -26.48
CA ARG G 59 -37.51 -14.61 -25.17
C ARG G 59 -37.09 -16.10 -25.11
N PRO G 60 -37.46 -16.94 -26.12
CA PRO G 60 -37.05 -18.35 -26.11
C PRO G 60 -35.54 -18.58 -26.19
N ASP G 61 -34.84 -17.73 -26.94
CA ASP G 61 -33.39 -17.85 -27.09
C ASP G 61 -32.69 -17.55 -25.79
N ALA G 62 -33.11 -16.48 -25.14
CA ALA G 62 -32.56 -16.08 -23.87
C ALA G 62 -32.70 -17.19 -22.85
N GLU G 63 -33.88 -17.81 -22.81
CA GLU G 63 -34.13 -18.91 -21.88
C GLU G 63 -33.20 -20.07 -22.19
N ASN G 64 -32.96 -20.31 -23.47
CA ASN G 64 -32.10 -21.39 -23.93
C ASN G 64 -30.62 -21.19 -23.60
N TRP G 65 -30.07 -20.05 -24.01
CA TRP G 65 -28.63 -19.84 -23.87
C TRP G 65 -28.22 -19.58 -22.43
N ASN G 66 -29.08 -18.88 -21.68
CA ASN G 66 -28.76 -18.59 -20.30
C ASN G 66 -28.74 -19.84 -19.43
N SER G 67 -29.19 -20.96 -19.99
CA SER G 67 -29.12 -22.24 -19.29
C SER G 67 -27.80 -22.95 -19.53
N GLN G 68 -26.94 -22.37 -20.36
CA GLN G 68 -25.65 -22.97 -20.69
C GLN G 68 -24.56 -22.13 -20.06
N PRO G 69 -24.11 -22.51 -18.85
CA PRO G 69 -23.17 -21.68 -18.08
C PRO G 69 -21.83 -21.48 -18.77
N GLU G 70 -21.28 -22.56 -19.31
CA GLU G 70 -20.00 -22.50 -20.00
C GLU G 70 -20.08 -21.64 -21.25
N PHE G 71 -21.28 -21.44 -21.75
CA PHE G 71 -21.49 -20.53 -22.86
C PHE G 71 -21.42 -19.08 -22.38
N LEU G 72 -22.17 -18.77 -21.33
CA LEU G 72 -22.18 -17.41 -20.78
C LEU G 72 -20.79 -17.04 -20.30
N GLU G 73 -20.14 -18.02 -19.70
CA GLU G 73 -18.82 -17.86 -19.17
C GLU G 73 -17.87 -17.44 -20.29
N GLN G 74 -18.00 -18.10 -21.44
CA GLN G 74 -17.22 -17.75 -22.62
C GLN G 74 -17.53 -16.34 -23.13
N LYS G 75 -18.82 -15.97 -23.13
CA LYS G 75 -19.25 -14.68 -23.66
C LYS G 75 -18.73 -13.51 -22.84
N ARG G 76 -18.83 -13.63 -21.52
CA ARG G 76 -18.39 -12.57 -20.65
C ARG G 76 -16.91 -12.31 -20.89
N ALA G 77 -16.23 -13.38 -21.27
CA ALA G 77 -14.80 -13.35 -21.51
C ALA G 77 -14.45 -12.69 -22.83
N GLU G 78 -15.44 -12.55 -23.71
CA GLU G 78 -15.17 -12.03 -25.05
C GLU G 78 -14.75 -10.57 -25.01
N VAL G 79 -14.97 -9.94 -23.87
CA VAL G 79 -14.50 -8.58 -23.61
C VAL G 79 -13.00 -8.55 -23.73
N ASP G 80 -12.36 -9.67 -23.39
CA ASP G 80 -10.92 -9.78 -23.50
C ASP G 80 -10.55 -10.61 -24.72
N THR G 81 -11.14 -11.78 -24.86
CA THR G 81 -10.74 -12.68 -25.92
C THR G 81 -11.06 -12.19 -27.33
N VAL G 82 -11.94 -11.20 -27.47
CA VAL G 82 -12.29 -10.68 -28.79
C VAL G 82 -12.12 -9.16 -28.92
N CYS G 83 -12.73 -8.43 -28.01
CA CYS G 83 -12.71 -6.97 -28.06
C CYS G 83 -11.31 -6.38 -27.90
N ARG G 84 -10.72 -6.53 -26.71
CA ARG G 84 -9.42 -5.94 -26.46
C ARG G 84 -8.40 -6.51 -27.43
N HIS G 85 -8.59 -7.76 -27.84
CA HIS G 85 -7.73 -8.35 -28.84
C HIS G 85 -7.73 -7.52 -30.12
N ASN G 86 -8.90 -7.26 -30.67
CA ASN G 86 -8.97 -6.52 -31.92
C ASN G 86 -8.52 -5.08 -31.74
N TYR G 87 -8.76 -4.52 -30.57
CA TYR G 87 -8.34 -3.15 -30.32
C TYR G 87 -6.84 -3.04 -30.39
N GLU G 88 -6.15 -4.02 -29.82
CA GLU G 88 -4.69 -4.03 -29.84
C GLU G 88 -4.18 -3.91 -31.26
N ILE G 89 -4.84 -4.61 -32.17
CA ILE G 89 -4.44 -4.60 -33.56
C ILE G 89 -4.79 -3.27 -34.21
N PHE G 90 -6.00 -2.80 -33.99
CA PHE G 90 -6.47 -1.59 -34.64
C PHE G 90 -5.72 -0.38 -34.08
N ASP G 91 -5.01 -0.58 -32.98
CA ASP G 91 -4.27 0.50 -32.36
C ASP G 91 -3.01 0.84 -33.16
N ASN G 92 -2.67 -0.02 -34.10
CA ASN G 92 -1.48 0.14 -34.92
C ASN G 92 -1.71 1.00 -36.16
N PHE G 93 -2.95 1.09 -36.63
CA PHE G 93 -3.21 1.86 -37.85
C PHE G 93 -4.53 2.65 -37.84
N LEU G 94 -5.61 2.08 -37.32
CA LEU G 94 -6.87 2.81 -37.27
C LEU G 94 -6.89 3.88 -36.19
N VAL G 95 -6.64 3.47 -34.95
CA VAL G 95 -6.71 4.38 -33.82
C VAL G 95 -5.80 5.60 -33.98
N PRO G 96 -4.54 5.40 -34.43
CA PRO G 96 -3.72 6.60 -34.56
C PRO G 96 -3.88 7.35 -35.88
N ARG G 97 -4.80 6.91 -36.74
CA ARG G 97 -4.94 7.50 -38.07
C ARG G 97 -5.23 9.00 -38.07
N ARG G 98 -4.43 9.75 -38.81
CA ARG G 98 -4.56 11.20 -38.88
C ARG G 98 -4.55 11.70 -40.32
N VAL G 99 -5.52 12.54 -40.66
CA VAL G 99 -5.55 13.16 -41.98
C VAL G 99 -5.76 14.66 -41.82
N GLU G 100 -4.80 15.43 -42.32
CA GLU G 100 -4.80 16.87 -42.13
C GLU G 100 -5.91 17.54 -42.96
N PRO G 101 -6.69 18.42 -42.32
CA PRO G 101 -7.84 19.07 -42.99
C PRO G 101 -7.42 20.06 -44.08
N THR G 102 -8.33 20.30 -45.01
CA THR G 102 -8.13 21.32 -46.04
C THR G 102 -9.07 22.49 -45.77
N VAL G 103 -8.52 23.60 -45.32
CA VAL G 103 -9.35 24.73 -44.89
C VAL G 103 -9.46 25.83 -45.93
N THR G 104 -10.69 26.22 -46.24
CA THR G 104 -10.93 27.26 -47.24
C THR G 104 -11.99 28.22 -46.72
N VAL G 105 -11.85 29.50 -47.04
CA VAL G 105 -12.87 30.49 -46.70
C VAL G 105 -13.34 31.22 -47.94
N TYR G 106 -14.66 31.29 -48.11
CA TYR G 106 -15.26 31.99 -49.23
C TYR G 106 -16.59 32.61 -48.80
N PRO G 107 -17.04 33.68 -49.49
CA PRO G 107 -18.32 34.34 -49.21
C PRO G 107 -19.55 33.48 -49.51
N LEU G 118 -22.46 36.48 -45.95
CA LEU G 118 -22.09 35.26 -45.23
C LEU G 118 -20.74 34.72 -45.67
N LEU G 119 -19.90 34.37 -44.70
CA LEU G 119 -18.60 33.75 -44.98
C LEU G 119 -18.55 32.30 -44.51
N VAL G 120 -18.12 31.44 -45.43
CA VAL G 120 -18.07 30.02 -45.21
C VAL G 120 -16.65 29.57 -44.86
N CYS G 121 -16.52 28.73 -43.84
CA CYS G 121 -15.25 28.08 -43.54
C CYS G 121 -15.37 26.62 -43.93
N SER G 122 -14.77 26.25 -45.06
CA SER G 122 -14.90 24.89 -45.55
C SER G 122 -13.75 24.01 -45.08
N VAL G 123 -14.03 23.20 -44.07
CA VAL G 123 -13.05 22.27 -43.52
C VAL G 123 -13.37 20.88 -44.03
N SER G 124 -12.50 20.37 -44.91
CA SER G 124 -12.81 19.14 -45.62
C SER G 124 -11.66 18.15 -45.66
N ASP G 125 -12.00 16.90 -45.95
CA ASP G 125 -11.02 15.84 -46.15
C ASP G 125 -10.14 15.65 -44.91
N PHE G 126 -10.76 15.36 -43.77
CA PHE G 126 -9.99 15.17 -42.54
C PHE G 126 -10.47 13.95 -41.74
N TYR G 127 -9.59 13.44 -40.89
CA TYR G 127 -9.89 12.33 -40.00
C TYR G 127 -9.01 12.42 -38.75
N PRO G 128 -9.58 12.16 -37.55
CA PRO G 128 -10.97 11.84 -37.24
C PRO G 128 -11.89 13.06 -37.15
N GLY G 129 -13.15 12.82 -36.78
CA GLY G 129 -14.13 13.88 -36.73
C GLY G 129 -14.00 14.82 -35.56
N ASN G 130 -13.07 14.53 -34.64
CA ASN G 130 -12.85 15.43 -33.51
C ASN G 130 -12.39 16.76 -34.03
N ILE G 131 -13.30 17.71 -34.14
CA ILE G 131 -12.93 18.96 -34.77
C ILE G 131 -13.58 20.14 -34.05
N GLU G 132 -12.81 21.21 -33.94
CA GLU G 132 -13.31 22.42 -33.32
C GLU G 132 -13.04 23.58 -34.28
N VAL G 133 -14.08 24.34 -34.58
CA VAL G 133 -13.95 25.41 -35.55
C VAL G 133 -14.49 26.72 -34.98
N ARG G 134 -13.67 27.77 -35.03
CA ARG G 134 -14.10 29.05 -34.52
C ARG G 134 -13.97 30.19 -35.55
N TRP G 135 -14.80 31.22 -35.41
CA TRP G 135 -14.75 32.41 -36.27
C TRP G 135 -14.28 33.64 -35.50
N PHE G 136 -13.20 34.25 -35.98
CA PHE G 136 -12.69 35.49 -35.37
C PHE G 136 -12.77 36.69 -36.32
N ARG G 137 -13.55 37.71 -35.94
CA ARG G 137 -13.55 38.97 -36.68
C ARG G 137 -12.89 40.05 -35.84
N ASN G 138 -11.77 40.56 -36.34
CA ASN G 138 -10.94 41.57 -35.66
C ASN G 138 -10.28 41.04 -34.38
N GLY G 139 -10.17 39.72 -34.28
CA GLY G 139 -9.48 39.11 -33.15
C GLY G 139 -10.37 38.71 -31.99
N LYS G 140 -11.67 38.87 -32.16
CA LYS G 140 -12.62 38.43 -31.14
C LYS G 140 -13.49 37.29 -31.69
N GLU G 141 -13.76 36.29 -30.86
CA GLU G 141 -14.55 35.14 -31.29
C GLU G 141 -16.03 35.48 -31.43
N GLU G 142 -16.50 35.58 -32.66
CA GLU G 142 -17.91 35.85 -32.92
C GLU G 142 -18.74 34.65 -32.48
N LYS G 143 -19.08 34.59 -31.20
CA LYS G 143 -19.81 33.46 -30.63
C LYS G 143 -21.31 33.56 -30.87
N THR G 144 -21.70 34.22 -31.94
CA THR G 144 -23.12 34.38 -32.28
C THR G 144 -23.31 34.48 -33.79
N GLY G 145 -24.45 34.00 -34.27
CA GLY G 145 -24.73 34.00 -35.69
C GLY G 145 -23.88 32.99 -36.45
N ILE G 146 -23.68 31.82 -35.84
CA ILE G 146 -22.90 30.75 -36.43
C ILE G 146 -23.82 29.65 -36.95
N VAL G 147 -23.81 29.43 -38.27
CA VAL G 147 -24.61 28.37 -38.87
C VAL G 147 -23.71 27.26 -39.41
N SER G 148 -23.77 26.07 -38.81
CA SER G 148 -22.97 24.95 -39.27
C SER G 148 -23.81 23.80 -39.80
N THR G 149 -23.26 23.09 -40.79
CA THR G 149 -23.95 21.96 -41.39
C THR G 149 -23.76 20.71 -40.54
N GLY G 150 -22.85 20.80 -39.58
CA GLY G 150 -22.50 19.67 -38.73
C GLY G 150 -21.40 18.84 -39.36
N LEU G 151 -21.02 17.77 -38.70
CA LEU G 151 -20.00 16.86 -39.21
C LEU G 151 -20.61 15.97 -40.29
N VAL G 152 -19.91 15.82 -41.40
CA VAL G 152 -20.42 15.02 -42.52
C VAL G 152 -19.51 13.86 -42.88
N ARG G 153 -20.08 12.67 -42.88
CA ARG G 153 -19.30 11.47 -43.14
C ARG G 153 -19.42 11.08 -44.60
N ASN G 154 -18.30 11.20 -45.30
CA ASN G 154 -18.23 10.86 -46.71
C ASN G 154 -18.19 9.35 -46.90
N GLY G 155 -17.87 8.63 -45.83
CA GLY G 155 -17.93 7.18 -45.86
C GLY G 155 -16.67 6.48 -46.34
N ASP G 156 -15.65 7.27 -46.68
CA ASP G 156 -14.39 6.72 -47.12
C ASP G 156 -13.28 7.14 -46.16
N TRP G 157 -13.60 7.15 -44.88
CA TRP G 157 -12.70 7.51 -43.78
C TRP G 157 -12.22 8.95 -43.83
N THR G 158 -13.06 9.81 -44.40
CA THR G 158 -12.80 11.25 -44.46
C THR G 158 -14.06 12.04 -44.06
N PHE G 159 -13.86 13.18 -43.41
CA PHE G 159 -14.99 13.98 -42.97
C PHE G 159 -14.95 15.33 -43.67
N GLN G 160 -16.03 16.09 -43.52
CA GLN G 160 -16.11 17.45 -44.04
C GLN G 160 -17.19 18.22 -43.31
N THR G 161 -17.03 19.54 -43.27
CA THR G 161 -18.02 20.38 -42.59
C THR G 161 -17.96 21.82 -43.10
N LEU G 162 -19.09 22.51 -43.00
CA LEU G 162 -19.16 23.93 -43.35
C LEU G 162 -19.60 24.75 -42.14
N VAL G 163 -18.69 25.55 -41.59
CA VAL G 163 -19.08 26.45 -40.52
C VAL G 163 -19.19 27.86 -41.08
N MET G 164 -20.34 28.48 -40.89
CA MET G 164 -20.62 29.76 -41.54
C MET G 164 -20.91 30.91 -40.56
N LEU G 165 -20.52 32.11 -40.98
CA LEU G 165 -20.79 33.34 -40.23
C LEU G 165 -21.61 34.31 -41.06
N GLU G 166 -22.70 34.81 -40.49
CA GLU G 166 -23.71 35.57 -41.23
C GLU G 166 -23.54 37.09 -41.25
N THR G 167 -22.36 37.59 -40.91
CA THR G 167 -22.14 39.04 -40.87
C THR G 167 -21.81 39.61 -42.25
N VAL G 168 -22.13 40.89 -42.44
CA VAL G 168 -21.87 41.59 -43.70
C VAL G 168 -20.53 42.33 -43.67
N TYR G 175 -11.77 39.19 -39.98
CA TYR G 175 -12.44 38.04 -40.57
C TYR G 175 -11.45 36.88 -40.75
N THR G 176 -11.34 36.04 -39.71
CA THR G 176 -10.49 34.85 -39.76
C THR G 176 -11.06 33.66 -38.97
N CYS G 177 -11.01 32.45 -39.54
CA CYS G 177 -11.50 31.28 -38.80
C CYS G 177 -10.34 30.37 -38.37
N GLN G 178 -10.51 29.74 -37.21
CA GLN G 178 -9.48 28.90 -36.62
C GLN G 178 -9.96 27.46 -36.51
N VAL G 179 -9.08 26.51 -36.86
CA VAL G 179 -9.41 25.10 -36.84
C VAL G 179 -8.42 24.30 -35.99
N GLU G 180 -8.93 23.64 -34.95
CA GLU G 180 -8.09 22.77 -34.13
C GLU G 180 -8.48 21.31 -34.35
N HIS G 181 -7.46 20.47 -34.48
CA HIS G 181 -7.67 19.08 -34.87
C HIS G 181 -6.50 18.22 -34.44
N PRO G 182 -6.76 16.96 -34.07
CA PRO G 182 -5.76 15.96 -33.68
C PRO G 182 -4.58 15.80 -34.65
N SER G 183 -4.73 16.21 -35.90
CA SER G 183 -3.63 16.12 -36.86
C SER G 183 -2.84 17.41 -36.91
N LEU G 184 -3.19 18.34 -36.04
CA LEU G 184 -2.55 19.64 -36.06
C LEU G 184 -1.82 19.91 -34.75
N THR G 185 -0.50 20.01 -34.82
CA THR G 185 0.30 20.38 -33.66
C THR G 185 -0.07 21.79 -33.22
N ASP G 186 -0.25 22.66 -34.20
CA ASP G 186 -0.63 24.05 -33.99
C ASP G 186 -1.91 24.35 -34.76
N PRO G 187 -2.80 25.15 -34.16
CA PRO G 187 -4.08 25.51 -34.79
C PRO G 187 -3.90 26.03 -36.22
N VAL G 188 -4.84 25.69 -37.10
CA VAL G 188 -4.80 26.19 -38.46
C VAL G 188 -5.70 27.40 -38.61
N THR G 189 -5.14 28.46 -39.20
CA THR G 189 -5.83 29.73 -39.32
C THR G 189 -5.85 30.19 -40.77
N VAL G 190 -7.00 30.71 -41.22
CA VAL G 190 -7.08 31.38 -42.51
C VAL G 190 -7.85 32.69 -42.32
N GLU G 191 -7.56 33.70 -43.15
CA GLU G 191 -8.09 35.05 -42.94
C GLU G 191 -8.55 35.67 -44.27
N TRP G 192 -9.61 36.46 -44.22
CA TRP G 192 -10.17 37.05 -45.43
C TRP G 192 -10.03 38.57 -45.59
N LYS G 193 -9.97 39.00 -46.86
CA LYS G 193 -9.86 40.41 -47.22
C LYS G 193 -11.12 41.20 -46.86
N ALA H 1 0.45 -8.60 -40.65
CA ALA H 1 -0.69 -9.46 -40.93
C ALA H 1 -1.20 -10.15 -39.67
N ASP H 2 -1.69 -9.36 -38.72
CA ASP H 2 -2.26 -9.89 -37.48
C ASP H 2 -3.71 -10.30 -37.70
N GLY H 3 -4.09 -11.45 -37.17
CA GLY H 3 -5.39 -12.01 -37.46
C GLY H 3 -6.46 -11.57 -36.49
N LEU H 4 -7.44 -10.86 -37.04
CA LEU H 4 -8.56 -10.33 -36.27
C LEU H 4 -9.40 -11.42 -35.64
N ALA H 5 -10.02 -11.11 -34.51
CA ALA H 5 -10.89 -12.04 -33.80
C ALA H 5 -12.32 -11.72 -34.18
N TYR H 6 -13.19 -12.71 -34.12
CA TYR H 6 -14.58 -12.49 -34.49
C TYR H 6 -15.49 -13.27 -33.57
N PHE H 7 -16.76 -12.88 -33.56
CA PHE H 7 -17.79 -13.58 -32.80
C PHE H 7 -18.43 -14.63 -33.66
N ARG H 8 -18.60 -15.83 -33.13
CA ARG H 8 -19.25 -16.94 -33.87
C ARG H 8 -20.74 -17.09 -33.60
N SER H 9 -21.53 -17.28 -34.66
CA SER H 9 -22.99 -17.39 -34.52
C SER H 9 -23.41 -18.74 -33.97
N SER H 10 -24.29 -18.72 -32.97
CA SER H 10 -24.72 -19.94 -32.34
C SER H 10 -26.10 -20.32 -32.84
N PHE H 11 -26.28 -21.59 -33.19
CA PHE H 11 -27.54 -22.07 -33.73
C PHE H 11 -28.66 -21.89 -32.71
N LYS H 12 -29.80 -21.38 -33.17
CA LYS H 12 -30.95 -21.17 -32.29
C LYS H 12 -31.81 -22.44 -32.34
N GLY H 13 -32.55 -22.71 -31.27
CA GLY H 13 -33.36 -23.91 -31.21
C GLY H 13 -33.84 -24.21 -29.81
N GLY H 14 -33.49 -25.39 -29.29
CA GLY H 14 -33.92 -25.79 -27.97
C GLY H 14 -32.91 -26.62 -27.18
N GLY I 3 3.35 -29.56 -35.32
CA GLY I 3 3.44 -28.38 -36.17
C GLY I 3 2.27 -27.44 -36.03
N ASP I 4 1.09 -28.00 -35.78
CA ASP I 4 -0.10 -27.20 -35.50
C ASP I 4 -0.77 -27.67 -34.21
N GLN I 5 -0.02 -27.57 -33.11
CA GLN I 5 -0.47 -27.98 -31.78
C GLN I 5 -0.05 -26.94 -30.73
N VAL I 6 -0.38 -27.19 -29.47
CA VAL I 6 0.02 -26.29 -28.38
C VAL I 6 1.29 -26.74 -27.67
N GLU I 7 2.22 -25.82 -27.43
CA GLU I 7 3.41 -26.11 -26.63
C GLU I 7 2.98 -26.44 -25.22
N GLN I 8 3.00 -27.72 -24.88
CA GLN I 8 2.57 -28.15 -23.55
C GLN I 8 3.76 -28.74 -22.83
N SER I 9 4.05 -28.20 -21.67
CA SER I 9 5.20 -28.67 -20.90
C SER I 9 4.78 -29.03 -19.49
N PRO I 10 5.46 -30.00 -18.87
CA PRO I 10 6.59 -30.75 -19.43
C PRO I 10 6.13 -31.90 -20.32
N SER I 11 7.07 -32.50 -21.04
CA SER I 11 6.80 -33.66 -21.88
C SER I 11 6.32 -34.83 -21.03
N ALA I 12 7.10 -35.18 -20.03
CA ALA I 12 6.75 -36.23 -19.08
C ALA I 12 7.06 -35.79 -17.66
N LEU I 13 6.46 -36.46 -16.69
CA LEU I 13 6.51 -36.03 -15.31
C LEU I 13 6.39 -37.21 -14.36
N SER I 14 7.28 -37.28 -13.38
CA SER I 14 7.16 -38.30 -12.35
C SER I 14 7.01 -37.65 -10.99
N LEU I 15 5.89 -37.91 -10.34
CA LEU I 15 5.61 -37.31 -9.04
C LEU I 15 5.48 -38.36 -7.97
N HIS I 16 6.13 -38.12 -6.84
CA HIS I 16 5.93 -38.99 -5.71
C HIS I 16 4.57 -38.70 -5.09
N GLU I 17 3.89 -39.76 -4.69
CA GLU I 17 2.59 -39.68 -4.05
C GLU I 17 2.61 -38.67 -2.91
N GLY I 18 1.78 -37.64 -3.02
CA GLY I 18 1.67 -36.64 -1.98
C GLY I 18 2.44 -35.37 -2.27
N THR I 19 3.18 -35.37 -3.37
CA THR I 19 3.81 -34.15 -3.84
C THR I 19 2.91 -33.50 -4.88
N GLY I 20 3.38 -32.43 -5.50
CA GLY I 20 2.60 -31.76 -6.51
C GLY I 20 3.43 -31.04 -7.56
N SER I 21 2.81 -30.73 -8.68
CA SER I 21 3.48 -30.01 -9.75
C SER I 21 2.45 -29.34 -10.66
N ALA I 22 2.92 -28.64 -11.68
CA ALA I 22 2.03 -27.90 -12.55
C ALA I 22 2.33 -28.16 -14.02
N LEU I 23 1.26 -28.19 -14.83
CA LEU I 23 1.36 -28.32 -16.27
C LEU I 23 1.10 -26.96 -16.90
N ARG I 24 1.61 -26.71 -18.09
CA ARG I 24 1.41 -25.39 -18.69
C ARG I 24 1.29 -25.45 -20.20
N CYS I 25 0.26 -24.78 -20.73
CA CYS I 25 0.09 -24.65 -22.17
C CYS I 25 0.42 -23.24 -22.61
N ASN I 26 1.25 -23.12 -23.63
CA ASN I 26 1.61 -21.83 -24.15
C ASN I 26 1.09 -21.65 -25.56
N PHE I 27 0.28 -20.60 -25.73
CA PHE I 27 -0.46 -20.35 -26.96
C PHE I 27 0.22 -19.30 -27.83
N THR I 28 0.05 -19.42 -29.15
CA THR I 28 0.68 -18.49 -30.07
C THR I 28 -0.21 -17.29 -30.34
N THR I 29 -1.40 -17.29 -29.75
CA THR I 29 -2.36 -16.20 -29.96
C THR I 29 -3.44 -16.21 -28.88
N THR I 30 -4.36 -15.28 -28.99
CA THR I 30 -5.48 -15.21 -28.05
C THR I 30 -6.40 -16.41 -28.24
N MET I 31 -6.61 -17.16 -27.17
CA MET I 31 -7.54 -18.28 -27.22
C MET I 31 -8.87 -17.86 -26.60
N ARG I 32 -9.96 -18.46 -27.07
CA ARG I 32 -11.29 -18.02 -26.68
C ARG I 32 -11.65 -18.61 -25.31
N ALA I 33 -11.09 -19.79 -25.03
CA ALA I 33 -11.28 -20.49 -23.75
C ALA I 33 -10.48 -21.79 -23.81
N VAL I 34 -10.16 -22.36 -22.64
CA VAL I 34 -9.32 -23.55 -22.59
C VAL I 34 -10.03 -24.72 -21.91
N GLN I 35 -9.67 -25.93 -22.34
CA GLN I 35 -10.22 -27.18 -21.82
C GLN I 35 -9.10 -28.17 -21.47
N TRP I 36 -9.25 -28.90 -20.35
CA TRP I 36 -8.25 -29.88 -19.94
C TRP I 36 -8.81 -31.32 -19.84
N PHE I 37 -8.05 -32.28 -20.36
CA PHE I 37 -8.44 -33.69 -20.37
C PHE I 37 -7.41 -34.58 -19.70
N ARG I 38 -7.85 -35.74 -19.20
CA ARG I 38 -6.94 -36.78 -18.73
C ARG I 38 -7.35 -38.10 -19.34
N LYS I 39 -6.39 -38.86 -19.87
CA LYS I 39 -6.66 -40.22 -20.32
C LYS I 39 -6.04 -41.23 -19.36
N ASN I 40 -6.86 -42.11 -18.79
CA ASN I 40 -6.37 -43.08 -17.81
C ASN I 40 -5.54 -44.21 -18.42
N SER I 41 -5.36 -45.26 -17.64
CA SER I 41 -4.82 -46.52 -18.12
C SER I 41 -5.96 -47.37 -18.64
N ARG I 42 -6.01 -47.54 -19.95
CA ARG I 42 -7.12 -48.24 -20.62
C ARG I 42 -8.45 -47.58 -20.30
N GLY I 43 -8.39 -46.32 -19.89
CA GLY I 43 -9.57 -45.56 -19.52
C GLY I 43 -9.92 -44.59 -20.61
N SER I 44 -11.08 -43.94 -20.49
CA SER I 44 -11.46 -42.96 -21.49
C SER I 44 -10.80 -41.63 -21.18
N LEU I 45 -10.97 -40.67 -22.09
CA LEU I 45 -10.61 -39.29 -21.84
C LEU I 45 -11.59 -38.66 -20.86
N ILE I 46 -11.09 -38.21 -19.72
CA ILE I 46 -11.96 -37.57 -18.74
C ILE I 46 -11.88 -36.04 -18.82
N ASN I 47 -13.04 -35.42 -18.95
CA ASN I 47 -13.12 -33.97 -19.03
C ASN I 47 -12.81 -33.38 -17.65
N LEU I 48 -11.79 -32.53 -17.56
CA LEU I 48 -11.32 -31.97 -16.28
C LEU I 48 -11.77 -30.54 -16.02
N PHE I 49 -11.55 -29.65 -16.99
CA PHE I 49 -11.91 -28.24 -16.84
C PHE I 49 -12.40 -27.59 -18.12
N TYR I 50 -13.31 -26.61 -17.97
CA TYR I 50 -13.52 -25.63 -19.02
C TYR I 50 -13.33 -24.24 -18.45
N LEU I 51 -12.30 -23.56 -18.91
CA LEU I 51 -11.95 -22.23 -18.46
C LEU I 51 -12.02 -21.22 -19.57
N ALA I 52 -12.65 -20.08 -19.30
CA ALA I 52 -12.60 -19.00 -20.27
C ALA I 52 -11.73 -17.86 -19.72
N SER I 53 -11.56 -17.83 -18.40
CA SER I 53 -10.72 -16.84 -17.74
C SER I 53 -10.58 -17.19 -16.26
N GLY I 54 -9.60 -16.60 -15.58
CA GLY I 54 -9.42 -16.80 -14.16
C GLY I 54 -9.08 -18.23 -13.79
N THR I 55 -9.54 -18.69 -12.63
CA THR I 55 -9.21 -20.04 -12.18
C THR I 55 -10.42 -20.85 -11.75
N LYS I 56 -10.25 -22.16 -11.81
CA LYS I 56 -11.25 -23.10 -11.31
C LYS I 56 -10.56 -24.22 -10.56
N GLU I 57 -11.15 -24.64 -9.44
CA GLU I 57 -10.54 -25.67 -8.62
C GLU I 57 -11.51 -26.83 -8.41
N ASN I 58 -11.02 -28.04 -8.67
CA ASN I 58 -11.83 -29.24 -8.51
C ASN I 58 -11.06 -30.31 -7.73
N GLY I 59 -11.29 -30.36 -6.42
CA GLY I 59 -10.58 -31.29 -5.56
C GLY I 59 -9.09 -31.00 -5.50
N ARG I 60 -8.29 -31.93 -5.99
CA ARG I 60 -6.84 -31.77 -5.93
C ARG I 60 -6.32 -31.12 -7.21
N LEU I 61 -7.21 -30.63 -8.04
CA LEU I 61 -6.82 -29.97 -9.27
C LEU I 61 -7.23 -28.51 -9.29
N LYS I 62 -6.33 -27.64 -9.71
CA LYS I 62 -6.68 -26.25 -9.93
C LYS I 62 -6.22 -25.84 -11.31
N SER I 63 -7.07 -25.15 -12.06
CA SER I 63 -6.66 -24.72 -13.38
C SER I 63 -6.79 -23.21 -13.50
N ALA I 64 -5.89 -22.61 -14.28
CA ALA I 64 -5.85 -21.17 -14.47
C ALA I 64 -5.67 -20.81 -15.93
N PHE I 65 -6.29 -19.71 -16.36
CA PHE I 65 -6.14 -19.27 -17.75
C PHE I 65 -5.98 -17.77 -17.84
N ASP I 66 -4.86 -17.31 -18.40
CA ASP I 66 -4.67 -15.89 -18.64
C ASP I 66 -4.71 -15.66 -20.14
N SER I 67 -5.85 -15.16 -20.60
CA SER I 67 -6.14 -14.96 -22.00
C SER I 67 -5.12 -14.07 -22.69
N LYS I 68 -4.75 -12.98 -22.02
CA LYS I 68 -3.81 -12.00 -22.56
C LYS I 68 -2.40 -12.56 -22.66
N GLU I 69 -1.93 -13.17 -21.57
CA GLU I 69 -0.57 -13.67 -21.44
C GLU I 69 -0.37 -15.00 -22.14
N ARG I 70 -1.41 -15.47 -22.80
CA ARG I 70 -1.34 -16.62 -23.68
C ARG I 70 -0.80 -17.86 -23.01
N TYR I 71 -1.31 -18.17 -21.84
CA TYR I 71 -0.95 -19.42 -21.19
C TYR I 71 -2.09 -19.95 -20.36
N SER I 72 -2.02 -21.25 -20.06
CA SER I 72 -2.92 -21.89 -19.13
C SER I 72 -2.19 -22.92 -18.31
N THR I 73 -2.56 -23.04 -17.04
CA THR I 73 -1.89 -23.98 -16.14
C THR I 73 -2.85 -24.92 -15.46
N LEU I 74 -2.43 -26.17 -15.33
CA LEU I 74 -3.15 -27.14 -14.55
C LEU I 74 -2.25 -27.58 -13.40
N HIS I 75 -2.76 -27.50 -12.19
CA HIS I 75 -1.96 -27.80 -11.00
C HIS I 75 -2.44 -29.07 -10.32
N ILE I 76 -1.51 -29.99 -10.05
CA ILE I 76 -1.86 -31.19 -9.30
C ILE I 76 -1.31 -31.09 -7.89
N ARG I 77 -2.16 -31.31 -6.90
CA ARG I 77 -1.72 -31.26 -5.52
C ARG I 77 -2.06 -32.56 -4.82
N ASP I 78 -1.20 -32.97 -3.89
CA ASP I 78 -1.40 -34.20 -3.12
C ASP I 78 -1.57 -35.36 -4.07
N ALA I 79 -0.62 -35.48 -5.00
CA ALA I 79 -0.70 -36.43 -6.11
C ALA I 79 -1.10 -37.82 -5.66
N GLN I 80 -2.07 -38.40 -6.34
CA GLN I 80 -2.52 -39.73 -5.99
C GLN I 80 -2.19 -40.71 -7.09
N LEU I 81 -2.37 -41.98 -6.76
CA LEU I 81 -2.04 -43.05 -7.66
C LEU I 81 -2.88 -42.98 -8.92
N GLU I 82 -4.16 -42.70 -8.73
CA GLU I 82 -5.13 -42.67 -9.83
C GLU I 82 -4.94 -41.46 -10.76
N ASP I 83 -4.09 -40.53 -10.36
CA ASP I 83 -3.85 -39.35 -11.17
C ASP I 83 -2.95 -39.67 -12.37
N SER I 84 -2.34 -40.85 -12.36
CA SER I 84 -1.46 -41.24 -13.46
C SER I 84 -2.24 -41.24 -14.76
N GLY I 85 -1.57 -40.86 -15.84
CA GLY I 85 -2.18 -40.82 -17.15
C GLY I 85 -1.59 -39.74 -18.02
N THR I 86 -2.24 -39.47 -19.16
CA THR I 86 -1.77 -38.45 -20.06
C THR I 86 -2.75 -37.29 -20.10
N TYR I 87 -2.22 -36.08 -19.92
CA TYR I 87 -3.00 -34.86 -19.79
C TYR I 87 -2.90 -34.00 -21.04
N PHE I 88 -4.04 -33.54 -21.54
CA PHE I 88 -4.09 -32.70 -22.74
C PHE I 88 -4.78 -31.39 -22.45
N CYS I 89 -4.34 -30.33 -23.12
CA CYS I 89 -5.12 -29.09 -23.14
C CYS I 89 -5.67 -28.89 -24.53
N ALA I 90 -6.81 -28.22 -24.63
CA ALA I 90 -7.41 -27.98 -25.92
C ALA I 90 -8.10 -26.63 -25.90
N ALA I 91 -7.80 -25.81 -26.90
CA ALA I 91 -8.36 -24.48 -26.97
C ALA I 91 -8.56 -24.10 -28.43
N GLU I 92 -9.55 -23.27 -28.73
CA GLU I 92 -9.68 -22.79 -30.10
C GLU I 92 -9.29 -21.33 -30.15
N ALA I 93 -8.59 -20.96 -31.22
CA ALA I 93 -8.09 -19.61 -31.37
C ALA I 93 -9.26 -18.66 -31.47
N SER I 94 -9.07 -17.47 -30.95
CA SER I 94 -10.12 -16.46 -30.96
C SER I 94 -10.32 -15.96 -32.38
N ASN I 95 -9.35 -16.20 -33.26
CA ASN I 95 -9.43 -15.74 -34.64
C ASN I 95 -9.76 -16.82 -35.67
N THR I 96 -10.10 -18.02 -35.21
CA THR I 96 -10.63 -19.07 -36.10
C THR I 96 -11.80 -19.81 -35.46
N ASN I 97 -12.28 -20.85 -36.14
CA ASN I 97 -13.37 -21.65 -35.62
C ASN I 97 -12.90 -23.04 -35.21
N LYS I 98 -11.59 -23.27 -35.26
CA LYS I 98 -11.05 -24.62 -35.11
C LYS I 98 -10.27 -24.81 -33.82
N VAL I 99 -10.63 -25.89 -33.11
CA VAL I 99 -9.98 -26.30 -31.88
C VAL I 99 -8.66 -26.99 -32.15
N VAL I 100 -7.62 -26.57 -31.44
CA VAL I 100 -6.31 -27.17 -31.59
C VAL I 100 -5.85 -27.78 -30.25
N PHE I 101 -5.09 -28.87 -30.30
CA PHE I 101 -4.77 -29.63 -29.09
C PHE I 101 -3.32 -29.49 -28.63
N GLY I 102 -3.07 -29.81 -27.37
CA GLY I 102 -1.74 -29.79 -26.79
C GLY I 102 -0.91 -31.01 -27.15
N THR I 103 0.39 -30.93 -26.90
CA THR I 103 1.29 -32.04 -27.21
C THR I 103 1.14 -33.21 -26.25
N GLY I 104 0.64 -32.94 -25.05
CA GLY I 104 0.41 -33.97 -24.07
C GLY I 104 1.46 -34.02 -22.97
N THR I 105 1.04 -34.45 -21.79
CA THR I 105 1.94 -34.65 -20.66
C THR I 105 1.71 -36.03 -20.02
N ARG I 106 2.72 -36.87 -20.04
CA ARG I 106 2.61 -38.18 -19.41
C ARG I 106 3.01 -38.05 -17.94
N LEU I 107 2.05 -38.23 -17.05
CA LEU I 107 2.32 -38.12 -15.62
C LEU I 107 2.33 -39.48 -14.98
N GLN I 108 3.45 -39.81 -14.36
CA GLN I 108 3.58 -41.05 -13.63
C GLN I 108 3.65 -40.72 -12.15
N VAL I 109 2.81 -41.37 -11.36
CA VAL I 109 2.85 -41.16 -9.92
C VAL I 109 3.47 -42.36 -9.20
N LEU I 110 4.59 -42.11 -8.54
CA LEU I 110 5.31 -43.14 -7.81
C LEU I 110 4.76 -43.27 -6.40
N PRO I 111 4.42 -44.50 -5.99
CA PRO I 111 3.82 -44.70 -4.67
C PRO I 111 4.84 -44.58 -3.55
N ASN I 112 4.39 -44.24 -2.36
CA ASN I 112 5.28 -44.20 -1.21
C ASN I 112 5.31 -45.54 -0.50
N ILE I 113 6.45 -46.22 -0.57
CA ILE I 113 6.60 -47.52 0.08
C ILE I 113 7.15 -47.36 1.50
N GLN I 114 6.25 -47.45 2.47
CA GLN I 114 6.62 -47.24 3.87
C GLN I 114 7.51 -48.36 4.41
N ASN I 115 7.13 -49.61 4.14
CA ASN I 115 7.89 -50.75 4.65
C ASN I 115 8.29 -51.72 3.54
N PRO I 116 9.42 -51.43 2.87
CA PRO I 116 9.92 -52.29 1.77
C PRO I 116 10.29 -53.69 2.25
N ASP I 117 9.83 -54.69 1.52
CA ASP I 117 10.18 -56.08 1.83
C ASP I 117 10.49 -56.85 0.54
N PRO I 118 11.54 -56.42 -0.19
CA PRO I 118 11.89 -56.98 -1.51
C PRO I 118 12.09 -58.49 -1.49
N ALA I 119 11.39 -59.19 -2.37
CA ALA I 119 11.41 -60.64 -2.40
C ALA I 119 11.06 -61.18 -3.78
N VAL I 120 11.51 -62.40 -4.08
CA VAL I 120 11.12 -63.08 -5.32
C VAL I 120 10.55 -64.46 -5.00
N TYR I 121 9.30 -64.69 -5.41
CA TYR I 121 8.62 -65.96 -5.13
C TYR I 121 8.36 -66.73 -6.42
N GLN I 122 8.09 -68.03 -6.29
CA GLN I 122 7.73 -68.87 -7.44
C GLN I 122 6.28 -69.33 -7.31
N LEU I 123 5.51 -69.22 -8.39
CA LEU I 123 4.09 -69.56 -8.37
C LEU I 123 3.73 -70.70 -9.33
N ARG I 124 2.92 -71.63 -8.84
CA ARG I 124 2.52 -72.78 -9.65
C ARG I 124 1.15 -72.60 -10.31
N ASP I 125 0.96 -73.29 -11.43
CA ASP I 125 -0.30 -73.27 -12.16
C ASP I 125 -1.42 -73.95 -11.37
N SER I 126 -2.61 -73.36 -11.38
CA SER I 126 -3.79 -73.99 -10.80
C SER I 126 -4.36 -75.07 -11.72
N ASP I 130 2.02 -78.12 -15.26
CA ASP I 130 2.98 -77.61 -14.29
C ASP I 130 3.80 -76.47 -14.89
N LYS I 131 3.14 -75.35 -15.15
CA LYS I 131 3.84 -74.14 -15.56
C LYS I 131 4.27 -73.35 -14.34
N SER I 132 5.13 -72.36 -14.51
CA SER I 132 5.61 -71.58 -13.39
C SER I 132 6.03 -70.17 -13.78
N VAL I 133 5.77 -69.23 -12.88
CA VAL I 133 6.14 -67.82 -13.07
C VAL I 133 6.86 -67.31 -11.84
N CYS I 134 7.70 -66.29 -12.02
CA CYS I 134 8.42 -65.68 -10.91
C CYS I 134 7.88 -64.30 -10.58
N LEU I 135 7.68 -64.04 -9.29
CA LEU I 135 7.09 -62.79 -8.84
C LEU I 135 8.07 -61.95 -8.02
N PHE I 136 8.59 -60.90 -8.63
CA PHE I 136 9.38 -59.91 -7.89
C PHE I 136 8.41 -58.92 -7.27
N THR I 137 8.46 -58.75 -5.95
CA THR I 137 7.45 -57.92 -5.30
C THR I 137 7.95 -57.16 -4.08
N ASP I 138 7.13 -56.21 -3.64
CA ASP I 138 7.31 -55.48 -2.37
C ASP I 138 8.56 -54.60 -2.33
N PHE I 139 9.11 -54.29 -3.51
CA PHE I 139 10.24 -53.37 -3.58
C PHE I 139 9.78 -51.91 -3.63
N ASP I 140 10.72 -51.00 -3.39
CA ASP I 140 10.41 -49.57 -3.37
C ASP I 140 10.43 -49.01 -4.79
N SER I 141 9.95 -47.78 -4.92
CA SER I 141 9.78 -47.16 -6.23
C SER I 141 11.11 -46.78 -6.88
N GLN I 142 12.19 -46.91 -6.12
CA GLN I 142 13.52 -46.59 -6.62
C GLN I 142 14.13 -47.72 -7.45
N THR I 143 13.51 -48.89 -7.40
CA THR I 143 13.98 -50.04 -8.17
C THR I 143 13.43 -50.03 -9.59
N ASN I 144 14.33 -50.19 -10.57
CA ASN I 144 13.95 -50.21 -11.98
C ASN I 144 13.99 -51.62 -12.55
N VAL I 145 12.91 -52.03 -13.21
CA VAL I 145 12.86 -53.36 -13.81
C VAL I 145 13.37 -53.33 -15.26
N SER I 146 14.42 -54.11 -15.53
CA SER I 146 15.05 -54.12 -16.84
C SER I 146 14.68 -55.37 -17.63
N GLN I 147 14.56 -55.22 -18.95
CA GLN I 147 14.11 -56.32 -19.81
C GLN I 147 15.09 -57.49 -19.86
N SER I 148 14.53 -58.69 -19.85
CA SER I 148 15.32 -59.91 -19.97
C SER I 148 15.91 -60.03 -21.37
N LYS I 149 17.16 -60.47 -21.47
CA LYS I 149 17.83 -60.52 -22.76
C LYS I 149 17.42 -61.73 -23.61
N ASP I 150 17.95 -62.91 -23.31
CA ASP I 150 17.71 -64.10 -24.14
C ASP I 150 16.22 -64.39 -24.39
N SER I 151 15.90 -64.69 -25.65
CA SER I 151 14.53 -64.69 -26.16
C SER I 151 13.56 -65.74 -25.60
N ASP I 152 14.00 -66.52 -24.62
CA ASP I 152 13.14 -67.56 -24.07
C ASP I 152 12.52 -67.15 -22.73
N VAL I 153 12.96 -66.01 -22.22
CA VAL I 153 12.41 -65.45 -20.99
C VAL I 153 11.76 -64.09 -21.21
N TYR I 154 10.63 -63.87 -20.55
CA TYR I 154 9.89 -62.61 -20.66
C TYR I 154 9.79 -61.90 -19.32
N ILE I 155 9.92 -60.58 -19.32
CA ILE I 155 9.77 -59.80 -18.10
C ILE I 155 8.88 -58.57 -18.34
N THR I 156 7.90 -58.37 -17.47
CA THR I 156 7.00 -57.22 -17.54
C THR I 156 7.50 -56.03 -16.71
N ASP I 157 7.05 -54.83 -17.02
CA ASP I 157 7.37 -53.66 -16.21
C ASP I 157 6.71 -53.73 -14.83
N LYS I 158 7.21 -52.92 -13.90
CA LYS I 158 6.69 -52.91 -12.55
C LYS I 158 5.28 -52.37 -12.58
N CYS I 159 4.50 -52.73 -11.57
CA CYS I 159 3.09 -52.35 -11.55
C CYS I 159 2.65 -52.09 -10.11
N VAL I 160 1.75 -51.14 -9.93
CA VAL I 160 1.29 -50.79 -8.59
C VAL I 160 -0.14 -51.22 -8.31
N LEU I 161 -0.32 -51.97 -7.23
CA LEU I 161 -1.64 -52.37 -6.79
C LEU I 161 -1.96 -51.71 -5.47
N ASP I 162 -3.23 -51.46 -5.22
CA ASP I 162 -3.67 -50.76 -4.03
C ASP I 162 -4.72 -51.57 -3.29
N MET I 163 -4.34 -52.21 -2.20
CA MET I 163 -5.31 -52.90 -1.36
C MET I 163 -5.97 -51.88 -0.45
N ARG I 164 -7.02 -51.26 -0.96
CA ARG I 164 -7.70 -50.14 -0.30
C ARG I 164 -8.17 -50.50 1.11
N SER I 165 -8.67 -51.73 1.27
CA SER I 165 -9.16 -52.20 2.55
C SER I 165 -8.14 -52.08 3.68
N MET I 166 -6.88 -52.42 3.37
CA MET I 166 -5.84 -52.39 4.39
C MET I 166 -4.87 -51.23 4.19
N ASP I 167 -5.19 -50.34 3.26
CA ASP I 167 -4.37 -49.16 2.98
C ASP I 167 -2.92 -49.56 2.73
N PHE I 168 -2.72 -50.48 1.80
CA PHE I 168 -1.39 -50.99 1.50
C PHE I 168 -1.12 -51.04 0.01
N LYS I 169 0.02 -50.49 -0.41
CA LYS I 169 0.42 -50.50 -1.80
C LYS I 169 1.72 -51.27 -1.98
N SER I 170 1.86 -51.90 -3.13
CA SER I 170 3.06 -52.67 -3.42
C SER I 170 3.40 -52.71 -4.90
N ASN I 171 4.68 -52.57 -5.20
CA ASN I 171 5.17 -52.77 -6.56
C ASN I 171 5.43 -54.25 -6.83
N SER I 172 5.29 -54.66 -8.09
CA SER I 172 5.47 -56.05 -8.45
C SER I 172 5.69 -56.23 -9.96
N ALA I 173 6.52 -57.21 -10.31
CA ALA I 173 6.82 -57.50 -11.71
C ALA I 173 6.90 -59.01 -11.92
N VAL I 174 6.47 -59.44 -13.09
CA VAL I 174 6.36 -60.87 -13.38
C VAL I 174 7.34 -61.29 -14.47
N ALA I 175 7.94 -62.46 -14.28
CA ALA I 175 8.82 -63.06 -15.26
C ALA I 175 8.45 -64.52 -15.45
N TRP I 176 8.51 -65.01 -16.68
CA TRP I 176 8.20 -66.43 -16.93
C TRP I 176 8.99 -66.97 -18.12
N SER I 177 9.05 -68.29 -18.25
CA SER I 177 9.74 -68.94 -19.35
C SER I 177 9.30 -70.39 -19.50
N ASN I 178 9.78 -71.02 -20.57
CA ASN I 178 9.52 -72.45 -20.81
C ASN I 178 10.77 -73.28 -20.59
N LYS I 179 11.93 -72.67 -20.82
CA LYS I 179 13.24 -73.31 -20.62
C LYS I 179 13.41 -73.87 -19.20
N SER I 180 13.95 -75.08 -19.11
CA SER I 180 14.12 -75.75 -17.82
C SER I 180 15.31 -75.23 -17.03
N ASP I 181 16.21 -74.49 -17.70
CA ASP I 181 17.38 -73.89 -17.06
C ASP I 181 16.99 -72.58 -16.38
N PHE I 182 15.70 -72.27 -16.41
CA PHE I 182 15.18 -71.02 -15.88
C PHE I 182 14.70 -71.21 -14.44
N ALA I 183 15.28 -70.45 -13.53
CA ALA I 183 14.89 -70.49 -12.12
C ALA I 183 14.68 -69.08 -11.58
N CYS I 184 13.88 -68.97 -10.53
CA CYS I 184 13.57 -67.67 -9.94
C CYS I 184 14.79 -66.95 -9.41
N ALA I 185 15.81 -67.70 -9.03
CA ALA I 185 17.03 -67.10 -8.52
C ALA I 185 17.74 -66.26 -9.58
N ASN I 186 17.62 -66.68 -10.84
CA ASN I 186 18.33 -66.01 -11.93
C ASN I 186 17.43 -65.30 -12.94
N ALA I 187 16.15 -65.17 -12.59
CA ALA I 187 15.20 -64.51 -13.48
C ALA I 187 15.48 -63.02 -13.61
N PHE I 188 15.57 -62.33 -12.47
CA PHE I 188 15.75 -60.89 -12.45
C PHE I 188 17.21 -60.50 -12.20
N ASN I 189 18.14 -61.30 -12.74
CA ASN I 189 19.55 -60.96 -12.67
C ASN I 189 19.87 -59.80 -13.60
N ASN I 190 19.01 -59.61 -14.59
CA ASN I 190 19.15 -58.54 -15.58
C ASN I 190 18.98 -57.15 -14.97
N SER I 191 18.30 -57.10 -13.83
CA SER I 191 18.00 -55.85 -13.14
C SER I 191 18.83 -55.67 -11.88
N ILE I 192 19.00 -54.43 -11.44
CA ILE I 192 19.63 -54.17 -10.15
C ILE I 192 18.57 -54.25 -9.04
N ILE I 193 18.48 -55.41 -8.42
CA ILE I 193 17.50 -55.63 -7.35
C ILE I 193 18.14 -55.31 -6.00
N PRO I 194 17.33 -54.96 -4.99
CA PRO I 194 17.84 -54.70 -3.64
C PRO I 194 18.70 -55.84 -3.09
N GLU I 195 19.75 -55.50 -2.36
CA GLU I 195 20.68 -56.51 -1.84
C GLU I 195 20.02 -57.48 -0.87
N ASP I 196 19.09 -57.00 -0.05
CA ASP I 196 18.43 -57.84 0.95
C ASP I 196 17.16 -58.48 0.40
N THR I 197 17.22 -58.85 -0.87
CA THR I 197 16.10 -59.53 -1.52
C THR I 197 15.92 -60.92 -0.94
N PHE I 198 14.74 -61.20 -0.41
CA PHE I 198 14.44 -62.47 0.23
C PHE I 198 14.20 -63.57 -0.83
N PHE I 199 15.02 -64.60 -0.78
CA PHE I 199 14.89 -65.72 -1.72
C PHE I 199 14.55 -67.01 -1.00
N PRO I 200 13.25 -67.33 -0.94
CA PRO I 200 12.73 -68.53 -0.25
C PRO I 200 13.24 -69.85 -0.80
N SER I 201 12.84 -70.94 -0.14
CA SER I 201 13.18 -72.30 -0.57
C SER I 201 14.68 -72.54 -0.56
N SER J 22 -27.92 -41.34 -24.09
CA SER J 22 -27.75 -41.28 -22.65
C SER J 22 -26.93 -40.06 -22.25
N GLY J 23 -26.40 -40.06 -21.02
CA GLY J 23 -25.64 -38.93 -20.52
C GLY J 23 -25.50 -38.90 -19.00
N GLY J 24 -24.53 -38.13 -18.48
CA GLY J 24 -23.62 -37.34 -19.30
C GLY J 24 -22.37 -38.10 -19.70
N LYS J 25 -22.45 -38.78 -20.84
CA LYS J 25 -21.43 -39.72 -21.29
C LYS J 25 -21.55 -39.93 -22.80
N VAL J 26 -20.43 -40.16 -23.46
CA VAL J 26 -20.49 -40.52 -24.88
C VAL J 26 -20.02 -41.95 -25.08
N ILE J 27 -20.89 -42.75 -25.70
CA ILE J 27 -20.70 -44.19 -25.82
C ILE J 27 -20.23 -44.57 -27.22
N GLN J 28 -18.98 -45.00 -27.30
CA GLN J 28 -18.40 -45.43 -28.56
C GLN J 28 -18.31 -46.93 -28.64
N THR J 29 -18.73 -47.49 -29.77
CA THR J 29 -18.66 -48.93 -29.99
C THR J 29 -18.09 -49.22 -31.37
N PRO J 30 -17.27 -50.27 -31.50
CA PRO J 30 -16.78 -51.15 -30.43
C PRO J 30 -15.50 -50.61 -29.81
N ARG J 31 -15.15 -51.13 -28.63
CA ARG J 31 -13.96 -50.68 -27.92
C ARG J 31 -12.69 -50.94 -28.73
N TYR J 32 -12.58 -52.13 -29.29
CA TYR J 32 -11.48 -52.45 -30.19
C TYR J 32 -12.06 -52.88 -31.52
N LEU J 33 -11.25 -52.83 -32.58
CA LEU J 33 -11.70 -53.28 -33.88
C LEU J 33 -10.55 -53.69 -34.79
N VAL J 34 -10.65 -54.90 -35.35
CA VAL J 34 -9.66 -55.39 -36.28
C VAL J 34 -10.26 -55.79 -37.64
N LYS J 35 -9.70 -55.23 -38.71
CA LYS J 35 -10.18 -55.47 -40.07
C LYS J 35 -9.04 -55.72 -41.04
N GLY J 36 -9.31 -56.49 -42.08
CA GLY J 36 -8.33 -56.79 -43.11
C GLY J 36 -8.29 -55.72 -44.18
N GLN J 37 -7.13 -55.54 -44.80
CA GLN J 37 -6.98 -54.52 -45.83
C GLN J 37 -8.01 -54.70 -46.92
N GLY J 38 -8.83 -53.67 -47.12
CA GLY J 38 -9.88 -53.72 -48.13
C GLY J 38 -11.27 -53.97 -47.56
N GLN J 39 -11.34 -54.44 -46.32
CA GLN J 39 -12.62 -54.66 -45.68
C GLN J 39 -13.21 -53.33 -45.19
N LYS J 40 -14.52 -53.30 -44.96
CA LYS J 40 -15.14 -52.11 -44.38
C LYS J 40 -15.02 -52.11 -42.86
N ALA J 41 -14.83 -50.95 -42.27
CA ALA J 41 -14.77 -50.82 -40.82
C ALA J 41 -15.72 -49.74 -40.32
N LYS J 42 -16.85 -50.15 -39.77
CA LYS J 42 -17.86 -49.21 -39.25
C LYS J 42 -17.81 -49.11 -37.73
N MET J 43 -17.84 -47.89 -37.23
CA MET J 43 -17.87 -47.64 -35.80
C MET J 43 -18.97 -46.65 -35.44
N ARG J 44 -19.50 -46.79 -34.24
CA ARG J 44 -20.69 -46.04 -33.84
C ARG J 44 -20.39 -45.14 -32.66
N CYS J 45 -21.21 -44.11 -32.49
CA CYS J 45 -21.06 -43.17 -31.40
C CYS J 45 -22.41 -42.60 -30.99
N ILE J 46 -22.70 -42.66 -29.70
CA ILE J 46 -23.91 -42.06 -29.17
C ILE J 46 -23.55 -40.82 -28.36
N PRO J 47 -23.79 -39.65 -28.95
CA PRO J 47 -23.52 -38.38 -28.27
C PRO J 47 -24.34 -38.22 -27.01
N GLU J 48 -23.90 -37.33 -26.14
CA GLU J 48 -24.57 -37.05 -24.89
C GLU J 48 -26.01 -36.63 -25.18
N LYS J 49 -26.93 -36.93 -24.27
CA LYS J 49 -28.34 -36.64 -24.51
C LYS J 49 -28.53 -35.15 -24.71
N GLY J 50 -29.15 -34.77 -25.83
CA GLY J 50 -29.45 -33.37 -26.06
C GLY J 50 -28.32 -32.63 -26.73
N HIS J 51 -27.30 -33.38 -27.12
CA HIS J 51 -26.12 -32.80 -27.75
C HIS J 51 -26.24 -32.85 -29.27
N PRO J 52 -26.46 -31.69 -29.88
CA PRO J 52 -26.60 -31.66 -31.34
C PRO J 52 -25.28 -31.71 -32.09
N VAL J 53 -24.20 -31.27 -31.46
CA VAL J 53 -22.91 -31.16 -32.14
C VAL J 53 -22.08 -32.42 -31.95
N VAL J 54 -21.56 -32.98 -33.05
CA VAL J 54 -20.73 -34.18 -32.97
C VAL J 54 -19.47 -34.09 -33.82
N PHE J 55 -18.34 -34.46 -33.23
CA PHE J 55 -17.04 -34.45 -33.90
C PHE J 55 -16.42 -35.83 -34.02
N TRP J 56 -15.72 -36.06 -35.12
CA TRP J 56 -14.92 -37.26 -35.26
C TRP J 56 -13.46 -36.89 -35.41
N TYR J 57 -12.65 -37.35 -34.47
CA TYR J 57 -11.21 -37.11 -34.52
C TYR J 57 -10.50 -38.44 -34.67
N GLN J 58 -9.37 -38.40 -35.38
CA GLN J 58 -8.54 -39.57 -35.53
C GLN J 58 -7.22 -39.33 -34.81
N GLN J 59 -6.98 -40.04 -33.71
CA GLN J 59 -5.76 -39.83 -32.94
C GLN J 59 -4.72 -40.90 -33.29
N ASN J 60 -3.50 -40.46 -33.59
CA ASN J 60 -2.41 -41.37 -33.93
C ASN J 60 -1.51 -41.74 -32.74
N LYS J 61 -0.38 -42.38 -33.03
CA LYS J 61 0.54 -42.84 -32.00
C LYS J 61 1.31 -41.69 -31.32
N ASN J 62 1.36 -40.53 -31.96
CA ASN J 62 2.11 -39.38 -31.45
C ASN J 62 1.25 -38.42 -30.65
N ASN J 63 0.07 -38.89 -30.25
CA ASN J 63 -0.91 -38.08 -29.54
C ASN J 63 -1.30 -36.84 -30.33
N GLU J 64 -1.36 -36.97 -31.65
CA GLU J 64 -1.84 -35.90 -32.51
C GLU J 64 -3.31 -36.14 -32.83
N PHE J 65 -4.10 -35.07 -32.78
CA PHE J 65 -5.54 -35.18 -33.03
C PHE J 65 -5.91 -34.65 -34.41
N LYS J 66 -6.34 -35.55 -35.29
CA LYS J 66 -6.70 -35.16 -36.65
C LYS J 66 -8.20 -34.98 -36.82
N PHE J 67 -8.63 -33.79 -37.20
CA PHE J 67 -10.04 -33.56 -37.45
C PHE J 67 -10.51 -34.28 -38.70
N LEU J 68 -11.62 -35.01 -38.59
CA LEU J 68 -12.18 -35.68 -39.75
C LEU J 68 -13.44 -34.97 -40.23
N ILE J 69 -14.47 -34.93 -39.38
CA ILE J 69 -15.75 -34.37 -39.77
C ILE J 69 -16.53 -33.96 -38.52
N ASN J 70 -17.34 -32.91 -38.62
CA ASN J 70 -18.25 -32.58 -37.53
C ASN J 70 -19.68 -32.41 -38.04
N PHE J 71 -20.63 -32.69 -37.17
CA PHE J 71 -22.04 -32.56 -37.51
C PHE J 71 -22.76 -31.56 -36.62
N GLN J 72 -23.78 -30.92 -37.17
CA GLN J 72 -24.86 -30.35 -36.36
C GLN J 72 -26.13 -31.12 -36.71
N ASN J 73 -26.60 -31.91 -35.76
CA ASN J 73 -27.70 -32.85 -35.99
C ASN J 73 -27.38 -33.77 -37.16
N GLN J 74 -28.20 -33.73 -38.20
CA GLN J 74 -27.98 -34.56 -39.38
C GLN J 74 -27.08 -33.86 -40.38
N GLU J 75 -26.93 -32.55 -40.24
CA GLU J 75 -26.19 -31.73 -41.20
C GLU J 75 -24.67 -31.75 -41.00
N VAL J 76 -23.93 -31.94 -42.10
CA VAL J 76 -22.48 -31.87 -42.05
C VAL J 76 -21.97 -30.45 -42.14
N LEU J 77 -21.33 -29.98 -41.08
CA LEU J 77 -20.85 -28.63 -41.02
C LEU J 77 -19.50 -28.51 -41.70
N GLN J 78 -18.62 -29.46 -41.45
CA GLN J 78 -17.28 -29.40 -42.01
C GLN J 78 -16.61 -30.77 -42.06
N GLN J 79 -15.81 -30.99 -43.09
CA GLN J 79 -15.04 -32.20 -43.21
C GLN J 79 -13.88 -32.00 -44.18
N ILE J 80 -12.93 -32.93 -44.17
CA ILE J 80 -11.75 -32.83 -45.01
C ILE J 80 -11.90 -33.66 -46.28
N ASP J 81 -10.93 -33.56 -47.18
CA ASP J 81 -10.98 -34.25 -48.47
C ASP J 81 -11.03 -35.77 -48.30
N MET J 82 -10.31 -36.28 -47.30
CA MET J 82 -10.22 -37.73 -47.07
C MET J 82 -11.55 -38.34 -46.63
N THR J 83 -12.24 -37.68 -45.70
CA THR J 83 -13.51 -38.17 -45.19
C THR J 83 -14.57 -38.12 -46.29
N GLU J 84 -14.38 -37.22 -47.24
CA GLU J 84 -15.30 -37.12 -48.37
C GLU J 84 -15.12 -38.28 -49.33
N LYS J 85 -13.87 -38.63 -49.60
CA LYS J 85 -13.56 -39.66 -50.59
C LYS J 85 -13.52 -41.06 -49.99
N ARG J 86 -13.01 -41.19 -48.77
CA ARG J 86 -12.76 -42.51 -48.19
C ARG J 86 -13.73 -42.95 -47.08
N PHE J 87 -14.40 -41.99 -46.46
CA PHE J 87 -15.31 -42.28 -45.35
C PHE J 87 -16.77 -41.93 -45.67
N SER J 88 -17.69 -42.54 -44.94
CA SER J 88 -19.09 -42.13 -45.00
C SER J 88 -19.63 -42.02 -43.58
N ALA J 89 -20.13 -40.83 -43.22
CA ALA J 89 -20.60 -40.61 -41.86
C ALA J 89 -22.00 -40.01 -41.90
N GLU J 90 -22.83 -40.43 -40.96
CA GLU J 90 -24.18 -39.88 -40.84
C GLU J 90 -24.61 -39.85 -39.38
N CYS J 91 -25.44 -38.88 -39.03
CA CYS J 91 -25.99 -38.83 -37.67
C CYS J 91 -27.50 -38.82 -37.76
N PRO J 92 -28.09 -40.00 -38.02
CA PRO J 92 -29.53 -40.15 -38.22
C PRO J 92 -30.30 -39.73 -36.99
N SER J 93 -31.50 -39.23 -37.17
CA SER J 93 -32.30 -38.77 -36.04
C SER J 93 -32.69 -39.94 -35.15
N ASN J 94 -32.52 -39.75 -33.84
CA ASN J 94 -32.78 -40.79 -32.85
C ASN J 94 -32.10 -42.11 -33.18
N SER J 95 -30.91 -42.00 -33.75
CA SER J 95 -30.13 -43.17 -34.10
C SER J 95 -28.65 -42.90 -33.85
N PRO J 96 -27.88 -43.95 -33.56
CA PRO J 96 -26.44 -43.81 -33.29
C PRO J 96 -25.66 -43.21 -34.47
N CYS J 97 -24.78 -42.25 -34.18
CA CYS J 97 -23.91 -41.69 -35.20
C CYS J 97 -22.96 -42.78 -35.67
N SER J 98 -22.58 -42.75 -36.95
CA SER J 98 -21.71 -43.79 -37.48
C SER J 98 -20.64 -43.22 -38.40
N LEU J 99 -19.48 -43.87 -38.40
CA LEU J 99 -18.39 -43.53 -39.28
C LEU J 99 -17.89 -44.82 -39.91
N GLU J 100 -17.88 -44.88 -41.23
CA GLU J 100 -17.54 -46.12 -41.93
C GLU J 100 -16.45 -45.90 -42.96
N ILE J 101 -15.42 -46.72 -42.91
CA ILE J 101 -14.37 -46.68 -43.91
C ILE J 101 -14.71 -47.65 -45.03
N GLN J 102 -14.67 -47.17 -46.28
CA GLN J 102 -15.06 -48.00 -47.42
C GLN J 102 -14.05 -49.11 -47.73
N SER J 103 -12.77 -48.76 -47.86
CA SER J 103 -11.75 -49.79 -48.00
C SER J 103 -10.58 -49.47 -47.07
N SER J 104 -10.49 -50.21 -45.98
CA SER J 104 -9.46 -49.98 -44.99
C SER J 104 -8.08 -50.29 -45.53
N GLU J 105 -7.10 -49.51 -45.11
CA GLU J 105 -5.71 -49.78 -45.42
C GLU J 105 -4.91 -49.59 -44.14
N ALA J 106 -3.65 -50.01 -44.16
CA ALA J 106 -2.83 -50.01 -42.95
C ALA J 106 -2.73 -48.63 -42.31
N GLY J 107 -2.70 -47.58 -43.12
CA GLY J 107 -2.55 -46.23 -42.63
C GLY J 107 -3.73 -45.73 -41.82
N ASP J 108 -4.85 -46.44 -41.88
CA ASP J 108 -6.05 -46.04 -41.18
C ASP J 108 -6.08 -46.61 -39.78
N SER J 109 -5.03 -47.34 -39.43
CA SER J 109 -4.91 -47.89 -38.09
C SER J 109 -4.63 -46.76 -37.11
N ALA J 110 -5.63 -46.47 -36.27
CA ALA J 110 -5.53 -45.39 -35.29
C ALA J 110 -6.68 -45.46 -34.30
N LEU J 111 -6.67 -44.55 -33.34
CA LEU J 111 -7.76 -44.41 -32.39
C LEU J 111 -8.72 -43.34 -32.85
N TYR J 112 -9.98 -43.74 -33.04
CA TYR J 112 -10.99 -42.82 -33.51
C TYR J 112 -11.81 -42.33 -32.34
N LEU J 113 -11.80 -41.01 -32.15
CA LEU J 113 -12.50 -40.39 -31.02
C LEU J 113 -13.75 -39.65 -31.48
N CYS J 114 -14.83 -39.81 -30.72
CA CYS J 114 -16.05 -39.06 -30.94
C CYS J 114 -16.34 -38.12 -29.78
N ALA J 115 -16.61 -36.85 -30.09
CA ALA J 115 -16.89 -35.87 -29.06
C ALA J 115 -18.16 -35.11 -29.36
N SER J 116 -18.99 -34.92 -28.35
CA SER J 116 -20.22 -34.18 -28.54
C SER J 116 -20.20 -32.85 -27.79
N SER J 117 -20.84 -31.84 -28.37
CA SER J 117 -21.01 -30.56 -27.71
C SER J 117 -22.48 -30.18 -27.74
N LEU J 118 -22.83 -29.06 -27.11
CA LEU J 118 -24.21 -28.60 -27.09
C LEU J 118 -24.35 -27.37 -27.97
N ASN J 119 -23.39 -26.46 -27.83
CA ASN J 119 -23.46 -25.17 -28.49
C ASN J 119 -22.33 -25.09 -29.50
N ASN J 120 -22.68 -24.93 -30.76
CA ASN J 120 -21.67 -24.97 -31.83
C ASN J 120 -20.58 -23.93 -31.64
N ALA J 121 -20.90 -22.82 -30.98
CA ALA J 121 -19.92 -21.78 -30.75
C ALA J 121 -19.24 -21.93 -29.40
N ASN J 122 -18.66 -23.10 -29.16
CA ASN J 122 -18.12 -23.39 -27.83
C ASN J 122 -17.02 -24.46 -27.92
N SER J 123 -16.35 -24.70 -26.81
CA SER J 123 -15.47 -25.83 -26.75
C SER J 123 -16.28 -26.84 -25.96
N ASP J 124 -15.86 -27.10 -24.73
CA ASP J 124 -16.55 -28.02 -23.84
C ASP J 124 -16.95 -29.33 -24.54
N TYR J 125 -16.01 -29.89 -25.30
CA TYR J 125 -16.20 -31.23 -25.83
C TYR J 125 -16.34 -32.21 -24.69
N THR J 126 -17.06 -33.29 -24.94
CA THR J 126 -17.04 -34.43 -24.02
C THR J 126 -16.76 -35.68 -24.85
N PHE J 127 -15.62 -36.31 -24.62
CA PHE J 127 -15.17 -37.41 -25.46
C PHE J 127 -15.74 -38.77 -25.09
N GLY J 128 -15.78 -39.67 -26.08
CA GLY J 128 -16.12 -41.06 -25.86
C GLY J 128 -14.88 -41.89 -25.54
N SER J 129 -15.09 -43.19 -25.37
CA SER J 129 -13.99 -44.10 -25.05
C SER J 129 -13.03 -44.23 -26.22
N GLY J 130 -13.56 -44.02 -27.43
CA GLY J 130 -12.79 -44.15 -28.64
C GLY J 130 -12.81 -45.56 -29.16
N THR J 131 -12.68 -45.72 -30.46
CA THR J 131 -12.61 -47.03 -31.09
C THR J 131 -11.19 -47.24 -31.58
N ARG J 132 -10.52 -48.27 -31.07
CA ARG J 132 -9.17 -48.58 -31.50
C ARG J 132 -9.20 -49.51 -32.71
N LEU J 133 -8.75 -48.99 -33.85
CA LEU J 133 -8.80 -49.74 -35.10
C LEU J 133 -7.42 -50.17 -35.59
N LEU J 134 -7.31 -51.45 -35.91
CA LEU J 134 -6.10 -51.99 -36.52
C LEU J 134 -6.42 -52.63 -37.87
N VAL J 135 -5.67 -52.23 -38.89
CA VAL J 135 -5.80 -52.82 -40.21
C VAL J 135 -4.56 -53.63 -40.56
N ILE J 136 -4.77 -54.89 -40.94
CA ILE J 136 -3.66 -55.78 -41.32
C ILE J 136 -3.90 -56.42 -42.67
N GLU J 137 -2.85 -56.95 -43.29
CA GLU J 137 -2.96 -57.61 -44.59
C GLU J 137 -3.77 -58.89 -44.48
N ASP J 138 -3.39 -59.72 -43.51
CA ASP J 138 -3.93 -61.07 -43.37
C ASP J 138 -4.67 -61.27 -42.06
N LEU J 139 -5.88 -61.84 -42.13
CA LEU J 139 -6.65 -62.16 -40.93
C LEU J 139 -6.26 -63.50 -40.35
N LYS J 140 -5.34 -64.19 -41.01
CA LYS J 140 -4.88 -65.50 -40.57
C LYS J 140 -3.89 -65.34 -39.43
N ASN J 141 -3.55 -64.10 -39.11
CA ASN J 141 -2.61 -63.82 -38.03
C ASN J 141 -3.31 -63.63 -36.69
N VAL J 142 -4.64 -63.69 -36.70
CA VAL J 142 -5.42 -63.45 -35.49
C VAL J 142 -5.53 -64.69 -34.60
N PHE J 143 -5.11 -64.55 -33.35
CA PHE J 143 -5.14 -65.65 -32.40
C PHE J 143 -5.74 -65.18 -31.08
N PRO J 144 -6.63 -65.98 -30.49
CA PRO J 144 -7.15 -65.73 -29.14
C PRO J 144 -6.09 -66.03 -28.08
N PRO J 145 -6.26 -65.52 -26.86
CA PRO J 145 -5.26 -65.68 -25.80
C PRO J 145 -5.40 -66.96 -24.98
N GLU J 146 -4.27 -67.55 -24.61
CA GLU J 146 -4.27 -68.66 -23.66
C GLU J 146 -4.12 -68.08 -22.25
N VAL J 147 -5.08 -68.39 -21.38
CA VAL J 147 -5.15 -67.77 -20.06
C VAL J 147 -4.85 -68.77 -18.94
N ALA J 148 -3.95 -68.40 -18.04
CA ALA J 148 -3.57 -69.29 -16.95
C ALA J 148 -3.44 -68.55 -15.62
N VAL J 149 -4.00 -69.11 -14.55
CA VAL J 149 -3.89 -68.49 -13.22
C VAL J 149 -2.88 -69.25 -12.37
N PHE J 150 -2.00 -68.49 -11.71
CA PHE J 150 -0.95 -69.08 -10.89
C PHE J 150 -1.18 -68.81 -9.39
N GLU J 151 -1.14 -69.89 -8.61
CA GLU J 151 -1.52 -69.87 -7.19
C GLU J 151 -0.43 -69.28 -6.30
N PRO J 152 -0.86 -68.59 -5.23
CA PRO J 152 0.05 -67.93 -4.28
C PRO J 152 1.12 -68.86 -3.73
N SER J 153 2.35 -68.37 -3.66
CA SER J 153 3.44 -69.13 -3.06
C SER J 153 3.25 -69.19 -1.55
N GLU J 154 3.55 -70.33 -0.95
CA GLU J 154 3.45 -70.48 0.51
C GLU J 154 4.50 -69.62 1.22
N ALA J 155 5.60 -69.35 0.51
CA ALA J 155 6.65 -68.49 1.02
C ALA J 155 6.18 -67.06 1.26
N GLU J 156 5.45 -66.52 0.28
CA GLU J 156 4.91 -65.15 0.36
C GLU J 156 3.96 -65.02 1.55
N ILE J 157 3.18 -66.07 1.78
CA ILE J 157 2.18 -66.09 2.83
C ILE J 157 2.80 -66.07 4.22
N SER J 158 3.85 -66.86 4.41
CA SER J 158 4.53 -66.91 5.71
C SER J 158 5.29 -65.63 6.00
N HIS J 159 5.93 -65.09 4.97
CA HIS J 159 6.79 -63.93 5.13
C HIS J 159 5.97 -62.64 5.30
N THR J 160 4.87 -62.54 4.56
CA THR J 160 4.16 -61.26 4.44
C THR J 160 2.69 -61.29 4.89
N GLN J 161 2.16 -62.48 5.14
CA GLN J 161 0.74 -62.65 5.46
C GLN J 161 -0.15 -62.13 4.33
N LYS J 162 0.34 -62.21 3.10
CA LYS J 162 -0.43 -61.81 1.92
C LYS J 162 -0.32 -62.87 0.83
N ALA J 163 -1.31 -62.91 -0.06
CA ALA J 163 -1.35 -63.91 -1.12
C ALA J 163 -1.59 -63.27 -2.49
N THR J 164 -0.63 -63.42 -3.39
CA THR J 164 -0.72 -62.82 -4.72
C THR J 164 -1.05 -63.84 -5.81
N LEU J 165 -2.19 -63.66 -6.47
CA LEU J 165 -2.53 -64.48 -7.63
C LEU J 165 -2.05 -63.81 -8.90
N VAL J 166 -1.53 -64.59 -9.84
CA VAL J 166 -1.08 -64.04 -11.11
C VAL J 166 -1.80 -64.69 -12.27
N CYS J 167 -2.32 -63.86 -13.17
CA CYS J 167 -2.94 -64.35 -14.38
C CYS J 167 -2.06 -64.03 -15.60
N LEU J 168 -1.88 -65.00 -16.48
CA LEU J 168 -1.09 -64.82 -17.68
C LEU J 168 -1.90 -65.12 -18.93
N ALA J 169 -2.08 -64.10 -19.76
CA ALA J 169 -2.71 -64.28 -21.06
C ALA J 169 -1.60 -64.22 -22.09
N THR J 170 -1.48 -65.26 -22.92
CA THR J 170 -0.36 -65.32 -23.85
C THR J 170 -0.73 -65.72 -25.28
N GLY J 171 0.09 -65.23 -26.22
CA GLY J 171 0.03 -65.68 -27.60
C GLY J 171 -1.16 -65.20 -28.41
N PHE J 172 -1.66 -64.02 -28.11
CA PHE J 172 -2.82 -63.49 -28.82
C PHE J 172 -2.44 -62.36 -29.78
N TYR J 173 -3.30 -62.12 -30.76
CA TYR J 173 -3.10 -61.04 -31.71
C TYR J 173 -4.43 -60.67 -32.33
N PRO J 174 -4.72 -59.36 -32.43
CA PRO J 174 -3.86 -58.28 -31.93
C PRO J 174 -3.99 -58.07 -30.42
N ASP J 175 -3.31 -57.06 -29.89
CA ASP J 175 -3.32 -56.80 -28.45
C ASP J 175 -4.60 -56.11 -28.01
N HIS J 176 -5.74 -56.68 -28.42
CA HIS J 176 -7.05 -56.09 -28.13
C HIS J 176 -7.76 -56.93 -27.08
N VAL J 177 -7.37 -56.76 -25.83
CA VAL J 177 -7.98 -57.53 -24.76
C VAL J 177 -8.34 -56.67 -23.56
N GLU J 178 -9.27 -57.15 -22.75
CA GLU J 178 -9.61 -56.50 -21.50
C GLU J 178 -9.67 -57.52 -20.38
N LEU J 179 -8.75 -57.39 -19.43
CA LEU J 179 -8.59 -58.36 -18.35
C LEU J 179 -9.35 -57.91 -17.11
N SER J 180 -9.95 -58.88 -16.42
CA SER J 180 -10.71 -58.62 -15.21
C SER J 180 -10.60 -59.77 -14.20
N TRP J 181 -10.63 -59.43 -12.92
CA TRP J 181 -10.61 -60.46 -11.87
C TRP J 181 -11.99 -60.62 -11.25
N TRP J 182 -12.45 -61.86 -11.14
CA TRP J 182 -13.77 -62.12 -10.58
C TRP J 182 -13.69 -63.03 -9.36
N VAL J 183 -13.92 -62.46 -8.18
CA VAL J 183 -13.95 -63.23 -6.94
C VAL J 183 -15.38 -63.47 -6.50
N ASN J 184 -15.80 -64.73 -6.52
CA ASN J 184 -17.16 -65.12 -6.17
C ASN J 184 -18.23 -64.40 -6.98
N GLY J 185 -18.03 -64.37 -8.29
CA GLY J 185 -19.04 -63.85 -9.21
C GLY J 185 -19.17 -62.34 -9.29
N LYS J 186 -18.28 -61.63 -8.61
CA LYS J 186 -18.28 -60.16 -8.67
C LYS J 186 -16.91 -59.65 -9.10
N GLU J 187 -16.89 -58.74 -10.06
CA GLU J 187 -15.65 -58.16 -10.53
C GLU J 187 -15.02 -57.36 -9.40
N VAL J 188 -13.72 -57.54 -9.20
CA VAL J 188 -13.02 -56.85 -8.12
C VAL J 188 -11.98 -55.90 -8.69
N HIS J 189 -11.67 -54.85 -7.94
CA HIS J 189 -10.75 -53.83 -8.39
C HIS J 189 -9.67 -53.54 -7.36
N SER J 190 -10.02 -53.66 -6.08
CA SER J 190 -9.06 -53.48 -5.00
C SER J 190 -8.00 -54.56 -5.05
N GLY J 191 -6.73 -54.15 -4.97
CA GLY J 191 -5.63 -55.09 -4.95
C GLY J 191 -5.32 -55.70 -6.30
N VAL J 192 -5.83 -55.09 -7.36
CA VAL J 192 -5.60 -55.59 -8.70
C VAL J 192 -4.62 -54.72 -9.47
N CYS J 193 -3.73 -55.35 -10.22
CA CYS J 193 -2.78 -54.64 -11.07
C CYS J 193 -2.56 -55.35 -12.40
N THR J 194 -2.85 -54.67 -13.50
CA THR J 194 -2.64 -55.25 -14.82
C THR J 194 -1.66 -54.42 -15.64
N ASP J 195 -0.79 -55.09 -16.40
CA ASP J 195 0.22 -54.41 -17.21
C ASP J 195 -0.38 -53.31 -18.09
N PRO J 196 0.32 -52.17 -18.16
CA PRO J 196 -0.09 -51.04 -19.00
C PRO J 196 -0.11 -51.44 -20.48
N GLN J 197 1.00 -51.99 -20.96
CA GLN J 197 1.10 -52.40 -22.35
C GLN J 197 1.47 -53.88 -22.43
N PRO J 198 0.72 -54.65 -23.22
CA PRO J 198 1.08 -56.06 -23.44
C PRO J 198 2.39 -56.16 -24.21
N LEU J 199 3.22 -57.16 -23.87
CA LEU J 199 4.54 -57.27 -24.50
C LEU J 199 4.52 -58.23 -25.68
N LYS J 200 5.36 -57.97 -26.67
CA LYS J 200 5.54 -58.88 -27.80
C LYS J 200 6.28 -60.14 -27.34
N GLU J 201 5.76 -61.31 -27.66
CA GLU J 201 6.47 -62.54 -27.31
C GLU J 201 7.70 -62.70 -28.20
N GLN J 202 7.67 -62.05 -29.34
CA GLN J 202 8.82 -62.01 -30.23
C GLN J 202 8.96 -60.60 -30.79
N PRO J 203 9.76 -59.76 -30.12
CA PRO J 203 10.00 -58.37 -30.53
C PRO J 203 10.50 -58.29 -31.96
N ALA J 204 11.50 -59.13 -32.29
CA ALA J 204 11.92 -59.31 -33.66
C ALA J 204 10.77 -59.98 -34.42
N LEU J 205 10.69 -59.71 -35.73
CA LEU J 205 9.59 -60.18 -36.58
C LEU J 205 8.33 -59.38 -36.30
N ASN J 206 7.44 -59.31 -37.29
CA ASN J 206 6.19 -58.58 -37.19
C ASN J 206 5.03 -59.55 -37.12
N ASP J 207 3.83 -59.04 -36.82
CA ASP J 207 2.64 -59.86 -36.62
C ASP J 207 2.85 -60.73 -35.40
N SER J 208 3.76 -60.32 -34.54
CA SER J 208 4.06 -61.04 -33.33
C SER J 208 2.88 -61.05 -32.38
N ARG J 209 2.65 -62.21 -31.77
CA ARG J 209 1.58 -62.38 -30.79
C ARG J 209 2.00 -61.73 -29.49
N TYR J 210 1.02 -61.35 -28.67
CA TYR J 210 1.27 -60.55 -27.49
C TYR J 210 1.03 -61.33 -26.20
N ALA J 211 1.53 -60.81 -25.10
CA ALA J 211 1.34 -61.42 -23.79
C ALA J 211 0.95 -60.38 -22.77
N LEU J 212 0.13 -60.78 -21.80
CA LEU J 212 -0.32 -59.86 -20.78
C LEU J 212 -0.46 -60.55 -19.44
N SER J 213 0.07 -59.92 -18.39
CA SER J 213 -0.03 -60.49 -17.04
C SER J 213 -0.85 -59.56 -16.16
N SER J 214 -1.31 -60.09 -15.03
CA SER J 214 -2.06 -59.30 -14.07
C SER J 214 -1.92 -59.92 -12.70
N ARG J 215 -2.04 -59.11 -11.66
CA ARG J 215 -1.88 -59.59 -10.30
C ARG J 215 -3.11 -59.29 -9.46
N LEU J 216 -3.44 -60.21 -8.56
CA LEU J 216 -4.48 -59.99 -7.57
C LEU J 216 -3.95 -60.38 -6.21
N ARG J 217 -3.76 -59.40 -5.34
CA ARG J 217 -3.23 -59.68 -4.02
C ARG J 217 -4.34 -59.60 -2.98
N VAL J 218 -4.48 -60.66 -2.19
CA VAL J 218 -5.45 -60.69 -1.11
C VAL J 218 -4.78 -61.13 0.19
N SER J 219 -5.42 -60.85 1.31
CA SER J 219 -4.87 -61.23 2.61
C SER J 219 -4.74 -62.74 2.67
N ALA J 220 -3.78 -63.22 3.45
CA ALA J 220 -3.51 -64.65 3.57
C ALA J 220 -4.74 -65.41 4.07
N THR J 221 -5.41 -64.85 5.07
CA THR J 221 -6.58 -65.47 5.67
C THR J 221 -7.73 -65.65 4.69
N PHE J 222 -7.88 -64.71 3.76
CA PHE J 222 -8.95 -64.78 2.77
C PHE J 222 -8.66 -65.87 1.75
N TRP J 223 -7.38 -66.03 1.41
CA TRP J 223 -6.96 -67.05 0.45
C TRP J 223 -7.06 -68.44 1.05
N GLN J 224 -6.91 -68.52 2.36
CA GLN J 224 -6.92 -69.79 3.06
C GLN J 224 -8.35 -70.26 3.35
N ASN J 225 -9.33 -69.46 2.91
CA ASN J 225 -10.73 -69.85 2.95
C ASN J 225 -11.10 -70.53 1.63
N PRO J 226 -11.33 -71.86 1.67
CA PRO J 226 -11.56 -72.67 0.47
C PRO J 226 -12.90 -72.41 -0.23
N ARG J 227 -13.77 -71.64 0.41
CA ARG J 227 -15.06 -71.29 -0.19
C ARG J 227 -14.92 -70.14 -1.18
N ASN J 228 -13.77 -69.46 -1.12
CA ASN J 228 -13.50 -68.33 -2.01
C ASN J 228 -13.05 -68.78 -3.40
N HIS J 229 -13.68 -68.22 -4.42
CA HIS J 229 -13.42 -68.58 -5.81
C HIS J 229 -12.78 -67.42 -6.57
N PHE J 230 -11.66 -67.70 -7.21
CA PHE J 230 -10.94 -66.67 -7.97
C PHE J 230 -10.98 -66.96 -9.47
N ARG J 231 -11.36 -65.98 -10.27
CA ARG J 231 -11.34 -66.19 -11.71
C ARG J 231 -10.75 -65.01 -12.45
N CYS J 232 -9.77 -65.29 -13.30
CA CYS J 232 -9.19 -64.29 -14.18
C CYS J 232 -9.86 -64.41 -15.53
N GLN J 233 -10.55 -63.36 -15.94
CA GLN J 233 -11.31 -63.37 -17.17
C GLN J 233 -10.71 -62.43 -18.20
N VAL J 234 -10.49 -62.94 -19.40
CA VAL J 234 -9.91 -62.13 -20.47
C VAL J 234 -10.83 -62.03 -21.68
N GLN J 235 -11.26 -60.82 -21.98
CA GLN J 235 -12.09 -60.57 -23.16
C GLN J 235 -11.19 -60.34 -24.37
N PHE J 236 -11.32 -61.19 -25.37
CA PHE J 236 -10.55 -61.02 -26.59
C PHE J 236 -11.43 -60.41 -27.66
N TYR J 237 -10.89 -59.43 -28.37
CA TYR J 237 -11.60 -58.79 -29.47
C TYR J 237 -11.00 -59.24 -30.78
N GLY J 238 -11.70 -60.10 -31.51
CA GLY J 238 -11.20 -60.63 -32.77
C GLY J 238 -12.23 -60.58 -33.89
N LEU J 239 -12.39 -61.69 -34.59
CA LEU J 239 -13.28 -61.77 -35.74
C LEU J 239 -14.74 -61.84 -35.30
N SER J 240 -15.65 -61.69 -36.26
CA SER J 240 -17.08 -61.84 -36.00
C SER J 240 -17.61 -63.04 -36.77
N GLU J 241 -18.89 -63.34 -36.59
CA GLU J 241 -19.53 -64.47 -37.23
C GLU J 241 -19.52 -64.35 -38.74
N ASN J 242 -19.59 -63.13 -39.24
CA ASN J 242 -19.70 -62.86 -40.67
C ASN J 242 -18.40 -63.08 -41.43
N ASP J 243 -17.27 -62.91 -40.74
CA ASP J 243 -15.96 -63.09 -41.35
C ASP J 243 -15.80 -64.52 -41.87
N GLU J 244 -15.16 -64.65 -43.04
CA GLU J 244 -14.94 -65.96 -43.63
C GLU J 244 -13.77 -66.62 -42.92
N TRP J 245 -13.82 -67.94 -42.76
CA TRP J 245 -12.73 -68.63 -42.09
C TRP J 245 -12.52 -70.01 -42.71
N THR J 246 -11.38 -70.18 -43.35
CA THR J 246 -11.10 -71.39 -44.11
C THR J 246 -9.90 -72.17 -43.56
N GLN J 247 -9.55 -71.90 -42.30
CA GLN J 247 -8.41 -72.57 -41.66
C GLN J 247 -8.79 -73.79 -40.84
N ASP J 248 -7.79 -74.60 -40.52
CA ASP J 248 -7.97 -75.81 -39.73
C ASP J 248 -8.36 -75.51 -38.28
N ARG J 249 -7.55 -74.67 -37.63
CA ARG J 249 -7.77 -74.31 -36.22
C ARG J 249 -9.09 -73.56 -36.04
N ALA J 250 -9.51 -73.45 -34.79
CA ALA J 250 -10.77 -72.79 -34.46
C ALA J 250 -10.77 -71.34 -34.89
N LYS J 251 -11.94 -70.85 -35.30
CA LYS J 251 -12.12 -69.47 -35.73
C LYS J 251 -11.88 -68.52 -34.56
N PRO J 252 -10.87 -67.65 -34.69
CA PRO J 252 -10.45 -66.71 -33.64
C PRO J 252 -11.41 -65.55 -33.49
N VAL J 253 -12.63 -65.85 -33.03
CA VAL J 253 -13.64 -64.81 -32.88
C VAL J 253 -13.50 -64.11 -31.55
N THR J 254 -14.22 -63.01 -31.40
CA THR J 254 -14.34 -62.33 -30.12
C THR J 254 -14.89 -63.30 -29.09
N GLN J 255 -14.22 -63.39 -27.95
CA GLN J 255 -14.57 -64.41 -26.96
C GLN J 255 -13.98 -64.10 -25.60
N ILE J 256 -14.55 -64.72 -24.56
CA ILE J 256 -13.97 -64.66 -23.23
C ILE J 256 -13.18 -65.92 -22.96
N VAL J 257 -11.92 -65.76 -22.60
CA VAL J 257 -11.09 -66.90 -22.21
C VAL J 257 -10.72 -66.77 -20.75
N SER J 258 -11.03 -67.78 -19.96
CA SER J 258 -10.84 -67.67 -18.52
C SER J 258 -9.94 -68.74 -17.96
N ALA J 259 -9.41 -68.44 -16.79
CA ALA J 259 -8.72 -69.42 -15.95
C ALA J 259 -9.07 -69.08 -14.51
N GLU J 260 -9.20 -70.11 -13.68
CA GLU J 260 -9.66 -69.88 -12.32
C GLU J 260 -8.90 -70.72 -11.28
N ALA J 261 -9.19 -70.46 -10.02
CA ALA J 261 -8.61 -71.20 -8.91
C ALA J 261 -9.50 -71.10 -7.68
N TRP J 262 -9.54 -72.16 -6.87
CA TRP J 262 -10.32 -72.16 -5.65
C TRP J 262 -9.44 -71.90 -4.45
N GLY J 263 -10.02 -71.33 -3.41
CA GLY J 263 -9.30 -71.04 -2.18
C GLY J 263 -8.67 -72.30 -1.61
N ARG J 264 -7.55 -72.15 -0.93
CA ARG J 264 -6.80 -73.29 -0.47
C ARG J 264 -6.34 -73.12 0.98
N ALA J 265 -6.72 -74.08 1.82
CA ALA J 265 -6.33 -74.06 3.23
C ALA J 265 -4.83 -74.30 3.39
N ASP J 266 -4.38 -74.30 4.64
CA ASP J 266 -2.96 -74.43 4.96
C ASP J 266 -2.42 -75.83 4.64
N ILE K 4 27.47 4.08 -3.91
CA ILE K 4 26.69 5.30 -3.93
C ILE K 4 26.09 5.53 -2.53
N LYS K 5 26.77 4.98 -1.53
CA LYS K 5 26.31 5.11 -0.14
C LYS K 5 27.25 5.96 0.70
N GLU K 6 26.77 7.15 1.09
CA GLU K 6 27.56 8.10 1.87
C GLU K 6 27.59 7.76 3.35
N GLU K 7 28.78 7.49 3.86
CA GLU K 7 28.95 7.14 5.27
C GLU K 7 29.95 8.10 5.90
N HIS K 8 29.52 8.93 6.84
CA HIS K 8 30.40 9.95 7.41
C HIS K 8 30.28 10.12 8.92
N THR K 9 31.14 10.96 9.48
CA THR K 9 31.19 11.19 10.93
C THR K 9 31.46 12.65 11.29
N ILE K 10 30.66 13.20 12.19
CA ILE K 10 30.87 14.56 12.67
C ILE K 10 31.11 14.56 14.17
N ILE K 11 32.22 15.14 14.61
CA ILE K 11 32.53 15.14 16.03
C ILE K 11 32.66 16.54 16.63
N GLN K 12 32.01 16.77 17.76
CA GLN K 12 32.28 17.95 18.57
C GLN K 12 33.09 17.52 19.79
N ALA K 13 34.36 17.92 19.82
CA ALA K 13 35.26 17.53 20.90
C ALA K 13 35.67 18.75 21.70
N GLU K 14 35.52 18.66 23.02
CA GLU K 14 35.86 19.77 23.90
C GLU K 14 36.46 19.27 25.20
N PHE K 15 37.42 20.00 25.75
CA PHE K 15 38.02 19.59 27.01
C PHE K 15 38.50 20.78 27.81
N TYR K 16 38.70 20.57 29.11
CA TYR K 16 39.36 21.57 29.93
C TYR K 16 40.47 20.88 30.69
N LEU K 17 41.64 21.49 30.72
CA LEU K 17 42.83 20.82 31.24
C LEU K 17 43.53 21.57 32.37
N LEU K 18 43.89 20.83 33.41
CA LEU K 18 44.68 21.38 34.50
C LEU K 18 46.02 20.68 34.51
N PRO K 19 47.07 21.39 34.96
CA PRO K 19 47.02 22.72 35.54
C PRO K 19 47.13 23.84 34.52
N ASP K 20 47.18 23.50 33.23
CA ASP K 20 47.34 24.50 32.17
C ASP K 20 46.22 25.54 32.10
N LYS K 21 45.09 25.24 32.73
CA LYS K 21 43.97 26.16 32.83
C LYS K 21 43.53 26.67 31.46
N ARG K 22 43.59 25.80 30.45
CA ARG K 22 43.12 26.14 29.12
C ARG K 22 42.13 25.13 28.59
N GLY K 23 41.17 25.61 27.81
CA GLY K 23 40.16 24.73 27.24
C GLY K 23 40.16 24.80 25.72
N GLU K 24 39.52 23.84 25.08
CA GLU K 24 39.60 23.76 23.64
C GLU K 24 38.30 23.19 23.05
N PHE K 25 37.88 23.72 21.90
CA PHE K 25 36.59 23.38 21.30
C PHE K 25 36.73 23.26 19.78
N MET K 26 36.35 22.13 19.21
CA MET K 26 36.52 21.93 17.78
C MET K 26 35.56 20.93 17.17
N PHE K 27 35.42 20.99 15.84
CA PHE K 27 34.55 20.08 15.10
C PHE K 27 35.37 19.26 14.12
N ASP K 28 35.04 17.99 14.00
CA ASP K 28 35.78 17.08 13.12
C ASP K 28 34.88 16.45 12.07
N PHE K 29 35.37 16.35 10.84
CA PHE K 29 34.61 15.71 9.78
C PHE K 29 35.43 14.61 9.11
N ASP K 30 35.08 13.36 9.40
CA ASP K 30 35.74 12.22 8.78
C ASP K 30 37.24 12.24 9.02
N GLY K 31 37.66 12.71 10.19
CA GLY K 31 39.08 12.66 10.55
C GLY K 31 39.84 13.95 10.37
N ASP K 32 39.17 14.98 9.85
CA ASP K 32 39.78 16.27 9.58
C ASP K 32 39.09 17.37 10.37
N GLU K 33 39.81 18.44 10.67
CA GLU K 33 39.24 19.59 11.37
C GLU K 33 38.40 20.47 10.43
N ILE K 34 37.19 20.81 10.87
CA ILE K 34 36.34 21.77 10.16
C ILE K 34 36.63 23.17 10.67
N PHE K 35 36.63 23.31 11.99
CA PHE K 35 36.94 24.57 12.65
C PHE K 35 37.22 24.33 14.12
N HIS K 36 37.65 25.39 14.79
CA HIS K 36 37.79 25.38 16.25
C HIS K 36 37.56 26.80 16.77
N VAL K 37 37.43 26.94 18.08
CA VAL K 37 37.19 28.25 18.66
C VAL K 37 38.34 28.69 19.56
N ASP K 38 38.93 29.83 19.25
CA ASP K 38 39.92 30.41 20.14
C ASP K 38 39.22 30.93 21.39
N ILE K 39 39.32 30.17 22.47
CA ILE K 39 38.60 30.50 23.69
C ILE K 39 39.03 31.84 24.30
N GLU K 40 40.31 32.16 24.23
CA GLU K 40 40.78 33.43 24.75
C GLU K 40 40.22 34.59 23.94
N LYS K 41 40.39 34.52 22.62
CA LYS K 41 39.96 35.61 21.73
C LYS K 41 38.46 35.58 21.43
N SER K 42 37.83 34.42 21.66
CA SER K 42 36.42 34.18 21.33
C SER K 42 36.16 34.43 19.86
N GLU K 43 36.84 33.66 19.01
CA GLU K 43 36.53 33.70 17.59
C GLU K 43 36.71 32.33 16.94
N THR K 44 35.86 32.10 15.93
CA THR K 44 35.83 30.85 15.19
C THR K 44 36.91 30.81 14.12
N ILE K 45 37.69 29.73 14.11
CA ILE K 45 38.82 29.60 13.20
C ILE K 45 38.64 28.45 12.23
N TRP K 46 38.23 28.76 11.01
CA TRP K 46 37.97 27.72 10.01
C TRP K 46 39.27 27.17 9.47
N ARG K 47 39.40 25.84 9.50
CA ARG K 47 40.61 25.17 9.06
C ARG K 47 40.99 25.57 7.63
N LEU K 48 40.00 25.66 6.76
CA LEU K 48 40.17 26.26 5.44
C LEU K 48 39.34 27.54 5.37
N GLU K 49 39.91 28.61 4.84
CA GLU K 49 39.22 29.90 4.82
C GLU K 49 37.95 29.81 3.98
N GLU K 50 37.96 28.92 3.00
CA GLU K 50 36.80 28.78 2.12
C GLU K 50 35.58 28.25 2.85
N PHE K 51 35.77 27.61 4.00
CA PHE K 51 34.65 27.04 4.75
C PHE K 51 33.73 28.13 5.26
N ALA K 52 34.31 29.29 5.56
CA ALA K 52 33.55 30.37 6.18
C ALA K 52 32.43 30.90 5.30
N LYS K 53 32.44 30.56 4.01
CA LYS K 53 31.41 31.02 3.09
C LYS K 53 30.14 30.21 3.19
N PHE K 54 30.20 29.06 3.86
CA PHE K 54 29.10 28.12 3.88
C PHE K 54 28.51 27.93 5.27
N ALA K 55 29.30 28.17 6.31
CA ALA K 55 28.86 27.83 7.66
C ALA K 55 29.26 28.88 8.70
N SER K 56 28.60 28.84 9.85
CA SER K 56 28.79 29.83 10.91
C SER K 56 28.76 29.14 12.25
N PHE K 57 29.55 29.64 13.20
CA PHE K 57 29.40 29.14 14.55
C PHE K 57 29.56 30.25 15.56
N GLU K 58 28.57 30.39 16.44
CA GLU K 58 28.62 31.42 17.46
C GLU K 58 29.60 30.98 18.54
N ALA K 59 30.69 31.74 18.66
CA ALA K 59 31.84 31.31 19.46
C ALA K 59 31.54 31.29 20.95
N GLN K 60 30.77 32.25 21.45
CA GLN K 60 30.52 32.33 22.88
C GLN K 60 29.72 31.14 23.36
N GLY K 61 29.23 30.35 22.41
CA GLY K 61 28.62 29.07 22.72
C GLY K 61 29.69 28.12 23.22
N ALA K 62 30.82 28.10 22.51
CA ALA K 62 31.95 27.28 22.89
C ALA K 62 32.58 27.81 24.18
N LEU K 63 32.60 29.12 24.34
CA LEU K 63 33.13 29.71 25.56
C LEU K 63 32.31 29.23 26.74
N ALA K 64 30.99 29.31 26.57
CA ALA K 64 30.04 28.89 27.59
C ALA K 64 30.23 27.44 27.99
N ASN K 65 30.44 26.58 27.00
CA ASN K 65 30.67 25.16 27.22
C ASN K 65 31.93 24.85 28.00
N ILE K 66 33.04 25.47 27.60
CA ILE K 66 34.31 25.26 28.29
C ILE K 66 34.19 25.64 29.76
N ALA K 67 33.45 26.71 30.02
CA ALA K 67 33.21 27.16 31.39
C ALA K 67 32.54 26.08 32.23
N VAL K 68 31.57 25.40 31.64
CA VAL K 68 30.90 24.31 32.34
C VAL K 68 31.84 23.13 32.53
N ASP K 69 32.64 22.83 31.51
CA ASP K 69 33.59 21.73 31.57
C ASP K 69 34.62 21.99 32.65
N LYS K 70 35.00 23.25 32.80
CA LYS K 70 35.90 23.68 33.87
C LYS K 70 35.33 23.31 35.22
N ALA K 71 34.11 23.77 35.46
CA ALA K 71 33.42 23.53 36.73
C ALA K 71 33.27 22.03 36.97
N ASN K 72 32.97 21.32 35.89
CA ASN K 72 32.79 19.88 35.96
C ASN K 72 34.05 19.17 36.37
N LEU K 73 35.18 19.71 35.93
CA LEU K 73 36.48 19.11 36.20
C LEU K 73 36.69 19.00 37.69
N ASP K 74 36.34 20.07 38.39
CA ASP K 74 36.52 20.12 39.83
C ASP K 74 35.65 19.06 40.50
N VAL K 75 34.44 18.89 40.01
CA VAL K 75 33.51 17.89 40.54
C VAL K 75 34.04 16.48 40.33
N MET K 76 34.74 16.28 39.21
CA MET K 76 35.35 14.98 38.91
C MET K 76 36.60 14.76 39.75
N LYS K 77 37.31 15.84 40.03
CA LYS K 77 38.51 15.75 40.86
C LYS K 77 38.12 15.31 42.25
N GLU K 78 37.08 15.94 42.80
CA GLU K 78 36.62 15.60 44.14
C GLU K 78 35.95 14.23 44.20
N ARG K 79 35.37 13.77 43.09
CA ARG K 79 34.67 12.50 43.16
C ARG K 79 35.65 11.36 43.34
N SER K 80 36.61 11.23 42.42
CA SER K 80 37.64 10.22 42.58
C SER K 80 38.61 10.74 43.63
N ASN K 81 38.70 10.06 44.75
CA ASN K 81 39.62 10.47 45.81
C ASN K 81 41.04 10.45 45.28
N ASN K 82 41.41 9.33 44.69
CA ASN K 82 42.74 9.19 44.10
C ASN K 82 42.68 9.07 42.59
N THR K 83 43.34 10.02 41.94
CA THR K 83 43.55 10.02 40.51
C THR K 83 44.97 9.55 40.23
N PRO K 84 45.14 8.34 39.67
CA PRO K 84 46.50 7.87 39.45
C PRO K 84 47.05 8.40 38.15
N ASP K 85 48.17 9.11 38.22
CA ASP K 85 48.79 9.66 37.03
C ASP K 85 49.35 8.54 36.15
N ALA K 86 48.98 8.61 34.88
CA ALA K 86 49.51 7.73 33.86
C ALA K 86 49.53 8.54 32.57
N ASN K 87 50.50 8.28 31.71
CA ASN K 87 50.65 9.08 30.51
C ASN K 87 50.85 8.17 29.32
N VAL K 88 50.28 8.54 28.18
CA VAL K 88 50.61 7.84 26.97
C VAL K 88 51.54 8.71 26.14
N ALA K 89 52.77 8.23 25.99
CA ALA K 89 53.78 8.93 25.20
C ALA K 89 53.42 8.97 23.72
N PRO K 90 53.72 10.11 23.07
CA PRO K 90 53.45 10.31 21.64
C PRO K 90 54.32 9.46 20.74
N GLU K 91 53.86 9.26 19.50
CA GLU K 91 54.67 8.63 18.48
C GLU K 91 54.80 9.64 17.33
N VAL K 92 56.04 10.00 16.96
CA VAL K 92 56.26 11.12 16.06
C VAL K 92 56.73 10.69 14.68
N THR K 93 56.22 11.36 13.65
CA THR K 93 56.55 11.03 12.27
C THR K 93 56.73 12.31 11.48
N VAL K 94 57.85 12.44 10.79
CA VAL K 94 58.08 13.62 9.96
C VAL K 94 58.08 13.23 8.49
N LEU K 95 57.42 14.03 7.67
CA LEU K 95 57.34 13.78 6.24
C LEU K 95 56.92 15.04 5.49
N SER K 96 57.05 14.99 4.17
CA SER K 96 56.75 16.15 3.35
C SER K 96 55.33 16.12 2.83
N ARG K 97 54.67 17.27 2.83
CA ARG K 97 53.30 17.38 2.35
C ARG K 97 53.24 16.98 0.89
N SER K 98 54.21 17.44 0.12
CA SER K 98 54.27 17.16 -1.30
C SER K 98 55.54 16.39 -1.60
N PRO K 99 55.60 15.71 -2.75
CA PRO K 99 56.89 15.19 -3.20
C PRO K 99 57.89 16.33 -3.35
N VAL K 100 59.10 16.15 -2.83
CA VAL K 100 60.10 17.20 -2.77
C VAL K 100 60.98 17.30 -4.01
N ASN K 101 60.98 18.48 -4.63
CA ASN K 101 61.89 18.77 -5.73
C ASN K 101 62.79 19.96 -5.37
N LEU K 102 64.07 19.86 -5.71
CA LEU K 102 65.05 20.87 -5.35
C LEU K 102 64.71 22.25 -5.88
N GLY K 103 64.79 23.25 -5.00
CA GLY K 103 64.50 24.63 -5.34
C GLY K 103 63.02 24.96 -5.37
N GLU K 104 62.19 23.94 -5.16
CA GLU K 104 60.73 24.09 -5.20
C GLU K 104 60.11 24.10 -3.81
N PRO K 105 59.53 25.25 -3.40
CA PRO K 105 58.96 25.48 -2.07
C PRO K 105 58.02 24.37 -1.62
N ASN K 106 58.09 24.00 -0.34
CA ASN K 106 57.34 22.87 0.19
C ASN K 106 56.98 23.02 1.67
N ILE K 107 56.36 21.99 2.23
CA ILE K 107 55.95 21.99 3.64
C ILE K 107 56.37 20.70 4.35
N LEU K 108 56.95 20.85 5.54
CA LEU K 108 57.25 19.71 6.39
C LEU K 108 56.12 19.49 7.39
N ILE K 109 55.74 18.23 7.57
CA ILE K 109 54.67 17.86 8.51
C ILE K 109 55.25 17.08 9.67
N CYS K 110 55.03 17.55 10.89
CA CYS K 110 55.42 16.79 12.07
C CYS K 110 54.18 16.19 12.68
N PHE K 111 54.00 14.89 12.52
CA PHE K 111 52.77 14.21 12.93
C PHE K 111 52.92 13.55 14.31
N ILE K 112 52.43 14.24 15.33
CA ILE K 112 52.38 13.71 16.69
C ILE K 112 51.06 12.98 16.93
N ASP K 113 51.13 11.74 17.42
CA ASP K 113 49.97 10.84 17.46
C ASP K 113 49.88 9.95 18.72
N LYS K 114 48.67 9.49 19.02
CA LYS K 114 48.38 8.51 20.09
C LYS K 114 48.92 8.91 21.45
N PHE K 115 48.62 10.12 21.89
CA PHE K 115 49.15 10.58 23.16
C PHE K 115 48.11 11.24 24.03
N SER K 116 48.42 11.33 25.33
CA SER K 116 47.57 11.99 26.29
C SER K 116 48.36 12.16 27.58
N PRO K 117 48.22 13.32 28.26
CA PRO K 117 47.37 14.49 28.07
C PRO K 117 47.76 15.35 26.88
N PRO K 118 46.84 16.25 26.46
CA PRO K 118 47.05 17.18 25.35
C PRO K 118 47.91 18.37 25.74
N VAL K 119 49.17 18.11 26.07
CA VAL K 119 50.14 19.17 26.31
C VAL K 119 51.50 18.70 25.82
N VAL K 120 52.06 19.45 24.89
CA VAL K 120 53.38 19.12 24.38
C VAL K 120 54.27 20.33 24.14
N ASN K 121 55.56 20.05 24.06
CA ASN K 121 56.53 20.99 23.54
C ASN K 121 56.97 20.45 22.19
N VAL K 122 56.75 21.21 21.14
CA VAL K 122 57.22 20.80 19.82
C VAL K 122 58.16 21.88 19.29
N THR K 123 59.32 21.48 18.75
CA THR K 123 60.26 22.46 18.20
C THR K 123 60.80 22.06 16.82
N TRP K 124 60.78 22.99 15.88
CA TRP K 124 61.36 22.73 14.57
C TRP K 124 62.84 23.08 14.61
N LEU K 125 63.68 22.25 13.99
CA LEU K 125 65.13 22.45 14.01
C LEU K 125 65.75 22.41 12.61
N ARG K 126 66.08 23.59 12.10
CA ARG K 126 66.84 23.68 10.87
C ARG K 126 68.31 23.66 11.24
N ASN K 127 68.99 22.60 10.82
CA ASN K 127 70.40 22.44 11.08
C ASN K 127 70.70 22.40 12.57
N GLY K 128 69.78 21.88 13.37
CA GLY K 128 70.08 21.73 14.79
C GLY K 128 69.72 22.98 15.57
N ARG K 129 69.18 23.96 14.88
CA ARG K 129 68.79 25.21 15.50
C ARG K 129 67.29 25.43 15.38
N PRO K 130 66.66 25.93 16.45
CA PRO K 130 65.23 26.23 16.46
C PRO K 130 64.80 27.21 15.35
N VAL K 131 63.60 26.99 14.80
CA VAL K 131 63.02 27.85 13.77
C VAL K 131 61.78 28.57 14.29
N THR K 132 61.67 29.86 14.00
CA THR K 132 60.53 30.63 14.47
C THR K 132 59.64 31.13 13.33
N GLU K 133 60.17 31.11 12.11
CA GLU K 133 59.45 31.65 10.95
C GLU K 133 58.91 30.54 10.02
N GLY K 134 57.65 30.68 9.61
CA GLY K 134 57.04 29.73 8.70
C GLY K 134 56.58 28.45 9.37
N VAL K 135 56.16 28.56 10.62
CA VAL K 135 55.73 27.40 11.37
C VAL K 135 54.23 27.47 11.65
N SER K 136 53.58 26.32 11.52
CA SER K 136 52.13 26.24 11.64
C SER K 136 51.78 25.19 12.68
N GLU K 137 50.62 25.37 13.30
CA GLU K 137 50.19 24.48 14.37
C GLU K 137 48.69 24.18 14.31
N THR K 138 48.29 23.00 14.79
CA THR K 138 46.87 22.68 14.87
C THR K 138 46.50 22.43 16.32
N VAL K 139 45.27 22.75 16.67
CA VAL K 139 44.74 22.43 18.00
C VAL K 139 44.87 20.92 18.23
N PHE K 140 44.60 20.46 19.45
CA PHE K 140 44.64 19.03 19.71
C PHE K 140 43.45 18.32 19.08
N LEU K 141 43.74 17.38 18.19
CA LEU K 141 42.72 16.67 17.43
C LEU K 141 42.31 15.39 18.13
N PRO K 142 41.06 14.95 17.92
CA PRO K 142 40.54 13.75 18.56
C PRO K 142 40.94 12.49 17.83
N ARG K 143 40.87 11.35 18.52
CA ARG K 143 41.04 10.06 17.88
C ARG K 143 39.81 9.24 18.22
N ASP K 144 39.78 7.99 17.80
CA ASP K 144 38.66 7.13 18.14
C ASP K 144 38.69 6.75 19.61
N ASP K 145 39.90 6.59 20.16
CA ASP K 145 40.03 6.23 21.56
C ASP K 145 40.13 7.48 22.42
N HIS K 146 40.74 7.32 23.59
CA HIS K 146 40.93 8.41 24.53
C HIS K 146 42.15 9.26 24.19
N LEU K 147 42.90 8.87 23.17
CA LEU K 147 44.15 9.57 22.83
C LEU K 147 44.00 10.75 21.87
N PHE K 148 45.02 11.60 21.81
CA PHE K 148 45.01 12.80 20.99
C PHE K 148 45.98 12.73 19.81
N ARG K 149 45.85 13.70 18.91
CA ARG K 149 46.58 13.70 17.65
C ARG K 149 46.90 15.15 17.30
N LYS K 150 48.04 15.41 16.66
CA LYS K 150 48.46 16.79 16.42
C LYS K 150 49.35 16.94 15.18
N PHE K 151 49.24 18.08 14.53
CA PHE K 151 50.04 18.37 13.35
C PHE K 151 50.86 19.64 13.54
N HIS K 152 52.12 19.61 13.16
CA HIS K 152 52.94 20.81 13.15
C HIS K 152 53.52 20.97 11.76
N TYR K 153 53.46 22.19 11.21
CA TYR K 153 53.90 22.41 9.84
C TYR K 153 55.07 23.41 9.72
N LEU K 154 55.89 23.21 8.71
CA LEU K 154 57.02 24.09 8.42
C LEU K 154 57.22 24.30 6.91
N THR K 155 57.18 25.56 6.48
CA THR K 155 57.49 25.87 5.08
C THR K 155 58.99 26.02 4.92
N PHE K 156 59.51 25.56 3.78
CA PHE K 156 60.95 25.57 3.57
C PHE K 156 61.31 25.55 2.09
N LEU K 157 62.56 25.91 1.81
CA LEU K 157 63.14 25.77 0.47
C LEU K 157 64.15 24.62 0.47
N PRO K 158 63.94 23.65 -0.42
CA PRO K 158 64.79 22.46 -0.49
C PRO K 158 66.22 22.75 -0.96
N SER K 159 67.17 22.10 -0.31
CA SER K 159 68.58 22.17 -0.69
C SER K 159 69.31 20.98 -0.08
N THR K 160 70.39 20.54 -0.71
CA THR K 160 71.11 19.37 -0.22
C THR K 160 71.98 19.67 1.00
N ASP K 161 72.07 20.95 1.37
CA ASP K 161 72.90 21.37 2.49
C ASP K 161 72.16 21.36 3.81
N ASP K 162 70.84 21.50 3.74
CA ASP K 162 70.02 21.65 4.94
C ASP K 162 69.47 20.32 5.43
N PHE K 163 69.40 20.18 6.75
CA PHE K 163 68.72 19.04 7.33
C PHE K 163 67.82 19.53 8.48
N TYR K 164 66.60 19.00 8.52
CA TYR K 164 65.62 19.44 9.51
C TYR K 164 65.27 18.33 10.50
N ASP K 165 64.81 18.76 11.68
CA ASP K 165 64.40 17.85 12.74
C ASP K 165 63.14 18.36 13.41
N CYS K 166 62.30 17.45 13.89
CA CYS K 166 61.17 17.83 14.70
C CYS K 166 61.35 17.22 16.08
N GLU K 167 61.44 18.08 17.10
CA GLU K 167 61.65 17.60 18.46
C GLU K 167 60.41 17.83 19.31
N VAL K 168 59.89 16.71 19.81
CA VAL K 168 58.65 16.69 20.57
C VAL K 168 58.91 16.26 21.99
N ASP K 169 58.50 17.08 22.95
CA ASP K 169 58.62 16.71 24.34
C ASP K 169 57.27 16.53 24.99
N HIS K 170 57.14 15.47 25.75
CA HIS K 170 55.88 15.18 26.40
C HIS K 170 56.10 14.48 27.73
N TRP K 171 55.19 14.72 28.67
CA TRP K 171 55.31 14.19 30.01
C TRP K 171 55.36 12.67 30.05
N GLY K 172 55.18 12.05 28.88
CA GLY K 172 55.23 10.61 28.77
C GLY K 172 56.55 10.10 28.20
N LEU K 173 57.39 11.02 27.76
CA LEU K 173 58.68 10.66 27.19
C LEU K 173 59.79 10.81 28.23
N GLU K 174 60.67 9.81 28.29
CA GLU K 174 61.83 9.87 29.17
C GLU K 174 62.79 10.96 28.70
N GLU K 175 63.07 10.94 27.41
CA GLU K 175 63.89 11.95 26.78
C GLU K 175 63.14 12.50 25.57
N PRO K 176 63.11 13.83 25.42
CA PRO K 176 62.52 14.49 24.26
C PRO K 176 62.81 13.75 22.98
N LEU K 177 61.76 13.43 22.25
CA LEU K 177 61.86 12.65 21.03
C LEU K 177 62.17 13.54 19.84
N ARG K 178 63.21 13.21 19.10
CA ARG K 178 63.55 13.99 17.91
C ARG K 178 63.53 13.12 16.67
N LYS K 179 62.67 13.48 15.72
CA LYS K 179 62.57 12.72 14.48
C LYS K 179 63.17 13.52 13.34
N HIS K 180 64.04 12.87 12.58
CA HIS K 180 64.89 13.55 11.60
C HIS K 180 64.33 13.51 10.19
N TRP K 181 64.73 14.48 9.37
CA TRP K 181 64.38 14.48 7.96
C TRP K 181 65.36 15.30 7.14
N GLU K 182 65.89 14.70 6.09
CA GLU K 182 66.72 15.38 5.11
C GLU K 182 66.33 14.90 3.71
N PHE K 183 66.97 15.46 2.69
CA PHE K 183 66.58 15.16 1.30
C PHE K 183 66.68 13.66 1.00
N SER L 7 55.26 12.02 39.48
CA SER L 7 55.36 12.77 38.23
C SER L 7 54.64 14.11 38.34
N ARG L 8 54.11 14.58 37.21
CA ARG L 8 53.40 15.85 37.17
C ARG L 8 51.92 15.61 37.13
N PRO L 9 51.21 16.01 38.19
CA PRO L 9 49.78 15.76 38.22
C PRO L 9 49.03 16.61 37.21
N TRP L 10 48.09 15.98 36.52
CA TRP L 10 47.26 16.68 35.53
C TRP L 10 45.84 16.19 35.67
N PHE L 11 44.89 16.99 35.22
CA PHE L 11 43.48 16.62 35.30
C PHE L 11 42.72 17.08 34.06
N LEU L 12 42.08 16.13 33.39
CA LEU L 12 41.41 16.38 32.12
C LEU L 12 39.92 16.06 32.17
N GLU L 13 39.09 16.98 31.71
CA GLU L 13 37.67 16.71 31.48
C GLU L 13 37.39 16.74 29.98
N TYR L 14 37.26 15.56 29.37
CA TYR L 14 37.16 15.46 27.91
C TYR L 14 35.77 14.97 27.49
N CYS L 15 35.19 15.59 26.48
CA CYS L 15 33.89 15.15 25.98
C CYS L 15 33.74 15.19 24.47
N LYS L 16 33.46 14.05 23.86
CA LYS L 16 33.23 14.01 22.41
C LYS L 16 31.81 13.58 22.08
N SER L 17 31.10 14.39 21.29
CA SER L 17 29.78 14.01 20.81
C SER L 17 29.82 13.55 19.37
N GLU L 18 29.62 12.25 19.15
CA GLU L 18 29.77 11.67 17.82
C GLU L 18 28.43 11.53 17.09
N CYS L 19 28.38 12.05 15.86
CA CYS L 19 27.22 11.91 14.99
C CYS L 19 27.57 10.93 13.85
N HIS L 20 26.96 9.75 13.85
CA HIS L 20 27.29 8.75 12.85
C HIS L 20 26.27 8.64 11.72
N PHE L 21 26.73 8.80 10.48
CA PHE L 21 25.81 8.77 9.35
C PHE L 21 26.03 7.60 8.40
N TYR L 22 25.09 6.66 8.38
CA TYR L 22 25.10 5.56 7.40
C TYR L 22 24.04 5.84 6.34
N ASN L 23 24.44 5.84 5.08
CA ASN L 23 23.57 6.23 3.96
C ASN L 23 23.00 7.63 4.17
N GLY L 24 23.88 8.63 4.22
CA GLY L 24 23.43 10.00 4.34
C GLY L 24 22.71 10.23 5.65
N THR L 25 21.59 10.93 5.61
CA THR L 25 20.83 11.19 6.83
C THR L 25 19.74 10.15 7.07
N GLN L 26 19.83 9.00 6.42
CA GLN L 26 18.85 7.94 6.65
C GLN L 26 19.01 7.36 8.03
N ARG L 27 20.18 6.78 8.29
CA ARG L 27 20.48 6.17 9.58
C ARG L 27 21.51 6.99 10.33
N VAL L 28 21.12 7.51 11.49
CA VAL L 28 22.01 8.35 12.30
C VAL L 28 22.03 7.93 13.76
N ARG L 29 23.21 7.74 14.34
CA ARG L 29 23.28 7.45 15.76
C ARG L 29 24.19 8.44 16.46
N LEU L 30 23.82 8.78 17.68
CA LEU L 30 24.55 9.76 18.46
C LEU L 30 25.24 9.05 19.58
N LEU L 31 26.53 9.32 19.75
CA LEU L 31 27.29 8.71 20.81
C LEU L 31 28.08 9.79 21.54
N VAL L 32 27.58 10.18 22.71
CA VAL L 32 28.25 11.14 23.54
C VAL L 32 29.16 10.40 24.51
N ARG L 33 30.44 10.78 24.53
CA ARG L 33 31.42 10.09 25.35
C ARG L 33 32.13 11.05 26.29
N TYR L 34 32.01 10.82 27.59
CA TYR L 34 32.68 11.62 28.60
C TYR L 34 33.94 10.92 29.10
N PHE L 35 35.03 11.68 29.19
CA PHE L 35 36.31 11.16 29.67
C PHE L 35 36.79 11.90 30.93
N TYR L 36 37.55 11.19 31.75
CA TYR L 36 38.30 11.80 32.84
C TYR L 36 39.74 11.32 32.77
N ASN L 37 40.64 12.21 32.34
CA ASN L 37 42.02 11.85 32.05
C ASN L 37 42.09 10.78 30.96
N LEU L 38 42.35 9.55 31.38
CA LEU L 38 42.49 8.44 30.44
C LEU L 38 41.29 7.50 30.45
N GLU L 39 40.31 7.82 31.29
CA GLU L 39 39.19 6.91 31.52
C GLU L 39 37.90 7.45 30.89
N GLU L 40 37.35 6.69 29.95
CA GLU L 40 36.01 6.97 29.44
C GLU L 40 35.04 6.44 30.49
N ASN L 41 34.24 7.33 31.10
CA ASN L 41 33.44 6.91 32.25
C ASN L 41 31.92 6.95 32.02
N LEU L 42 31.45 7.87 31.19
CA LEU L 42 30.02 8.03 30.93
C LEU L 42 29.71 8.07 29.45
N ARG L 43 28.57 7.50 29.07
CA ARG L 43 28.17 7.46 27.67
C ARG L 43 26.69 7.83 27.47
N PHE L 44 26.38 8.53 26.39
CA PHE L 44 24.99 8.57 25.94
C PHE L 44 24.89 7.99 24.54
N ASP L 45 24.30 6.82 24.43
CA ASP L 45 24.12 6.14 23.15
C ASP L 45 22.70 6.32 22.67
N SER L 46 22.52 6.90 21.49
CA SER L 46 21.18 7.13 20.97
C SER L 46 20.43 5.80 20.83
N ASP L 47 21.18 4.71 20.66
CA ASP L 47 20.60 3.37 20.60
C ASP L 47 20.09 2.90 21.95
N VAL L 48 20.42 3.62 23.01
CA VAL L 48 19.96 3.23 24.33
C VAL L 48 18.99 4.28 24.84
N GLY L 49 19.26 5.55 24.55
CA GLY L 49 18.34 6.61 24.89
C GLY L 49 18.53 7.04 26.32
N GLU L 50 19.49 6.42 26.99
CA GLU L 50 19.80 6.77 28.38
C GLU L 50 21.32 6.89 28.58
N PHE L 51 21.72 7.54 29.66
CA PHE L 51 23.13 7.59 30.02
C PHE L 51 23.56 6.25 30.60
N ARG L 52 24.79 5.86 30.32
CA ARG L 52 25.36 4.63 30.85
C ARG L 52 26.77 4.85 31.39
N ALA L 53 27.02 4.36 32.60
CA ALA L 53 28.36 4.48 33.18
C ALA L 53 29.25 3.40 32.59
N VAL L 54 30.42 3.80 32.10
CA VAL L 54 31.37 2.84 31.55
C VAL L 54 32.25 2.32 32.68
N THR L 55 32.64 3.23 33.55
CA THR L 55 33.40 2.89 34.73
C THR L 55 32.67 3.40 35.96
N GLU L 56 33.04 2.88 37.12
CA GLU L 56 32.40 3.21 38.39
C GLU L 56 32.29 4.72 38.61
N LEU L 57 33.24 5.46 38.05
CA LEU L 57 33.35 6.91 38.24
C LEU L 57 32.19 7.73 37.66
N GLY L 58 31.58 7.23 36.59
CA GLY L 58 30.53 7.97 35.90
C GLY L 58 29.15 7.59 36.38
N ARG L 59 29.14 6.62 37.28
CA ARG L 59 27.93 6.09 37.86
C ARG L 59 27.06 7.17 38.55
N PRO L 60 27.67 8.10 39.32
CA PRO L 60 26.80 9.13 39.92
C PRO L 60 26.09 10.03 38.92
N ASP L 61 26.75 10.37 37.82
CA ASP L 61 26.14 11.21 36.79
C ASP L 61 25.03 10.52 36.01
N ALA L 62 25.25 9.26 35.64
CA ALA L 62 24.24 8.50 34.92
C ALA L 62 22.95 8.49 35.71
N GLU L 63 23.05 8.21 37.00
CA GLU L 63 21.88 8.20 37.86
C GLU L 63 21.22 9.57 37.94
N ASN L 64 22.01 10.63 37.95
CA ASN L 64 21.46 11.99 38.04
C ASN L 64 20.66 12.37 36.80
N TRP L 65 21.30 12.26 35.64
CA TRP L 65 20.69 12.73 34.41
C TRP L 65 19.56 11.82 33.96
N ASN L 66 19.68 10.51 34.22
CA ASN L 66 18.63 9.58 33.84
C ASN L 66 17.35 9.77 34.64
N SER L 67 17.40 10.55 35.71
CA SER L 67 16.19 10.87 36.46
C SER L 67 15.50 12.11 35.87
N GLN L 68 16.11 12.69 34.85
CA GLN L 68 15.54 13.87 34.19
C GLN L 68 15.01 13.52 32.82
N PRO L 69 13.70 13.23 32.75
CA PRO L 69 13.02 12.72 31.55
C PRO L 69 13.07 13.72 30.41
N GLU L 70 12.77 14.98 30.69
CA GLU L 70 12.78 16.01 29.66
C GLU L 70 14.19 16.25 29.11
N PHE L 71 15.19 15.89 29.91
CA PHE L 71 16.57 15.96 29.47
C PHE L 71 16.85 14.83 28.49
N LEU L 72 16.51 13.60 28.87
CA LEU L 72 16.73 12.46 27.99
C LEU L 72 15.95 12.64 26.69
N GLU L 73 14.74 13.15 26.81
CA GLU L 73 13.89 13.37 25.65
C GLU L 73 14.56 14.36 24.70
N GLN L 74 15.13 15.42 25.26
CA GLN L 74 15.80 16.41 24.44
C GLN L 74 17.02 15.80 23.73
N LYS L 75 17.75 14.93 24.43
CA LYS L 75 18.96 14.32 23.89
C LYS L 75 18.69 13.35 22.74
N ARG L 76 17.70 12.48 22.89
CA ARG L 76 17.37 11.51 21.84
C ARG L 76 16.99 12.23 20.58
N ALA L 77 16.43 13.43 20.76
CA ALA L 77 16.01 14.28 19.66
C ALA L 77 17.19 14.96 18.96
N GLU L 78 18.35 14.97 19.62
CA GLU L 78 19.51 15.68 19.08
C GLU L 78 20.01 14.98 17.81
N VAL L 79 19.55 13.74 17.62
CA VAL L 79 19.81 13.02 16.39
C VAL L 79 19.21 13.78 15.23
N ASP L 80 18.15 14.53 15.49
CA ASP L 80 17.56 15.37 14.46
C ASP L 80 17.95 16.83 14.69
N THR L 81 17.77 17.32 15.91
CA THR L 81 17.97 18.74 16.17
C THR L 81 19.42 19.17 16.05
N VAL L 82 20.36 18.23 16.08
CA VAL L 82 21.77 18.58 15.96
C VAL L 82 22.48 17.84 14.82
N CYS L 83 22.43 16.52 14.85
CA CYS L 83 23.18 15.71 13.89
C CYS L 83 22.74 15.94 12.44
N ARG L 84 21.51 15.58 12.11
CA ARG L 84 21.05 15.75 10.72
C ARG L 84 21.06 17.23 10.33
N HIS L 85 20.85 18.12 11.30
CA HIS L 85 20.91 19.55 11.03
C HIS L 85 22.25 19.94 10.43
N ASN L 86 23.33 19.53 11.09
CA ASN L 86 24.67 19.89 10.65
C ASN L 86 25.00 19.22 9.32
N TYR L 87 24.54 17.99 9.15
CA TYR L 87 24.84 17.27 7.92
C TYR L 87 24.23 18.00 6.74
N GLU L 88 22.99 18.48 6.90
CA GLU L 88 22.30 19.21 5.86
C GLU L 88 23.16 20.37 5.36
N ILE L 89 23.83 21.02 6.30
CA ILE L 89 24.72 22.13 5.97
C ILE L 89 26.00 21.64 5.30
N PHE L 90 26.62 20.63 5.91
CA PHE L 90 27.92 20.12 5.44
C PHE L 90 27.82 19.42 4.11
N ASP L 91 26.61 19.07 3.70
CA ASP L 91 26.41 18.33 2.45
C ASP L 91 26.63 19.25 1.25
N ASN L 92 26.80 20.54 1.56
CA ASN L 92 27.02 21.56 0.54
C ASN L 92 28.48 21.75 0.11
N PHE L 93 29.42 21.45 1.01
CA PHE L 93 30.82 21.73 0.71
C PHE L 93 31.78 20.69 1.25
N LEU L 94 31.52 20.16 2.44
CA LEU L 94 32.41 19.15 2.97
C LEU L 94 32.20 17.82 2.28
N VAL L 95 30.96 17.31 2.31
CA VAL L 95 30.66 16.01 1.72
C VAL L 95 30.96 15.91 0.21
N PRO L 96 30.58 16.92 -0.59
CA PRO L 96 30.87 16.77 -2.02
C PRO L 96 32.29 17.21 -2.42
N ARG L 97 33.12 17.58 -1.45
CA ARG L 97 34.46 18.10 -1.74
C ARG L 97 35.31 17.12 -2.51
N ARG L 98 35.87 17.58 -3.63
CA ARG L 98 36.71 16.74 -4.47
C ARG L 98 37.98 17.50 -4.83
N VAL L 99 39.14 16.87 -4.67
CA VAL L 99 40.42 17.45 -5.07
C VAL L 99 41.22 16.45 -5.90
N GLU L 100 41.54 16.83 -7.12
CA GLU L 100 42.20 15.94 -8.06
C GLU L 100 43.67 15.65 -7.69
N PRO L 101 44.06 14.38 -7.68
CA PRO L 101 45.42 13.95 -7.33
C PRO L 101 46.48 14.31 -8.37
N THR L 102 47.72 14.41 -7.92
CA THR L 102 48.87 14.61 -8.81
C THR L 102 49.69 13.33 -8.83
N VAL L 103 49.71 12.66 -9.97
CA VAL L 103 50.40 11.37 -10.07
C VAL L 103 51.76 11.50 -10.76
N THR L 104 52.78 10.95 -10.12
CA THR L 104 54.15 10.95 -10.63
C THR L 104 54.75 9.58 -10.41
N VAL L 105 55.59 9.12 -11.34
CA VAL L 105 56.27 7.84 -11.18
C VAL L 105 57.78 8.00 -11.23
N TYR L 106 58.46 7.42 -10.25
CA TYR L 106 59.91 7.45 -10.22
C TYR L 106 60.47 6.18 -9.56
N PRO L 107 61.71 5.80 -9.91
CA PRO L 107 62.37 4.64 -9.29
C PRO L 107 62.69 4.84 -7.80
N LEU L 118 62.68 -1.33 -7.45
CA LEU L 118 61.42 -0.81 -6.93
C LEU L 118 60.93 0.40 -7.72
N LEU L 119 59.66 0.38 -8.11
CA LEU L 119 59.04 1.49 -8.81
C LEU L 119 57.97 2.16 -7.97
N VAL L 120 58.08 3.48 -7.83
CA VAL L 120 57.16 4.24 -6.99
C VAL L 120 56.10 4.97 -7.81
N CYS L 121 54.84 4.86 -7.37
CA CYS L 121 53.75 5.68 -7.91
C CYS L 121 53.33 6.68 -6.85
N SER L 122 53.69 7.95 -7.04
CA SER L 122 53.42 8.99 -6.06
C SER L 122 52.11 9.73 -6.29
N VAL L 123 51.08 9.37 -5.53
CA VAL L 123 49.77 10.01 -5.64
C VAL L 123 49.58 11.01 -4.50
N SER L 124 49.53 12.29 -4.84
CA SER L 124 49.55 13.33 -3.84
C SER L 124 48.47 14.42 -4.02
N ASP L 125 48.16 15.09 -2.92
CA ASP L 125 47.26 16.24 -2.93
C ASP L 125 45.86 15.88 -3.48
N PHE L 126 45.18 14.94 -2.83
CA PHE L 126 43.85 14.53 -3.27
C PHE L 126 42.85 14.37 -2.13
N TYR L 127 41.56 14.49 -2.45
CA TYR L 127 40.47 14.32 -1.48
C TYR L 127 39.19 13.82 -2.15
N PRO L 128 38.45 12.91 -1.50
CA PRO L 128 38.74 12.27 -0.22
C PRO L 128 39.66 11.09 -0.38
N GLY L 129 39.90 10.34 0.70
CA GLY L 129 40.87 9.27 0.71
C GLY L 129 40.46 8.04 -0.07
N ASN L 130 39.24 8.05 -0.62
CA ASN L 130 38.76 6.95 -1.45
C ASN L 130 39.65 6.83 -2.66
N ILE L 131 40.59 5.90 -2.65
CA ILE L 131 41.54 5.84 -3.75
C ILE L 131 41.88 4.39 -4.08
N GLU L 132 42.00 4.11 -5.37
CA GLU L 132 42.38 2.78 -5.80
C GLU L 132 43.54 2.89 -6.76
N VAL L 133 44.62 2.17 -6.47
CA VAL L 133 45.83 2.24 -7.27
C VAL L 133 46.29 0.85 -7.67
N ARG L 134 46.50 0.64 -8.96
CA ARG L 134 46.95 -0.67 -9.44
C ARG L 134 48.23 -0.56 -10.27
N TRP L 135 49.02 -1.64 -10.29
CA TRP L 135 50.23 -1.73 -11.10
C TRP L 135 50.03 -2.70 -12.25
N PHE L 136 50.20 -2.20 -13.47
CA PHE L 136 50.12 -3.05 -14.65
C PHE L 136 51.45 -3.14 -15.39
N ARG L 137 52.00 -4.35 -15.46
CA ARG L 137 53.19 -4.61 -16.27
C ARG L 137 52.81 -5.45 -17.47
N ASN L 138 52.95 -4.87 -18.66
CA ASN L 138 52.56 -5.50 -19.93
C ASN L 138 51.05 -5.68 -20.04
N GLY L 139 50.29 -4.93 -19.25
CA GLY L 139 48.84 -4.96 -19.34
C GLY L 139 48.12 -5.91 -18.40
N LYS L 140 48.87 -6.54 -17.50
CA LYS L 140 48.28 -7.41 -16.48
C LYS L 140 48.49 -6.84 -15.08
N GLU L 141 47.49 -6.95 -14.22
CA GLU L 141 47.58 -6.40 -12.87
C GLU L 141 48.54 -7.21 -12.01
N GLU L 142 49.71 -6.64 -11.74
CA GLU L 142 50.71 -7.29 -10.91
C GLU L 142 50.22 -7.41 -9.47
N LYS L 143 49.44 -8.45 -9.22
CA LYS L 143 48.84 -8.66 -7.91
C LYS L 143 49.81 -9.29 -6.91
N THR L 144 51.11 -9.03 -7.09
CA THR L 144 52.12 -9.55 -6.19
C THR L 144 53.35 -8.63 -6.07
N GLY L 145 53.96 -8.61 -4.89
CA GLY L 145 55.10 -7.77 -4.63
C GLY L 145 54.79 -6.29 -4.55
N ILE L 146 53.64 -5.96 -3.95
CA ILE L 146 53.21 -4.56 -3.81
C ILE L 146 53.42 -4.03 -2.39
N VAL L 147 54.31 -3.06 -2.25
CA VAL L 147 54.55 -2.44 -0.96
C VAL L 147 54.03 -1.01 -0.97
N SER L 148 52.99 -0.76 -0.17
CA SER L 148 52.41 0.57 -0.10
C SER L 148 52.61 1.20 1.27
N THR L 149 52.70 2.52 1.29
CA THR L 149 52.91 3.26 2.53
C THR L 149 51.60 3.42 3.26
N GLY L 150 50.51 3.11 2.57
CA GLY L 150 49.18 3.31 3.10
C GLY L 150 48.67 4.71 2.82
N LEU L 151 47.46 5.00 3.29
CA LEU L 151 46.89 6.33 3.15
C LEU L 151 47.51 7.27 4.16
N VAL L 152 47.85 8.48 3.74
CA VAL L 152 48.47 9.45 4.64
C VAL L 152 47.66 10.73 4.77
N ARG L 153 47.36 11.10 6.00
CA ARG L 153 46.56 12.28 6.26
C ARG L 153 47.46 13.46 6.56
N ASN L 154 47.46 14.44 5.66
CA ASN L 154 48.28 15.64 5.86
C ASN L 154 47.70 16.61 6.89
N GLY L 155 46.42 16.47 7.20
CA GLY L 155 45.80 17.31 8.21
C GLY L 155 45.24 18.61 7.67
N ASP L 156 45.40 18.83 6.37
CA ASP L 156 44.85 20.02 5.73
C ASP L 156 43.85 19.61 4.66
N TRP L 157 43.11 18.54 4.95
CA TRP L 157 42.10 18.00 4.05
C TRP L 157 42.69 17.49 2.74
N THR L 158 43.94 17.03 2.79
CA THR L 158 44.56 16.44 1.61
C THR L 158 45.27 15.15 1.99
N PHE L 159 45.29 14.19 1.07
CA PHE L 159 45.88 12.89 1.34
C PHE L 159 47.07 12.68 0.44
N GLN L 160 47.83 11.63 0.71
CA GLN L 160 48.93 11.24 -0.15
C GLN L 160 49.28 9.80 0.10
N THR L 161 49.84 9.14 -0.90
CA THR L 161 50.26 7.75 -0.71
C THR L 161 51.31 7.34 -1.75
N LEU L 162 52.14 6.38 -1.37
CA LEU L 162 53.12 5.80 -2.28
C LEU L 162 52.83 4.31 -2.42
N VAL L 163 52.40 3.91 -3.61
CA VAL L 163 52.25 2.49 -3.89
C VAL L 163 53.41 2.03 -4.76
N MET L 164 54.13 1.03 -4.30
CA MET L 164 55.35 0.61 -4.95
C MET L 164 55.32 -0.83 -5.42
N LEU L 165 56.05 -1.11 -6.49
CA LEU L 165 56.21 -2.47 -6.99
C LEU L 165 57.68 -2.84 -6.94
N GLU L 166 57.98 -3.98 -6.34
CA GLU L 166 59.36 -4.34 -6.01
C GLU L 166 60.04 -5.17 -7.10
N THR L 167 59.50 -5.13 -8.32
CA THR L 167 60.06 -5.90 -9.42
C THR L 167 61.25 -5.16 -10.05
N VAL L 168 62.14 -5.94 -10.66
CA VAL L 168 63.32 -5.39 -11.29
C VAL L 168 63.09 -5.09 -12.78
N TYR L 175 55.15 -1.53 -17.78
CA TYR L 175 55.33 -0.78 -16.55
C TYR L 175 54.46 0.47 -16.53
N THR L 176 53.22 0.33 -16.03
CA THR L 176 52.29 1.45 -15.91
C THR L 176 51.42 1.35 -14.66
N CYS L 177 51.23 2.47 -13.95
CA CYS L 177 50.34 2.48 -12.79
C CYS L 177 49.06 3.26 -13.09
N GLN L 178 47.94 2.77 -12.54
CA GLN L 178 46.64 3.35 -12.78
C GLN L 178 46.03 3.87 -11.48
N VAL L 179 45.41 5.04 -11.54
CA VAL L 179 44.81 5.66 -10.36
C VAL L 179 43.34 5.96 -10.57
N GLU L 180 42.49 5.40 -9.72
CA GLU L 180 41.06 5.66 -9.77
C GLU L 180 40.63 6.46 -8.54
N HIS L 181 39.79 7.48 -8.75
CA HIS L 181 39.39 8.37 -7.66
C HIS L 181 38.07 9.08 -7.97
N PRO L 182 37.24 9.30 -6.93
CA PRO L 182 35.97 10.04 -7.04
C PRO L 182 36.07 11.38 -7.78
N SER L 183 37.28 11.93 -7.92
CA SER L 183 37.45 13.19 -8.63
C SER L 183 37.80 12.94 -10.08
N LEU L 184 37.82 11.67 -10.48
CA LEU L 184 38.18 11.31 -11.84
C LEU L 184 37.03 10.58 -12.55
N THR L 185 36.46 11.23 -13.55
CA THR L 185 35.44 10.60 -14.38
C THR L 185 36.05 9.42 -15.09
N ASP L 186 37.26 9.61 -15.58
CA ASP L 186 38.03 8.53 -16.21
C ASP L 186 39.36 8.37 -15.49
N PRO L 187 39.79 7.11 -15.29
CA PRO L 187 41.04 6.76 -14.61
C PRO L 187 42.26 7.48 -15.18
N VAL L 188 43.19 7.89 -14.32
CA VAL L 188 44.43 8.52 -14.78
C VAL L 188 45.54 7.47 -14.85
N THR L 189 46.25 7.44 -15.97
CA THR L 189 47.26 6.43 -16.20
C THR L 189 48.60 7.06 -16.58
N VAL L 190 49.69 6.54 -16.02
CA VAL L 190 51.04 6.92 -16.45
C VAL L 190 51.94 5.68 -16.61
N GLU L 191 52.95 5.77 -17.47
CA GLU L 191 53.78 4.63 -17.82
C GLU L 191 55.26 5.02 -17.94
N TRP L 192 56.15 4.12 -17.55
CA TRP L 192 57.58 4.41 -17.57
C TRP L 192 58.32 3.64 -18.66
N LYS L 193 59.43 4.22 -19.14
CA LYS L 193 60.25 3.61 -20.18
C LYS L 193 60.91 2.33 -19.68
N ALA M 1 25.49 31.62 4.85
CA ALA M 1 25.86 31.78 6.24
C ALA M 1 24.91 31.00 7.13
N ASP M 2 24.90 29.69 6.95
CA ASP M 2 24.05 28.81 7.76
C ASP M 2 24.73 28.43 9.07
N GLY M 3 23.99 28.52 10.17
CA GLY M 3 24.58 28.35 11.48
C GLY M 3 24.56 26.94 12.02
N LEU M 4 25.74 26.39 12.23
CA LEU M 4 25.91 25.03 12.72
C LEU M 4 25.32 24.85 14.12
N ALA M 5 24.88 23.64 14.40
CA ALA M 5 24.30 23.31 15.70
C ALA M 5 25.34 22.59 16.54
N TYR M 6 25.22 22.71 17.86
CA TYR M 6 26.16 22.05 18.75
C TYR M 6 25.47 21.52 19.99
N PHE M 7 26.19 20.66 20.72
CA PHE M 7 25.70 20.10 21.96
C PHE M 7 26.12 21.00 23.11
N ARG M 8 25.20 21.27 24.03
CA ARG M 8 25.48 22.12 25.19
C ARG M 8 25.93 21.34 26.43
N SER M 9 26.95 21.82 27.09
CA SER M 9 27.49 21.13 28.26
C SER M 9 26.58 21.30 29.46
N SER M 10 26.30 20.20 30.14
CA SER M 10 25.43 20.24 31.30
C SER M 10 26.25 20.10 32.57
N PHE M 11 25.98 20.98 33.54
CA PHE M 11 26.68 21.00 34.82
C PHE M 11 26.51 19.69 35.59
N LYS M 12 27.59 19.16 36.15
CA LYS M 12 27.50 17.94 36.93
C LYS M 12 27.32 18.26 38.41
N GLY M 13 26.69 17.35 39.15
CA GLY M 13 26.47 17.55 40.56
C GLY M 13 25.11 18.14 40.89
N GLY N 3 10.39 41.54 16.18
CA GLY N 3 11.53 41.48 15.28
C GLY N 3 12.45 40.31 15.59
N ASP N 4 12.57 39.97 16.86
CA ASP N 4 13.30 38.77 17.25
C ASP N 4 12.45 37.89 18.18
N GLN N 5 11.30 37.48 17.65
CA GLN N 5 10.36 36.65 18.38
C GLN N 5 9.90 35.55 17.45
N VAL N 6 9.09 34.63 17.94
CA VAL N 6 8.64 33.56 17.07
C VAL N 6 7.30 33.93 16.47
N GLU N 7 7.18 33.72 15.16
CA GLU N 7 5.92 33.95 14.48
C GLU N 7 4.85 33.03 15.02
N GLN N 8 3.97 33.61 15.82
CA GLN N 8 2.89 32.83 16.41
C GLN N 8 1.57 33.35 15.90
N SER N 9 0.80 32.45 15.29
CA SER N 9 -0.50 32.79 14.72
C SER N 9 -1.57 31.83 15.21
N PRO N 10 -2.80 32.31 15.37
CA PRO N 10 -3.24 33.68 15.10
C PRO N 10 -2.94 34.67 16.24
N SER N 11 -3.08 35.96 15.93
CA SER N 11 -2.92 37.02 16.91
C SER N 11 -3.94 36.94 18.04
N ALA N 12 -5.21 36.92 17.67
CA ALA N 12 -6.30 36.82 18.65
C ALA N 12 -7.30 35.78 18.19
N LEU N 13 -8.10 35.28 19.11
CA LEU N 13 -8.95 34.12 18.83
C LEU N 13 -10.22 34.07 19.66
N SER N 14 -11.36 33.84 19.00
CA SER N 14 -12.63 33.62 19.70
C SER N 14 -13.22 32.25 19.40
N LEU N 15 -13.42 31.44 20.43
CA LEU N 15 -13.98 30.10 20.25
C LEU N 15 -15.28 29.95 20.99
N HIS N 16 -16.28 29.36 20.33
CA HIS N 16 -17.52 29.03 20.99
C HIS N 16 -17.28 27.83 21.91
N GLU N 17 -17.85 27.86 23.10
CA GLU N 17 -17.73 26.77 24.07
C GLU N 17 -18.04 25.42 23.43
N GLY N 18 -17.06 24.53 23.42
CA GLY N 18 -17.23 23.20 22.87
C GLY N 18 -16.67 22.98 21.48
N THR N 19 -16.16 24.05 20.87
CA THR N 19 -15.45 23.93 19.60
C THR N 19 -13.95 23.82 19.84
N GLY N 20 -13.17 23.87 18.77
CA GLY N 20 -11.72 23.79 18.87
C GLY N 20 -10.99 24.51 17.75
N SER N 21 -9.71 24.77 17.98
CA SER N 21 -8.87 25.43 16.98
C SER N 21 -7.41 25.11 17.26
N ALA N 22 -6.51 25.62 16.42
CA ALA N 22 -5.10 25.31 16.57
C ALA N 22 -4.24 26.56 16.52
N LEU N 23 -3.18 26.55 17.32
CA LEU N 23 -2.19 27.60 17.36
C LEU N 23 -0.93 27.08 16.69
N ARG N 24 -0.11 27.97 16.13
CA ARG N 24 1.07 27.50 15.42
C ARG N 24 2.25 28.45 15.54
N CYS N 25 3.40 27.90 15.87
CA CYS N 25 4.64 28.67 15.89
C CYS N 25 5.51 28.28 14.69
N ASN N 26 5.99 29.27 13.96
CA ASN N 26 6.86 29.02 12.81
C ASN N 26 8.28 29.49 13.08
N PHE N 27 9.21 28.55 12.99
CA PHE N 27 10.58 28.83 13.36
C PHE N 27 11.43 29.10 12.16
N THR N 28 12.44 29.96 12.35
CA THR N 28 13.33 30.37 11.27
C THR N 28 14.54 29.44 11.16
N THR N 29 14.61 28.45 12.03
CA THR N 29 15.70 27.48 12.05
C THR N 29 15.34 26.26 12.85
N THR N 30 16.27 25.32 12.94
CA THR N 30 16.04 24.14 13.77
C THR N 30 16.03 24.55 15.24
N MET N 31 14.94 24.23 15.91
CA MET N 31 14.82 24.48 17.33
C MET N 31 15.11 23.19 18.06
N ARG N 32 15.64 23.30 19.28
CA ARG N 32 16.13 22.14 20.01
C ARG N 32 14.99 21.39 20.70
N ALA N 33 13.93 22.12 21.05
CA ALA N 33 12.73 21.60 21.71
C ALA N 33 11.73 22.75 21.91
N VAL N 34 10.45 22.44 22.11
CA VAL N 34 9.44 23.51 22.23
C VAL N 34 8.70 23.46 23.56
N GLN N 35 8.29 24.62 24.04
CA GLN N 35 7.53 24.74 25.27
C GLN N 35 6.30 25.62 25.07
N TRP N 36 5.17 25.28 25.70
CA TRP N 36 3.96 26.08 25.56
C TRP N 36 3.40 26.61 26.89
N PHE N 37 3.03 27.89 26.93
CA PHE N 37 2.51 28.51 28.14
C PHE N 37 1.13 29.12 27.93
N ARG N 38 0.36 29.22 29.02
CA ARG N 38 -0.89 29.97 29.03
C ARG N 38 -0.87 30.92 30.20
N LYS N 39 -1.22 32.18 29.97
CA LYS N 39 -1.36 33.10 31.09
C LYS N 39 -2.84 33.37 31.32
N ASN N 40 -3.30 33.08 32.54
CA ASN N 40 -4.71 33.19 32.90
C ASN N 40 -5.19 34.63 33.00
N SER N 41 -6.31 34.80 33.68
CA SER N 41 -6.76 36.12 34.09
C SER N 41 -6.15 36.48 35.44
N ARG N 42 -5.22 37.45 35.41
CA ARG N 42 -4.43 37.85 36.57
C ARG N 42 -3.68 36.65 37.13
N GLY N 43 -3.45 35.65 36.28
CA GLY N 43 -2.79 34.43 36.70
C GLY N 43 -1.35 34.38 36.29
N SER N 44 -0.66 33.35 36.77
CA SER N 44 0.75 33.18 36.43
C SER N 44 0.85 32.56 35.05
N LEU N 45 2.07 32.51 34.54
CA LEU N 45 2.34 31.73 33.35
C LEU N 45 2.33 30.26 33.75
N ILE N 46 1.41 29.49 33.17
CA ILE N 46 1.32 28.06 33.43
C ILE N 46 1.93 27.19 32.33
N ASN N 47 2.82 26.28 32.73
CA ASN N 47 3.48 25.37 31.82
C ASN N 47 2.55 24.26 31.30
N LEU N 48 2.40 24.18 29.98
CA LEU N 48 1.49 23.24 29.36
C LEU N 48 2.19 22.01 28.78
N PHE N 49 3.24 22.24 27.99
CA PHE N 49 3.97 21.14 27.36
C PHE N 49 5.47 21.38 27.27
N TYR N 50 6.23 20.28 27.29
CA TYR N 50 7.61 20.30 26.80
C TYR N 50 7.78 19.22 25.72
N LEU N 51 8.05 19.64 24.49
CA LEU N 51 8.23 18.72 23.38
C LEU N 51 9.61 18.78 22.77
N ALA N 52 10.20 17.63 22.54
CA ALA N 52 11.46 17.59 21.81
C ALA N 52 11.23 17.00 20.44
N SER N 53 10.15 16.23 20.34
CA SER N 53 9.82 15.55 19.10
C SER N 53 8.43 14.94 19.21
N GLY N 54 7.84 14.62 18.08
CA GLY N 54 6.55 13.95 18.07
C GLY N 54 5.45 14.79 18.70
N THR N 55 4.53 14.11 19.39
CA THR N 55 3.41 14.77 20.03
C THR N 55 3.17 14.37 21.47
N LYS N 56 2.52 15.26 22.19
CA LYS N 56 2.10 15.00 23.56
C LYS N 56 0.70 15.53 23.73
N GLU N 57 -0.13 14.79 24.47
CA GLU N 57 -1.51 15.17 24.70
C GLU N 57 -1.82 15.25 26.18
N ASN N 58 -2.42 16.36 26.59
CA ASN N 58 -2.76 16.61 27.99
C ASN N 58 -4.21 17.06 28.14
N GLY N 59 -5.08 16.11 28.43
CA GLY N 59 -6.50 16.41 28.52
C GLY N 59 -7.05 16.86 27.18
N ARG N 60 -7.51 18.11 27.15
CA ARG N 60 -8.09 18.64 25.93
C ARG N 60 -7.07 19.36 25.06
N LEU N 61 -5.79 19.25 25.41
CA LEU N 61 -4.73 19.89 24.62
C LEU N 61 -3.81 18.86 24.01
N LYS N 62 -3.48 19.06 22.74
CA LYS N 62 -2.51 18.21 22.07
C LYS N 62 -1.46 19.09 21.42
N SER N 63 -0.20 18.74 21.60
CA SER N 63 0.87 19.55 21.06
C SER N 63 1.74 18.76 20.11
N ALA N 64 2.23 19.44 19.07
CA ALA N 64 3.05 18.81 18.05
C ALA N 64 4.26 19.66 17.72
N PHE N 65 5.39 19.00 17.46
CA PHE N 65 6.62 19.67 17.10
C PHE N 65 7.35 18.93 15.99
N ASP N 66 7.50 19.57 14.84
CA ASP N 66 8.25 18.96 13.73
C ASP N 66 9.54 19.75 13.60
N SER N 67 10.61 19.15 14.08
CA SER N 67 11.91 19.78 14.13
C SER N 67 12.35 20.23 12.73
N LYS N 68 12.19 19.33 11.76
CA LYS N 68 12.59 19.58 10.37
C LYS N 68 11.75 20.65 9.72
N GLU N 69 10.43 20.53 9.86
CA GLU N 69 9.50 21.41 9.18
C GLU N 69 9.34 22.74 9.92
N ARG N 70 10.06 22.87 11.03
CA ARG N 70 10.18 24.15 11.74
C ARG N 70 8.86 24.77 12.16
N TYR N 71 8.02 23.96 12.79
CA TYR N 71 6.78 24.46 13.36
C TYR N 71 6.38 23.67 14.58
N SER N 72 5.54 24.27 15.40
CA SER N 72 4.89 23.52 16.45
C SER N 72 3.49 24.04 16.59
N THR N 73 2.56 23.13 16.87
CA THR N 73 1.16 23.48 16.99
C THR N 73 0.58 23.03 18.31
N LEU N 74 -0.31 23.87 18.82
CA LEU N 74 -1.08 23.56 20.01
C LEU N 74 -2.57 23.51 19.62
N HIS N 75 -3.23 22.40 19.93
CA HIS N 75 -4.62 22.18 19.57
C HIS N 75 -5.52 22.22 20.79
N ILE N 76 -6.60 22.97 20.70
CA ILE N 76 -7.61 22.95 21.73
C ILE N 76 -8.80 22.21 21.15
N ARG N 77 -9.34 21.26 21.90
CA ARG N 77 -10.56 20.60 21.50
C ARG N 77 -11.54 20.75 22.65
N ASP N 78 -12.83 20.84 22.35
CA ASP N 78 -13.87 20.94 23.37
C ASP N 78 -13.62 22.16 24.28
N ALA N 79 -13.41 23.31 23.64
CA ALA N 79 -13.00 24.52 24.34
C ALA N 79 -13.87 24.83 25.53
N GLN N 80 -13.23 25.12 26.66
CA GLN N 80 -13.95 25.48 27.86
C GLN N 80 -13.65 26.91 28.24
N LEU N 81 -14.38 27.40 29.23
CA LEU N 81 -14.25 28.76 29.72
C LEU N 81 -12.87 29.04 30.31
N GLU N 82 -12.35 28.08 31.08
CA GLU N 82 -11.07 28.26 31.77
C GLU N 82 -9.89 28.23 30.83
N ASP N 83 -10.13 27.85 29.58
CA ASP N 83 -9.05 27.81 28.60
C ASP N 83 -8.69 29.21 28.10
N SER N 84 -9.52 30.18 28.45
CA SER N 84 -9.29 31.57 28.06
C SER N 84 -7.98 32.10 28.65
N GLY N 85 -7.30 32.96 27.89
CA GLY N 85 -6.04 33.51 28.33
C GLY N 85 -5.12 33.73 27.15
N THR N 86 -3.84 33.98 27.44
CA THR N 86 -2.85 34.19 26.39
C THR N 86 -1.85 33.05 26.33
N TYR N 87 -1.64 32.52 25.13
CA TYR N 87 -0.80 31.35 24.93
C TYR N 87 0.53 31.69 24.27
N PHE N 88 1.62 31.22 24.87
CA PHE N 88 2.98 31.49 24.37
C PHE N 88 3.72 30.21 24.06
N CYS N 89 4.52 30.22 23.01
CA CYS N 89 5.49 29.15 22.83
C CYS N 89 6.88 29.71 23.02
N ALA N 90 7.80 28.88 23.48
CA ALA N 90 9.16 29.30 23.73
C ALA N 90 10.11 28.15 23.43
N ALA N 91 11.12 28.43 22.61
CA ALA N 91 12.06 27.41 22.19
C ALA N 91 13.42 28.04 21.96
N GLU N 92 14.48 27.28 22.16
CA GLU N 92 15.79 27.80 21.85
C GLU N 92 16.39 27.14 20.62
N ALA N 93 17.06 27.95 19.81
CA ALA N 93 17.61 27.51 18.55
C ALA N 93 18.64 26.43 18.80
N SER N 94 18.78 25.51 17.86
CA SER N 94 19.76 24.45 18.01
C SER N 94 21.17 25.02 17.83
N ASN N 95 21.23 26.21 17.24
CA ASN N 95 22.48 26.91 16.98
C ASN N 95 22.77 28.09 17.91
N THR N 96 21.98 28.23 18.99
CA THR N 96 22.30 29.23 20.02
C THR N 96 22.13 28.74 21.45
N ASN N 97 22.30 29.67 22.39
CA ASN N 97 22.17 29.39 23.82
C ASN N 97 20.92 30.01 24.38
N LYS N 98 20.17 30.69 23.53
CA LYS N 98 19.11 31.56 24.05
C LYS N 98 17.72 31.10 23.65
N VAL N 99 16.84 31.12 24.65
CA VAL N 99 15.44 30.84 24.47
C VAL N 99 14.78 32.05 23.85
N VAL N 100 13.97 31.83 22.82
CA VAL N 100 13.23 32.91 22.19
C VAL N 100 11.73 32.62 22.32
N PHE N 101 10.91 33.66 22.42
CA PHE N 101 9.50 33.47 22.70
C PHE N 101 8.59 33.76 21.51
N GLY N 102 7.37 33.25 21.54
CA GLY N 102 6.40 33.53 20.50
C GLY N 102 5.78 34.90 20.72
N THR N 103 5.09 35.40 19.72
CA THR N 103 4.47 36.72 19.83
C THR N 103 3.26 36.65 20.76
N GLY N 104 2.69 35.44 20.88
CA GLY N 104 1.56 35.21 21.75
C GLY N 104 0.23 35.12 21.03
N THR N 105 -0.71 34.37 21.61
CA THR N 105 -2.06 34.26 21.09
C THR N 105 -3.07 34.52 22.20
N ARG N 106 -3.89 35.55 22.02
CA ARG N 106 -4.93 35.92 22.99
C ARG N 106 -6.22 35.16 22.64
N LEU N 107 -6.61 34.22 23.51
CA LEU N 107 -7.79 33.38 23.27
C LEU N 107 -8.97 33.70 24.16
N GLN N 108 -10.08 34.05 23.54
CA GLN N 108 -11.33 34.29 24.26
C GLN N 108 -12.36 33.20 23.97
N VAL N 109 -12.84 32.52 25.00
CA VAL N 109 -13.86 31.50 24.81
C VAL N 109 -15.23 31.97 25.27
N LEU N 110 -16.17 32.01 24.33
CA LEU N 110 -17.53 32.47 24.57
C LEU N 110 -18.37 31.32 25.08
N PRO N 111 -19.05 31.52 26.21
CA PRO N 111 -19.85 30.45 26.81
C PRO N 111 -21.14 30.22 26.04
N ASN N 112 -21.67 29.01 26.12
CA ASN N 112 -22.95 28.71 25.49
C ASN N 112 -24.09 28.95 26.47
N ILE N 113 -24.86 29.99 26.21
CA ILE N 113 -26.00 30.31 27.07
C ILE N 113 -27.25 29.63 26.57
N GLN N 114 -27.65 28.57 27.26
CA GLN N 114 -28.79 27.76 26.85
C GLN N 114 -30.11 28.53 26.96
N ASN N 115 -30.32 29.17 28.10
CA ASN N 115 -31.56 29.91 28.36
C ASN N 115 -31.28 31.36 28.74
N PRO N 116 -31.14 32.22 27.73
CA PRO N 116 -30.90 33.65 27.92
C PRO N 116 -32.07 34.31 28.59
N ASP N 117 -31.82 35.09 29.64
CA ASP N 117 -32.89 35.83 30.30
C ASP N 117 -32.43 37.24 30.62
N PRO N 118 -32.13 38.02 29.57
CA PRO N 118 -31.54 39.36 29.72
C PRO N 118 -32.38 40.26 30.62
N ALA N 119 -31.73 40.86 31.61
CA ALA N 119 -32.42 41.68 32.60
C ALA N 119 -31.47 42.71 33.21
N VAL N 120 -32.02 43.81 33.68
CA VAL N 120 -31.25 44.83 34.39
C VAL N 120 -31.86 45.10 35.75
N TYR N 121 -31.09 44.87 36.81
CA TYR N 121 -31.60 45.05 38.15
C TYR N 121 -30.89 46.22 38.84
N GLN N 122 -31.48 46.74 39.92
CA GLN N 122 -30.85 47.79 40.71
C GLN N 122 -30.47 47.26 42.09
N LEU N 123 -29.25 47.56 42.51
CA LEU N 123 -28.74 47.04 43.77
C LEU N 123 -28.44 48.17 44.75
N ARG N 124 -28.86 48.00 45.99
CA ARG N 124 -28.66 49.02 47.01
C ARG N 124 -27.45 48.69 47.89
N ASP N 125 -26.82 49.74 48.43
CA ASP N 125 -25.67 49.57 49.31
C ASP N 125 -26.05 48.91 50.64
N SER N 126 -25.20 48.01 51.10
CA SER N 126 -25.38 47.40 52.42
C SER N 126 -24.97 48.37 53.53
N ASP N 130 -26.79 55.08 51.13
CA ASP N 130 -27.71 54.66 50.07
C ASP N 130 -27.14 54.90 48.68
N LYS N 131 -26.10 54.13 48.33
CA LYS N 131 -25.57 54.13 46.97
C LYS N 131 -26.31 53.12 46.11
N SER N 132 -26.09 53.17 44.80
CA SER N 132 -26.78 52.26 43.90
C SER N 132 -26.02 51.94 42.62
N VAL N 133 -26.13 50.69 42.19
CA VAL N 133 -25.52 50.23 40.95
C VAL N 133 -26.54 49.48 40.10
N CYS N 134 -26.34 49.48 38.78
CA CYS N 134 -27.22 48.76 37.86
C CYS N 134 -26.52 47.55 37.28
N LEU N 135 -27.22 46.42 37.27
CA LEU N 135 -26.64 45.15 36.84
C LEU N 135 -27.29 44.57 35.58
N PHE N 136 -26.59 44.65 34.46
CA PHE N 136 -27.03 43.98 33.23
C PHE N 136 -26.56 42.55 33.30
N THR N 137 -27.49 41.58 33.22
CA THR N 137 -27.10 40.19 33.42
C THR N 137 -27.94 39.19 32.61
N ASP N 138 -27.46 37.95 32.54
CA ASP N 138 -28.19 36.83 31.94
C ASP N 138 -28.44 36.93 30.44
N PHE N 139 -27.69 37.78 29.75
CA PHE N 139 -27.79 37.86 28.29
C PHE N 139 -26.85 36.85 27.63
N ASP N 140 -27.06 36.60 26.33
CA ASP N 140 -26.23 35.64 25.62
C ASP N 140 -24.97 36.34 25.12
N SER N 141 -23.99 35.55 24.70
CA SER N 141 -22.66 36.06 24.36
C SER N 141 -22.63 36.86 23.06
N GLN N 142 -23.76 36.87 22.35
CA GLN N 142 -23.84 37.60 21.10
C GLN N 142 -24.07 39.09 21.33
N THR N 143 -24.43 39.46 22.55
CA THR N 143 -24.64 40.87 22.92
C THR N 143 -23.34 41.54 23.38
N ASN N 144 -23.05 42.72 22.84
CA ASN N 144 -21.87 43.48 23.21
C ASN N 144 -22.20 44.65 24.11
N VAL N 145 -21.48 44.77 25.22
CA VAL N 145 -21.69 45.88 26.13
C VAL N 145 -20.77 47.03 25.72
N SER N 146 -21.37 48.20 25.48
CA SER N 146 -20.62 49.35 25.01
C SER N 146 -20.38 50.35 26.14
N GLN N 147 -19.22 51.00 26.09
CA GLN N 147 -18.77 51.89 27.15
C GLN N 147 -19.68 53.11 27.27
N SER N 148 -19.93 53.52 28.51
CA SER N 148 -20.75 54.70 28.78
C SER N 148 -20.04 55.98 28.35
N LYS N 149 -20.79 56.87 27.73
CA LYS N 149 -20.20 58.10 27.19
C LYS N 149 -19.97 59.15 28.29
N ASP N 150 -21.03 59.84 28.70
CA ASP N 150 -20.91 60.98 29.64
C ASP N 150 -20.11 60.63 30.89
N SER N 151 -19.21 61.53 31.28
CA SER N 151 -18.16 61.24 32.25
C SER N 151 -18.63 60.96 33.69
N ASP N 152 -19.93 60.98 33.93
CA ASP N 152 -20.43 60.74 35.28
C ASP N 152 -21.00 59.35 35.48
N VAL N 153 -21.12 58.57 34.40
CA VAL N 153 -21.58 57.19 34.51
C VAL N 153 -20.47 56.24 34.06
N TYR N 154 -20.32 55.13 34.78
CA TYR N 154 -19.29 54.16 34.46
C TYR N 154 -19.91 52.81 34.11
N ILE N 155 -19.37 52.16 33.09
CA ILE N 155 -19.82 50.83 32.72
C ILE N 155 -18.63 49.90 32.53
N THR N 156 -18.70 48.74 33.14
CA THR N 156 -17.62 47.76 33.03
C THR N 156 -17.83 46.84 31.83
N ASP N 157 -16.75 46.23 31.34
CA ASP N 157 -16.85 45.25 30.27
C ASP N 157 -17.56 44.01 30.80
N LYS N 158 -18.14 43.21 29.91
CA LYS N 158 -18.90 42.05 30.37
C LYS N 158 -17.96 41.01 30.94
N CYS N 159 -18.51 40.16 31.80
CA CYS N 159 -17.70 39.16 32.49
C CYS N 159 -18.52 37.90 32.70
N VAL N 160 -17.87 36.74 32.63
CA VAL N 160 -18.57 35.47 32.77
C VAL N 160 -18.24 34.78 34.09
N LEU N 161 -19.27 34.43 34.84
CA LEU N 161 -19.07 33.67 36.06
C LEU N 161 -19.65 32.28 35.88
N ASP N 162 -19.07 31.31 36.59
CA ASP N 162 -19.48 29.92 36.45
C ASP N 162 -19.80 29.30 37.80
N MET N 163 -21.09 29.09 38.04
CA MET N 163 -21.53 28.39 39.24
C MET N 163 -21.41 26.89 38.97
N ARG N 164 -20.20 26.37 39.19
CA ARG N 164 -19.82 25.02 38.82
C ARG N 164 -20.72 23.95 39.41
N SER N 165 -21.07 24.14 40.68
CA SER N 165 -21.94 23.22 41.40
C SER N 165 -23.29 23.00 40.72
N MET N 166 -23.84 24.06 40.14
CA MET N 166 -25.16 23.99 39.53
C MET N 166 -25.08 23.96 38.01
N ASP N 167 -23.87 23.79 37.51
CA ASP N 167 -23.64 23.64 36.07
C ASP N 167 -24.27 24.79 35.27
N PHE N 168 -23.98 26.01 35.71
CA PHE N 168 -24.56 27.23 35.17
C PHE N 168 -23.55 28.37 34.99
N LYS N 169 -23.54 28.99 33.80
CA LYS N 169 -22.67 30.14 33.53
C LYS N 169 -23.53 31.34 33.17
N SER N 170 -23.06 32.56 33.48
CA SER N 170 -23.83 33.76 33.17
C SER N 170 -22.96 34.95 32.84
N ASN N 171 -23.38 35.70 31.83
CA ASN N 171 -22.74 36.97 31.52
C ASN N 171 -23.31 38.07 32.39
N SER N 172 -22.50 39.08 32.68
CA SER N 172 -22.93 40.18 33.55
C SER N 172 -22.04 41.41 33.40
N ALA N 173 -22.65 42.58 33.53
CA ALA N 173 -21.92 43.85 33.46
C ALA N 173 -22.50 44.84 34.46
N VAL N 174 -21.64 45.65 35.05
CA VAL N 174 -22.08 46.55 36.10
C VAL N 174 -21.94 48.02 35.68
N ALA N 175 -22.94 48.83 36.02
CA ALA N 175 -22.91 50.25 35.73
C ALA N 175 -23.31 51.05 36.97
N TRP N 176 -22.65 52.19 37.18
CA TRP N 176 -22.96 53.02 38.33
C TRP N 176 -22.69 54.52 38.12
N SER N 177 -23.28 55.34 38.97
CA SER N 177 -23.08 56.79 38.94
C SER N 177 -23.51 57.48 40.23
N ASN N 178 -23.17 58.76 40.35
CA ASN N 178 -23.58 59.59 41.48
C ASN N 178 -24.60 60.63 41.06
N LYS N 179 -24.52 61.04 39.80
CA LYS N 179 -25.44 62.01 39.22
C LYS N 179 -26.90 61.59 39.42
N SER N 180 -27.75 62.54 39.76
CA SER N 180 -29.15 62.26 40.08
C SER N 180 -30.03 61.98 38.85
N ASP N 181 -29.52 62.29 37.66
CA ASP N 181 -30.26 62.05 36.42
C ASP N 181 -30.10 60.60 35.98
N PHE N 182 -29.43 59.79 36.80
CA PHE N 182 -29.12 58.41 36.45
C PHE N 182 -30.14 57.41 36.97
N ALA N 183 -30.70 56.64 36.05
CA ALA N 183 -31.62 55.57 36.39
C ALA N 183 -31.22 54.32 35.64
N CYS N 184 -31.61 53.17 36.17
CA CYS N 184 -31.27 51.88 35.58
C CYS N 184 -31.84 51.73 34.18
N ALA N 185 -32.95 52.43 33.93
CA ALA N 185 -33.62 52.39 32.65
C ALA N 185 -32.73 52.93 31.52
N ASN N 186 -31.88 53.90 31.85
CA ASN N 186 -31.06 54.54 30.82
C ASN N 186 -29.58 54.22 30.98
N ALA N 187 -29.25 53.26 31.83
CA ALA N 187 -27.86 52.90 32.08
C ALA N 187 -27.23 52.30 30.83
N PHE N 188 -27.87 51.27 30.29
CA PHE N 188 -27.32 50.55 29.16
C PHE N 188 -27.99 50.95 27.85
N ASN N 189 -28.34 52.23 27.74
CA ASN N 189 -28.89 52.77 26.50
C ASN N 189 -27.80 52.92 25.46
N ASN N 190 -26.56 53.03 25.93
CA ASN N 190 -25.40 53.20 25.05
C ASN N 190 -25.13 51.95 24.23
N SER N 191 -25.63 50.82 24.71
CA SER N 191 -25.40 49.53 24.08
C SER N 191 -26.64 49.03 23.36
N ILE N 192 -26.45 48.18 22.36
CA ILE N 192 -27.59 47.51 21.75
C ILE N 192 -27.90 46.25 22.57
N ILE N 193 -28.85 46.39 23.48
CA ILE N 193 -29.26 45.31 24.37
C ILE N 193 -30.43 44.55 23.74
N PRO N 194 -30.66 43.29 24.17
CA PRO N 194 -31.78 42.51 23.64
C PRO N 194 -33.13 43.23 23.75
N GLU N 195 -33.99 43.05 22.75
CA GLU N 195 -35.28 43.73 22.72
C GLU N 195 -36.12 43.34 23.93
N ASP N 196 -36.06 42.06 24.31
CA ASP N 196 -36.84 41.57 25.43
C ASP N 196 -36.07 41.63 26.74
N THR N 197 -35.24 42.67 26.89
CA THR N 197 -34.50 42.87 28.12
C THR N 197 -35.49 43.24 29.22
N PHE N 198 -35.50 42.45 30.29
CA PHE N 198 -36.45 42.62 31.38
C PHE N 198 -36.09 43.78 32.30
N PHE N 199 -36.99 44.75 32.43
CA PHE N 199 -36.78 45.92 33.28
C PHE N 199 -37.81 45.99 34.39
N PRO N 200 -37.47 45.45 35.57
CA PRO N 200 -38.30 45.39 36.78
C PRO N 200 -38.69 46.75 37.34
N SER N 201 -39.50 46.73 38.40
CA SER N 201 -39.92 47.94 39.12
C SER N 201 -40.68 48.89 38.23
N LYS O 25 6.88 24.86 41.89
CA LYS O 25 6.34 26.18 42.19
C LYS O 25 7.44 27.23 42.14
N VAL O 26 7.17 28.41 41.57
CA VAL O 26 8.10 29.53 41.68
C VAL O 26 7.42 30.74 42.32
N ILE O 27 8.00 31.23 43.42
CA ILE O 27 7.37 32.27 44.20
C ILE O 27 8.02 33.64 44.00
N GLN O 28 7.34 34.55 43.32
CA GLN O 28 7.86 35.91 43.15
C GLN O 28 7.12 36.92 44.04
N THR O 29 7.90 37.74 44.74
CA THR O 29 7.36 38.81 45.58
C THR O 29 8.12 40.10 45.33
N PRO O 30 7.41 41.25 45.36
CA PRO O 30 5.97 41.33 45.56
C PRO O 30 5.20 41.21 44.24
N ARG O 31 3.90 40.95 44.33
CA ARG O 31 3.08 40.81 43.14
C ARG O 31 3.08 42.11 42.36
N TYR O 32 2.88 43.21 43.08
CA TYR O 32 2.95 44.55 42.50
C TYR O 32 3.96 45.42 43.25
N LEU O 33 4.41 46.49 42.59
CA LEU O 33 5.33 47.42 43.22
C LEU O 33 5.27 48.80 42.57
N VAL O 34 5.11 49.83 43.39
CA VAL O 34 5.13 51.20 42.89
C VAL O 34 6.24 51.98 43.59
N LYS O 35 7.07 52.65 42.80
CA LYS O 35 8.19 53.41 43.33
C LYS O 35 8.34 54.75 42.63
N GLY O 36 8.90 55.73 43.32
CA GLY O 36 9.14 57.04 42.75
C GLY O 36 10.45 57.12 41.99
N GLN O 37 10.49 57.98 40.97
CA GLN O 37 11.66 58.11 40.11
C GLN O 37 12.93 58.43 40.90
N GLY O 38 13.94 57.57 40.75
CA GLY O 38 15.21 57.74 41.45
C GLY O 38 15.35 56.81 42.63
N GLN O 39 14.24 56.25 43.09
CA GLN O 39 14.24 55.31 44.21
C GLN O 39 14.73 53.94 43.79
N LYS O 40 15.14 53.12 44.76
CA LYS O 40 15.54 51.75 44.47
C LYS O 40 14.31 50.85 44.37
N ALA O 41 14.37 49.87 43.48
CA ALA O 41 13.29 48.90 43.34
C ALA O 41 13.84 47.49 43.37
N LYS O 42 13.71 46.84 44.53
CA LYS O 42 14.18 45.47 44.71
C LYS O 42 13.01 44.49 44.74
N MET O 43 13.14 43.38 44.01
CA MET O 43 12.14 42.32 44.00
C MET O 43 12.80 40.97 44.25
N ARG O 44 12.06 40.02 44.82
CA ARG O 44 12.64 38.74 45.23
C ARG O 44 12.03 37.55 44.51
N CYS O 45 12.76 36.43 44.49
CA CYS O 45 12.31 35.22 43.79
C CYS O 45 12.84 33.92 44.42
N ILE O 46 11.95 32.97 44.66
CA ILE O 46 12.35 31.66 45.18
C ILE O 46 12.21 30.54 44.14
N PRO O 47 13.34 30.07 43.58
CA PRO O 47 13.31 28.97 42.60
C PRO O 47 12.75 27.67 43.18
N GLU O 48 12.32 26.78 42.29
CA GLU O 48 11.79 25.47 42.66
C GLU O 48 12.81 24.70 43.48
N LYS O 49 12.35 23.84 44.38
CA LYS O 49 13.26 23.07 45.23
C LYS O 49 14.11 22.18 44.34
N GLY O 50 15.42 22.31 44.47
CA GLY O 50 16.35 21.50 43.69
C GLY O 50 16.70 22.10 42.33
N HIS O 51 16.18 23.30 42.06
CA HIS O 51 16.43 24.00 40.80
C HIS O 51 17.59 24.99 40.95
N PRO O 52 18.76 24.66 40.39
CA PRO O 52 19.93 25.52 40.47
C PRO O 52 19.92 26.67 39.46
N VAL O 53 19.14 26.51 38.40
CA VAL O 53 19.11 27.47 37.30
C VAL O 53 18.05 28.55 37.53
N VAL O 54 18.43 29.83 37.40
CA VAL O 54 17.48 30.93 37.55
C VAL O 54 17.62 31.97 36.45
N PHE O 55 16.49 32.39 35.87
CA PHE O 55 16.45 33.40 34.82
C PHE O 55 15.63 34.64 35.21
N TRP O 56 16.05 35.81 34.75
CA TRP O 56 15.25 37.03 34.92
C TRP O 56 14.88 37.65 33.58
N TYR O 57 13.57 37.72 33.31
CA TYR O 57 13.06 38.33 32.09
C TYR O 57 12.21 39.56 32.41
N GLN O 58 12.28 40.55 31.52
CA GLN O 58 11.47 41.76 31.62
C GLN O 58 10.48 41.86 30.46
N GLN O 59 9.19 41.70 30.76
CA GLN O 59 8.14 41.73 29.74
C GLN O 59 7.43 43.08 29.72
N ASN O 60 7.28 43.66 28.53
CA ASN O 60 6.60 44.94 28.40
C ASN O 60 5.11 44.75 28.09
N LYS O 61 4.45 45.84 27.73
CA LYS O 61 3.01 45.81 27.45
C LYS O 61 2.71 45.09 26.14
N ASN O 62 3.74 44.90 25.32
CA ASN O 62 3.57 44.30 24.00
C ASN O 62 3.86 42.80 23.96
N ASN O 63 3.91 42.17 25.14
CA ASN O 63 4.21 40.75 25.29
C ASN O 63 5.55 40.30 24.68
N GLU O 64 6.54 41.18 24.78
CA GLU O 64 7.91 40.88 24.40
C GLU O 64 8.71 40.51 25.65
N PHE O 65 9.55 39.49 25.56
CA PHE O 65 10.34 39.04 26.71
C PHE O 65 11.80 39.46 26.58
N LYS O 66 12.23 40.38 27.45
CA LYS O 66 13.62 40.86 27.37
C LYS O 66 14.48 40.15 28.41
N PHE O 67 15.53 39.48 27.95
CA PHE O 67 16.45 38.77 28.84
C PHE O 67 17.29 39.76 29.65
N LEU O 68 17.35 39.52 30.96
CA LEU O 68 18.15 40.34 31.84
C LEU O 68 19.43 39.63 32.30
N ILE O 69 19.26 38.54 33.04
CA ILE O 69 20.40 37.81 33.61
C ILE O 69 19.99 36.39 34.00
N ASN O 70 20.91 35.43 33.88
CA ASN O 70 20.64 34.08 34.40
C ASN O 70 21.79 33.59 35.30
N PHE O 71 21.44 32.77 36.28
CA PHE O 71 22.38 32.26 37.26
C PHE O 71 22.46 30.75 37.18
N GLN O 72 23.62 30.18 37.53
CA GLN O 72 23.64 28.81 37.99
C GLN O 72 24.08 28.83 39.44
N ASN O 73 23.15 28.52 40.34
CA ASN O 73 23.36 28.70 41.78
C ASN O 73 23.71 30.16 42.06
N GLN O 74 24.89 30.41 42.61
CA GLN O 74 25.28 31.79 42.91
C GLN O 74 25.99 32.44 41.73
N GLU O 75 26.48 31.62 40.82
CA GLU O 75 27.31 32.11 39.73
C GLU O 75 26.47 32.72 38.61
N VAL O 76 26.87 33.88 38.12
CA VAL O 76 26.19 34.50 36.99
C VAL O 76 26.71 33.97 35.66
N LEU O 77 25.85 33.34 34.88
CA LEU O 77 26.25 32.78 33.59
C LEU O 77 26.22 33.82 32.49
N GLN O 78 25.22 34.69 32.47
CA GLN O 78 25.09 35.66 31.39
C GLN O 78 24.27 36.88 31.81
N GLN O 79 24.58 38.03 31.24
CA GLN O 79 23.81 39.25 31.49
C GLN O 79 24.04 40.27 30.37
N ILE O 80 23.20 41.30 30.31
CA ILE O 80 23.33 42.34 29.29
C ILE O 80 23.99 43.61 29.85
N ASP O 81 24.22 44.58 28.97
CA ASP O 81 24.87 45.83 29.36
C ASP O 81 24.08 46.65 30.37
N MET O 82 22.76 46.66 30.23
CA MET O 82 21.87 47.44 31.11
C MET O 82 21.83 46.91 32.54
N THR O 83 21.72 45.58 32.67
CA THR O 83 21.61 44.94 33.98
C THR O 83 22.90 45.05 34.81
N GLU O 84 24.04 45.18 34.13
CA GLU O 84 25.33 45.28 34.81
C GLU O 84 25.54 46.62 35.50
N LYS O 85 25.19 47.71 34.81
CA LYS O 85 25.39 49.05 35.32
C LYS O 85 24.19 49.57 36.12
N ARG O 86 22.98 49.20 35.69
CA ARG O 86 21.76 49.78 36.25
C ARG O 86 21.02 48.88 37.23
N PHE O 87 21.27 47.57 37.15
CA PHE O 87 20.59 46.62 38.02
C PHE O 87 21.58 45.90 38.93
N SER O 88 21.08 45.36 40.04
CA SER O 88 21.90 44.53 40.91
C SER O 88 21.18 43.25 41.30
N ALA O 89 21.78 42.12 40.94
CA ALA O 89 21.17 40.83 41.20
C ALA O 89 22.13 39.84 41.85
N GLU O 90 21.61 39.05 42.78
CA GLU O 90 22.39 37.99 43.41
C GLU O 90 21.49 36.81 43.77
N CYS O 91 22.05 35.61 43.78
CA CYS O 91 21.32 34.42 44.20
C CYS O 91 22.03 33.73 45.36
N PRO O 92 21.88 34.28 46.58
CA PRO O 92 22.58 33.74 47.75
C PRO O 92 22.17 32.30 48.06
N SER O 93 23.08 31.53 48.65
CA SER O 93 22.79 30.16 49.01
C SER O 93 21.73 30.10 50.12
N ASN O 94 20.75 29.24 49.93
CA ASN O 94 19.62 29.10 50.86
C ASN O 94 18.94 30.43 51.20
N SER O 95 18.88 31.32 50.22
CA SER O 95 18.24 32.62 50.37
C SER O 95 17.55 33.02 49.05
N PRO O 96 16.50 33.83 49.15
CA PRO O 96 15.77 34.28 47.95
C PRO O 96 16.65 35.05 46.98
N CYS O 97 16.56 34.73 45.69
CA CYS O 97 17.26 35.49 44.67
C CYS O 97 16.72 36.91 44.64
N SER O 98 17.55 37.87 44.24
CA SER O 98 17.13 39.26 44.26
C SER O 98 17.50 40.02 43.01
N LEU O 99 16.65 40.97 42.63
CA LEU O 99 16.95 41.89 41.54
C LEU O 99 16.57 43.31 41.99
N GLU O 100 17.54 44.21 41.96
CA GLU O 100 17.31 45.57 42.46
C GLU O 100 17.73 46.60 41.44
N ILE O 101 16.85 47.55 41.16
CA ILE O 101 17.18 48.68 40.29
C ILE O 101 17.75 49.80 41.13
N GLN O 102 18.93 50.29 40.76
CA GLN O 102 19.59 51.32 41.55
C GLN O 102 18.87 52.66 41.51
N SER O 103 18.58 53.15 40.31
CA SER O 103 17.80 54.38 40.17
C SER O 103 16.69 54.20 39.14
N SER O 104 15.47 54.08 39.64
CA SER O 104 14.32 53.83 38.78
C SER O 104 14.04 55.03 37.88
N GLU O 105 13.64 54.74 36.64
CA GLU O 105 13.20 55.77 35.72
C GLU O 105 11.97 55.26 34.98
N ALA O 106 11.30 56.15 34.24
CA ALA O 106 10.02 55.83 33.61
C ALA O 106 10.09 54.58 32.72
N GLY O 107 11.23 54.40 32.07
CA GLY O 107 11.41 53.26 31.19
C GLY O 107 11.44 51.91 31.87
N ASP O 108 11.56 51.89 33.19
CA ASP O 108 11.69 50.62 33.91
C ASP O 108 10.35 50.01 34.31
N SER O 109 9.27 50.67 33.95
CA SER O 109 7.93 50.15 34.21
C SER O 109 7.64 48.96 33.32
N ALA O 110 7.56 47.76 33.92
CA ALA O 110 7.29 46.54 33.19
C ALA O 110 7.00 45.36 34.13
N LEU O 111 6.74 44.19 33.55
CA LEU O 111 6.59 42.96 34.32
C LEU O 111 7.89 42.17 34.36
N TYR O 112 8.40 41.94 35.58
CA TYR O 112 9.66 41.22 35.74
C TYR O 112 9.42 39.77 36.14
N LEU O 113 9.88 38.84 35.29
CA LEU O 113 9.64 37.42 35.48
C LEU O 113 10.85 36.63 35.95
N CYS O 114 10.63 35.71 36.87
CA CYS O 114 11.66 34.76 37.31
C CYS O 114 11.31 33.35 36.90
N ALA O 115 12.26 32.65 36.29
CA ALA O 115 12.03 31.27 35.87
C ALA O 115 13.16 30.35 36.30
N SER O 116 12.82 29.16 36.82
CA SER O 116 13.86 28.21 37.24
C SER O 116 13.88 26.95 36.39
N SER O 117 15.07 26.39 36.22
CA SER O 117 15.25 25.11 35.54
C SER O 117 16.11 24.21 36.42
N LEU O 118 16.35 22.99 35.95
CA LEU O 118 17.18 22.04 36.70
C LEU O 118 18.50 21.86 35.98
N ASN O 119 18.42 21.79 34.65
CA ASN O 119 19.56 21.52 33.80
C ASN O 119 19.87 22.70 32.89
N ASN O 120 21.06 23.25 32.98
CA ASN O 120 21.43 24.44 32.20
C ASN O 120 21.27 24.23 30.69
N ALA O 121 21.39 22.99 30.24
CA ALA O 121 21.28 22.69 28.83
C ALA O 121 19.86 22.30 28.46
N ASN O 122 18.90 23.17 28.74
CA ASN O 122 17.50 22.78 28.60
C ASN O 122 16.55 23.96 28.42
N SER O 123 15.29 23.64 28.20
CA SER O 123 14.25 24.65 28.28
C SER O 123 13.59 24.41 29.61
N ASP O 124 12.33 23.97 29.56
CA ASP O 124 11.53 23.66 30.73
C ASP O 124 11.67 24.72 31.83
N TYR O 125 11.55 25.98 31.42
CA TYR O 125 11.41 27.05 32.39
C TYR O 125 10.13 26.81 33.17
N THR O 126 10.10 27.24 34.42
CA THR O 126 8.82 27.30 35.13
C THR O 126 8.71 28.70 35.72
N PHE O 127 7.76 29.48 35.25
CA PHE O 127 7.68 30.89 35.65
C PHE O 127 6.96 31.11 36.98
N GLY O 128 7.30 32.22 37.61
CA GLY O 128 6.62 32.69 38.81
C GLY O 128 5.44 33.58 38.51
N SER O 129 4.86 34.13 39.57
CA SER O 129 3.72 35.02 39.45
C SER O 129 4.13 36.31 38.77
N GLY O 130 5.40 36.67 38.92
CA GLY O 130 5.91 37.89 38.32
C GLY O 130 5.75 39.13 39.19
N THR O 131 6.62 40.10 38.99
CA THR O 131 6.54 41.36 39.70
C THR O 131 6.17 42.49 38.74
N ARG O 132 5.03 43.14 39.01
CA ARG O 132 4.61 44.30 38.23
C ARG O 132 5.19 45.58 38.84
N LEU O 133 6.08 46.25 38.12
CA LEU O 133 6.71 47.45 38.65
C LEU O 133 6.28 48.70 37.87
N LEU O 134 5.86 49.73 38.61
CA LEU O 134 5.54 51.03 38.03
C LEU O 134 6.38 52.17 38.60
N VAL O 135 6.98 52.95 37.71
CA VAL O 135 7.75 54.13 38.10
C VAL O 135 7.02 55.41 37.71
N ILE O 136 6.77 56.26 38.70
CA ILE O 136 6.10 57.53 38.48
C ILE O 136 6.89 58.67 39.13
N GLU O 137 6.62 59.89 38.70
CA GLU O 137 7.31 61.06 39.25
C GLU O 137 6.91 61.40 40.69
N ASP O 138 5.61 61.46 40.96
CA ASP O 138 5.13 61.92 42.25
C ASP O 138 4.37 60.80 42.95
N LEU O 139 4.74 60.53 44.20
CA LEU O 139 4.10 59.51 45.02
C LEU O 139 2.88 60.07 45.77
N LYS O 140 2.61 61.35 45.58
CA LYS O 140 1.47 62.00 46.23
C LYS O 140 0.17 61.72 45.49
N ASN O 141 0.28 61.06 44.35
CA ASN O 141 -0.90 60.73 43.55
C ASN O 141 -1.46 59.37 43.94
N VAL O 142 -0.80 58.73 44.89
CA VAL O 142 -1.21 57.40 45.35
C VAL O 142 -2.36 57.45 46.34
N PHE O 143 -3.43 56.71 46.03
CA PHE O 143 -4.61 56.64 46.86
C PHE O 143 -5.02 55.19 47.08
N PRO O 144 -5.41 54.84 48.31
CA PRO O 144 -5.98 53.52 48.58
C PRO O 144 -7.41 53.42 48.04
N PRO O 145 -7.93 52.19 47.84
CA PRO O 145 -9.26 52.04 47.25
C PRO O 145 -10.39 52.09 48.24
N GLU O 146 -11.49 52.74 47.86
CA GLU O 146 -12.72 52.69 48.65
C GLU O 146 -13.59 51.54 48.20
N VAL O 147 -13.95 50.67 49.14
CA VAL O 147 -14.67 49.44 48.81
C VAL O 147 -16.10 49.42 49.33
N ALA O 148 -17.05 49.11 48.44
CA ALA O 148 -18.47 49.08 48.81
C ALA O 148 -19.18 47.86 48.20
N VAL O 149 -19.94 47.15 49.04
CA VAL O 149 -20.70 45.98 48.60
C VAL O 149 -22.19 46.30 48.42
N PHE O 150 -22.74 45.87 47.29
CA PHE O 150 -24.12 46.14 46.96
C PHE O 150 -24.94 44.86 47.03
N GLU O 151 -26.08 44.94 47.73
CA GLU O 151 -26.93 43.80 48.01
C GLU O 151 -27.83 43.40 46.82
N PRO O 152 -28.09 42.09 46.66
CA PRO O 152 -28.89 41.50 45.58
C PRO O 152 -30.25 42.18 45.41
N SER O 153 -30.65 42.40 44.17
CA SER O 153 -31.96 42.97 43.86
C SER O 153 -33.11 42.01 44.17
N GLU O 154 -34.20 42.55 44.71
CA GLU O 154 -35.36 41.75 45.04
C GLU O 154 -36.00 41.24 43.76
N ALA O 155 -35.82 42.00 42.69
CA ALA O 155 -36.31 41.63 41.38
C ALA O 155 -35.62 40.38 40.83
N GLU O 156 -34.29 40.36 40.94
CA GLU O 156 -33.48 39.25 40.44
C GLU O 156 -33.85 37.94 41.12
N ILE O 157 -34.14 38.03 42.41
CA ILE O 157 -34.48 36.85 43.20
C ILE O 157 -35.81 36.27 42.71
N SER O 158 -36.75 37.15 42.43
CA SER O 158 -38.09 36.74 41.99
C SER O 158 -38.08 36.13 40.60
N HIS O 159 -37.30 36.74 39.70
CA HIS O 159 -37.28 36.33 38.30
C HIS O 159 -36.46 35.07 38.04
N THR O 160 -35.32 34.92 38.72
CA THR O 160 -34.35 33.87 38.35
C THR O 160 -33.97 32.89 39.47
N GLN O 161 -34.37 33.20 40.70
CA GLN O 161 -33.99 32.39 41.86
C GLN O 161 -32.48 32.30 42.05
N LYS O 162 -31.78 33.38 41.67
CA LYS O 162 -30.36 33.50 41.95
C LYS O 162 -30.09 34.91 42.47
N ALA O 163 -29.03 35.08 43.22
CA ALA O 163 -28.75 36.37 43.84
C ALA O 163 -27.32 36.82 43.57
N THR O 164 -27.18 37.95 42.89
CA THR O 164 -25.86 38.48 42.51
C THR O 164 -25.43 39.63 43.41
N LEU O 165 -24.31 39.43 44.10
CA LEU O 165 -23.71 40.50 44.89
C LEU O 165 -22.69 41.26 44.06
N VAL O 166 -22.65 42.58 44.21
CA VAL O 166 -21.69 43.39 43.45
C VAL O 166 -20.76 44.17 44.38
N CYS O 167 -19.46 44.07 44.14
CA CYS O 167 -18.48 44.83 44.91
C CYS O 167 -17.87 45.91 44.04
N LEU O 168 -17.71 47.11 44.60
CA LEU O 168 -17.12 48.23 43.86
C LEU O 168 -15.89 48.81 44.57
N ALA O 169 -14.75 48.78 43.90
CA ALA O 169 -13.55 49.44 44.40
C ALA O 169 -13.30 50.71 43.60
N THR O 170 -13.24 51.84 44.30
CA THR O 170 -13.13 53.13 43.62
C THR O 170 -12.06 54.05 44.21
N GLY O 171 -11.53 54.92 43.37
CA GLY O 171 -10.64 55.98 43.80
C GLY O 171 -9.27 55.53 44.21
N PHE O 172 -8.76 54.47 43.60
CA PHE O 172 -7.41 54.00 43.92
C PHE O 172 -6.39 54.31 42.82
N TYR O 173 -5.13 54.34 43.23
CA TYR O 173 -4.01 54.55 42.31
C TYR O 173 -2.72 54.04 42.95
N PRO O 174 -1.89 53.32 42.18
CA PRO O 174 -2.15 52.91 40.79
C PRO O 174 -3.04 51.67 40.74
N ASP O 175 -3.28 51.12 39.56
CA ASP O 175 -4.20 49.99 39.39
C ASP O 175 -3.62 48.66 39.89
N HIS O 176 -3.06 48.69 41.10
CA HIS O 176 -2.41 47.52 41.67
C HIS O 176 -3.24 46.94 42.81
N VAL O 177 -4.26 46.17 42.46
CA VAL O 177 -5.13 45.58 43.47
C VAL O 177 -5.38 44.10 43.19
N GLU O 178 -5.79 43.37 44.23
CA GLU O 178 -6.20 41.97 44.10
C GLU O 178 -7.51 41.71 44.86
N LEU O 179 -8.56 41.41 44.12
CA LEU O 179 -9.91 41.29 44.68
C LEU O 179 -10.27 39.82 44.98
N SER O 180 -10.97 39.60 46.08
CA SER O 180 -11.37 38.25 46.49
C SER O 180 -12.71 38.24 47.21
N TRP O 181 -13.47 37.16 47.08
CA TRP O 181 -14.74 37.05 47.80
C TRP O 181 -14.65 36.06 48.96
N TRP O 182 -15.11 36.49 50.14
CA TRP O 182 -15.04 35.66 51.33
C TRP O 182 -16.42 35.40 51.93
N VAL O 183 -16.89 34.17 51.73
CA VAL O 183 -18.15 33.73 52.31
C VAL O 183 -17.89 32.84 53.52
N ASN O 184 -18.33 33.32 54.68
CA ASN O 184 -18.14 32.60 55.94
C ASN O 184 -16.66 32.32 56.23
N GLY O 185 -15.82 33.32 56.04
CA GLY O 185 -14.42 33.24 56.41
C GLY O 185 -13.57 32.38 55.49
N LYS O 186 -14.16 31.90 54.41
CA LYS O 186 -13.42 31.08 53.46
C LYS O 186 -13.49 31.68 52.06
N GLU O 187 -12.33 31.79 51.42
CA GLU O 187 -12.24 32.35 50.08
C GLU O 187 -12.98 31.46 49.09
N VAL O 188 -13.79 32.07 48.23
CA VAL O 188 -14.56 31.34 47.24
C VAL O 188 -14.21 31.76 45.80
N HIS O 189 -14.40 30.85 44.86
CA HIS O 189 -14.10 31.11 43.44
C HIS O 189 -15.26 30.76 42.52
N SER O 190 -16.03 29.73 42.89
CA SER O 190 -17.21 29.36 42.11
C SER O 190 -18.24 30.49 42.16
N GLY O 191 -18.75 30.88 41.00
CA GLY O 191 -19.75 31.93 40.93
C GLY O 191 -19.18 33.33 41.10
N VAL O 192 -17.87 33.45 40.93
CA VAL O 192 -17.20 34.75 41.01
C VAL O 192 -16.74 35.22 39.65
N CYS O 193 -16.87 36.51 39.39
CA CYS O 193 -16.36 37.12 38.16
C CYS O 193 -15.83 38.51 38.47
N THR O 194 -14.56 38.75 38.17
CA THR O 194 -13.97 40.05 38.42
C THR O 194 -13.45 40.65 37.11
N ASP O 195 -13.58 41.96 36.96
CA ASP O 195 -13.11 42.64 35.75
C ASP O 195 -11.69 42.26 35.39
N PRO O 196 -11.42 42.06 34.09
CA PRO O 196 -10.07 41.77 33.64
C PRO O 196 -9.12 42.93 33.96
N GLN O 197 -9.48 44.12 33.50
CA GLN O 197 -8.66 45.31 33.76
C GLN O 197 -9.52 46.40 34.40
N PRO O 198 -9.02 46.99 35.50
CA PRO O 198 -9.71 48.13 36.13
C PRO O 198 -9.74 49.36 35.22
N LEU O 199 -10.85 50.09 35.23
CA LEU O 199 -11.00 51.24 34.34
C LEU O 199 -10.65 52.56 35.02
N LYS O 200 -10.16 53.52 34.22
CA LYS O 200 -9.88 54.86 34.71
C LYS O 200 -11.19 55.59 35.01
N GLU O 201 -11.26 56.22 36.17
CA GLU O 201 -12.43 57.00 36.56
C GLU O 201 -12.51 58.27 35.72
N GLN O 202 -11.35 58.71 35.22
CA GLN O 202 -11.27 59.86 34.32
C GLN O 202 -10.26 59.60 33.20
N PRO O 203 -10.76 59.13 32.05
CA PRO O 203 -9.94 58.80 30.88
C PRO O 203 -9.07 59.96 30.40
N ALA O 204 -9.66 61.15 30.28
CA ALA O 204 -8.88 62.35 30.00
C ALA O 204 -7.96 62.62 31.18
N LEU O 205 -6.80 63.23 30.90
CA LEU O 205 -5.75 63.49 31.90
C LEU O 205 -5.05 62.18 32.27
N ASN O 206 -3.84 62.29 32.80
CA ASN O 206 -3.07 61.12 33.18
C ASN O 206 -2.95 61.05 34.71
N ASP O 207 -2.46 59.91 35.20
CA ASP O 207 -2.36 59.64 36.63
C ASP O 207 -3.76 59.56 37.26
N SER O 208 -4.75 59.33 36.41
CA SER O 208 -6.14 59.23 36.86
C SER O 208 -6.33 58.01 37.76
N ARG O 209 -7.15 58.18 38.80
CA ARG O 209 -7.43 57.08 39.73
C ARG O 209 -8.35 56.05 39.07
N TYR O 210 -8.32 54.82 39.58
CA TYR O 210 -8.97 53.70 38.90
C TYR O 210 -10.19 53.18 39.67
N ALA O 211 -11.01 52.39 38.97
CA ALA O 211 -12.16 51.74 39.57
C ALA O 211 -12.25 50.28 39.11
N LEU O 212 -12.73 49.40 40.01
CA LEU O 212 -12.81 47.98 39.71
C LEU O 212 -14.03 47.32 40.35
N SER O 213 -14.79 46.54 39.59
CA SER O 213 -15.97 45.86 40.13
C SER O 213 -15.86 44.33 40.06
N SER O 214 -16.70 43.66 40.82
CA SER O 214 -16.73 42.20 40.86
C SER O 214 -18.10 41.65 41.24
N ARG O 215 -18.39 40.43 40.81
CA ARG O 215 -19.68 39.82 41.09
C ARG O 215 -19.53 38.49 41.83
N LEU O 216 -20.45 38.22 42.74
CA LEU O 216 -20.54 36.92 43.39
C LEU O 216 -21.98 36.44 43.32
N ARG O 217 -22.22 35.39 42.55
CA ARG O 217 -23.57 34.88 42.42
C ARG O 217 -23.74 33.57 43.17
N VAL O 218 -24.75 33.53 44.02
CA VAL O 218 -25.12 32.34 44.77
C VAL O 218 -26.63 32.12 44.65
N SER O 219 -27.10 30.92 45.02
CA SER O 219 -28.52 30.62 44.95
C SER O 219 -29.31 31.55 45.86
N ALA O 220 -30.56 31.83 45.50
CA ALA O 220 -31.40 32.75 46.26
C ALA O 220 -31.57 32.28 47.70
N THR O 221 -31.81 30.99 47.86
CA THR O 221 -32.04 30.39 49.17
C THR O 221 -30.84 30.56 50.09
N PHE O 222 -29.65 30.54 49.52
CA PHE O 222 -28.43 30.73 50.28
C PHE O 222 -28.31 32.18 50.75
N TRP O 223 -28.75 33.10 49.90
CA TRP O 223 -28.70 34.52 50.24
C TRP O 223 -29.73 34.90 51.28
N GLN O 224 -30.85 34.17 51.31
CA GLN O 224 -31.93 34.51 52.22
C GLN O 224 -31.74 33.94 53.61
N ASN O 225 -30.62 33.25 53.82
CA ASN O 225 -30.22 32.79 55.14
C ASN O 225 -29.34 33.84 55.81
N PRO O 226 -29.87 34.49 56.86
CA PRO O 226 -29.18 35.62 57.51
C PRO O 226 -27.91 35.21 58.27
N ARG O 227 -27.70 33.91 58.46
CA ARG O 227 -26.51 33.44 59.17
C ARG O 227 -25.29 33.43 58.28
N ASN O 228 -25.53 33.49 56.97
CA ASN O 228 -24.46 33.49 55.99
C ASN O 228 -23.83 34.88 55.85
N HIS O 229 -22.51 34.94 55.92
CA HIS O 229 -21.78 36.20 55.93
C HIS O 229 -20.94 36.37 54.66
N PHE O 230 -21.11 37.51 54.00
CA PHE O 230 -20.40 37.80 52.76
C PHE O 230 -19.41 38.93 52.93
N ARG O 231 -18.19 38.73 52.44
CA ARG O 231 -17.17 39.78 52.50
C ARG O 231 -16.36 39.91 51.21
N CYS O 232 -16.28 41.13 50.69
CA CYS O 232 -15.44 41.45 49.54
C CYS O 232 -14.12 42.06 50.02
N GLN O 233 -13.01 41.40 49.74
CA GLN O 233 -11.71 41.86 50.24
C GLN O 233 -10.79 42.32 49.13
N VAL O 234 -10.26 43.54 49.26
CA VAL O 234 -9.35 44.09 48.26
C VAL O 234 -7.97 44.41 48.83
N GLN O 235 -6.96 43.74 48.30
CA GLN O 235 -5.58 43.98 48.69
C GLN O 235 -4.95 45.10 47.85
N PHE O 236 -4.56 46.18 48.51
CA PHE O 236 -3.93 47.27 47.78
C PHE O 236 -2.43 47.26 47.98
N TYR O 237 -1.69 47.48 46.88
CA TYR O 237 -0.25 47.52 46.93
C TYR O 237 0.24 48.95 46.77
N GLY O 238 0.73 49.55 47.86
CA GLY O 238 1.18 50.92 47.81
C GLY O 238 2.54 51.12 48.45
N LEU O 239 2.63 52.14 49.30
CA LEU O 239 3.89 52.52 49.93
C LEU O 239 4.22 51.58 51.10
N SER O 240 5.44 51.68 51.61
CA SER O 240 5.84 50.90 52.78
C SER O 240 6.11 51.82 53.96
N GLU O 241 6.41 51.24 55.13
CA GLU O 241 6.63 52.04 56.33
C GLU O 241 7.83 52.97 56.18
N ASN O 242 8.83 52.53 55.42
CA ASN O 242 10.07 53.29 55.25
C ASN O 242 9.95 54.50 54.32
N ASP O 243 9.05 54.43 53.34
CA ASP O 243 8.84 55.56 52.43
C ASP O 243 8.34 56.78 53.20
N GLU O 244 8.83 57.96 52.82
CA GLU O 244 8.44 59.19 53.51
C GLU O 244 7.06 59.68 53.06
N TRP O 245 6.33 60.27 54.01
CA TRP O 245 4.99 60.77 53.74
C TRP O 245 4.72 62.04 54.56
N THR O 246 4.57 63.16 53.88
CA THR O 246 4.43 64.45 54.54
C THR O 246 3.08 65.12 54.25
N GLN O 247 2.09 64.34 53.83
CA GLN O 247 0.79 64.90 53.49
C GLN O 247 -0.17 64.86 54.70
N ASP O 248 -1.26 65.63 54.60
CA ASP O 248 -2.27 65.68 55.66
C ASP O 248 -3.03 64.37 55.76
N ARG O 249 -3.54 63.89 54.62
CA ARG O 249 -4.28 62.64 54.58
C ARG O 249 -3.41 61.44 54.97
N ALA O 250 -4.07 60.31 55.25
CA ALA O 250 -3.40 59.10 55.71
C ALA O 250 -2.39 58.53 54.70
N LYS O 251 -1.33 57.92 55.22
CA LYS O 251 -0.29 57.31 54.41
C LYS O 251 -0.83 56.10 53.64
N PRO O 252 -0.84 56.19 52.30
CA PRO O 252 -1.38 55.15 51.41
C PRO O 252 -0.46 53.93 51.31
N VAL O 253 -0.34 53.19 52.41
CA VAL O 253 0.52 52.02 52.45
C VAL O 253 -0.18 50.79 51.89
N THR O 254 0.58 49.72 51.68
CA THR O 254 -0.01 48.43 51.35
C THR O 254 -0.96 48.05 52.45
N GLN O 255 -2.20 47.72 52.08
CA GLN O 255 -3.26 47.53 53.04
C GLN O 255 -4.44 46.76 52.46
N ILE O 256 -5.26 46.20 53.35
CA ILE O 256 -6.51 45.57 52.95
C ILE O 256 -7.70 46.50 53.20
N VAL O 257 -8.50 46.72 52.17
CA VAL O 257 -9.73 47.50 52.30
C VAL O 257 -10.92 46.61 52.01
N SER O 258 -11.84 46.52 52.97
CA SER O 258 -12.95 45.57 52.86
C SER O 258 -14.33 46.21 52.98
N ALA O 259 -15.32 45.49 52.46
CA ALA O 259 -16.72 45.80 52.68
C ALA O 259 -17.49 44.49 52.79
N GLU O 260 -18.55 44.47 53.60
CA GLU O 260 -19.23 43.21 53.88
C GLU O 260 -20.75 43.37 53.89
N ALA O 261 -21.44 42.23 53.95
CA ALA O 261 -22.90 42.21 54.01
C ALA O 261 -23.41 40.89 54.59
N TRP O 262 -24.51 40.98 55.35
CA TRP O 262 -25.13 39.80 55.93
C TRP O 262 -26.33 39.35 55.13
N GLY O 263 -26.63 38.06 55.20
CA GLY O 263 -27.79 37.49 54.52
C GLY O 263 -29.10 38.11 54.98
N ARG O 264 -30.09 38.13 54.09
CA ARG O 264 -31.35 38.81 54.36
C ARG O 264 -32.54 37.93 53.97
N ALA O 265 -33.42 37.66 54.93
CA ALA O 265 -34.62 36.88 54.67
C ALA O 265 -35.60 37.68 53.80
N ASP O 266 -36.75 37.06 53.48
CA ASP O 266 -37.75 37.70 52.62
C ASP O 266 -38.43 38.89 53.28
N LYS P 5 1.08 -0.92 20.70
CA LYS P 5 2.34 -1.23 20.02
C LYS P 5 3.24 -2.13 20.87
N GLU P 6 3.42 -3.37 20.41
CA GLU P 6 4.23 -4.34 21.13
C GLU P 6 5.70 -4.11 20.82
N GLU P 7 6.48 -3.76 21.84
CA GLU P 7 7.89 -3.43 21.64
C GLU P 7 8.76 -4.26 22.58
N HIS P 8 9.55 -5.18 22.02
CA HIS P 8 10.32 -6.14 22.82
C HIS P 8 11.73 -6.39 22.34
N THR P 9 12.49 -7.17 23.12
CA THR P 9 13.90 -7.44 22.87
C THR P 9 14.32 -8.87 23.17
N ILE P 10 14.97 -9.52 22.21
CA ILE P 10 15.50 -10.86 22.40
C ILE P 10 17.01 -10.88 22.23
N ILE P 11 17.72 -11.36 23.25
CA ILE P 11 19.17 -11.37 23.23
C ILE P 11 19.73 -12.77 23.37
N GLN P 12 20.66 -13.13 22.48
CA GLN P 12 21.43 -14.35 22.69
C GLN P 12 22.83 -13.97 23.13
N ALA P 13 23.14 -14.24 24.39
CA ALA P 13 24.43 -13.87 24.96
C ALA P 13 25.26 -15.10 25.28
N GLU P 14 26.48 -15.13 24.78
CA GLU P 14 27.36 -16.26 25.01
C GLU P 14 28.80 -15.76 25.17
N PHE P 15 29.55 -16.40 26.05
CA PHE P 15 30.93 -16.01 26.25
C PHE P 15 31.81 -17.16 26.70
N TYR P 16 33.11 -16.98 26.56
CA TYR P 16 34.10 -17.89 27.12
C TYR P 16 35.13 -17.09 27.91
N LEU P 17 35.47 -17.57 29.09
CA LEU P 17 36.29 -16.81 30.01
C LEU P 17 37.55 -17.54 30.41
N LEU P 18 38.68 -16.83 30.40
CA LEU P 18 39.92 -17.34 30.93
C LEU P 18 40.36 -16.48 32.11
N PRO P 19 41.06 -17.08 33.10
CA PRO P 19 41.59 -18.43 33.14
C PRO P 19 40.61 -19.48 33.66
N ASP P 20 39.38 -19.05 33.97
CA ASP P 20 38.38 -19.96 34.54
C ASP P 20 38.01 -21.12 33.63
N LYS P 21 38.35 -21.00 32.35
CA LYS P 21 38.13 -22.06 31.36
C LYS P 21 36.66 -22.52 31.31
N ARG P 22 35.75 -21.58 31.53
CA ARG P 22 34.33 -21.89 31.46
C ARG P 22 33.60 -20.98 30.50
N GLY P 23 32.56 -21.53 29.86
CA GLY P 23 31.75 -20.81 28.91
C GLY P 23 30.28 -20.81 29.34
N GLU P 24 29.49 -19.95 28.72
CA GLU P 24 28.09 -19.78 29.13
C GLU P 24 27.20 -19.38 27.97
N PHE P 25 25.96 -19.87 27.93
CA PHE P 25 25.06 -19.63 26.81
C PHE P 25 23.63 -19.41 27.31
N MET P 26 23.00 -18.30 26.91
CA MET P 26 21.66 -18.00 27.39
C MET P 26 20.85 -17.08 26.47
N PHE P 27 19.54 -17.06 26.69
CA PHE P 27 18.60 -16.24 25.95
C PHE P 27 17.88 -15.27 26.88
N ASP P 28 17.70 -14.03 26.42
CA ASP P 28 17.03 -13.02 27.24
C ASP P 28 15.80 -12.44 26.55
N PHE P 29 14.73 -12.23 27.32
CA PHE P 29 13.51 -11.61 26.80
C PHE P 29 13.08 -10.40 27.65
N ASP P 30 13.34 -9.21 27.11
CA ASP P 30 12.93 -7.95 27.74
C ASP P 30 13.46 -7.79 29.15
N GLY P 31 14.67 -8.28 29.39
CA GLY P 31 15.34 -8.12 30.67
C GLY P 31 15.33 -9.35 31.56
N ASP P 32 14.68 -10.41 31.10
CA ASP P 32 14.58 -11.64 31.88
C ASP P 32 15.15 -12.84 31.11
N GLU P 33 15.67 -13.82 31.84
CA GLU P 33 16.21 -15.03 31.22
C GLU P 33 15.12 -16.00 30.76
N ILE P 34 15.24 -16.51 29.54
CA ILE P 34 14.34 -17.54 29.04
C ILE P 34 14.86 -18.91 29.43
N PHE P 35 16.13 -19.14 29.17
CA PHE P 35 16.78 -20.39 29.50
C PHE P 35 18.29 -20.21 29.45
N HIS P 36 19.02 -21.25 29.81
CA HIS P 36 20.46 -21.28 29.59
C HIS P 36 20.91 -22.72 29.39
N VAL P 37 22.15 -22.89 28.94
CA VAL P 37 22.66 -24.23 28.69
C VAL P 37 23.82 -24.54 29.62
N ASP P 38 23.66 -25.60 30.42
CA ASP P 38 24.77 -26.09 31.23
C ASP P 38 25.77 -26.71 30.26
N ILE P 39 26.85 -25.98 30.00
CA ILE P 39 27.82 -26.40 29.01
C ILE P 39 28.46 -27.74 29.39
N GLU P 40 28.71 -27.91 30.69
CA GLU P 40 29.31 -29.15 31.20
C GLU P 40 28.36 -30.33 31.03
N LYS P 41 27.12 -30.19 31.49
CA LYS P 41 26.16 -31.29 31.45
C LYS P 41 25.53 -31.47 30.07
N SER P 42 25.61 -30.44 29.24
CA SER P 42 24.98 -30.41 27.92
C SER P 42 23.48 -30.61 28.00
N GLU P 43 22.80 -29.73 28.73
CA GLU P 43 21.34 -29.72 28.76
C GLU P 43 20.77 -28.31 28.92
N THR P 44 19.61 -28.10 28.31
CA THR P 44 18.95 -26.80 28.34
C THR P 44 18.19 -26.61 29.65
N ILE P 45 18.45 -25.49 30.32
CA ILE P 45 17.88 -25.23 31.64
C ILE P 45 16.93 -24.04 31.63
N TRP P 46 15.64 -24.34 31.60
CA TRP P 46 14.60 -23.31 31.49
C TRP P 46 14.39 -22.55 32.80
N ARG P 47 14.46 -21.23 32.73
CA ARG P 47 14.34 -20.37 33.92
C ARG P 47 13.07 -20.62 34.72
N LEU P 48 11.94 -20.74 34.01
CA LEU P 48 10.70 -21.20 34.62
C LEU P 48 10.35 -22.54 33.99
N GLU P 49 10.00 -23.52 34.82
CA GLU P 49 9.76 -24.88 34.32
C GLU P 49 8.64 -24.90 33.30
N GLU P 50 7.70 -23.96 33.43
CA GLU P 50 6.54 -23.89 32.54
C GLU P 50 6.89 -23.55 31.09
N PHE P 51 8.06 -22.96 30.87
CA PHE P 51 8.48 -22.58 29.52
C PHE P 51 8.71 -23.80 28.63
N ALA P 52 9.15 -24.89 29.25
CA ALA P 52 9.57 -26.07 28.50
C ALA P 52 8.43 -26.69 27.70
N LYS P 53 7.20 -26.29 28.04
CA LYS P 53 6.04 -26.82 27.35
C LYS P 53 5.83 -26.12 26.01
N PHE P 54 6.57 -25.05 25.77
CA PHE P 54 6.32 -24.25 24.57
C PHE P 54 7.48 -24.23 23.57
N ALA P 55 8.71 -24.40 24.05
CA ALA P 55 9.87 -24.28 23.18
C ALA P 55 10.97 -25.28 23.51
N SER P 56 11.88 -25.50 22.57
CA SER P 56 12.93 -26.49 22.71
C SER P 56 14.24 -25.95 22.16
N PHE P 57 15.35 -26.33 22.79
CA PHE P 57 16.65 -25.94 22.27
C PHE P 57 17.68 -27.06 22.34
N GLU P 58 18.26 -27.37 21.19
CA GLU P 58 19.25 -28.43 21.08
C GLU P 58 20.57 -27.97 21.68
N ALA P 59 20.98 -28.61 22.76
CA ALA P 59 22.09 -28.09 23.57
C ALA P 59 23.41 -28.15 22.83
N GLN P 60 23.64 -29.20 22.06
CA GLN P 60 24.93 -29.37 21.39
C GLN P 60 25.12 -28.28 20.34
N GLY P 61 24.05 -27.54 20.07
CA GLY P 61 24.16 -26.34 19.25
C GLY P 61 24.93 -25.28 20.01
N ALA P 62 24.58 -25.11 21.29
CA ALA P 62 25.23 -24.15 22.18
C ALA P 62 26.66 -24.54 22.54
N LEU P 63 26.90 -25.83 22.70
CA LEU P 63 28.24 -26.31 23.03
C LEU P 63 29.21 -25.90 21.94
N ALA P 64 28.81 -26.16 20.70
CA ALA P 64 29.63 -25.84 19.54
C ALA P 64 29.99 -24.36 19.50
N ASN P 65 29.02 -23.52 19.81
CA ASN P 65 29.23 -22.08 19.80
C ASN P 65 30.28 -21.69 20.83
N ILE P 66 30.12 -22.20 22.04
CA ILE P 66 31.06 -21.94 23.12
C ILE P 66 32.43 -22.47 22.73
N ALA P 67 32.45 -23.61 22.04
CA ALA P 67 33.69 -24.19 21.53
C ALA P 67 34.42 -23.23 20.59
N VAL P 68 33.67 -22.59 19.69
CA VAL P 68 34.24 -21.60 18.78
C VAL P 68 34.68 -20.36 19.54
N ASP P 69 33.90 -19.96 20.54
CA ASP P 69 34.24 -18.81 21.36
C ASP P 69 35.55 -19.05 22.10
N LYS P 70 35.79 -20.29 22.52
CA LYS P 70 37.07 -20.64 23.11
C LYS P 70 38.19 -20.39 22.11
N ALA P 71 38.07 -21.00 20.93
CA ALA P 71 39.08 -20.88 19.89
C ALA P 71 39.31 -19.43 19.49
N ASN P 72 38.23 -18.67 19.38
CA ASN P 72 38.33 -17.26 19.04
C ASN P 72 39.07 -16.47 20.11
N LEU P 73 38.86 -16.83 21.38
CA LEU P 73 39.46 -16.10 22.48
C LEU P 73 40.96 -16.05 22.33
N ASP P 74 41.53 -17.18 21.98
CA ASP P 74 42.97 -17.29 21.81
C ASP P 74 43.42 -16.40 20.67
N VAL P 75 42.63 -16.33 19.60
CA VAL P 75 42.93 -15.46 18.47
C VAL P 75 42.91 -13.99 18.85
N MET P 76 41.99 -13.63 19.73
CA MET P 76 41.87 -12.24 20.20
C MET P 76 42.99 -11.86 21.15
N LYS P 77 43.45 -12.84 21.93
CA LYS P 77 44.57 -12.63 22.84
C LYS P 77 45.83 -12.31 22.05
N GLU P 78 46.09 -13.09 21.00
CA GLU P 78 47.27 -12.87 20.18
C GLU P 78 47.18 -11.59 19.37
N ARG P 79 45.96 -11.21 19.00
CA ARG P 79 45.75 -10.03 18.19
C ARG P 79 46.06 -8.77 18.97
N SER P 80 45.49 -8.67 20.17
CA SER P 80 45.68 -7.48 21.00
C SER P 80 47.12 -7.36 21.48
N ASN P 81 47.74 -6.24 21.13
CA ASN P 81 49.12 -5.98 21.47
C ASN P 81 49.27 -6.08 22.97
N ASN P 82 48.55 -5.22 23.69
CA ASN P 82 48.52 -5.28 25.14
C ASN P 82 47.10 -5.47 25.64
N THR P 83 46.87 -6.51 26.43
CA THR P 83 45.59 -6.66 27.10
C THR P 83 45.74 -6.15 28.53
N PRO P 84 45.14 -4.98 28.80
CA PRO P 84 45.24 -4.34 30.12
C PRO P 84 44.16 -4.83 31.07
N ASP P 85 44.55 -5.35 32.23
CA ASP P 85 43.55 -5.77 33.20
C ASP P 85 42.86 -4.50 33.71
N ALA P 86 41.54 -4.51 33.67
CA ALA P 86 40.77 -3.42 34.23
C ALA P 86 39.49 -4.03 34.76
N ASN P 87 38.99 -3.47 35.85
CA ASN P 87 37.82 -4.05 36.49
C ASN P 87 36.77 -3.02 36.81
N VAL P 88 35.53 -3.41 36.62
CA VAL P 88 34.40 -2.61 37.03
C VAL P 88 33.78 -3.24 38.28
N ALA P 89 33.80 -2.50 39.37
CA ALA P 89 33.22 -2.98 40.62
C ALA P 89 31.72 -3.14 40.53
N PRO P 90 31.18 -4.21 41.15
CA PRO P 90 29.75 -4.51 41.22
C PRO P 90 29.00 -3.53 42.10
N GLU P 91 27.70 -3.44 41.91
CA GLU P 91 26.87 -2.66 42.81
C GLU P 91 25.82 -3.57 43.43
N VAL P 92 25.83 -3.68 44.76
CA VAL P 92 25.01 -4.69 45.41
C VAL P 92 23.84 -4.08 46.17
N THR P 93 22.68 -4.71 46.03
CA THR P 93 21.46 -4.27 46.70
C THR P 93 20.68 -5.51 47.16
N VAL P 94 20.35 -5.55 48.45
CA VAL P 94 19.58 -6.65 49.00
C VAL P 94 18.20 -6.18 49.43
N LEU P 95 17.18 -6.96 49.07
CA LEU P 95 15.80 -6.65 49.41
C LEU P 95 14.91 -7.88 49.26
N SER P 96 13.67 -7.75 49.71
CA SER P 96 12.72 -8.85 49.73
C SER P 96 11.85 -8.92 48.47
N ARG P 97 11.62 -10.13 47.98
CA ARG P 97 10.80 -10.35 46.79
C ARG P 97 9.36 -9.90 47.03
N SER P 98 8.84 -10.22 48.20
CA SER P 98 7.48 -9.84 48.56
C SER P 98 7.56 -8.93 49.78
N PRO P 99 6.50 -8.15 50.04
CA PRO P 99 6.44 -7.46 51.33
C PRO P 99 6.51 -8.44 52.51
N VAL P 100 7.34 -8.13 53.50
CA VAL P 100 7.63 -9.07 54.58
C VAL P 100 6.60 -8.99 55.70
N ASN P 101 5.96 -10.12 55.96
CA ASN P 101 5.04 -10.26 57.09
C ASN P 101 5.55 -11.32 58.06
N LEU P 102 5.46 -11.04 59.36
CA LEU P 102 5.99 -11.92 60.39
C LEU P 102 5.38 -13.32 60.32
N GLY P 103 6.25 -14.33 60.33
CA GLY P 103 5.83 -15.73 60.28
C GLY P 103 5.45 -16.22 58.90
N GLU P 104 5.45 -15.32 57.93
CA GLU P 104 5.05 -15.64 56.56
C GLU P 104 6.26 -15.80 55.64
N PRO P 105 6.51 -17.02 55.14
CA PRO P 105 7.68 -17.38 54.33
C PRO P 105 7.91 -16.42 53.16
N ASN P 106 9.16 -16.08 52.90
CA ASN P 106 9.50 -15.11 51.87
C ASN P 106 10.87 -15.41 51.26
N ILE P 107 11.32 -14.55 50.35
CA ILE P 107 12.60 -14.74 49.69
C ILE P 107 13.44 -13.44 49.71
N LEU P 108 14.72 -13.58 50.06
CA LEU P 108 15.67 -12.47 49.98
C LEU P 108 16.42 -12.48 48.65
N ILE P 109 16.58 -11.30 48.07
CA ILE P 109 17.28 -11.16 46.79
C ILE P 109 18.60 -10.40 46.92
N CYS P 110 19.68 -11.01 46.46
CA CYS P 110 20.96 -10.31 46.40
C CYS P 110 21.21 -9.88 44.96
N PHE P 111 21.03 -8.60 44.68
CA PHE P 111 21.07 -8.06 43.32
C PHE P 111 22.43 -7.43 42.97
N ILE P 112 23.29 -8.20 42.33
CA ILE P 112 24.58 -7.72 41.85
C ILE P 112 24.46 -7.18 40.43
N ASP P 113 24.92 -5.96 40.20
CA ASP P 113 24.69 -5.27 38.94
C ASP P 113 25.92 -4.46 38.51
N LYS P 114 26.01 -4.19 37.20
CA LYS P 114 27.04 -3.32 36.62
C LYS P 114 28.48 -3.74 36.93
N PHE P 115 28.83 -4.98 36.65
CA PHE P 115 30.19 -5.45 36.93
C PHE P 115 30.78 -6.25 35.78
N SER P 116 32.11 -6.35 35.78
CA SER P 116 32.84 -7.16 34.82
C SER P 116 34.29 -7.22 35.31
N PRO P 117 34.96 -8.38 35.18
CA PRO P 117 34.56 -9.62 34.49
C PRO P 117 33.46 -10.38 35.21
N PRO P 118 32.81 -11.33 34.51
CA PRO P 118 31.74 -12.15 35.07
C PRO P 118 32.24 -13.28 36.00
N VAL P 119 32.86 -12.91 37.12
CA VAL P 119 33.27 -13.86 38.15
C VAL P 119 33.12 -13.25 39.54
N VAL P 120 32.37 -13.90 40.41
CA VAL P 120 32.22 -13.42 41.79
C VAL P 120 32.25 -14.54 42.82
N ASN P 121 32.52 -14.17 44.07
CA ASN P 121 32.26 -15.04 45.21
C ASN P 121 31.09 -14.44 45.99
N VAL P 122 30.00 -15.17 46.08
CA VAL P 122 28.86 -14.66 46.84
C VAL P 122 28.55 -15.59 48.00
N THR P 123 28.39 -15.01 49.19
CA THR P 123 28.08 -15.80 50.37
C THR P 123 26.94 -15.17 51.18
N TRP P 124 25.95 -15.99 51.51
CA TRP P 124 24.85 -15.57 52.35
C TRP P 124 25.21 -15.73 53.82
N LEU P 125 24.80 -14.79 54.65
CA LEU P 125 25.16 -14.85 56.07
C LEU P 125 23.95 -14.69 56.99
N ARG P 126 23.49 -15.81 57.56
CA ARG P 126 22.47 -15.76 58.60
C ARG P 126 23.16 -15.64 59.95
N ASN P 127 22.98 -14.49 60.61
CA ASN P 127 23.53 -14.24 61.92
C ASN P 127 25.06 -14.34 61.94
N GLY P 128 25.69 -14.00 60.82
CA GLY P 128 27.13 -13.97 60.71
C GLY P 128 27.75 -15.27 60.25
N ARG P 129 26.91 -16.29 60.03
CA ARG P 129 27.40 -17.56 59.50
C ARG P 129 26.78 -17.94 58.17
N PRO P 130 27.60 -18.47 57.25
CA PRO P 130 27.23 -18.90 55.90
C PRO P 130 26.06 -19.87 55.89
N VAL P 131 25.24 -19.75 54.85
CA VAL P 131 24.08 -20.61 54.66
C VAL P 131 24.31 -21.47 53.42
N THR P 132 23.98 -22.76 53.52
CA THR P 132 24.14 -23.66 52.39
C THR P 132 22.78 -24.18 51.91
N GLU P 133 21.77 -24.03 52.76
CA GLU P 133 20.43 -24.53 52.47
C GLU P 133 19.44 -23.43 52.12
N GLY P 134 18.69 -23.63 51.04
CA GLY P 134 17.67 -22.69 50.60
C GLY P 134 18.22 -21.49 49.86
N VAL P 135 19.33 -21.72 49.14
CA VAL P 135 19.97 -20.66 48.38
C VAL P 135 19.87 -20.93 46.90
N SER P 136 19.62 -19.89 46.12
CA SER P 136 19.45 -20.02 44.69
C SER P 136 20.42 -19.10 43.97
N GLU P 137 20.80 -19.48 42.76
CA GLU P 137 21.78 -18.73 41.99
C GLU P 137 21.36 -18.63 40.54
N THR P 138 21.72 -17.51 39.90
CA THR P 138 21.44 -17.33 38.49
C THR P 138 22.74 -17.15 37.72
N VAL P 139 22.76 -17.68 36.49
CA VAL P 139 23.91 -17.48 35.60
C VAL P 139 24.14 -16.00 35.35
N PHE P 140 25.24 -15.67 34.69
CA PHE P 140 25.55 -14.27 34.41
C PHE P 140 24.66 -13.69 33.31
N LEU P 141 23.93 -12.64 33.67
CA LEU P 141 22.93 -12.01 32.80
C LEU P 141 23.50 -10.85 32.00
N PRO P 142 22.93 -10.57 30.82
CA PRO P 142 23.38 -9.47 29.97
C PRO P 142 22.78 -8.11 30.37
N ARG P 143 23.43 -7.03 29.96
CA ARG P 143 22.86 -5.69 30.10
C ARG P 143 22.84 -4.99 28.73
N ASP P 144 22.49 -3.70 28.74
CA ASP P 144 22.48 -2.90 27.52
C ASP P 144 23.91 -2.65 27.06
N ASP P 145 24.78 -2.49 28.05
CA ASP P 145 26.20 -2.26 27.85
C ASP P 145 27.08 -3.53 27.92
N HIS P 146 28.36 -3.31 28.21
CA HIS P 146 29.36 -4.37 28.31
C HIS P 146 29.37 -5.06 29.66
N LEU P 147 28.57 -4.56 30.61
CA LEU P 147 28.58 -5.10 31.96
C LEU P 147 27.60 -6.26 32.19
N PHE P 148 27.81 -6.98 33.28
CA PHE P 148 27.02 -8.14 33.62
C PHE P 148 26.11 -7.93 34.81
N ARG P 149 25.22 -8.89 35.03
CA ARG P 149 24.18 -8.78 36.05
C ARG P 149 23.90 -10.17 36.63
N LYS P 150 23.57 -10.24 37.92
CA LYS P 150 23.41 -11.53 38.58
C LYS P 150 22.44 -11.46 39.76
N PHE P 151 21.75 -12.56 40.02
CA PHE P 151 20.81 -12.64 41.14
C PHE P 151 21.14 -13.77 42.12
N HIS P 152 21.04 -13.48 43.41
CA HIS P 152 21.13 -14.52 44.44
C HIS P 152 19.91 -14.50 45.34
N TYR P 153 19.35 -15.68 45.57
CA TYR P 153 18.12 -15.83 46.32
C TYR P 153 18.32 -16.68 47.58
N LEU P 154 17.54 -16.37 48.60
CA LEU P 154 17.58 -17.11 49.86
C LEU P 154 16.18 -17.29 50.44
N THR P 155 15.77 -18.53 50.67
CA THR P 155 14.49 -18.79 51.31
C THR P 155 14.66 -18.73 52.82
N PHE P 156 13.69 -18.13 53.50
CA PHE P 156 13.82 -17.89 54.94
C PHE P 156 12.49 -17.72 55.65
N LEU P 157 12.51 -17.85 56.98
CA LEU P 157 11.36 -17.54 57.82
C LEU P 157 11.61 -16.23 58.58
N PRO P 158 10.69 -15.26 58.42
CA PRO P 158 10.81 -13.94 59.06
C PRO P 158 10.70 -13.98 60.57
N SER P 159 11.56 -13.21 61.24
CA SER P 159 11.51 -13.07 62.70
C SER P 159 12.27 -11.82 63.12
N THR P 160 11.89 -11.27 64.27
CA THR P 160 12.50 -10.04 64.76
C THR P 160 13.89 -10.31 65.36
N ASP P 161 14.24 -11.59 65.45
CA ASP P 161 15.53 -11.99 66.03
C ASP P 161 16.63 -12.09 64.98
N ASP P 162 16.26 -12.33 63.73
CA ASP P 162 17.23 -12.59 62.66
C ASP P 162 17.65 -11.36 61.87
N PHE P 163 18.93 -11.35 61.50
CA PHE P 163 19.48 -10.35 60.59
C PHE P 163 20.32 -11.07 59.55
N TYR P 164 20.18 -10.65 58.30
CA TYR P 164 20.84 -11.33 57.20
C TYR P 164 21.91 -10.47 56.53
N ASP P 165 22.86 -11.13 55.89
CA ASP P 165 23.92 -10.43 55.17
C ASP P 165 24.26 -11.12 53.86
N CYS P 166 24.57 -10.33 52.84
CA CYS P 166 25.04 -10.84 51.56
C CYS P 166 26.45 -10.33 51.30
N GLU P 167 27.40 -11.23 51.13
CA GLU P 167 28.78 -10.81 50.92
C GLU P 167 29.27 -11.20 49.51
N VAL P 168 29.62 -10.17 48.73
CA VAL P 168 30.05 -10.37 47.35
C VAL P 168 31.49 -9.92 47.14
N ASP P 169 32.31 -10.81 46.58
CA ASP P 169 33.70 -10.51 46.27
C ASP P 169 33.95 -10.48 44.77
N HIS P 170 34.64 -9.44 44.32
CA HIS P 170 34.96 -9.27 42.90
C HIS P 170 36.28 -8.54 42.74
N TRP P 171 36.99 -8.83 41.65
CA TRP P 171 38.32 -8.29 41.42
C TRP P 171 38.41 -6.76 41.32
N GLY P 172 37.27 -6.07 41.36
CA GLY P 172 37.26 -4.62 41.32
C GLY P 172 36.99 -3.99 42.67
N LEU P 173 36.69 -4.83 43.65
CA LEU P 173 36.44 -4.38 45.02
C LEU P 173 37.66 -4.62 45.90
N GLU P 174 38.02 -3.63 46.71
CA GLU P 174 39.15 -3.73 47.63
C GLU P 174 38.89 -4.74 48.75
N GLU P 175 37.73 -4.61 49.39
CA GLU P 175 37.31 -5.53 50.44
C GLU P 175 35.94 -6.06 50.08
N PRO P 176 35.72 -7.38 50.21
CA PRO P 176 34.43 -8.01 49.95
C PRO P 176 33.27 -7.17 50.45
N LEU P 177 32.33 -6.90 49.55
CA LEU P 177 31.21 -6.02 49.84
C LEU P 177 30.08 -6.76 50.53
N ARG P 178 29.68 -6.24 51.68
CA ARG P 178 28.62 -6.84 52.49
C ARG P 178 27.45 -5.87 52.67
N LYS P 179 26.28 -6.28 52.21
CA LYS P 179 25.07 -5.48 52.38
C LYS P 179 24.14 -6.10 53.40
N HIS P 180 23.67 -5.26 54.33
CA HIS P 180 22.93 -5.73 55.48
C HIS P 180 21.44 -5.62 55.23
N TRP P 181 20.66 -6.48 55.90
CA TRP P 181 19.20 -6.38 55.84
C TRP P 181 18.55 -7.06 57.03
N GLU P 182 17.68 -6.33 57.71
CA GLU P 182 16.84 -6.90 58.75
C GLU P 182 15.43 -6.32 58.65
N PHE P 183 14.53 -6.81 59.50
CA PHE P 183 13.11 -6.45 59.44
C PHE P 183 12.89 -4.95 59.58
N SER Q 7 47.98 -7.26 39.16
CA SER Q 7 46.73 -7.90 39.60
C SER Q 7 46.52 -9.23 38.87
N ARG Q 8 45.26 -9.59 38.66
CA ARG Q 8 44.92 -10.86 38.03
C ARG Q 8 44.40 -10.70 36.59
N PRO Q 9 45.17 -11.19 35.60
CA PRO Q 9 44.80 -11.12 34.19
C PRO Q 9 43.66 -12.10 33.83
N TRP Q 10 42.74 -11.61 33.00
CA TRP Q 10 41.59 -12.38 32.56
C TRP Q 10 41.34 -12.12 31.08
N PHE Q 11 40.65 -13.02 30.41
CA PHE Q 11 40.36 -12.86 28.99
C PHE Q 11 38.93 -13.29 28.65
N LEU Q 12 38.16 -12.36 28.10
CA LEU Q 12 36.75 -12.59 27.83
C LEU Q 12 36.39 -12.42 26.37
N GLU Q 13 35.72 -13.42 25.81
CA GLU Q 13 35.13 -13.33 24.48
C GLU Q 13 33.62 -13.31 24.59
N TYR Q 14 33.04 -12.13 24.49
CA TYR Q 14 31.62 -11.94 24.76
C TYR Q 14 30.89 -11.57 23.49
N CYS Q 15 29.75 -12.21 23.23
CA CYS Q 15 29.00 -11.87 22.02
C CYS Q 15 27.48 -11.88 22.30
N LYS Q 16 26.85 -10.75 22.05
CA LYS Q 16 25.42 -10.63 22.24
C LYS Q 16 24.74 -10.37 20.89
N SER Q 17 23.78 -11.22 20.56
CA SER Q 17 22.98 -11.01 19.36
C SER Q 17 21.59 -10.49 19.74
N GLU Q 18 21.33 -9.21 19.47
CA GLU Q 18 20.10 -8.55 19.90
C GLU Q 18 19.05 -8.45 18.80
N CYS Q 19 17.83 -8.90 19.11
CA CYS Q 19 16.69 -8.80 18.22
C CYS Q 19 15.73 -7.72 18.70
N HIS Q 20 15.66 -6.61 17.97
CA HIS Q 20 14.81 -5.50 18.37
C HIS Q 20 13.53 -5.48 17.58
N PHE Q 21 12.42 -5.52 18.31
CA PHE Q 21 11.10 -5.54 17.71
C PHE Q 21 10.37 -4.27 18.06
N TYR Q 22 10.17 -3.40 17.06
CA TYR Q 22 9.32 -2.23 17.25
C TYR Q 22 7.98 -2.51 16.63
N ASN Q 23 6.91 -2.40 17.42
CA ASN Q 23 5.55 -2.74 16.96
C ASN Q 23 5.51 -4.16 16.40
N GLY Q 24 5.79 -5.14 17.24
CA GLY Q 24 5.69 -6.54 16.85
C GLY Q 24 6.71 -6.90 15.80
N THR Q 25 6.29 -7.69 14.82
CA THR Q 25 7.19 -8.08 13.73
C THR Q 25 7.07 -7.16 12.53
N GLN Q 26 6.50 -5.97 12.72
CA GLN Q 26 6.41 -5.01 11.62
C GLN Q 26 7.80 -4.51 11.26
N ARG Q 27 8.44 -3.83 12.20
CA ARG Q 27 9.78 -3.26 12.01
C ARG Q 27 10.78 -4.00 12.92
N VAL Q 28 11.75 -4.68 12.32
CA VAL Q 28 12.69 -5.47 13.10
C VAL Q 28 14.16 -5.24 12.71
N ARG Q 29 15.01 -4.98 13.70
CA ARG Q 29 16.45 -4.86 13.43
C ARG Q 29 17.31 -5.77 14.30
N LEU Q 30 18.38 -6.27 13.71
CA LEU Q 30 19.30 -7.19 14.37
C LEU Q 30 20.62 -6.49 14.65
N LEU Q 31 21.10 -6.59 15.88
CA LEU Q 31 22.35 -5.95 16.25
C LEU Q 31 23.27 -6.91 17.01
N VAL Q 32 24.27 -7.44 16.31
CA VAL Q 32 25.26 -8.31 16.92
C VAL Q 32 26.48 -7.51 17.38
N ARG Q 33 26.83 -7.67 18.64
CA ARG Q 33 27.94 -6.93 19.26
C ARG Q 33 28.96 -7.89 19.86
N TYR Q 34 30.20 -7.78 19.38
CA TYR Q 34 31.29 -8.59 19.87
C TYR Q 34 32.10 -7.79 20.87
N PHE Q 35 32.42 -8.41 22.00
CA PHE Q 35 33.21 -7.77 23.04
C PHE Q 35 34.52 -8.51 23.31
N TYR Q 36 35.53 -7.77 23.72
CA TYR Q 36 36.75 -8.38 24.23
C TYR Q 36 37.08 -7.73 25.57
N ASN Q 37 36.92 -8.50 26.62
CA ASN Q 37 37.04 -8.00 27.99
C ASN Q 37 36.02 -6.91 28.30
N LEU Q 38 36.43 -5.64 28.28
CA LEU Q 38 35.50 -4.54 28.55
C LEU Q 38 35.14 -3.77 27.29
N GLU Q 39 35.68 -4.20 26.17
CA GLU Q 39 35.60 -3.41 24.95
C GLU Q 39 34.71 -4.02 23.87
N GLU Q 40 33.70 -3.26 23.43
CA GLU Q 40 32.93 -3.65 22.25
C GLU Q 40 33.80 -3.36 21.05
N ASN Q 41 34.15 -4.40 20.29
CA ASN Q 41 35.12 -4.23 19.22
C ASN Q 41 34.53 -4.43 17.82
N LEU Q 42 33.50 -5.26 17.71
CA LEU Q 42 32.89 -5.51 16.41
C LEU Q 42 31.37 -5.42 16.45
N ARG Q 43 30.79 -4.92 15.36
CA ARG Q 43 29.35 -4.73 15.23
C ARG Q 43 28.77 -5.24 13.90
N PHE Q 44 27.60 -5.88 13.96
CA PHE Q 44 26.78 -6.07 12.77
C PHE Q 44 25.38 -5.48 12.93
N ASP Q 45 25.11 -4.40 12.21
CA ASP Q 45 23.81 -3.76 12.26
C ASP Q 45 23.01 -4.06 11.00
N SER Q 46 21.83 -4.67 11.16
CA SER Q 46 21.01 -5.04 10.01
C SER Q 46 20.63 -3.80 9.20
N ASP Q 47 20.58 -2.65 9.87
CA ASP Q 47 20.30 -1.37 9.24
C ASP Q 47 21.45 -0.89 8.36
N VAL Q 48 22.59 -1.57 8.48
CA VAL Q 48 23.79 -1.25 7.71
C VAL Q 48 24.14 -2.39 6.75
N GLY Q 49 23.92 -3.62 7.20
CA GLY Q 49 24.05 -4.78 6.34
C GLY Q 49 25.45 -5.31 6.20
N GLU Q 50 26.40 -4.65 6.84
CA GLU Q 50 27.79 -5.10 6.86
C GLU Q 50 28.34 -4.99 8.26
N PHE Q 51 29.46 -5.67 8.50
CA PHE Q 51 30.19 -5.55 9.76
C PHE Q 51 30.91 -4.21 9.82
N ARG Q 52 30.97 -3.63 11.01
CA ARG Q 52 31.70 -2.39 11.22
C ARG Q 52 32.55 -2.50 12.47
N ALA Q 53 33.79 -2.07 12.37
CA ALA Q 53 34.70 -2.14 13.50
C ALA Q 53 34.41 -1.03 14.48
N VAL Q 54 34.31 -1.38 15.76
CA VAL Q 54 34.13 -0.37 16.80
C VAL Q 54 35.48 0.16 17.28
N THR Q 55 36.42 -0.76 17.49
CA THR Q 55 37.79 -0.41 17.83
C THR Q 55 38.72 -1.10 16.83
N GLU Q 56 39.97 -0.63 16.76
CA GLU Q 56 40.93 -1.17 15.80
C GLU Q 56 41.08 -2.69 15.96
N LEU Q 57 40.85 -3.17 17.18
CA LEU Q 57 41.01 -4.58 17.50
C LEU Q 57 40.09 -5.50 16.68
N GLY Q 58 38.91 -5.00 16.32
CA GLY Q 58 37.95 -5.81 15.60
C GLY Q 58 38.04 -5.64 14.10
N ARG Q 59 38.90 -4.72 13.69
CA ARG Q 59 39.08 -4.40 12.27
C ARG Q 59 39.46 -5.61 11.40
N PRO Q 60 40.34 -6.50 11.87
CA PRO Q 60 40.67 -7.66 11.01
C PRO Q 60 39.45 -8.52 10.71
N ASP Q 61 38.53 -8.63 11.67
CA ASP Q 61 37.31 -9.40 11.49
C ASP Q 61 36.35 -8.75 10.49
N ALA Q 62 36.20 -7.44 10.59
CA ALA Q 62 35.34 -6.71 9.67
C ALA Q 62 35.80 -6.86 8.23
N GLU Q 63 37.08 -6.63 7.97
CA GLU Q 63 37.59 -6.75 6.61
C GLU Q 63 37.46 -8.19 6.11
N ASN Q 64 37.69 -9.16 6.99
CA ASN Q 64 37.60 -10.56 6.60
C ASN Q 64 36.19 -10.94 6.21
N TRP Q 65 35.25 -10.67 7.10
CA TRP Q 65 33.89 -11.13 6.92
C TRP Q 65 33.11 -10.36 5.85
N ASN Q 66 33.36 -9.07 5.72
CA ASN Q 66 32.65 -8.25 4.73
C ASN Q 66 33.06 -8.63 3.31
N SER Q 67 34.12 -9.41 3.19
CA SER Q 67 34.60 -9.90 1.90
C SER Q 67 33.91 -11.21 1.52
N GLN Q 68 33.02 -11.68 2.39
CA GLN Q 68 32.26 -12.90 2.12
C GLN Q 68 30.81 -12.54 1.87
N PRO Q 69 30.43 -12.37 0.59
CA PRO Q 69 29.09 -11.84 0.29
C PRO Q 69 27.97 -12.76 0.78
N GLU Q 70 28.09 -14.04 0.50
CA GLU Q 70 27.08 -15.01 0.89
C GLU Q 70 26.98 -15.13 2.41
N PHE Q 71 28.01 -14.72 3.13
CA PHE Q 71 27.93 -14.69 4.58
C PHE Q 71 27.07 -13.52 5.02
N LEU Q 72 27.37 -12.35 4.48
CA LEU Q 72 26.60 -11.14 4.78
C LEU Q 72 25.16 -11.34 4.36
N GLU Q 73 25.00 -12.00 3.22
CA GLU Q 73 23.70 -12.25 2.65
C GLU Q 73 22.87 -13.09 3.62
N GLN Q 74 23.47 -14.11 4.21
CA GLN Q 74 22.78 -14.90 5.23
C GLN Q 74 22.47 -14.07 6.46
N LYS Q 75 23.42 -13.22 6.85
CA LYS Q 75 23.24 -12.45 8.07
C LYS Q 75 22.12 -11.43 7.96
N ARG Q 76 22.05 -10.72 6.84
CA ARG Q 76 21.01 -9.71 6.68
C ARG Q 76 19.66 -10.40 6.78
N ALA Q 77 19.62 -11.65 6.33
CA ALA Q 77 18.40 -12.44 6.32
C ALA Q 77 18.00 -12.96 7.70
N GLU Q 78 18.92 -12.96 8.65
CA GLU Q 78 18.63 -13.56 9.94
C GLU Q 78 17.55 -12.79 10.70
N VAL Q 79 17.24 -11.60 10.21
CA VAL Q 79 16.11 -10.84 10.72
C VAL Q 79 14.82 -11.64 10.53
N ASP Q 80 14.81 -12.50 9.53
CA ASP Q 80 13.68 -13.37 9.28
C ASP Q 80 13.95 -14.79 9.77
N THR Q 81 15.09 -15.35 9.40
CA THR Q 81 15.38 -16.75 9.69
C THR Q 81 15.63 -17.04 11.16
N VAL Q 82 15.95 -16.01 11.94
CA VAL Q 82 16.17 -16.24 13.37
C VAL Q 82 15.25 -15.35 14.21
N CYS Q 83 15.32 -14.05 13.99
CA CYS Q 83 14.57 -13.09 14.80
C CYS Q 83 13.07 -13.27 14.73
N ARG Q 84 12.47 -13.08 13.56
CA ARG Q 84 11.02 -13.24 13.43
C ARG Q 84 10.60 -14.68 13.74
N HIS Q 85 11.47 -15.64 13.45
CA HIS Q 85 11.19 -17.04 13.78
C HIS Q 85 10.91 -17.25 15.27
N ASN Q 86 11.81 -16.79 16.12
CA ASN Q 86 11.65 -16.96 17.55
C ASN Q 86 10.48 -16.16 18.10
N TYR Q 87 10.23 -14.99 17.52
CA TYR Q 87 9.16 -14.13 17.99
C TYR Q 87 7.83 -14.85 17.77
N GLU Q 88 7.71 -15.52 16.63
CA GLU Q 88 6.51 -16.29 16.30
C GLU Q 88 6.24 -17.30 17.42
N ILE Q 89 7.30 -17.92 17.91
CA ILE Q 89 7.22 -18.90 19.00
C ILE Q 89 6.95 -18.22 20.34
N PHE Q 90 7.71 -17.17 20.63
CA PHE Q 90 7.62 -16.49 21.91
C PHE Q 90 6.30 -15.72 22.08
N ASP Q 91 5.61 -15.49 20.96
CA ASP Q 91 4.37 -14.74 21.01
C ASP Q 91 3.25 -15.59 21.59
N ASN Q 92 3.54 -16.87 21.80
CA ASN Q 92 2.55 -17.82 22.32
C ASN Q 92 2.43 -17.80 23.83
N PHE Q 93 3.49 -17.39 24.52
CA PHE Q 93 3.47 -17.41 25.98
C PHE Q 93 4.20 -16.24 26.64
N LEU Q 94 5.31 -15.80 26.04
CA LEU Q 94 6.07 -14.70 26.63
C LEU Q 94 5.37 -13.34 26.45
N VAL Q 95 5.10 -12.99 25.20
CA VAL Q 95 4.50 -11.69 24.89
C VAL Q 95 3.13 -11.46 25.56
N PRO Q 96 2.22 -12.45 25.51
CA PRO Q 96 0.93 -12.19 26.15
C PRO Q 96 0.91 -12.49 27.65
N ARG Q 97 2.07 -12.84 28.22
CA ARG Q 97 2.14 -13.23 29.63
C ARG Q 97 1.68 -12.11 30.56
N ARG Q 98 0.74 -12.45 31.43
CA ARG Q 98 0.16 -11.50 32.37
C ARG Q 98 0.16 -12.08 33.77
N VAL Q 99 0.62 -11.31 34.74
CA VAL Q 99 0.56 -11.72 36.14
C VAL Q 99 -0.03 -10.59 36.98
N GLU Q 100 -1.10 -10.90 37.70
CA GLU Q 100 -1.85 -9.90 38.45
C GLU Q 100 -1.06 -9.39 39.66
N PRO Q 101 -0.98 -8.06 39.81
CA PRO Q 101 -0.24 -7.41 40.90
C PRO Q 101 -0.91 -7.58 42.27
N THR Q 102 -0.12 -7.51 43.33
CA THR Q 102 -0.67 -7.50 44.69
C THR Q 102 -0.46 -6.14 45.36
N VAL Q 103 -1.55 -5.41 45.55
CA VAL Q 103 -1.49 -4.05 46.09
C VAL Q 103 -1.83 -3.96 47.57
N THR Q 104 -0.96 -3.29 48.33
CA THR Q 104 -1.15 -3.10 49.76
C THR Q 104 -0.78 -1.66 50.12
N VAL Q 105 -1.48 -1.08 51.08
CA VAL Q 105 -1.14 0.27 51.55
C VAL Q 105 -0.85 0.29 53.04
N TYR Q 106 0.28 0.91 53.39
CA TYR Q 106 0.72 1.01 54.78
C TYR Q 106 1.50 2.31 55.02
N PRO Q 107 1.54 2.77 56.28
CA PRO Q 107 2.28 3.98 56.66
C PRO Q 107 3.81 3.82 56.51
N LEU Q 118 4.24 9.88 55.59
CA LEU Q 118 4.42 9.27 54.28
C LEU Q 118 3.51 8.05 54.11
N LEU Q 119 2.81 7.99 52.99
CA LEU Q 119 1.93 6.86 52.69
C LEU Q 119 2.44 6.01 51.53
N VAL Q 120 2.56 4.70 51.76
CA VAL Q 120 3.10 3.78 50.76
C VAL Q 120 2.02 2.96 50.04
N CYS Q 121 2.13 2.88 48.72
CA CYS Q 121 1.31 1.98 47.91
C CYS Q 121 2.21 0.85 47.38
N SER Q 122 2.11 -0.33 47.98
CA SER Q 122 3.00 -1.45 47.65
C SER Q 122 2.43 -2.36 46.55
N VAL Q 123 2.94 -2.21 45.34
CA VAL Q 123 2.53 -3.02 44.20
C VAL Q 123 3.58 -4.10 43.90
N SER Q 124 3.20 -5.37 44.09
CA SER Q 124 4.17 -6.46 44.00
C SER Q 124 3.69 -7.64 43.15
N ASP Q 125 4.66 -8.43 42.68
CA ASP Q 125 4.37 -9.68 41.95
C ASP Q 125 3.53 -9.50 40.69
N PHE Q 126 4.01 -8.70 39.74
CA PHE Q 126 3.27 -8.49 38.49
C PHE Q 126 4.15 -8.57 37.25
N TYR Q 127 3.53 -8.84 36.10
CA TYR Q 127 4.20 -8.86 34.81
C TYR Q 127 3.21 -8.51 33.71
N PRO Q 128 3.63 -7.71 32.72
CA PRO Q 128 4.95 -7.08 32.57
C PRO Q 128 5.10 -5.80 33.38
N GLY Q 129 6.21 -5.11 33.20
CA GLY Q 129 6.51 -3.94 34.00
C GLY Q 129 5.70 -2.70 33.65
N ASN Q 130 4.91 -2.79 32.59
CA ASN Q 130 4.01 -1.70 32.22
C ASN Q 130 2.98 -1.47 33.31
N ILE Q 131 3.18 -0.44 34.13
CA ILE Q 131 2.30 -0.20 35.27
C ILE Q 131 2.10 1.30 35.51
N GLU Q 132 0.87 1.67 35.89
CA GLU Q 132 0.53 3.05 36.22
C GLU Q 132 -0.11 3.13 37.59
N VAL Q 133 0.44 3.98 38.45
CA VAL Q 133 -0.04 4.12 39.82
C VAL Q 133 -0.27 5.58 40.18
N ARG Q 134 -1.46 5.91 40.67
CA ARG Q 134 -1.77 7.28 41.07
C ARG Q 134 -2.25 7.36 42.51
N TRP Q 135 -2.06 8.52 43.14
CA TRP Q 135 -2.52 8.76 44.50
C TRP Q 135 -3.66 9.77 44.49
N PHE Q 136 -4.82 9.38 45.00
CA PHE Q 136 -5.97 10.29 45.11
C PHE Q 136 -6.35 10.58 46.56
N ARG Q 137 -6.25 11.84 46.96
CA ARG Q 137 -6.73 12.25 48.27
C ARG Q 137 -7.99 13.10 48.06
N ASN Q 138 -9.11 12.57 48.55
CA ASN Q 138 -10.45 13.17 48.41
C ASN Q 138 -10.93 13.15 46.95
N GLY Q 139 -10.32 12.30 46.13
CA GLY Q 139 -10.71 12.14 44.74
C GLY Q 139 -9.92 12.96 43.74
N LYS Q 140 -8.87 13.65 44.20
CA LYS Q 140 -7.99 14.40 43.30
C LYS Q 140 -6.58 13.80 43.28
N GLU Q 141 -5.98 13.74 42.10
CA GLU Q 141 -4.63 13.17 41.94
C GLU Q 141 -3.56 14.11 42.49
N GLU Q 142 -3.00 13.77 43.64
CA GLU Q 142 -1.95 14.56 44.25
C GLU Q 142 -0.70 14.50 43.38
N LYS Q 143 -0.64 15.38 42.38
CA LYS Q 143 0.45 15.38 41.41
C LYS Q 143 1.72 16.04 41.94
N THR Q 144 1.91 15.99 43.25
CA THR Q 144 3.10 16.57 43.87
C THR Q 144 3.49 15.81 45.14
N GLY Q 145 4.78 15.82 45.45
CA GLY Q 145 5.27 15.12 46.62
C GLY Q 145 5.23 13.61 46.46
N ILE Q 146 5.54 13.14 45.26
CA ILE Q 146 5.54 11.71 44.99
C ILE Q 146 6.97 11.18 44.93
N VAL Q 147 7.31 10.30 45.87
CA VAL Q 147 8.63 9.69 45.90
C VAL Q 147 8.52 8.22 45.54
N SER Q 148 9.06 7.85 44.39
CA SER Q 148 9.00 6.46 43.94
C SER Q 148 10.38 5.81 43.91
N THR Q 149 10.40 4.50 44.18
CA THR Q 149 11.63 3.74 44.16
C THR Q 149 11.96 3.32 42.73
N GLY Q 150 10.97 3.49 41.85
CA GLY Q 150 11.07 3.05 40.48
C GLY Q 150 10.67 1.60 40.32
N LEU Q 151 10.72 1.09 39.10
CA LEU Q 151 10.39 -0.30 38.84
C LEU Q 151 11.56 -1.19 39.25
N VAL Q 152 11.25 -2.30 39.92
CA VAL Q 152 12.27 -3.23 40.39
C VAL Q 152 12.07 -4.63 39.83
N ARG Q 153 13.13 -5.17 39.22
CA ARG Q 153 13.08 -6.49 38.61
C ARG Q 153 13.60 -7.56 39.56
N ASN Q 154 12.71 -8.48 39.95
CA ASN Q 154 13.09 -9.55 40.87
C ASN Q 154 13.96 -10.61 40.19
N GLY Q 155 13.92 -10.66 38.86
CA GLY Q 155 14.76 -11.58 38.14
C GLY Q 155 14.11 -12.93 37.90
N ASP Q 156 12.88 -13.08 38.41
CA ASP Q 156 12.13 -14.32 38.22
C ASP Q 156 10.83 -14.05 37.46
N TRP Q 157 10.90 -13.13 36.50
CA TRP Q 157 9.78 -12.74 35.65
C TRP Q 157 8.64 -12.12 36.47
N THR Q 158 8.99 -11.45 37.55
CA THR Q 158 8.03 -10.72 38.37
C THR Q 158 8.59 -9.34 38.70
N PHE Q 159 7.70 -8.35 38.83
CA PHE Q 159 8.14 -7.00 39.12
C PHE Q 159 7.57 -6.50 40.43
N GLN Q 160 8.09 -5.38 40.90
CA GLN Q 160 7.59 -4.73 42.11
C GLN Q 160 8.00 -3.27 42.17
N THR Q 161 7.22 -2.47 42.88
CA THR Q 161 7.52 -1.06 43.05
C THR Q 161 6.84 -0.49 44.28
N LEU Q 162 7.44 0.55 44.84
CA LEU Q 162 6.85 1.25 45.98
C LEU Q 162 6.62 2.71 45.61
N VAL Q 163 5.35 3.11 45.49
CA VAL Q 163 5.02 4.50 45.21
C VAL Q 163 4.51 5.21 46.46
N MET Q 164 5.15 6.32 46.82
CA MET Q 164 4.87 6.99 48.08
C MET Q 164 4.40 8.45 47.92
N LEU Q 165 3.57 8.90 48.86
CA LEU Q 165 3.12 10.28 48.93
C LEU Q 165 3.55 10.91 50.26
N GLU Q 166 4.15 12.09 50.20
CA GLU Q 166 4.83 12.68 51.35
C GLU Q 166 3.95 13.59 52.20
N THR Q 167 2.63 13.48 52.05
CA THR Q 167 1.70 14.31 52.82
C THR Q 167 1.43 13.70 54.19
N VAL Q 168 1.07 14.55 55.16
CA VAL Q 168 0.76 14.11 56.51
C VAL Q 168 -0.74 13.85 56.70
N TYR Q 175 -7.68 9.75 50.77
CA TYR Q 175 -6.43 9.00 50.64
C TYR Q 175 -6.67 7.63 50.04
N THR Q 176 -6.63 7.56 48.71
CA THR Q 176 -6.78 6.30 47.99
C THR Q 176 -5.89 6.25 46.75
N CYS Q 177 -5.20 5.13 46.54
CA CYS Q 177 -4.34 5.01 45.35
C CYS Q 177 -4.94 4.07 44.32
N GLN Q 178 -4.73 4.40 43.04
CA GLN Q 178 -5.30 3.63 41.94
C GLN Q 178 -4.20 3.01 41.07
N VAL Q 179 -4.43 1.76 40.66
CA VAL Q 179 -3.46 1.02 39.87
C VAL Q 179 -4.02 0.52 38.55
N GLU Q 180 -3.41 0.93 37.44
CA GLU Q 180 -3.79 0.45 36.12
C GLU Q 180 -2.70 -0.45 35.56
N HIS Q 181 -3.12 -1.58 34.99
CA HIS Q 181 -2.18 -2.60 34.52
C HIS Q 181 -2.82 -3.47 33.45
N PRO Q 182 -2.03 -3.88 32.44
CA PRO Q 182 -2.44 -4.75 31.33
C PRO Q 182 -3.14 -6.06 31.74
N SER Q 183 -2.99 -6.48 32.99
CA SER Q 183 -3.67 -7.69 33.48
C SER Q 183 -4.97 -7.32 34.20
N LEU Q 184 -5.30 -6.04 34.20
CA LEU Q 184 -6.49 -5.57 34.89
C LEU Q 184 -7.50 -4.94 33.94
N THR Q 185 -8.65 -5.59 33.80
CA THR Q 185 -9.73 -5.06 32.97
C THR Q 185 -10.26 -3.74 33.53
N ASP Q 186 -10.41 -3.70 34.85
CA ASP Q 186 -10.82 -2.48 35.55
C ASP Q 186 -9.77 -2.15 36.60
N PRO Q 187 -9.49 -0.85 36.77
CA PRO Q 187 -8.48 -0.38 37.73
C PRO Q 187 -8.69 -0.96 39.13
N VAL Q 188 -7.58 -1.24 39.82
CA VAL Q 188 -7.63 -1.76 41.18
C VAL Q 188 -7.48 -0.58 42.14
N THR Q 189 -8.37 -0.52 43.12
CA THR Q 189 -8.38 0.61 44.04
C THR Q 189 -8.29 0.16 45.50
N VAL Q 190 -7.45 0.85 46.26
CA VAL Q 190 -7.38 0.69 47.71
C VAL Q 190 -7.38 2.05 48.40
N GLU Q 191 -7.90 2.09 49.62
CA GLU Q 191 -8.08 3.35 50.34
C GLU Q 191 -7.77 3.18 51.82
N TRP Q 192 -7.19 4.20 52.42
CA TRP Q 192 -6.85 4.12 53.84
C TRP Q 192 -7.75 5.07 54.65
N LYS Q 193 -7.99 4.72 55.91
CA LYS Q 193 -8.85 5.51 56.78
C LYS Q 193 -8.25 6.90 57.05
N ALA R 1 6.24 -28.26 21.26
CA ALA R 1 7.69 -28.43 21.29
C ALA R 1 8.33 -27.82 20.07
N ASP R 2 8.21 -26.50 19.92
CA ASP R 2 8.82 -25.81 18.79
C ASP R 2 10.29 -25.48 19.07
N GLY R 3 11.16 -25.78 18.11
CA GLY R 3 12.58 -25.67 18.35
C GLY R 3 13.10 -24.30 17.96
N LEU R 4 13.60 -23.59 18.97
CA LEU R 4 14.11 -22.23 18.81
C LEU R 4 15.32 -22.15 17.89
N ALA R 5 15.45 -21.01 17.23
CA ALA R 5 16.55 -20.77 16.31
C ALA R 5 17.61 -19.96 17.03
N TYR R 6 18.86 -20.14 16.63
CA TYR R 6 19.97 -19.45 17.29
C TYR R 6 21.01 -19.02 16.28
N PHE R 7 21.88 -18.11 16.71
CA PHE R 7 22.97 -17.64 15.87
C PHE R 7 24.19 -18.53 16.08
N ARG R 8 24.84 -18.91 14.99
CA ARG R 8 26.03 -19.76 15.04
C ARG R 8 27.34 -18.97 15.04
N SER R 9 28.27 -19.38 15.89
CA SER R 9 29.56 -18.69 16.02
C SER R 9 30.47 -18.98 14.84
N SER R 10 31.06 -17.93 14.28
CA SER R 10 31.95 -18.07 13.14
C SER R 10 33.41 -17.92 13.55
N PHE R 11 34.26 -18.83 13.10
CA PHE R 11 35.68 -18.80 13.47
C PHE R 11 36.38 -17.53 13.00
N LYS R 12 37.16 -16.93 13.88
CA LYS R 12 37.90 -15.70 13.56
C LYS R 12 39.31 -15.99 13.04
N GLY R 13 39.84 -15.02 12.29
CA GLY R 13 41.18 -15.11 11.73
C GLY R 13 41.41 -16.26 10.78
N GLY S 3 14.11 -40.10 4.25
CA GLY S 3 13.44 -40.02 5.54
C GLY S 3 13.85 -38.77 6.31
N ASP S 4 15.11 -38.36 6.14
CA ASP S 4 15.58 -37.10 6.71
C ASP S 4 16.24 -36.23 5.63
N GLN S 5 15.45 -35.89 4.63
CA GLN S 5 15.88 -35.12 3.48
C GLN S 5 14.84 -34.05 3.20
N VAL S 6 15.05 -33.26 2.16
CA VAL S 6 14.06 -32.26 1.80
C VAL S 6 13.12 -32.78 0.74
N GLU S 7 11.82 -32.56 0.94
CA GLU S 7 10.79 -32.92 -0.04
C GLU S 7 10.99 -32.15 -1.33
N GLN S 8 11.49 -32.83 -2.35
CA GLN S 8 11.76 -32.18 -3.63
C GLN S 8 10.93 -32.80 -4.75
N SER S 9 10.16 -31.96 -5.45
CA SER S 9 9.33 -32.41 -6.56
C SER S 9 9.57 -31.53 -7.77
N PRO S 10 9.44 -32.11 -8.98
CA PRO S 10 9.11 -33.51 -9.25
C PRO S 10 10.28 -34.48 -9.13
N SER S 11 9.97 -35.78 -9.11
CA SER S 11 10.99 -36.83 -9.10
C SER S 11 11.80 -36.80 -10.39
N ALA S 12 11.09 -36.87 -11.50
CA ALA S 12 11.73 -36.81 -12.82
C ALA S 12 10.99 -35.82 -13.73
N LEU S 13 11.66 -35.39 -14.79
CA LEU S 13 11.19 -34.29 -15.62
C LEU S 13 11.71 -34.38 -17.05
N SER S 14 10.82 -34.23 -18.04
CA SER S 14 11.27 -34.16 -19.43
C SER S 14 10.90 -32.85 -20.11
N LEU S 15 11.91 -32.16 -20.62
CA LEU S 15 11.66 -30.89 -21.29
C LEU S 15 12.08 -30.91 -22.75
N HIS S 16 11.21 -30.42 -23.62
CA HIS S 16 11.59 -30.22 -25.01
C HIS S 16 12.50 -29.01 -25.13
N GLU S 17 13.50 -29.10 -26.02
CA GLU S 17 14.43 -28.00 -26.24
C GLU S 17 13.66 -26.73 -26.49
N GLY S 18 13.84 -25.74 -25.61
CA GLY S 18 13.17 -24.46 -25.75
C GLY S 18 11.96 -24.27 -24.86
N THR S 19 11.57 -25.31 -24.13
CA THR S 19 10.50 -25.17 -23.13
C THR S 19 11.09 -24.92 -21.76
N GLY S 20 10.23 -24.90 -20.75
CA GLY S 20 10.66 -24.66 -19.39
C GLY S 20 9.80 -25.26 -18.31
N SER S 21 10.35 -25.35 -17.10
CA SER S 21 9.61 -25.87 -15.95
C SER S 21 10.28 -25.43 -14.66
N ALA S 22 9.69 -25.81 -13.53
CA ALA S 22 10.20 -25.37 -12.24
C ALA S 22 10.33 -26.54 -11.29
N LEU S 23 11.34 -26.47 -10.44
CA LEU S 23 11.58 -27.46 -9.39
C LEU S 23 11.19 -26.87 -8.04
N ARG S 24 10.82 -27.70 -7.08
CA ARG S 24 10.43 -27.15 -5.78
C ARG S 24 10.81 -28.01 -4.59
N CYS S 25 11.43 -27.36 -3.61
CA CYS S 25 11.79 -27.96 -2.33
C CYS S 25 10.87 -27.39 -1.26
N ASN S 26 10.26 -28.26 -0.48
CA ASN S 26 9.38 -27.83 0.59
C ASN S 26 9.97 -28.18 1.95
N PHE S 27 10.14 -27.17 2.80
CA PHE S 27 10.83 -27.37 4.06
C PHE S 27 9.84 -27.54 5.19
N THR S 28 10.25 -28.33 6.19
CA THR S 28 9.40 -28.68 7.31
C THR S 28 9.52 -27.65 8.42
N THR S 29 10.41 -26.68 8.21
CA THR S 29 10.65 -25.62 9.17
C THR S 29 11.42 -24.48 8.52
N THR S 30 11.74 -23.47 9.32
CA THR S 30 12.53 -22.34 8.84
C THR S 30 13.98 -22.73 8.51
N MET S 31 14.36 -22.50 7.26
CA MET S 31 15.73 -22.75 6.82
C MET S 31 16.53 -21.46 6.78
N ARG S 32 17.83 -21.57 7.01
CA ARG S 32 18.66 -20.40 7.17
C ARG S 32 19.04 -19.82 5.80
N ALA S 33 19.10 -20.70 4.80
CA ALA S 33 19.41 -20.35 3.41
C ALA S 33 19.36 -21.59 2.51
N VAL S 34 19.25 -21.41 1.20
CA VAL S 34 19.13 -22.54 0.29
C VAL S 34 20.24 -22.57 -0.77
N GLN S 35 20.61 -23.78 -1.20
CA GLN S 35 21.62 -23.95 -2.24
C GLN S 35 21.14 -24.94 -3.31
N TRP S 36 21.44 -24.66 -4.59
CA TRP S 36 21.03 -25.55 -5.69
C TRP S 36 22.20 -26.09 -6.49
N PHE S 37 22.17 -27.40 -6.76
CA PHE S 37 23.25 -28.08 -7.49
C PHE S 37 22.74 -28.80 -8.73
N ARG S 38 23.63 -28.99 -9.70
CA ARG S 38 23.32 -29.83 -10.84
C ARG S 38 24.46 -30.81 -11.02
N LYS S 39 24.13 -32.09 -11.20
CA LYS S 39 25.13 -33.10 -11.51
C LYS S 39 25.03 -33.48 -12.99
N ASN S 40 26.10 -33.26 -13.75
CA ASN S 40 26.07 -33.52 -15.18
C ASN S 40 26.05 -34.98 -15.55
N SER S 41 26.38 -35.24 -16.81
CA SER S 41 26.69 -36.58 -17.27
C SER S 41 28.18 -36.84 -17.06
N ARG S 42 28.50 -37.72 -16.11
CA ARG S 42 29.87 -37.98 -15.68
C ARG S 42 30.54 -36.69 -15.20
N GLY S 43 29.72 -35.73 -14.78
CA GLY S 43 30.20 -34.43 -14.35
C GLY S 43 30.22 -34.24 -12.86
N SER S 44 30.75 -33.11 -12.43
CA SER S 44 30.80 -32.76 -11.01
C SER S 44 29.48 -32.18 -10.58
N LEU S 45 29.33 -31.98 -9.28
CA LEU S 45 28.24 -31.18 -8.75
C LEU S 45 28.54 -29.70 -9.04
N ILE S 46 27.69 -29.04 -9.80
CA ILE S 46 27.89 -27.64 -10.12
C ILE S 46 27.07 -26.75 -9.20
N ASN S 47 27.75 -25.80 -8.56
CA ASN S 47 27.08 -24.85 -7.68
C ASN S 47 26.28 -23.84 -8.51
N LEU S 48 24.96 -23.78 -8.31
CA LEU S 48 24.11 -22.91 -9.12
C LEU S 48 23.64 -21.65 -8.39
N PHE S 49 23.12 -21.80 -7.18
CA PHE S 49 22.65 -20.63 -6.44
C PHE S 49 22.93 -20.74 -4.95
N TYR S 50 23.14 -19.60 -4.31
CA TYR S 50 23.02 -19.51 -2.87
C TYR S 50 22.05 -18.39 -2.53
N LEU S 51 20.92 -18.76 -1.92
CA LEU S 51 19.89 -17.80 -1.57
C LEU S 51 19.66 -17.77 -0.08
N ALA S 52 19.57 -16.57 0.49
CA ALA S 52 19.19 -16.46 1.89
C ALA S 52 17.80 -15.87 1.95
N SER S 53 17.43 -15.19 0.88
CA SER S 53 16.13 -14.55 0.76
C SER S 53 15.95 -14.04 -0.66
N GLY S 54 14.71 -13.75 -1.03
CA GLY S 54 14.42 -13.20 -2.35
C GLY S 54 14.74 -14.13 -3.51
N THR S 55 15.12 -13.56 -4.64
CA THR S 55 15.41 -14.36 -5.83
C THR S 55 16.74 -14.01 -6.47
N LYS S 56 17.30 -14.96 -7.20
CA LYS S 56 18.50 -14.75 -7.99
C LYS S 56 18.34 -15.38 -9.35
N GLU S 57 18.82 -14.70 -10.38
CA GLU S 57 18.70 -15.21 -11.74
C GLU S 57 20.07 -15.27 -12.39
N ASN S 58 20.36 -16.42 -12.98
CA ASN S 58 21.63 -16.67 -13.63
C ASN S 58 21.43 -17.26 -15.01
N GLY S 59 21.46 -16.42 -16.05
CA GLY S 59 21.24 -16.88 -17.40
C GLY S 59 19.84 -17.43 -17.57
N ARG S 60 19.73 -18.71 -17.86
CA ARG S 60 18.42 -19.36 -18.00
C ARG S 60 17.90 -20.00 -16.71
N LEU S 61 18.56 -19.73 -15.59
CA LEU S 61 18.09 -20.28 -14.32
C LEU S 61 17.69 -19.17 -13.38
N LYS S 62 16.52 -19.30 -12.75
CA LYS S 62 16.13 -18.36 -11.71
C LYS S 62 15.66 -19.13 -10.48
N SER S 63 16.15 -18.70 -9.32
CA SER S 63 15.84 -19.40 -8.09
C SER S 63 15.14 -18.50 -7.08
N ALA S 64 14.27 -19.07 -6.28
CA ALA S 64 13.54 -18.30 -5.28
C ALA S 64 13.51 -19.01 -3.94
N PHE S 65 13.59 -18.25 -2.86
CA PHE S 65 13.51 -18.81 -1.51
C PHE S 65 12.65 -17.93 -0.62
N ASP S 66 11.58 -18.50 -0.08
CA ASP S 66 10.72 -17.78 0.88
C ASP S 66 10.82 -18.43 2.25
N SER S 67 11.53 -17.78 3.16
CA SER S 67 11.79 -18.31 4.50
C SER S 67 10.52 -18.64 5.29
N LYS S 68 9.54 -17.74 5.23
CA LYS S 68 8.28 -17.89 5.95
C LYS S 68 7.42 -19.00 5.37
N GLU S 69 7.25 -18.99 4.05
CA GLU S 69 6.37 -19.93 3.39
C GLU S 69 7.03 -21.30 3.19
N ARG S 70 8.27 -21.42 3.65
CA ARG S 70 8.98 -22.69 3.72
C ARG S 70 9.09 -23.43 2.40
N TYR S 71 9.55 -22.74 1.37
CA TYR S 71 9.82 -23.38 0.09
C TYR S 71 10.97 -22.71 -0.68
N SER S 72 11.48 -23.42 -1.67
CA SER S 72 12.41 -22.85 -2.63
C SER S 72 12.12 -23.39 -4.02
N THR S 73 12.26 -22.56 -5.05
CA THR S 73 11.99 -23.00 -6.41
C THR S 73 13.13 -22.72 -7.39
N LEU S 74 13.38 -23.67 -8.29
CA LEU S 74 14.34 -23.45 -9.37
C LEU S 74 13.65 -23.53 -10.74
N HIS S 75 13.82 -22.48 -11.54
CA HIS S 75 13.19 -22.35 -12.84
C HIS S 75 14.16 -22.45 -14.00
N ILE S 76 13.82 -23.30 -14.96
CA ILE S 76 14.60 -23.42 -16.18
C ILE S 76 13.81 -22.80 -17.31
N ARG S 77 14.44 -21.91 -18.06
CA ARG S 77 13.78 -21.29 -19.19
C ARG S 77 14.59 -21.58 -20.45
N ASP S 78 13.89 -21.74 -21.57
CA ASP S 78 14.54 -21.99 -22.84
C ASP S 78 15.46 -23.20 -22.69
N ALA S 79 14.90 -24.29 -22.17
CA ALA S 79 15.69 -25.47 -21.80
C ALA S 79 16.62 -25.91 -22.91
N GLN S 80 17.88 -26.14 -22.55
CA GLN S 80 18.86 -26.56 -23.52
C GLN S 80 19.38 -27.95 -23.20
N LEU S 81 20.16 -28.50 -24.12
CA LEU S 81 20.69 -29.84 -23.98
C LEU S 81 21.59 -29.98 -22.75
N GLU S 82 22.43 -28.98 -22.52
CA GLU S 82 23.37 -29.03 -21.41
C GLU S 82 22.69 -28.88 -20.05
N ASP S 83 21.40 -28.58 -20.06
CA ASP S 83 20.63 -28.46 -18.83
C ASP S 83 20.29 -29.82 -18.23
N SER S 84 20.47 -30.87 -19.03
CA SER S 84 20.14 -32.21 -18.59
C SER S 84 20.96 -32.60 -17.38
N GLY S 85 20.38 -33.37 -16.47
CA GLY S 85 21.10 -33.78 -15.28
C GLY S 85 20.24 -33.95 -14.04
N THR S 86 20.89 -34.06 -12.89
CA THR S 86 20.19 -34.21 -11.62
C THR S 86 20.34 -32.99 -10.72
N TYR S 87 19.21 -32.49 -10.23
CA TYR S 87 19.19 -31.26 -9.45
C TYR S 87 18.90 -31.51 -7.97
N PHE S 88 19.73 -30.93 -7.11
CA PHE S 88 19.56 -31.10 -5.67
C PHE S 88 19.42 -29.73 -5.02
N CYS S 89 18.61 -29.67 -3.97
CA CYS S 89 18.64 -28.49 -3.11
C CYS S 89 19.24 -28.91 -1.79
N ALA S 90 19.87 -27.97 -1.10
CA ALA S 90 20.46 -28.26 0.19
C ALA S 90 20.36 -27.03 1.08
N ALA S 91 19.82 -27.23 2.27
CA ALA S 91 19.62 -26.11 3.19
C ALA S 91 19.76 -26.58 4.62
N GLU S 92 20.28 -25.73 5.51
CA GLU S 92 20.36 -26.13 6.91
C GLU S 92 19.37 -25.35 7.73
N ALA S 93 18.73 -26.05 8.66
CA ALA S 93 17.68 -25.49 9.49
C ALA S 93 18.19 -24.37 10.39
N SER S 94 17.32 -23.41 10.65
CA SER S 94 17.65 -22.28 11.51
C SER S 94 17.77 -22.72 12.97
N ASN S 95 17.20 -23.89 13.26
CA ASN S 95 17.20 -24.45 14.61
C ASN S 95 18.12 -25.65 14.82
N THR S 96 18.96 -25.93 13.82
CA THR S 96 19.99 -26.96 13.97
C THR S 96 21.34 -26.52 13.40
N ASN S 97 22.29 -27.45 13.41
CA ASN S 97 23.64 -27.19 12.92
C ASN S 97 23.98 -27.91 11.64
N LYS S 98 23.02 -28.67 11.12
CA LYS S 98 23.31 -29.61 10.04
C LYS S 98 22.58 -29.31 8.73
N VAL S 99 23.33 -29.36 7.63
CA VAL S 99 22.78 -29.18 6.30
C VAL S 99 22.07 -30.45 5.84
N VAL S 100 20.86 -30.29 5.31
CA VAL S 100 20.10 -31.43 4.83
C VAL S 100 19.82 -31.25 3.33
N PHE S 101 19.76 -32.36 2.59
CA PHE S 101 19.72 -32.35 1.13
C PHE S 101 18.35 -32.73 0.57
N GLY S 102 18.10 -32.38 -0.69
CA GLY S 102 16.85 -32.75 -1.35
C GLY S 102 16.87 -34.17 -1.88
N THR S 103 15.70 -34.69 -2.21
CA THR S 103 15.56 -36.06 -2.73
C THR S 103 16.04 -36.20 -4.17
N GLY S 104 16.06 -35.07 -4.88
CA GLY S 104 16.58 -35.04 -6.23
C GLY S 104 15.58 -35.01 -7.38
N THR S 105 16.00 -34.38 -8.47
CA THR S 105 15.21 -34.30 -9.69
C THR S 105 16.03 -34.68 -10.91
N ARG S 106 15.60 -35.74 -11.60
CA ARG S 106 16.27 -36.17 -12.83
C ARG S 106 15.65 -35.45 -14.02
N LEU S 107 16.42 -34.56 -14.64
CA LEU S 107 15.93 -33.80 -15.79
C LEU S 107 16.56 -34.22 -17.10
N GLN S 108 15.75 -34.68 -18.04
CA GLN S 108 16.23 -34.98 -19.37
C GLN S 108 15.64 -33.96 -20.33
N VAL S 109 16.49 -33.30 -21.10
CA VAL S 109 16.01 -32.35 -22.10
C VAL S 109 16.14 -32.93 -23.51
N LEU S 110 15.00 -33.07 -24.17
CA LEU S 110 14.94 -33.66 -25.49
C LEU S 110 15.24 -32.62 -26.56
N PRO S 111 16.16 -32.94 -27.47
CA PRO S 111 16.54 -31.99 -28.51
C PRO S 111 15.48 -31.84 -29.57
N ASN S 112 15.47 -30.70 -30.23
CA ASN S 112 14.57 -30.49 -31.34
C ASN S 112 15.24 -30.85 -32.65
N ILE S 113 14.77 -31.90 -33.29
CA ILE S 113 15.32 -32.31 -34.56
C ILE S 113 14.54 -31.67 -35.71
N GLN S 114 15.12 -30.65 -36.32
CA GLN S 114 14.45 -29.87 -37.36
C GLN S 114 14.24 -30.72 -38.61
N ASN S 115 15.28 -31.44 -39.03
CA ASN S 115 15.18 -32.30 -40.21
C ASN S 115 15.59 -33.74 -39.90
N PRO S 116 14.64 -34.54 -39.40
CA PRO S 116 14.91 -35.95 -39.12
C PRO S 116 15.20 -36.72 -40.40
N ASP S 117 16.27 -37.50 -40.41
CA ASP S 117 16.61 -38.33 -41.56
C ASP S 117 17.05 -39.71 -41.08
N PRO S 118 16.12 -40.45 -40.45
CA PRO S 118 16.47 -41.73 -39.82
C PRO S 118 17.15 -42.68 -40.80
N ALA S 119 18.32 -43.18 -40.41
CA ALA S 119 19.12 -44.01 -41.29
C ALA S 119 20.03 -44.92 -40.46
N VAL S 120 20.40 -46.07 -41.04
CA VAL S 120 21.35 -46.96 -40.39
C VAL S 120 22.54 -47.21 -41.32
N TYR S 121 23.73 -46.82 -40.88
CA TYR S 121 24.93 -46.96 -41.69
C TYR S 121 25.87 -48.01 -41.10
N GLN S 122 26.78 -48.51 -41.93
CA GLN S 122 27.77 -49.49 -41.48
C GLN S 122 29.18 -48.93 -41.51
N LEU S 123 29.92 -49.14 -40.42
CA LEU S 123 31.28 -48.61 -40.29
C LEU S 123 32.31 -49.73 -40.12
N ARG S 124 33.41 -49.63 -40.85
CA ARG S 124 34.47 -50.64 -40.78
C ARG S 124 35.61 -50.20 -39.88
N ASP S 125 36.32 -51.19 -39.34
CA ASP S 125 37.48 -50.94 -38.47
C ASP S 125 38.63 -50.32 -39.27
N SER S 126 39.31 -49.34 -38.67
CA SER S 126 40.50 -48.76 -39.29
C SER S 126 41.71 -49.67 -39.12
N ASP S 130 38.83 -56.56 -39.48
CA ASP S 130 37.51 -56.30 -40.05
C ASP S 130 36.39 -56.43 -39.01
N LYS S 131 36.36 -55.51 -38.05
CA LYS S 131 35.24 -55.41 -37.12
C LYS S 131 34.18 -54.51 -37.74
N SER S 132 32.98 -54.48 -37.18
CA SER S 132 31.92 -53.66 -37.77
C SER S 132 30.86 -53.20 -36.78
N VAL S 133 30.37 -51.98 -36.98
CA VAL S 133 29.27 -51.46 -36.18
C VAL S 133 28.18 -50.87 -37.08
N CYS S 134 26.95 -50.88 -36.59
CA CYS S 134 25.84 -50.28 -37.32
C CYS S 134 25.40 -49.02 -36.57
N LEU S 135 25.23 -47.93 -37.30
CA LEU S 135 24.94 -46.65 -36.68
C LEU S 135 23.55 -46.15 -37.06
N PHE S 136 22.61 -46.25 -36.12
CA PHE S 136 21.29 -45.66 -36.29
C PHE S 136 21.40 -44.20 -35.87
N THR S 137 21.07 -43.29 -36.78
CA THR S 137 21.27 -41.87 -36.52
C THR S 137 20.20 -41.02 -37.20
N ASP S 138 20.15 -39.75 -36.82
CA ASP S 138 19.32 -38.75 -37.48
C ASP S 138 17.82 -38.98 -37.30
N PHE S 139 17.45 -39.80 -36.33
CA PHE S 139 16.03 -40.00 -36.02
C PHE S 139 15.58 -38.93 -35.04
N ASP S 140 14.27 -38.75 -34.89
CA ASP S 140 13.76 -37.72 -33.99
C ASP S 140 13.71 -38.20 -32.55
N SER S 141 13.50 -37.26 -31.62
CA SER S 141 13.56 -37.56 -30.19
C SER S 141 12.36 -38.35 -29.70
N GLN S 142 11.35 -38.51 -30.56
CA GLN S 142 10.18 -39.29 -30.20
C GLN S 142 10.42 -40.79 -30.40
N THR S 143 11.51 -41.12 -31.08
CA THR S 143 11.86 -42.51 -31.35
C THR S 143 12.56 -43.19 -30.19
N ASN S 144 12.10 -44.39 -29.84
CA ASN S 144 12.73 -45.14 -28.76
C ASN S 144 13.56 -46.31 -29.24
N VAL S 145 14.82 -46.36 -28.79
CA VAL S 145 15.71 -47.45 -29.10
C VAL S 145 15.63 -48.52 -28.02
N SER S 146 15.29 -49.73 -28.41
CA SER S 146 15.08 -50.81 -27.45
C SER S 146 16.25 -51.79 -27.44
N GLN S 147 16.52 -52.35 -26.27
CA GLN S 147 17.66 -53.25 -26.10
C GLN S 147 17.48 -54.53 -26.90
N SER S 148 18.57 -55.00 -27.47
CA SER S 148 18.58 -56.25 -28.24
C SER S 148 18.35 -57.44 -27.32
N LYS S 149 17.55 -58.40 -27.77
CA LYS S 149 17.21 -59.54 -26.94
C LYS S 149 18.34 -60.56 -26.89
N ASP S 150 18.53 -61.32 -27.96
CA ASP S 150 19.52 -62.41 -27.98
C ASP S 150 20.90 -61.96 -27.52
N SER S 151 21.52 -62.75 -26.65
CA SER S 151 22.70 -62.37 -25.88
C SER S 151 24.00 -62.16 -26.68
N ASP S 152 23.95 -62.29 -28.00
CA ASP S 152 25.16 -62.15 -28.82
C ASP S 152 25.25 -60.80 -29.53
N VAL S 153 24.19 -60.00 -29.46
CA VAL S 153 24.18 -58.67 -30.06
C VAL S 153 24.02 -57.57 -29.01
N TYR S 154 24.73 -56.47 -29.20
CA TYR S 154 24.69 -55.36 -28.27
C TYR S 154 24.15 -54.09 -28.90
N ILE S 155 23.34 -53.35 -28.16
CA ILE S 155 22.82 -52.07 -28.63
C ILE S 155 22.97 -51.00 -27.54
N THR S 156 23.49 -49.83 -27.92
CA THR S 156 23.68 -48.74 -26.98
C THR S 156 22.45 -47.87 -26.89
N ASP S 157 22.31 -47.14 -25.79
CA ASP S 157 21.20 -46.20 -25.65
C ASP S 157 21.39 -45.05 -26.62
N LYS S 158 20.31 -44.33 -26.93
CA LYS S 158 20.42 -43.23 -27.88
C LYS S 158 21.23 -42.13 -27.21
N CYS S 159 21.86 -41.30 -28.00
CA CYS S 159 22.71 -40.25 -27.45
C CYS S 159 22.65 -39.04 -28.36
N VAL S 160 22.74 -37.85 -27.77
CA VAL S 160 22.69 -36.63 -28.56
C VAL S 160 24.03 -35.91 -28.60
N LEU S 161 24.50 -35.62 -29.81
CA LEU S 161 25.74 -34.87 -29.99
C LEU S 161 25.38 -33.49 -30.52
N ASP S 162 26.21 -32.51 -30.21
CA ASP S 162 25.91 -31.14 -30.55
C ASP S 162 27.04 -30.52 -31.34
N MET S 163 26.83 -30.36 -32.65
CA MET S 163 27.77 -29.68 -33.51
C MET S 163 27.57 -28.17 -33.44
N ARG S 164 28.22 -27.55 -32.46
CA ARG S 164 28.04 -26.14 -32.13
C ARG S 164 28.34 -25.16 -33.28
N SER S 165 29.41 -25.41 -34.01
CA SER S 165 29.79 -24.54 -35.13
C SER S 165 28.69 -24.40 -36.18
N MET S 166 27.99 -25.50 -36.45
CA MET S 166 26.93 -25.51 -37.48
C MET S 166 25.53 -25.54 -36.88
N ASP S 167 25.44 -25.37 -35.56
CA ASP S 167 24.16 -25.33 -34.87
C ASP S 167 23.30 -26.52 -35.24
N PHE S 168 23.87 -27.71 -35.05
CA PHE S 168 23.24 -28.95 -35.44
C PHE S 168 23.33 -29.99 -34.34
N LYS S 169 22.19 -30.59 -34.01
CA LYS S 169 22.11 -31.66 -33.02
C LYS S 169 21.58 -32.91 -33.69
N SER S 170 21.99 -34.08 -33.22
CA SER S 170 21.50 -35.33 -33.79
C SER S 170 21.45 -36.47 -32.76
N ASN S 171 20.38 -37.28 -32.85
CA ASN S 171 20.26 -38.51 -32.07
C ASN S 171 20.98 -39.68 -32.76
N SER S 172 21.51 -40.62 -31.97
CA SER S 172 22.23 -41.75 -32.54
C SER S 172 22.40 -42.91 -31.55
N ALA S 173 22.38 -44.13 -32.08
CA ALA S 173 22.59 -45.33 -31.29
C ALA S 173 23.43 -46.35 -32.06
N VAL S 174 24.30 -47.05 -31.36
CA VAL S 174 25.24 -47.95 -32.01
C VAL S 174 24.97 -49.41 -31.65
N ALA S 175 25.02 -50.28 -32.64
CA ALA S 175 24.84 -51.71 -32.43
C ALA S 175 25.96 -52.47 -33.12
N TRP S 176 26.44 -53.52 -32.48
CA TRP S 176 27.50 -54.33 -33.06
C TRP S 176 27.37 -55.78 -32.59
N SER S 177 28.05 -56.69 -33.28
CA SER S 177 28.00 -58.10 -32.91
C SER S 177 29.16 -58.89 -33.48
N ASN S 178 29.30 -60.13 -33.00
CA ASN S 178 30.30 -61.05 -33.50
C ASN S 178 29.62 -62.19 -34.25
N LYS S 179 28.39 -62.48 -33.84
CA LYS S 179 27.55 -63.49 -34.46
C LYS S 179 27.39 -63.23 -35.96
N SER S 180 27.45 -64.29 -36.77
CA SER S 180 27.40 -64.17 -38.23
C SER S 180 25.99 -63.88 -38.79
N ASP S 181 24.96 -64.06 -37.97
CA ASP S 181 23.59 -63.81 -38.41
C ASP S 181 23.25 -62.33 -38.33
N PHE S 182 24.24 -61.51 -37.98
CA PHE S 182 24.01 -60.10 -37.74
C PHE S 182 24.27 -59.23 -38.97
N ALA S 183 23.24 -58.50 -39.38
CA ALA S 183 23.33 -57.55 -40.48
C ALA S 183 22.66 -56.25 -40.07
N CYS S 184 23.03 -55.15 -40.71
CA CYS S 184 22.50 -53.84 -40.35
C CYS S 184 20.98 -53.73 -40.51
N ALA S 185 20.42 -54.50 -41.44
CA ALA S 185 18.98 -54.49 -41.70
C ALA S 185 18.13 -54.95 -40.52
N ASN S 186 18.65 -55.90 -39.75
CA ASN S 186 17.86 -56.50 -38.66
C ASN S 186 18.43 -56.15 -37.29
N ALA S 187 19.34 -55.20 -37.26
CA ALA S 187 19.97 -54.78 -36.02
C ALA S 187 18.97 -54.13 -35.08
N PHE S 188 18.27 -53.13 -35.60
CA PHE S 188 17.35 -52.34 -34.78
C PHE S 188 15.91 -52.76 -35.01
N ASN S 189 15.70 -54.05 -35.24
CA ASN S 189 14.36 -54.61 -35.39
C ASN S 189 13.59 -54.66 -34.08
N ASN S 190 14.33 -54.69 -32.97
CA ASN S 190 13.75 -54.75 -31.64
C ASN S 190 12.96 -53.49 -31.29
N SER S 191 13.26 -52.39 -31.99
CA SER S 191 12.64 -51.11 -31.71
C SER S 191 11.62 -50.76 -32.78
N ILE S 192 10.66 -49.90 -32.44
CA ILE S 192 9.75 -49.37 -33.43
C ILE S 192 10.43 -48.19 -34.10
N ILE S 193 11.06 -48.45 -35.24
CA ILE S 193 11.77 -47.42 -35.97
C ILE S 193 10.84 -46.78 -36.99
N PRO S 194 11.14 -45.53 -37.41
CA PRO S 194 10.35 -44.84 -38.43
C PRO S 194 10.17 -45.64 -39.71
N GLU S 195 9.01 -45.51 -40.33
CA GLU S 195 8.66 -46.28 -41.53
C GLU S 195 9.62 -46.02 -42.69
N ASP S 196 10.04 -44.76 -42.82
CA ASP S 196 10.94 -44.36 -43.89
C ASP S 196 12.42 -44.39 -43.47
N THR S 197 12.79 -45.38 -42.67
CA THR S 197 14.19 -45.54 -42.25
C THR S 197 15.07 -45.94 -43.42
N PHE S 198 16.10 -45.12 -43.69
CA PHE S 198 16.99 -45.32 -44.82
C PHE S 198 18.00 -46.45 -44.59
N PHE S 199 17.94 -47.48 -45.44
CA PHE S 199 18.84 -48.63 -45.35
C PHE S 199 19.72 -48.78 -46.60
N PRO S 200 20.94 -48.21 -46.56
CA PRO S 200 21.92 -48.22 -47.66
C PRO S 200 22.40 -49.60 -48.09
N SER S 201 23.23 -49.62 -49.13
CA SER S 201 23.88 -50.82 -49.65
C SER S 201 22.85 -51.85 -50.13
N LYS T 25 38.05 -24.17 -6.95
CA LYS T 25 38.07 -25.54 -7.43
C LYS T 25 38.26 -26.52 -6.28
N VAL T 26 37.57 -27.64 -6.30
CA VAL T 26 37.84 -28.70 -5.32
C VAL T 26 38.26 -29.99 -6.03
N ILE T 27 39.46 -30.45 -5.70
CA ILE T 27 40.09 -31.56 -6.41
C ILE T 27 40.10 -32.86 -5.62
N GLN T 28 39.31 -33.83 -6.07
CA GLN T 28 39.29 -35.15 -5.47
C GLN T 28 40.02 -36.18 -6.33
N THR T 29 40.88 -36.98 -5.71
CA THR T 29 41.60 -38.05 -6.39
C THR T 29 41.53 -39.33 -5.57
N PRO T 30 41.40 -40.50 -6.23
CA PRO T 30 41.26 -40.67 -7.67
C PRO T 30 39.79 -40.61 -8.11
N ARG T 31 39.56 -40.44 -9.40
CA ARG T 31 38.20 -40.38 -9.93
C ARG T 31 37.45 -41.69 -9.69
N TYR T 32 38.11 -42.80 -9.97
CA TYR T 32 37.56 -44.13 -9.68
C TYR T 32 38.54 -44.91 -8.81
N LEU T 33 38.04 -45.94 -8.12
CA LEU T 33 38.90 -46.78 -7.28
C LEU T 33 38.34 -48.18 -7.06
N VAL T 34 39.18 -49.19 -7.31
CA VAL T 34 38.78 -50.58 -7.07
C VAL T 34 39.70 -51.28 -6.07
N LYS T 35 39.11 -51.87 -5.03
CA LYS T 35 39.87 -52.55 -4.00
C LYS T 35 39.24 -53.88 -3.60
N GLY T 36 40.07 -54.81 -3.14
CA GLY T 36 39.60 -56.10 -2.68
C GLY T 36 39.19 -56.05 -1.23
N GLN T 37 38.21 -56.88 -0.86
CA GLN T 37 37.68 -56.88 0.50
C GLN T 37 38.76 -57.10 1.56
N GLY T 38 38.86 -56.15 2.48
CA GLY T 38 39.83 -56.21 3.55
C GLY T 38 41.05 -55.32 3.34
N GLN T 39 41.25 -54.89 2.10
CA GLN T 39 42.37 -54.01 1.78
C GLN T 39 42.10 -52.58 2.23
N LYS T 40 43.16 -51.77 2.33
CA LYS T 40 43.01 -50.37 2.68
C LYS T 40 42.63 -49.56 1.46
N ALA T 41 41.76 -48.57 1.65
CA ALA T 41 41.35 -47.68 0.58
C ALA T 41 41.48 -46.22 1.00
N LYS T 42 42.54 -45.57 0.54
CA LYS T 42 42.76 -44.17 0.83
C LYS T 42 42.44 -43.31 -0.39
N MET T 43 41.67 -42.23 -0.15
CA MET T 43 41.35 -41.28 -1.20
C MET T 43 41.64 -39.87 -0.73
N ARG T 44 41.97 -38.99 -1.67
CA ARG T 44 42.44 -37.65 -1.34
C ARG T 44 41.52 -36.56 -1.86
N CYS T 45 41.62 -35.39 -1.25
CA CYS T 45 40.82 -34.23 -1.62
C CYS T 45 41.56 -32.94 -1.34
N ILE T 46 41.64 -32.06 -2.34
CA ILE T 46 42.25 -30.75 -2.14
C ILE T 46 41.18 -29.68 -2.15
N PRO T 47 40.84 -29.14 -0.97
CA PRO T 47 39.83 -28.09 -0.86
C PRO T 47 40.25 -26.84 -1.63
N GLU T 48 39.30 -25.98 -1.94
CA GLU T 48 39.57 -24.74 -2.66
C GLU T 48 40.57 -23.92 -1.84
N LYS T 49 41.41 -23.13 -2.51
CA LYS T 49 42.46 -22.39 -1.83
C LYS T 49 41.89 -21.42 -0.78
N GLY T 50 42.36 -21.57 0.46
CA GLY T 50 41.92 -20.70 1.53
C GLY T 50 40.69 -21.20 2.28
N HIS T 51 40.26 -22.41 1.96
CA HIS T 51 39.06 -23.00 2.56
C HIS T 51 39.36 -23.87 3.78
N PRO T 52 39.05 -23.37 4.99
CA PRO T 52 39.33 -24.13 6.20
C PRO T 52 38.31 -25.22 6.51
N VAL T 53 37.09 -25.09 5.99
CA VAL T 53 36.02 -26.03 6.30
C VAL T 53 36.00 -27.16 5.28
N VAL T 54 36.04 -28.41 5.74
CA VAL T 54 35.99 -29.54 4.82
C VAL T 54 35.03 -30.61 5.31
N PHE T 55 34.19 -31.09 4.38
CA PHE T 55 33.20 -32.13 4.66
C PHE T 55 33.41 -33.39 3.82
N TRP T 56 33.09 -34.54 4.41
CA TRP T 56 33.09 -35.78 3.67
C TRP T 56 31.68 -36.39 3.68
N TYR T 57 31.09 -36.56 2.52
CA TYR T 57 29.78 -37.19 2.43
C TYR T 57 29.88 -38.51 1.67
N GLN T 58 29.07 -39.48 2.04
CA GLN T 58 29.01 -40.75 1.34
C GLN T 58 27.66 -40.90 0.65
N GLN T 59 27.65 -40.79 -0.67
CA GLN T 59 26.41 -40.90 -1.41
C GLN T 59 26.24 -42.27 -2.05
N ASN T 60 25.07 -42.87 -1.86
CA ASN T 60 24.76 -44.17 -2.46
C ASN T 60 24.02 -44.03 -3.79
N LYS T 61 23.49 -45.14 -4.29
CA LYS T 61 22.79 -45.17 -5.58
C LYS T 61 21.44 -44.47 -5.50
N ASN T 62 20.97 -44.24 -4.27
CA ASN T 62 19.65 -43.66 -4.04
C ASN T 62 19.66 -42.15 -3.86
N ASN T 63 20.77 -41.52 -4.24
CA ASN T 63 20.95 -40.07 -4.13
C ASN T 63 20.74 -39.53 -2.71
N GLU T 64 21.14 -40.33 -1.72
CA GLU T 64 21.12 -39.92 -0.33
C GLU T 64 22.50 -39.48 0.13
N PHE T 65 22.57 -38.40 0.90
CA PHE T 65 23.86 -37.89 1.37
C PHE T 65 24.11 -38.24 2.83
N LYS T 66 25.07 -39.13 3.07
CA LYS T 66 25.39 -39.58 4.41
C LYS T 66 26.58 -38.81 4.94
N PHE T 67 26.37 -38.11 6.05
CA PHE T 67 27.47 -37.38 6.66
C PHE T 67 28.48 -38.35 7.24
N LEU T 68 29.76 -38.13 6.92
CA LEU T 68 30.82 -38.93 7.51
C LEU T 68 31.56 -38.12 8.55
N ILE T 69 32.22 -37.07 8.09
CA ILE T 69 33.07 -36.28 8.96
C ILE T 69 33.31 -34.89 8.36
N ASN T 70 33.45 -33.89 9.23
CA ASN T 70 33.85 -32.58 8.79
C ASN T 70 35.05 -32.05 9.57
N PHE T 71 35.87 -31.26 8.91
CA PHE T 71 37.06 -30.69 9.56
C PHE T 71 36.98 -29.18 9.56
N GLN T 72 37.56 -28.57 10.57
CA GLN T 72 37.99 -27.19 10.48
C GLN T 72 39.51 -27.17 10.62
N ASN T 73 40.18 -26.86 9.51
CA ASN T 73 41.64 -26.99 9.41
C ASN T 73 42.09 -28.41 9.72
N GLN T 74 42.90 -28.58 10.76
CA GLN T 74 43.38 -29.90 11.15
C GLN T 74 42.43 -30.57 12.14
N GLU T 75 41.60 -29.75 12.81
CA GLU T 75 40.75 -30.23 13.89
C GLU T 75 39.43 -30.83 13.40
N VAL T 76 39.06 -31.97 13.98
CA VAL T 76 37.79 -32.60 13.69
C VAL T 76 36.66 -32.01 14.52
N LEU T 77 35.69 -31.39 13.85
CA LEU T 77 34.55 -30.76 14.51
C LEU T 77 33.43 -31.73 14.86
N GLN T 78 33.11 -32.63 13.94
CA GLN T 78 32.02 -33.56 14.18
C GLN T 78 32.16 -34.81 13.31
N GLN T 79 31.69 -35.95 13.83
CA GLN T 79 31.70 -37.19 13.06
C GLN T 79 30.71 -38.20 13.63
N ILE T 80 30.48 -39.27 12.88
CA ILE T 80 29.57 -40.32 13.28
C ILE T 80 30.34 -41.52 13.86
N ASP T 81 29.60 -42.49 14.40
CA ASP T 81 30.21 -43.68 15.01
C ASP T 81 30.99 -44.55 14.02
N MET T 82 30.50 -44.64 12.79
CA MET T 82 31.12 -45.48 11.78
C MET T 82 32.50 -44.98 11.35
N THR T 83 32.63 -43.68 11.14
CA THR T 83 33.89 -43.07 10.70
C THR T 83 34.99 -43.15 11.75
N GLU T 84 34.58 -43.20 13.02
CA GLU T 84 35.53 -43.27 14.12
C GLU T 84 36.20 -44.65 14.19
N LYS T 85 35.40 -45.68 14.01
CA LYS T 85 35.86 -47.06 14.13
C LYS T 85 36.39 -47.65 12.83
N ARG T 86 35.76 -47.31 11.72
CA ARG T 86 36.06 -47.95 10.44
C ARG T 86 36.90 -47.09 9.49
N PHE T 87 36.86 -45.77 9.69
CA PHE T 87 37.58 -44.84 8.83
C PHE T 87 38.67 -44.09 9.59
N SER T 88 39.65 -43.60 8.85
CA SER T 88 40.65 -42.71 9.42
C SER T 88 40.82 -41.52 8.48
N ALA T 89 40.57 -40.31 9.00
CA ALA T 89 40.66 -39.13 8.16
C ALA T 89 41.49 -38.06 8.82
N GLU T 90 42.29 -37.37 8.02
CA GLU T 90 43.09 -36.26 8.52
C GLU T 90 43.24 -35.18 7.47
N CYS T 91 43.40 -33.95 7.93
CA CYS T 91 43.63 -32.81 7.05
C CYS T 91 44.93 -32.12 7.42
N PRO T 92 46.06 -32.68 6.99
CA PRO T 92 47.40 -32.18 7.33
C PRO T 92 47.61 -30.76 6.84
N SER T 93 48.43 -30.00 7.56
CA SER T 93 48.71 -28.63 7.17
C SER T 93 49.49 -28.60 5.86
N ASN T 94 49.06 -27.75 4.93
CA ASN T 94 49.64 -27.64 3.60
C ASN T 94 49.79 -28.98 2.86
N SER T 95 48.84 -29.88 3.08
CA SER T 95 48.82 -31.19 2.45
C SER T 95 47.39 -31.60 2.14
N PRO T 96 47.19 -32.44 1.11
CA PRO T 96 45.85 -32.91 0.73
C PRO T 96 45.13 -33.66 1.85
N CYS T 97 43.85 -33.34 2.05
CA CYS T 97 43.03 -34.06 3.02
C CYS T 97 42.86 -35.50 2.58
N SER T 98 42.71 -36.40 3.55
CA SER T 98 42.60 -37.83 3.22
C SER T 98 41.49 -38.52 4.01
N LEU T 99 40.87 -39.50 3.36
CA LEU T 99 39.89 -40.37 4.00
C LEU T 99 40.26 -41.79 3.64
N GLU T 100 40.49 -42.63 4.64
CA GLU T 100 40.99 -43.98 4.42
C GLU T 100 40.13 -45.03 5.12
N ILE T 101 39.75 -46.06 4.38
CA ILE T 101 39.07 -47.20 4.97
C ILE T 101 40.11 -48.23 5.39
N GLN T 102 40.05 -48.66 6.65
CA GLN T 102 41.04 -49.58 7.18
C GLN T 102 40.89 -50.98 6.58
N SER T 103 39.67 -51.51 6.61
CA SER T 103 39.37 -52.79 5.98
C SER T 103 38.12 -52.68 5.11
N SER T 104 38.31 -52.66 3.80
CA SER T 104 37.23 -52.48 2.85
C SER T 104 36.26 -53.65 2.84
N GLU T 105 34.98 -53.35 2.72
CA GLU T 105 33.96 -54.39 2.55
C GLU T 105 32.96 -53.95 1.50
N ALA T 106 32.10 -54.89 1.08
CA ALA T 106 31.14 -54.64 0.01
C ALA T 106 30.25 -53.45 0.31
N GLY T 107 29.94 -53.25 1.60
CA GLY T 107 29.07 -52.18 2.03
C GLY T 107 29.65 -50.78 1.87
N ASP T 108 30.96 -50.71 1.62
CA ASP T 108 31.64 -49.43 1.46
C ASP T 108 31.65 -48.95 0.01
N SER T 109 31.05 -49.75 -0.88
CA SER T 109 30.94 -49.37 -2.28
C SER T 109 29.96 -48.22 -2.46
N ALA T 110 30.49 -47.04 -2.76
CA ALA T 110 29.67 -45.85 -2.91
C ALA T 110 30.49 -44.70 -3.50
N LEU T 111 29.83 -43.55 -3.67
CA LEU T 111 30.48 -42.33 -4.13
C LEU T 111 30.86 -41.45 -2.95
N TYR T 112 32.16 -41.17 -2.81
CA TYR T 112 32.64 -40.37 -1.70
C TYR T 112 32.94 -38.94 -2.12
N LEU T 113 32.24 -37.99 -1.48
CA LEU T 113 32.33 -36.59 -1.84
C LEU T 113 33.10 -35.77 -0.81
N CYS T 114 33.94 -34.87 -1.31
CA CYS T 114 34.60 -33.90 -0.47
C CYS T 114 34.08 -32.52 -0.87
N ALA T 115 33.62 -31.74 0.12
CA ALA T 115 33.14 -30.40 -0.15
C ALA T 115 33.78 -29.41 0.81
N SER T 116 34.27 -28.28 0.29
CA SER T 116 34.92 -27.31 1.15
C SER T 116 34.12 -26.02 1.26
N SER T 117 34.21 -25.40 2.42
CA SER T 117 33.59 -24.11 2.67
C SER T 117 34.61 -23.12 3.19
N LEU T 118 34.19 -21.90 3.42
CA LEU T 118 35.07 -20.86 3.92
C LEU T 118 34.68 -20.54 5.34
N ASN T 119 33.38 -20.47 5.59
CA ASN T 119 32.86 -20.05 6.89
C ASN T 119 32.08 -21.17 7.54
N ASN T 120 32.50 -21.59 8.73
CA ASN T 120 31.86 -22.70 9.42
C ASN T 120 30.37 -22.42 9.66
N ALA T 121 30.00 -21.14 9.78
CA ALA T 121 28.61 -20.77 10.01
C ALA T 121 27.86 -20.47 8.70
N ASN T 122 27.84 -21.44 7.80
CA ASN T 122 27.34 -21.20 6.44
C ASN T 122 26.87 -22.48 5.74
N SER T 123 26.34 -22.32 4.53
CA SER T 123 26.11 -23.43 3.63
C SER T 123 27.23 -23.31 2.61
N ASP T 124 26.88 -22.96 1.38
CA ASP T 124 27.83 -22.73 0.29
C ASP T 124 28.95 -23.77 0.24
N TYR T 125 28.57 -25.03 0.35
CA TYR T 125 29.51 -26.12 0.09
C TYR T 125 29.93 -26.02 -1.38
N THR T 126 31.15 -26.41 -1.69
CA THR T 126 31.55 -26.59 -3.08
C THR T 126 32.17 -27.98 -3.20
N PHE T 127 31.49 -28.85 -3.93
CA PHE T 127 31.84 -30.26 -3.95
C PHE T 127 32.94 -30.60 -4.95
N GLY T 128 33.63 -31.70 -4.72
CA GLY T 128 34.60 -32.20 -5.68
C GLY T 128 33.93 -33.14 -6.68
N SER T 129 34.74 -33.68 -7.59
CA SER T 129 34.22 -34.58 -8.61
C SER T 129 33.77 -35.88 -7.95
N GLY T 130 34.38 -36.18 -6.81
CA GLY T 130 34.07 -37.39 -6.07
C GLY T 130 34.89 -38.60 -6.48
N THR T 131 35.07 -39.51 -5.53
CA THR T 131 35.78 -40.76 -5.78
C THR T 131 34.80 -41.93 -5.76
N ARG T 132 34.70 -42.64 -6.88
CA ARG T 132 33.85 -43.83 -6.95
C ARG T 132 34.64 -45.04 -6.50
N LEU T 133 34.23 -45.63 -5.37
CA LEU T 133 34.96 -46.76 -4.81
C LEU T 133 34.15 -48.04 -4.94
N LEU T 134 34.79 -49.07 -5.50
CA LEU T 134 34.16 -50.37 -5.63
C LEU T 134 34.96 -51.43 -4.88
N VAL T 135 34.27 -52.19 -4.03
CA VAL T 135 34.89 -53.28 -3.31
C VAL T 135 34.41 -54.65 -3.79
N ILE T 136 35.34 -55.50 -4.20
CA ILE T 136 35.02 -56.85 -4.66
C ILE T 136 35.90 -57.89 -3.96
N GLU T 137 35.47 -59.14 -4.02
CA GLU T 137 36.19 -60.26 -3.41
C GLU T 137 37.50 -60.56 -4.14
N ASP T 138 37.42 -60.67 -5.47
CA ASP T 138 38.56 -61.10 -6.27
C ASP T 138 39.01 -60.00 -7.23
N LEU T 139 40.31 -59.69 -7.20
CA LEU T 139 40.90 -58.69 -8.09
C LEU T 139 41.37 -59.28 -9.41
N LYS T 140 41.19 -60.60 -9.58
CA LYS T 140 41.59 -61.28 -10.81
C LYS T 140 40.57 -61.08 -11.92
N ASN T 141 39.46 -60.42 -11.58
CA ASN T 141 38.40 -60.12 -12.54
C ASN T 141 38.58 -58.77 -13.24
N VAL T 142 39.67 -58.09 -12.90
CA VAL T 142 39.95 -56.76 -13.46
C VAL T 142 40.52 -56.85 -14.86
N PHE T 143 39.90 -56.16 -15.81
CA PHE T 143 40.35 -56.17 -17.20
C PHE T 143 40.47 -54.77 -17.78
N PRO T 144 41.55 -54.52 -18.53
CA PRO T 144 41.67 -53.27 -19.28
C PRO T 144 40.73 -53.28 -20.49
N PRO T 145 40.43 -52.11 -21.06
CA PRO T 145 39.49 -52.03 -22.18
C PRO T 145 40.14 -52.24 -23.54
N GLU T 146 39.47 -52.95 -24.44
CA GLU T 146 39.92 -53.02 -25.83
C GLU T 146 39.26 -51.90 -26.63
N VAL T 147 40.09 -51.06 -27.26
CA VAL T 147 39.60 -49.87 -27.94
C VAL T 147 39.75 -49.91 -29.46
N ALA T 148 38.65 -49.67 -30.16
CA ALA T 148 38.64 -49.70 -31.63
C ALA T 148 37.82 -48.55 -32.22
N VAL T 149 38.40 -47.86 -33.20
CA VAL T 149 37.71 -46.77 -33.91
C VAL T 149 37.22 -47.21 -35.29
N PHE T 150 35.97 -46.88 -35.60
CA PHE T 150 35.37 -47.26 -36.87
C PHE T 150 35.19 -46.06 -37.78
N GLU T 151 35.66 -46.16 -39.01
CA GLU T 151 35.66 -45.04 -39.94
C GLU T 151 34.28 -44.79 -40.56
N PRO T 152 33.94 -43.52 -40.81
CA PRO T 152 32.65 -43.03 -41.34
C PRO T 152 32.16 -43.74 -42.60
N SER T 153 30.86 -44.02 -42.62
CA SER T 153 30.21 -44.64 -43.77
C SER T 153 30.15 -43.70 -44.97
N GLU T 154 30.41 -44.25 -46.15
CA GLU T 154 30.40 -43.47 -47.38
C GLU T 154 28.98 -43.04 -47.74
N ALA T 155 28.01 -43.84 -47.32
CA ALA T 155 26.60 -43.53 -47.53
C ALA T 155 26.17 -42.25 -46.80
N GLU T 156 26.58 -42.13 -45.54
CA GLU T 156 26.26 -40.96 -44.72
C GLU T 156 26.83 -39.69 -45.33
N ILE T 157 28.03 -39.79 -45.88
CA ILE T 157 28.71 -38.65 -46.47
C ILE T 157 27.95 -38.17 -47.71
N SER T 158 27.49 -39.13 -48.52
CA SER T 158 26.73 -38.81 -49.72
C SER T 158 25.34 -38.28 -49.36
N HIS T 159 24.75 -38.88 -48.35
CA HIS T 159 23.38 -38.58 -47.95
C HIS T 159 23.25 -37.25 -47.18
N THR T 160 24.20 -36.97 -46.30
CA THR T 160 24.06 -35.86 -45.34
C THR T 160 25.18 -34.83 -45.32
N GLN T 161 26.27 -35.10 -46.04
CA GLN T 161 27.48 -34.28 -46.01
C GLN T 161 28.09 -34.20 -44.61
N LYS T 162 27.90 -35.26 -43.84
CA LYS T 162 28.52 -35.35 -42.52
C LYS T 162 29.16 -36.73 -42.33
N ALA T 163 30.15 -36.81 -41.45
CA ALA T 163 30.86 -38.07 -41.22
C ALA T 163 30.97 -38.39 -39.74
N THR T 164 30.37 -39.50 -39.31
CA THR T 164 30.39 -39.89 -37.91
C THR T 164 31.35 -41.04 -37.63
N LEU T 165 32.33 -40.79 -36.76
CA LEU T 165 33.24 -41.83 -36.29
C LEU T 165 32.69 -42.47 -35.03
N VAL T 166 32.87 -43.78 -34.89
CA VAL T 166 32.40 -44.48 -33.71
C VAL T 166 33.56 -45.12 -32.96
N CYS T 167 33.61 -44.88 -31.64
CA CYS T 167 34.62 -45.51 -30.81
C CYS T 167 33.97 -46.59 -29.95
N LEU T 168 34.63 -47.74 -29.85
CA LEU T 168 34.11 -48.84 -29.06
C LEU T 168 35.12 -49.30 -28.01
N ALA T 169 34.72 -49.24 -26.75
CA ALA T 169 35.52 -49.79 -25.66
C ALA T 169 34.89 -51.10 -25.20
N THR T 170 35.68 -52.19 -25.24
CA THR T 170 35.13 -53.50 -24.93
C THR T 170 36.02 -54.34 -23.99
N GLY T 171 35.37 -55.21 -23.22
CA GLY T 171 36.05 -56.21 -22.43
C GLY T 171 36.77 -55.70 -21.19
N PHE T 172 36.28 -54.63 -20.59
CA PHE T 172 36.91 -54.11 -19.39
C PHE T 172 36.09 -54.37 -18.13
N TYR T 173 36.77 -54.34 -16.99
CA TYR T 173 36.12 -54.47 -15.69
C TYR T 173 37.03 -53.88 -14.61
N PRO T 174 36.45 -53.11 -13.68
CA PRO T 174 35.03 -52.73 -13.64
C PRO T 174 34.71 -51.58 -14.59
N ASP T 175 33.49 -51.07 -14.54
CA ASP T 175 33.06 -50.02 -15.46
C ASP T 175 33.64 -48.65 -15.10
N HIS T 176 34.96 -48.61 -14.90
CA HIS T 176 35.63 -47.38 -14.50
C HIS T 176 36.49 -46.82 -15.61
N VAL T 177 35.86 -46.12 -16.56
CA VAL T 177 36.58 -45.54 -17.69
C VAL T 177 36.22 -44.09 -17.97
N GLU T 178 37.13 -43.39 -18.67
CA GLU T 178 36.88 -42.03 -19.13
C GLU T 178 37.33 -41.85 -20.57
N LEU T 179 36.35 -41.66 -21.45
CA LEU T 179 36.63 -41.60 -22.89
C LEU T 179 36.82 -40.15 -23.33
N SER T 180 37.72 -39.93 -24.26
CA SER T 180 37.97 -38.60 -24.80
C SER T 180 38.33 -38.65 -26.27
N TRP T 181 37.92 -37.63 -27.02
CA TRP T 181 38.25 -37.56 -28.44
C TRP T 181 39.32 -36.51 -28.67
N TRP T 182 40.37 -36.88 -29.40
CA TRP T 182 41.48 -35.97 -29.67
C TRP T 182 41.68 -35.74 -31.16
N VAL T 183 41.32 -34.54 -31.62
CA VAL T 183 41.51 -34.19 -33.01
C VAL T 183 42.75 -33.34 -33.16
N ASN T 184 43.77 -33.90 -33.82
CA ASN T 184 45.05 -33.24 -34.02
C ASN T 184 45.70 -32.80 -32.70
N GLY T 185 45.72 -33.70 -31.73
CA GLY T 185 46.43 -33.45 -30.49
C GLY T 185 45.75 -32.50 -29.52
N LYS T 186 44.52 -32.10 -29.85
CA LYS T 186 43.75 -31.23 -28.97
C LYS T 186 42.43 -31.92 -28.66
N GLU T 187 42.08 -31.97 -27.37
CA GLU T 187 40.82 -32.61 -26.99
C GLU T 187 39.64 -31.80 -27.50
N VAL T 188 38.66 -32.50 -28.07
CA VAL T 188 37.47 -31.87 -28.60
C VAL T 188 36.21 -32.35 -27.88
N HIS T 189 35.19 -31.50 -27.86
CA HIS T 189 33.93 -31.80 -27.17
C HIS T 189 32.74 -31.61 -28.09
N SER T 190 32.83 -30.65 -29.00
CA SER T 190 31.77 -30.41 -29.99
C SER T 190 31.60 -31.64 -30.87
N GLY T 191 30.36 -32.10 -31.03
CA GLY T 191 30.11 -33.25 -31.87
C GLY T 191 30.49 -34.56 -31.21
N VAL T 192 30.65 -34.55 -29.89
CA VAL T 192 30.99 -35.76 -29.15
C VAL T 192 29.79 -36.28 -28.37
N CYS T 193 29.61 -37.60 -28.38
CA CYS T 193 28.55 -38.23 -27.61
C CYS T 193 29.02 -39.58 -27.05
N THR T 194 29.00 -39.72 -25.74
CA THR T 194 29.36 -41.01 -25.14
C THR T 194 28.21 -41.53 -24.31
N ASP T 195 28.00 -42.84 -24.38
CA ASP T 195 26.93 -43.50 -23.65
C ASP T 195 26.93 -43.11 -22.18
N PRO T 196 25.73 -42.92 -21.62
CA PRO T 196 25.60 -42.57 -20.19
C PRO T 196 26.22 -43.63 -19.29
N GLN T 197 25.80 -44.87 -19.48
CA GLN T 197 26.32 -45.99 -18.69
C GLN T 197 26.83 -47.11 -19.59
N PRO T 198 28.03 -47.63 -19.31
CA PRO T 198 28.54 -48.78 -20.06
C PRO T 198 27.67 -50.01 -19.83
N LEU T 199 27.47 -50.83 -20.86
CA LEU T 199 26.56 -51.97 -20.76
C LEU T 199 27.30 -53.24 -20.35
N LYS T 200 26.58 -54.13 -19.67
CA LYS T 200 27.11 -55.43 -19.32
C LYS T 200 27.25 -56.26 -20.58
N GLU T 201 28.41 -56.88 -20.78
CA GLU T 201 28.61 -57.77 -21.92
C GLU T 201 27.81 -59.05 -21.70
N GLN T 202 27.54 -59.34 -20.44
CA GLN T 202 26.68 -60.45 -20.05
C GLN T 202 25.83 -60.04 -18.84
N PRO T 203 24.62 -59.55 -19.09
CA PRO T 203 23.70 -59.09 -18.04
C PRO T 203 23.40 -60.13 -16.97
N ALA T 204 23.05 -61.35 -17.39
CA ALA T 204 22.95 -62.46 -16.45
C ALA T 204 24.36 -62.71 -15.91
N LEU T 205 24.45 -63.22 -14.68
CA LEU T 205 25.73 -63.42 -13.99
C LEU T 205 26.30 -62.08 -13.49
N ASN T 206 27.17 -62.15 -12.50
CA ASN T 206 27.80 -60.97 -11.92
C ASN T 206 29.27 -60.90 -12.30
N ASP T 207 29.90 -59.76 -12.02
CA ASP T 207 31.29 -59.50 -12.37
C ASP T 207 31.51 -59.48 -13.87
N SER T 208 30.44 -59.28 -14.64
CA SER T 208 30.52 -59.24 -16.08
C SER T 208 31.33 -58.03 -16.57
N ARG T 209 32.13 -58.25 -17.60
CA ARG T 209 32.95 -57.19 -18.19
C ARG T 209 32.03 -56.23 -18.94
N TYR T 210 32.47 -54.99 -19.13
CA TYR T 210 31.59 -53.96 -19.68
C TYR T 210 32.02 -53.47 -21.07
N ALA T 211 31.10 -52.80 -21.75
CA ALA T 211 31.39 -52.19 -23.04
C ALA T 211 30.83 -50.78 -23.09
N LEU T 212 31.52 -49.89 -23.80
CA LEU T 212 31.13 -48.49 -23.89
C LEU T 212 31.46 -47.91 -25.26
N SER T 213 30.50 -47.21 -25.86
CA SER T 213 30.73 -46.61 -27.16
C SER T 213 30.65 -45.08 -27.10
N SER T 214 31.19 -44.44 -28.13
CA SER T 214 31.13 -42.99 -28.26
C SER T 214 31.24 -42.57 -29.72
N ARG T 215 30.65 -41.42 -30.05
CA ARG T 215 30.67 -40.95 -31.43
C ARG T 215 31.26 -39.54 -31.56
N LEU T 216 31.95 -39.31 -32.66
CA LEU T 216 32.45 -37.98 -32.99
C LEU T 216 32.03 -37.65 -34.41
N ARG T 217 31.16 -36.66 -34.56
CA ARG T 217 30.67 -36.28 -35.87
C ARG T 217 31.34 -35.01 -36.34
N VAL T 218 31.89 -35.07 -37.56
CA VAL T 218 32.51 -33.91 -38.18
C VAL T 218 31.98 -33.72 -39.59
N SER T 219 32.17 -32.51 -40.13
CA SER T 219 31.71 -32.22 -41.49
C SER T 219 32.42 -33.11 -42.49
N ALA T 220 31.75 -33.41 -43.60
CA ALA T 220 32.30 -34.32 -44.61
C ALA T 220 33.65 -33.85 -45.16
N THR T 221 33.75 -32.56 -45.47
CA THR T 221 34.98 -32.01 -46.02
C THR T 221 36.15 -32.13 -45.05
N PHE T 222 35.84 -32.06 -43.76
CA PHE T 222 36.86 -32.16 -42.72
C PHE T 222 37.42 -33.58 -42.64
N TRP T 223 36.56 -34.56 -42.82
CA TRP T 223 36.97 -35.95 -42.79
C TRP T 223 37.75 -36.30 -44.03
N GLN T 224 37.43 -35.61 -45.13
CA GLN T 224 38.03 -35.91 -46.43
C GLN T 224 39.39 -35.22 -46.59
N ASN T 225 39.80 -34.50 -45.55
CA ASN T 225 41.15 -33.93 -45.50
C ASN T 225 42.10 -34.91 -44.81
N PRO T 226 43.03 -35.50 -45.58
CA PRO T 226 43.93 -36.56 -45.10
C PRO T 226 44.97 -36.09 -44.09
N ARG T 227 45.10 -34.77 -43.91
CA ARG T 227 46.05 -34.24 -42.95
C ARG T 227 45.51 -34.23 -41.52
N ASN T 228 44.19 -34.35 -41.39
CA ASN T 228 43.52 -34.36 -40.08
C ASN T 228 43.55 -35.72 -39.38
N HIS T 229 43.96 -35.70 -38.11
CA HIS T 229 44.17 -36.91 -37.32
C HIS T 229 43.18 -37.08 -36.17
N PHE T 230 42.54 -38.24 -36.12
CA PHE T 230 41.55 -38.54 -35.09
C PHE T 230 42.03 -39.63 -34.13
N ARG T 231 41.88 -39.39 -32.83
CA ARG T 231 42.25 -40.37 -31.81
C ARG T 231 41.23 -40.50 -30.68
N CYS T 232 40.80 -41.72 -30.42
CA CYS T 232 39.93 -42.03 -29.30
C CYS T 232 40.71 -42.59 -28.11
N GLN T 233 40.66 -41.88 -26.99
CA GLN T 233 41.42 -42.27 -25.81
C GLN T 233 40.52 -42.72 -24.65
N VAL T 234 40.83 -43.89 -24.08
CA VAL T 234 40.07 -44.41 -22.95
C VAL T 234 40.96 -44.59 -21.73
N GLN T 235 40.67 -43.86 -20.66
CA GLN T 235 41.41 -44.00 -19.40
C GLN T 235 40.78 -45.07 -18.53
N PHE T 236 41.55 -46.10 -18.21
CA PHE T 236 41.06 -47.18 -17.36
C PHE T 236 41.58 -47.02 -15.94
N TYR T 237 40.70 -47.18 -14.96
CA TYR T 237 41.12 -47.11 -13.56
C TYR T 237 41.08 -48.47 -12.90
N GLY T 238 42.26 -49.05 -12.69
CA GLY T 238 42.40 -50.38 -12.13
C GLY T 238 43.44 -50.48 -11.02
N LEU T 239 44.30 -51.48 -11.11
CA LEU T 239 45.28 -51.74 -10.08
C LEU T 239 46.44 -50.76 -10.11
N SER T 240 47.24 -50.77 -9.04
CA SER T 240 48.45 -49.95 -8.95
C SER T 240 49.71 -50.83 -8.92
N GLU T 241 50.88 -50.20 -8.90
CA GLU T 241 52.14 -50.94 -8.93
C GLU T 241 52.34 -51.79 -7.68
N ASN T 242 51.83 -51.31 -6.55
CA ASN T 242 52.01 -52.00 -5.27
C ASN T 242 51.12 -53.23 -5.13
N ASP T 243 49.97 -53.23 -5.79
CA ASP T 243 49.10 -54.40 -5.76
C ASP T 243 49.79 -55.59 -6.41
N GLU T 244 49.64 -56.76 -5.80
CA GLU T 244 50.29 -57.98 -6.28
C GLU T 244 49.55 -58.57 -7.47
N TRP T 245 50.30 -59.19 -8.38
CA TRP T 245 49.71 -59.82 -9.55
C TRP T 245 50.50 -61.07 -9.93
N THR T 246 49.84 -62.22 -9.79
CA THR T 246 50.50 -63.50 -9.98
C THR T 246 49.89 -64.30 -11.13
N GLN T 247 49.19 -63.60 -12.02
CA GLN T 247 48.56 -64.25 -13.17
C GLN T 247 49.44 -64.22 -14.40
N ASP T 248 49.10 -65.04 -15.38
CA ASP T 248 49.85 -65.14 -16.64
C ASP T 248 49.70 -63.89 -17.52
N ARG T 249 48.45 -63.46 -17.75
CA ARG T 249 48.18 -62.30 -18.59
C ARG T 249 48.77 -61.03 -18.00
N ALA T 250 48.84 -59.98 -18.82
CA ALA T 250 49.45 -58.72 -18.42
C ALA T 250 48.73 -58.10 -17.24
N LYS T 251 49.48 -57.41 -16.39
CA LYS T 251 48.92 -56.76 -15.21
C LYS T 251 47.97 -55.61 -15.58
N PRO T 252 46.68 -55.76 -15.22
CA PRO T 252 45.64 -54.78 -15.56
C PRO T 252 45.72 -53.50 -14.72
N VAL T 253 46.78 -52.73 -14.91
CA VAL T 253 46.99 -51.51 -14.15
C VAL T 253 46.27 -50.32 -14.76
N THR T 254 46.24 -49.21 -14.03
CA THR T 254 45.77 -47.94 -14.56
C THR T 254 46.58 -47.57 -15.79
N GLN T 255 45.88 -47.25 -16.89
CA GLN T 255 46.56 -47.04 -18.17
C GLN T 255 45.68 -46.28 -19.16
N ILE T 256 46.31 -45.71 -20.19
CA ILE T 256 45.60 -45.10 -21.31
C ILE T 256 45.56 -46.07 -22.49
N VAL T 257 44.36 -46.35 -22.98
CA VAL T 257 44.21 -47.21 -24.15
C VAL T 257 43.66 -46.39 -25.32
N SER T 258 44.37 -46.38 -26.43
CA SER T 258 44.01 -45.50 -27.55
C SER T 258 43.74 -46.25 -28.84
N ALA T 259 43.03 -45.57 -29.74
CA ALA T 259 42.89 -46.01 -31.12
C ALA T 259 42.84 -44.77 -32.00
N GLU T 260 43.35 -44.87 -33.23
CA GLU T 260 43.48 -43.70 -34.08
C GLU T 260 43.01 -43.98 -35.50
N ALA T 261 42.89 -42.91 -36.28
CA ALA T 261 42.53 -43.02 -37.69
C ALA T 261 42.87 -41.71 -38.41
N TRP T 262 43.24 -41.81 -39.67
CA TRP T 262 43.55 -40.62 -40.46
C TRP T 262 42.42 -40.23 -41.40
N GLY T 263 42.31 -38.93 -41.71
CA GLY T 263 41.33 -38.43 -42.66
C GLY T 263 41.53 -39.08 -44.02
N ARG T 264 40.45 -39.25 -44.77
CA ARG T 264 40.54 -40.02 -46.01
C ARG T 264 39.82 -39.34 -47.18
N ALA T 265 40.56 -39.13 -48.28
CA ALA T 265 39.98 -38.54 -49.49
C ALA T 265 39.01 -39.51 -50.17
N ASP T 266 38.43 -39.07 -51.29
CA ASP T 266 37.40 -39.84 -51.98
C ASP T 266 37.91 -41.13 -52.63
C1 NAG U . -57.76 -1.93 -17.36
C2 NAG U . -57.11 -1.68 -18.71
C3 NAG U . -57.61 -0.36 -19.29
C4 NAG U . -59.13 -0.34 -19.37
C5 NAG U . -59.71 -0.65 -17.99
C6 NAG U . -61.21 -0.79 -18.00
C7 NAG U . -54.88 -2.42 -19.42
C8 NAG U . -53.41 -2.32 -19.16
N2 NAG U . -55.68 -1.69 -18.60
O3 NAG U . -57.05 -0.18 -20.60
O4 NAG U . -59.61 0.92 -19.84
O5 NAG U . -59.19 -1.89 -17.49
O6 NAG U . -61.66 -1.68 -16.97
O7 NAG U . -55.35 -3.11 -20.32
C1 NAG V . -12.26 -7.78 -0.29
C2 NAG V . -10.95 -8.54 -0.48
C3 NAG V . -10.52 -9.16 0.86
C4 NAG V . -10.50 -8.12 1.96
C5 NAG V . -11.83 -7.35 2.00
C6 NAG V . -11.86 -6.21 2.98
C7 NAG V . -10.49 -9.43 -2.72
C8 NAG V . -10.73 -10.55 -3.68
N2 NAG V . -11.07 -9.54 -1.52
O3 NAG V . -9.23 -9.77 0.72
O4 NAG V . -10.25 -8.73 3.22
O5 NAG V . -12.11 -6.79 0.71
O6 NAG V . -12.92 -5.30 2.71
O7 NAG V . -9.79 -8.46 -3.01
C1 NAG W . -6.84 5.61 -18.76
C2 NAG W . -6.93 6.27 -17.38
C3 NAG W . -5.59 6.21 -16.66
C4 NAG W . -5.06 4.78 -16.61
C5 NAG W . -4.97 4.24 -18.03
C6 NAG W . -4.52 2.79 -18.10
C7 NAG W . -8.11 8.27 -16.59
C8 NAG W . -8.48 9.69 -16.89
N2 NAG W . -7.38 7.65 -17.51
O3 NAG W . -5.72 6.73 -15.34
O4 NAG W . -3.79 4.72 -15.97
O5 NAG W . -6.27 4.29 -18.64
O6 NAG W . -4.43 2.30 -19.44
O7 NAG W . -8.46 7.72 -15.55
C1 NAG X . 57.91 22.20 28.11
C2 NAG X . 57.67 21.09 29.17
C3 NAG X . 57.75 21.67 30.59
C4 NAG X . 59.00 22.50 30.79
C5 NAG X . 59.05 23.57 29.72
C6 NAG X . 60.28 24.44 29.81
C7 NAG X . 56.23 19.34 28.23
C8 NAG X . 54.83 18.83 28.10
N2 NAG X . 56.39 20.46 28.94
O3 NAG X . 57.73 20.58 31.52
O4 NAG X . 59.01 23.09 32.09
O5 NAG X . 59.09 22.93 28.44
O6 NAG X . 60.41 25.27 28.65
O7 NAG X . 57.18 18.76 27.72
C1 NAG Y . 19.50 5.10 1.31
C2 NAG Y . 18.83 3.77 0.92
C3 NAG Y . 17.73 4.02 -0.11
C4 NAG Y . 16.72 5.03 0.42
C5 NAG Y . 17.44 6.32 0.79
C6 NAG Y . 16.52 7.34 1.44
C7 NAG Y . 20.16 1.73 1.11
C8 NAG Y . 21.18 0.84 0.45
N2 NAG Y . 19.80 2.82 0.42
O3 NAG Y . 17.08 2.79 -0.43
O4 NAG Y . 15.70 5.27 -0.54
O5 NAG Y . 18.49 6.06 1.74
O6 NAG Y . 17.24 8.36 2.12
O7 NAG Y . 19.70 1.47 2.22
#